data_7T2B
#
_entry.id   7T2B
#
_cell.length_a   107.050
_cell.length_b   110.780
_cell.length_c   403.253
_cell.angle_alpha   90.000
_cell.angle_beta   90.000
_cell.angle_gamma   90.000
#
_symmetry.space_group_name_H-M   'P 21 21 21'
#
loop_
_entity.id
_entity.type
_entity.pdbx_description
1 polymer 'HLA class II histocompatibility antigen, DP alpha 1 chain'
2 polymer 'HLA class II histocompatibility antigen, DP beta 1 chain'
3 polymer 'Pneumolysin-derived peptide'
4 polymer 'T cell receptor, 5F, alpha chain'
5 polymer 'T cell receptor, 5F, beta chain'
6 branched 2-acetamido-2-deoxy-beta-D-glucopyranose-(1-4)-2-acetamido-2-deoxy-beta-D-glucopyranose
7 non-polymer 2-acetamido-2-deoxy-beta-D-glucopyranose
8 non-polymer 1,2-ETHANEDIOL
9 water water
#
loop_
_entity_poly.entity_id
_entity_poly.type
_entity_poly.pdbx_seq_one_letter_code
_entity_poly.pdbx_strand_id
1 'polypeptide(L)'
;IKADHVSTYAAFVQTHRPTGEFMFEFDEDEMFYVDLDKKETVWHLEEFGQAFSFEAQGGLANIAILNNNLNTLIQRSNHT
QATNDPPEVTVFPKEPVELGQPNTLICHIDKFFPPVLNVTWLCNGELVTEGVAESLFLPRTDYSFHKFHYLTFVPSAEDF
YDCRVEHWGLDQPLLKHWEAQ
;
A,F,K,P
2 'polypeptide(L)'
;ASRATPENYLFQGRQECYAFNGTQRFLERYIYNREEFARFDSDVGEFRAVTELGRPAAEYWNSQKDILEEKRAVPDRMCR
HNYELGGPMTLQRRVQPRVNVSPSKKGPLQHHNLLVCHVTDFYPGSIQVRWFLNGQEETAGVVSTNLIRNGDWTFQILVM
LEMTPQQGDVYTCQVEHTSLDSPVTVEWKA
;
B,G,L,Q
3 'polypeptide(L)' GATGLAWEWWRTVYE C,H,M,R
4 'polypeptide(L)'
;SQQGEEDPQALSIQEGENATMNCSYKTSINNLQWYRQNSGRGLVHLILIRSNEREKHSGRLRVTLDTSKKSSSLLITASR
AADTASYFCATDKKGGATNKLIFGTGTLLAVQPNIQNPDPAVYQLRDSKSSDKSVCLFTDFDSQTNVSQSKDSDVYITDK
CVLDMRSMDFKSNSAVAWSNKSDFACANAFNNSIIPEDTFFPSPESS
;
D,I,N,S
5 'polypeptide(L)'
;NAGVTQTPKFRVLKTGQSMTLLCAQDMNHEYMYWYRQDPGMGLRLIHYSVGEGTTAKGEVPDGYNVSRLKKQNFLLGLES
AAPSQTSVYFCASSQGGGEQYFGPGTRLTVTEDLNKVFPPEVAVFEPSEAEISHTQKATLVCLATGFFPDHVELSWWVNG
KEVHSGVCTDPQPLKEQPALNDSRYCLSSRLRVSATFWQNPRNHFRCQVQFYGLSENDEWTQDRAKPVTQIVSAEAWGRA
D
;
E,J,O,T
#
loop_
_chem_comp.id
_chem_comp.type
_chem_comp.name
_chem_comp.formula
EDO non-polymer 1,2-ETHANEDIOL 'C2 H6 O2'
NAG D-saccharide, beta linking 2-acetamido-2-deoxy-beta-D-glucopyranose 'C8 H15 N O6'
#
# COMPACT_ATOMS: atom_id res chain seq x y z
N ILE A 1 1.22 34.46 -13.67
CA ILE A 1 -0.14 34.20 -14.10
C ILE A 1 -0.24 34.31 -15.62
N LYS A 2 -0.83 33.28 -16.24
CA LYS A 2 -1.01 33.30 -17.68
C LYS A 2 -2.08 34.29 -18.08
N ALA A 3 -1.81 35.07 -19.14
CA ALA A 3 -2.73 36.12 -19.54
C ALA A 3 -2.46 36.54 -20.98
N ASP A 4 -3.52 36.62 -21.78
CA ASP A 4 -3.44 37.30 -23.06
C ASP A 4 -3.53 38.81 -22.90
N HIS A 5 -4.29 39.27 -21.92
CA HIS A 5 -4.44 40.69 -21.60
C HIS A 5 -4.66 40.84 -20.11
N VAL A 6 -4.23 41.97 -19.56
CA VAL A 6 -4.37 42.26 -18.13
C VAL A 6 -5.03 43.64 -17.99
N SER A 7 -6.13 43.68 -17.25
CA SER A 7 -6.83 44.92 -16.93
C SER A 7 -6.79 45.12 -15.42
N THR A 8 -6.34 46.29 -14.99
CA THR A 8 -6.07 46.53 -13.57
C THR A 8 -6.63 47.86 -13.13
N TYR A 9 -7.37 47.84 -12.02
CA TYR A 9 -7.74 49.05 -11.28
C TYR A 9 -6.64 49.33 -10.25
N ALA A 10 -6.01 50.49 -10.37
CA ALA A 10 -4.95 50.88 -9.45
C ALA A 10 -5.32 52.20 -8.78
N ALA A 11 -5.10 52.27 -7.46
CA ALA A 11 -5.46 53.45 -6.69
C ALA A 11 -4.57 53.54 -5.47
N PHE A 12 -4.40 54.78 -4.98
CA PHE A 12 -3.63 55.00 -3.77
C PHE A 12 -4.14 56.25 -3.06
N VAL A 13 -3.90 56.31 -1.76
CA VAL A 13 -4.11 57.50 -0.95
C VAL A 13 -2.85 57.74 -0.13
N GLN A 14 -2.51 59.01 0.09
CA GLN A 14 -1.33 59.35 0.86
C GLN A 14 -1.52 60.71 1.50
N THR A 15 -0.57 61.07 2.38
CA THR A 15 -0.70 62.28 3.17
C THR A 15 -0.51 63.53 2.32
N HIS A 16 0.49 63.54 1.46
CA HIS A 16 0.83 64.72 0.68
C HIS A 16 0.20 64.66 -0.71
N ARG A 17 0.35 65.75 -1.45
CA ARG A 17 -0.20 65.85 -2.80
C ARG A 17 0.64 65.01 -3.76
N PRO A 18 -0.01 64.23 -4.65
CA PRO A 18 -1.46 64.05 -4.73
C PRO A 18 -1.99 63.14 -3.63
N THR A 19 -3.05 63.56 -2.94
CA THR A 19 -3.56 62.76 -1.84
C THR A 19 -4.27 61.50 -2.31
N GLY A 20 -4.73 61.46 -3.56
CA GLY A 20 -5.44 60.29 -4.05
C GLY A 20 -5.37 60.19 -5.56
N GLU A 21 -5.57 58.97 -6.04
CA GLU A 21 -5.63 58.70 -7.47
C GLU A 21 -6.37 57.39 -7.68
N PHE A 22 -7.21 57.34 -8.71
CA PHE A 22 -7.96 56.14 -9.05
C PHE A 22 -7.96 56.01 -10.56
N MET A 23 -7.29 54.98 -11.08
CA MET A 23 -7.12 54.82 -12.51
C MET A 23 -7.32 53.36 -12.90
N PHE A 24 -7.41 53.13 -14.21
CA PHE A 24 -7.61 51.81 -14.78
C PHE A 24 -6.68 51.68 -15.97
N GLU A 25 -5.81 50.68 -15.95
CA GLU A 25 -4.86 50.45 -17.01
C GLU A 25 -5.18 49.15 -17.74
N PHE A 26 -5.00 49.17 -19.05
CA PHE A 26 -5.20 47.99 -19.91
C PHE A 26 -3.87 47.66 -20.55
N ASP A 27 -3.30 46.51 -20.20
CA ASP A 27 -1.95 46.14 -20.60
C ASP A 27 -0.96 47.24 -20.26
N GLU A 28 -1.06 47.74 -19.03
CA GLU A 28 -0.11 48.70 -18.45
C GLU A 28 -0.16 50.04 -19.16
N ASP A 29 -1.32 50.40 -19.73
CA ASP A 29 -1.55 51.71 -20.31
C ASP A 29 -2.82 52.29 -19.69
N GLU A 30 -2.69 53.48 -19.10
CA GLU A 30 -3.80 54.10 -18.38
C GLU A 30 -4.93 54.43 -19.35
N MET A 31 -6.08 53.76 -19.17
CA MET A 31 -7.22 53.97 -20.05
C MET A 31 -8.14 55.07 -19.57
N PHE A 32 -8.30 55.23 -18.26
CA PHE A 32 -9.08 56.34 -17.72
C PHE A 32 -8.77 56.48 -16.25
N TYR A 33 -9.14 57.64 -15.71
CA TYR A 33 -9.05 57.88 -14.27
C TYR A 33 -10.19 58.79 -13.87
N VAL A 34 -10.44 58.87 -12.56
CA VAL A 34 -11.43 59.76 -11.99
C VAL A 34 -10.71 60.97 -11.42
N ASP A 35 -11.00 62.15 -11.95
CA ASP A 35 -10.52 63.38 -11.34
C ASP A 35 -11.19 63.56 -9.99
N LEU A 36 -10.40 63.51 -8.92
CA LEU A 36 -10.98 63.53 -7.58
C LEU A 36 -11.49 64.91 -7.18
N ASP A 37 -11.00 65.97 -7.82
CA ASP A 37 -11.49 67.31 -7.54
C ASP A 37 -12.72 67.65 -8.39
N LYS A 38 -12.62 67.47 -9.71
CA LYS A 38 -13.76 67.75 -10.57
C LYS A 38 -14.85 66.70 -10.45
N LYS A 39 -14.55 65.54 -9.88
CA LYS A 39 -15.50 64.42 -9.75
C LYS A 39 -15.99 63.98 -11.13
N GLU A 40 -15.06 63.89 -12.08
CA GLU A 40 -15.35 63.52 -13.46
C GLU A 40 -14.44 62.38 -13.90
N THR A 41 -14.97 61.53 -14.77
CA THR A 41 -14.17 60.51 -15.42
C THR A 41 -13.44 61.12 -16.61
N VAL A 42 -12.12 60.95 -16.65
CA VAL A 42 -11.29 61.47 -17.74
C VAL A 42 -10.72 60.29 -18.50
N TRP A 43 -10.97 60.26 -19.80
CA TRP A 43 -10.47 59.20 -20.67
C TRP A 43 -9.16 59.64 -21.31
N HIS A 44 -8.23 58.69 -21.42
CA HIS A 44 -6.90 59.01 -21.96
C HIS A 44 -6.99 59.35 -23.45
N LEU A 45 -7.72 58.55 -24.22
CA LEU A 45 -7.96 58.81 -25.62
C LEU A 45 -9.43 59.09 -25.84
N GLU A 46 -9.73 60.09 -26.68
CA GLU A 46 -11.12 60.52 -26.86
C GLU A 46 -11.98 59.40 -27.42
N GLU A 47 -11.39 58.46 -28.16
CA GLU A 47 -12.14 57.34 -28.69
C GLU A 47 -12.71 56.46 -27.58
N PHE A 48 -12.05 56.43 -26.42
CA PHE A 48 -12.54 55.63 -25.30
C PHE A 48 -13.82 56.21 -24.72
N GLY A 49 -13.93 57.54 -24.70
CA GLY A 49 -15.10 58.18 -24.12
C GLY A 49 -16.37 58.01 -24.92
N GLN A 50 -16.26 57.69 -26.21
CA GLN A 50 -17.42 57.50 -27.05
C GLN A 50 -17.96 56.07 -27.00
N ALA A 51 -17.15 55.10 -26.59
CA ALA A 51 -17.56 53.71 -26.53
C ALA A 51 -17.76 53.19 -25.12
N PHE A 52 -17.29 53.90 -24.10
CA PHE A 52 -17.40 53.44 -22.72
C PHE A 52 -17.89 54.58 -21.84
N SER A 53 -18.35 54.22 -20.65
CA SER A 53 -18.72 55.17 -19.62
C SER A 53 -18.35 54.58 -18.26
N PHE A 54 -18.11 55.46 -17.30
CA PHE A 54 -17.74 55.01 -15.95
C PHE A 54 -18.31 56.01 -14.95
N GLU A 55 -19.07 55.49 -14.00
CA GLU A 55 -19.63 56.33 -12.95
C GLU A 55 -18.52 56.79 -12.01
N ALA A 56 -18.34 58.12 -11.90
CA ALA A 56 -17.27 58.67 -11.09
C ALA A 56 -17.35 58.22 -9.63
N GLN A 57 -18.52 57.81 -9.16
CA GLN A 57 -18.65 57.33 -7.80
C GLN A 57 -17.81 56.08 -7.56
N GLY A 58 -17.53 55.32 -8.62
CA GLY A 58 -16.67 54.16 -8.48
C GLY A 58 -15.27 54.50 -8.02
N GLY A 59 -14.80 55.71 -8.35
CA GLY A 59 -13.50 56.15 -7.90
C GLY A 59 -13.54 56.92 -6.59
N LEU A 60 -14.48 57.86 -6.48
CA LEU A 60 -14.56 58.71 -5.30
C LEU A 60 -14.77 57.90 -4.03
N ALA A 61 -15.72 56.95 -4.07
CA ALA A 61 -15.99 56.14 -2.89
C ALA A 61 -14.88 55.12 -2.64
N ASN A 62 -14.26 54.60 -3.70
CA ASN A 62 -13.15 53.68 -3.51
C ASN A 62 -11.97 54.39 -2.86
N ILE A 63 -11.70 55.64 -3.25
CA ILE A 63 -10.70 56.44 -2.55
C ILE A 63 -11.10 56.61 -1.08
N ALA A 64 -12.40 56.77 -0.83
CA ALA A 64 -12.88 56.92 0.55
C ALA A 64 -12.61 55.66 1.36
N ILE A 65 -12.85 54.47 0.77
CA ILE A 65 -12.58 53.22 1.48
C ILE A 65 -11.11 53.12 1.82
N LEU A 66 -10.24 53.50 0.89
CA LEU A 66 -8.80 53.35 1.11
C LEU A 66 -8.30 54.31 2.19
N ASN A 67 -8.87 55.52 2.25
CA ASN A 67 -8.48 56.48 3.29
C ASN A 67 -8.77 55.92 4.68
N ASN A 68 -9.88 55.20 4.83
CA ASN A 68 -10.14 54.51 6.09
C ASN A 68 -9.10 53.42 6.34
N ASN A 69 -8.77 52.65 5.30
CA ASN A 69 -7.71 51.64 5.44
C ASN A 69 -6.37 52.28 5.73
N LEU A 70 -6.13 53.48 5.21
CA LEU A 70 -4.88 54.17 5.50
C LEU A 70 -4.77 54.48 6.99
N ASN A 71 -5.79 55.15 7.55
CA ASN A 71 -5.76 55.48 8.98
C ASN A 71 -5.65 54.23 9.84
N THR A 72 -6.29 53.13 9.41
CA THR A 72 -6.19 51.90 10.17
C THR A 72 -4.78 51.32 10.12
N LEU A 73 -4.16 51.31 8.93
CA LEU A 73 -2.82 50.75 8.81
C LEU A 73 -1.76 51.64 9.46
N ILE A 74 -2.01 52.95 9.54
CA ILE A 74 -1.07 53.83 10.23
C ILE A 74 -0.97 53.44 11.70
N GLN A 75 -2.12 53.19 12.34
CA GLN A 75 -2.13 52.85 13.76
C GLN A 75 -1.50 51.49 14.02
N ARG A 76 -1.82 50.50 13.20
CA ARG A 76 -1.31 49.15 13.43
C ARG A 76 0.18 49.03 13.12
N SER A 77 0.67 49.75 12.10
CA SER A 77 2.09 49.71 11.77
C SER A 77 2.92 50.63 12.66
N ASN A 78 2.33 51.19 13.72
CA ASN A 78 3.04 52.05 14.66
C ASN A 78 3.67 53.25 13.96
N HIS A 79 2.98 53.76 12.94
CA HIS A 79 3.40 54.97 12.21
C HIS A 79 4.74 54.76 11.49
N THR A 80 4.87 53.63 10.81
CA THR A 80 6.08 53.34 10.04
C THR A 80 5.97 53.98 8.66
N GLN A 81 6.86 54.94 8.39
CA GLN A 81 6.96 55.56 7.09
C GLN A 81 7.92 54.76 6.21
N ALA A 82 7.63 54.70 4.93
CA ALA A 82 8.44 53.92 4.00
C ALA A 82 9.69 54.69 3.60
N THR A 83 10.74 53.94 3.26
CA THR A 83 11.98 54.52 2.79
C THR A 83 11.78 55.18 1.43
N ASN A 84 12.37 56.36 1.26
CA ASN A 84 12.33 57.04 -0.02
C ASN A 84 13.15 56.26 -1.05
N ASP A 85 12.52 55.95 -2.19
CA ASP A 85 13.22 55.30 -3.29
C ASP A 85 13.52 56.34 -4.36
N PRO A 86 14.78 56.64 -4.66
CA PRO A 86 15.08 57.70 -5.61
C PRO A 86 14.63 57.33 -7.01
N PRO A 87 14.27 58.31 -7.83
CA PRO A 87 13.80 58.00 -9.18
C PRO A 87 14.95 57.82 -10.17
N GLU A 88 14.63 57.14 -11.27
CA GLU A 88 15.50 57.03 -12.43
C GLU A 88 14.88 57.81 -13.58
N VAL A 89 15.70 58.66 -14.22
CA VAL A 89 15.22 59.55 -15.27
C VAL A 89 15.92 59.20 -16.57
N THR A 90 15.14 59.08 -17.65
CA THR A 90 15.66 58.93 -19.00
C THR A 90 14.86 59.83 -19.93
N VAL A 91 15.54 60.48 -20.86
CA VAL A 91 14.93 61.41 -21.80
C VAL A 91 15.16 60.89 -23.21
N PHE A 92 14.10 60.86 -24.01
CA PHE A 92 14.16 60.39 -25.39
C PHE A 92 13.05 61.04 -26.19
N PRO A 93 13.22 61.22 -27.48
CA PRO A 93 12.17 61.82 -28.31
C PRO A 93 11.14 60.81 -28.78
N LYS A 94 9.96 61.34 -29.13
CA LYS A 94 8.86 60.49 -29.58
C LYS A 94 9.07 60.01 -31.01
N GLU A 95 9.54 60.87 -31.89
CA GLU A 95 9.82 60.56 -33.28
C GLU A 95 11.31 60.72 -33.55
N PRO A 96 11.84 60.13 -34.63
CA PRO A 96 13.25 60.35 -34.97
C PRO A 96 13.54 61.83 -35.17
N VAL A 97 14.73 62.24 -34.75
CA VAL A 97 15.08 63.65 -34.69
C VAL A 97 15.36 64.17 -36.09
N GLU A 98 14.66 65.23 -36.48
CA GLU A 98 14.91 65.96 -37.72
C GLU A 98 14.80 67.45 -37.44
N LEU A 99 15.83 68.21 -37.83
CA LEU A 99 15.84 69.64 -37.58
C LEU A 99 14.70 70.33 -38.29
N GLY A 100 13.96 71.17 -37.57
CA GLY A 100 12.83 71.89 -38.12
C GLY A 100 11.55 71.10 -38.23
N GLN A 101 11.55 69.82 -37.82
CA GLN A 101 10.35 69.00 -37.89
C GLN A 101 9.76 68.84 -36.50
N PRO A 102 8.52 69.25 -36.27
CA PRO A 102 7.97 69.21 -34.90
C PRO A 102 8.03 67.81 -34.30
N ASN A 103 8.43 67.75 -33.04
CA ASN A 103 8.64 66.49 -32.33
C ASN A 103 8.14 66.63 -30.90
N THR A 104 8.31 65.56 -30.12
CA THR A 104 7.91 65.55 -28.72
C THR A 104 9.01 64.89 -27.90
N LEU A 105 9.45 65.57 -26.84
CA LEU A 105 10.49 65.06 -25.96
C LEU A 105 9.84 64.44 -24.73
N ILE A 106 10.21 63.20 -24.42
CA ILE A 106 9.59 62.43 -23.34
C ILE A 106 10.59 62.27 -22.22
N CYS A 107 10.20 62.66 -21.00
CA CYS A 107 10.98 62.44 -19.79
C CYS A 107 10.27 61.37 -18.98
N HIS A 108 10.93 60.21 -18.83
CA HIS A 108 10.36 59.06 -18.12
C HIS A 108 11.05 58.93 -16.76
N ILE A 109 10.30 59.26 -15.71
CA ILE A 109 10.76 59.09 -14.33
C ILE A 109 10.24 57.75 -13.83
N ASP A 110 11.13 56.96 -13.22
CA ASP A 110 10.82 55.55 -12.97
C ASP A 110 11.37 55.11 -11.61
N LYS A 111 10.65 54.15 -11.02
CA LYS A 111 11.11 53.41 -9.83
C LYS A 111 11.28 54.32 -8.62
N PHE A 112 10.33 55.22 -8.40
CA PHE A 112 10.38 56.13 -7.25
C PHE A 112 9.20 55.89 -6.33
N PHE A 113 9.45 56.14 -5.04
CA PHE A 113 8.44 56.10 -3.98
C PHE A 113 8.92 57.03 -2.89
N PRO A 114 8.03 57.82 -2.26
CA PRO A 114 6.58 57.94 -2.50
C PRO A 114 6.24 58.66 -3.79
N PRO A 115 4.99 58.58 -4.24
CA PRO A 115 4.59 59.30 -5.46
C PRO A 115 4.35 60.78 -5.21
N VAL A 116 5.42 61.50 -4.85
CA VAL A 116 5.40 62.95 -4.70
C VAL A 116 6.56 63.48 -5.54
N LEU A 117 6.24 64.21 -6.61
CA LEU A 117 7.24 64.62 -7.57
C LEU A 117 7.01 66.06 -8.01
N ASN A 118 8.09 66.81 -8.12
CA ASN A 118 8.12 68.07 -8.86
C ASN A 118 9.00 67.85 -10.08
N VAL A 119 8.41 67.98 -11.27
CA VAL A 119 9.12 67.81 -12.53
C VAL A 119 8.92 69.06 -13.38
N THR A 120 10.00 69.52 -14.01
CA THR A 120 9.97 70.74 -14.79
C THR A 120 10.96 70.63 -15.94
N TRP A 121 10.60 71.23 -17.07
CA TRP A 121 11.45 71.25 -18.25
C TRP A 121 12.32 72.50 -18.27
N LEU A 122 13.54 72.36 -18.77
CA LEU A 122 14.46 73.48 -18.91
C LEU A 122 14.98 73.50 -20.35
N CYS A 123 14.81 74.63 -21.02
CA CYS A 123 15.32 74.83 -22.38
C CYS A 123 16.41 75.88 -22.35
N ASN A 124 17.63 75.48 -22.69
CA ASN A 124 18.80 76.36 -22.65
C ASN A 124 19.04 76.94 -21.27
N GLY A 125 18.58 76.23 -20.23
CA GLY A 125 18.81 76.63 -18.87
C GLY A 125 17.69 77.42 -18.21
N GLU A 126 16.62 77.72 -18.93
CA GLU A 126 15.50 78.47 -18.38
C GLU A 126 14.21 77.66 -18.48
N LEU A 127 13.21 78.08 -17.72
CA LEU A 127 11.98 77.33 -17.54
C LEU A 127 11.11 77.36 -18.80
N VAL A 128 10.42 76.26 -19.05
CA VAL A 128 9.44 76.14 -20.13
C VAL A 128 8.09 75.88 -19.49
N THR A 129 7.13 76.77 -19.76
CA THR A 129 5.79 76.66 -19.18
C THR A 129 4.71 76.30 -20.19
N GLU A 130 5.02 76.35 -21.49
CA GLU A 130 4.05 76.02 -22.53
C GLU A 130 4.52 74.82 -23.33
N GLY A 131 3.57 74.15 -23.97
CA GLY A 131 3.86 72.96 -24.71
C GLY A 131 4.15 71.73 -23.87
N VAL A 132 3.75 71.75 -22.60
CA VAL A 132 4.06 70.67 -21.68
C VAL A 132 2.79 69.89 -21.37
N ALA A 133 2.99 68.64 -20.96
CA ALA A 133 1.91 67.74 -20.56
C ALA A 133 2.52 66.63 -19.73
N GLU A 134 1.68 66.00 -18.91
CA GLU A 134 2.17 64.95 -18.01
C GLU A 134 1.09 63.88 -17.85
N SER A 135 1.55 62.69 -17.50
CA SER A 135 0.68 61.56 -17.20
C SER A 135 0.48 61.45 -15.69
N LEU A 136 -0.36 60.50 -15.29
CA LEU A 136 -0.60 60.25 -13.88
C LEU A 136 0.61 59.58 -13.24
N PHE A 137 0.53 59.36 -11.93
CA PHE A 137 1.51 58.54 -11.23
C PHE A 137 1.14 57.09 -11.48
N LEU A 138 1.82 56.47 -12.43
CA LEU A 138 1.46 55.13 -12.89
C LEU A 138 2.02 54.06 -11.96
N PRO A 139 1.30 52.97 -11.77
CA PRO A 139 1.75 51.91 -10.86
C PRO A 139 2.71 50.93 -11.51
N ARG A 140 3.50 50.27 -10.66
CA ARG A 140 4.40 49.21 -11.06
C ARG A 140 4.08 47.96 -10.26
N THR A 141 4.64 46.83 -10.70
CA THR A 141 4.39 45.56 -10.01
C THR A 141 5.05 45.52 -8.64
N ASP A 142 6.22 46.13 -8.48
CA ASP A 142 6.88 46.20 -7.18
C ASP A 142 6.31 47.30 -6.29
N TYR A 143 5.18 47.90 -6.69
CA TYR A 143 4.45 48.90 -5.92
C TYR A 143 5.19 50.22 -5.78
N SER A 144 6.21 50.43 -6.61
CA SER A 144 6.78 51.76 -6.81
C SER A 144 5.99 52.46 -7.91
N PHE A 145 6.45 53.62 -8.36
CA PHE A 145 5.71 54.41 -9.32
C PHE A 145 6.63 54.93 -10.43
N HIS A 146 6.03 55.17 -11.59
CA HIS A 146 6.71 55.84 -12.69
C HIS A 146 5.77 56.87 -13.30
N LYS A 147 6.34 57.77 -14.09
CA LYS A 147 5.59 58.91 -14.60
C LYS A 147 6.21 59.39 -15.90
N PHE A 148 5.38 59.96 -16.76
CA PHE A 148 5.81 60.52 -18.04
C PHE A 148 5.59 62.03 -18.04
N HIS A 149 6.53 62.75 -18.65
CA HIS A 149 6.41 64.18 -18.89
C HIS A 149 6.75 64.45 -20.34
N TYR A 150 5.95 65.31 -20.98
CA TYR A 150 6.05 65.55 -22.41
C TYR A 150 6.30 67.02 -22.69
N LEU A 151 7.08 67.29 -23.73
CA LEU A 151 7.39 68.66 -24.15
C LEU A 151 7.46 68.68 -25.67
N THR A 152 6.56 69.43 -26.30
CA THR A 152 6.59 69.60 -27.75
C THR A 152 7.58 70.69 -28.10
N PHE A 153 8.57 70.35 -28.94
CA PHE A 153 9.64 71.26 -29.29
C PHE A 153 9.95 71.15 -30.77
N VAL A 154 10.74 72.09 -31.26
CA VAL A 154 11.28 72.07 -32.62
C VAL A 154 12.77 71.81 -32.52
N PRO A 155 13.27 70.69 -33.04
CA PRO A 155 14.69 70.35 -32.86
C PRO A 155 15.60 71.36 -33.53
N SER A 156 16.64 71.77 -32.79
CA SER A 156 17.67 72.66 -33.31
C SER A 156 19.01 72.25 -32.71
N ALA A 157 20.06 72.31 -33.53
CA ALA A 157 21.39 71.92 -33.07
C ALA A 157 21.96 72.87 -32.03
N GLU A 158 21.34 74.04 -31.83
CA GLU A 158 21.81 75.02 -30.87
C GLU A 158 21.01 75.02 -29.58
N ASP A 159 20.12 74.04 -29.40
CA ASP A 159 19.27 73.95 -28.21
C ASP A 159 19.62 72.70 -27.43
N PHE A 160 19.65 72.82 -26.11
CA PHE A 160 19.80 71.69 -25.20
C PHE A 160 18.70 71.75 -24.16
N TYR A 161 18.17 70.59 -23.80
CA TYR A 161 17.04 70.49 -22.88
C TYR A 161 17.43 69.70 -21.63
N ASP A 162 16.69 69.97 -20.56
CA ASP A 162 16.91 69.33 -19.27
C ASP A 162 15.57 68.98 -18.63
N CYS A 163 15.53 67.84 -17.96
CA CYS A 163 14.37 67.42 -17.18
C CYS A 163 14.77 67.48 -15.71
N ARG A 164 14.31 68.51 -15.01
CA ARG A 164 14.66 68.73 -13.62
C ARG A 164 13.63 68.03 -12.74
N VAL A 165 14.09 67.11 -11.90
CA VAL A 165 13.22 66.25 -11.11
C VAL A 165 13.60 66.40 -9.63
N GLU A 166 12.60 66.71 -8.81
CA GLU A 166 12.77 66.85 -7.37
C GLU A 166 12.04 65.70 -6.68
N HIS A 167 12.71 65.07 -5.71
CA HIS A 167 12.11 63.97 -4.97
C HIS A 167 12.77 63.89 -3.60
N TRP A 168 12.03 63.34 -2.63
CA TRP A 168 12.53 63.25 -1.26
C TRP A 168 13.72 62.31 -1.15
N GLY A 169 13.88 61.37 -2.07
CA GLY A 169 15.04 60.50 -2.09
C GLY A 169 16.30 61.12 -2.66
N LEU A 170 16.21 62.37 -3.13
CA LEU A 170 17.34 63.08 -3.70
C LEU A 170 17.70 64.26 -2.81
N ASP A 171 18.98 64.39 -2.48
CA ASP A 171 19.46 65.52 -1.70
C ASP A 171 19.60 66.79 -2.54
N GLN A 172 19.48 66.69 -3.86
CA GLN A 172 19.59 67.83 -4.76
C GLN A 172 18.82 67.50 -6.03
N PRO A 173 18.17 68.47 -6.66
CA PRO A 173 17.41 68.19 -7.87
C PRO A 173 18.26 67.50 -8.94
N LEU A 174 17.63 66.61 -9.69
CA LEU A 174 18.29 65.79 -10.69
C LEU A 174 18.04 66.40 -12.08
N LEU A 175 19.12 66.79 -12.75
CA LEU A 175 19.05 67.32 -14.11
C LEU A 175 19.45 66.23 -15.09
N LYS A 176 18.54 65.86 -15.99
CA LYS A 176 18.79 64.87 -17.02
C LYS A 176 18.95 65.60 -18.35
N HIS A 177 20.18 65.68 -18.85
CA HIS A 177 20.48 66.48 -20.03
C HIS A 177 20.15 65.70 -21.31
N TRP A 178 19.67 66.43 -22.32
CA TRP A 178 19.40 65.85 -23.62
C TRP A 178 19.63 66.90 -24.69
N GLU A 179 20.24 66.47 -25.80
CA GLU A 179 20.50 67.34 -26.94
C GLU A 179 20.52 66.49 -28.21
N ALA A 180 20.38 67.17 -29.35
CA ALA A 180 20.35 66.49 -30.63
C ALA A 180 21.73 66.01 -31.04
N ALA B 1 20.77 70.57 6.54
CA ALA B 1 19.94 71.71 6.15
C ALA B 1 18.75 71.27 5.31
N SER B 2 17.55 71.42 5.89
CA SER B 2 16.29 70.99 5.26
C SER B 2 16.41 69.49 5.01
N ARG B 3 16.01 68.97 3.85
CA ARG B 3 16.20 67.58 3.47
C ARG B 3 15.63 66.58 4.46
N ALA B 4 14.88 67.05 5.45
CA ALA B 4 14.18 66.15 6.36
C ALA B 4 12.86 65.74 5.72
N THR B 5 12.66 64.44 5.56
CA THR B 5 11.50 63.94 4.83
C THR B 5 10.22 64.26 5.58
N PRO B 6 9.25 64.93 4.97
CA PRO B 6 7.98 65.19 5.66
C PRO B 6 7.28 63.88 6.01
N GLU B 7 6.42 63.95 7.02
CA GLU B 7 5.68 62.78 7.46
C GLU B 7 4.67 62.40 6.39
N ASN B 8 4.74 61.15 5.91
CA ASN B 8 3.91 60.71 4.80
C ASN B 8 3.64 59.22 4.93
N TYR B 9 2.37 58.84 4.77
CA TYR B 9 1.97 57.44 4.81
C TYR B 9 1.07 57.16 3.62
N LEU B 10 1.12 55.93 3.13
CA LEU B 10 0.43 55.60 1.88
C LEU B 10 -0.29 54.26 2.01
N PHE B 11 -1.46 54.18 1.38
CA PHE B 11 -2.19 52.95 1.16
C PHE B 11 -2.54 52.86 -0.31
N GLN B 12 -2.35 51.68 -0.90
CA GLN B 12 -2.66 51.47 -2.30
C GLN B 12 -3.24 50.07 -2.49
N GLY B 13 -4.02 49.92 -3.56
CA GLY B 13 -4.68 48.66 -3.84
C GLY B 13 -4.69 48.37 -5.33
N ARG B 14 -4.96 47.10 -5.64
CA ARG B 14 -5.01 46.61 -7.01
C ARG B 14 -6.24 45.74 -7.21
N GLN B 15 -6.81 45.81 -8.41
CA GLN B 15 -7.89 44.92 -8.85
C GLN B 15 -7.52 44.46 -10.26
N GLU B 16 -6.93 43.28 -10.36
CA GLU B 16 -6.32 42.79 -11.59
C GLU B 16 -7.16 41.67 -12.19
N CYS B 17 -7.43 41.76 -13.49
CA CYS B 17 -8.20 40.77 -14.23
C CYS B 17 -7.30 40.14 -15.28
N TYR B 18 -7.04 38.84 -15.15
CA TYR B 18 -6.18 38.10 -16.06
C TYR B 18 -7.04 37.26 -17.00
N ALA B 19 -7.08 37.64 -18.27
CA ALA B 19 -7.91 36.96 -19.26
C ALA B 19 -7.05 36.05 -20.13
N PHE B 20 -7.47 34.79 -20.26
CA PHE B 20 -6.72 33.81 -21.04
C PHE B 20 -7.62 32.64 -21.38
N ASN B 21 -7.77 32.36 -22.68
CA ASN B 21 -8.54 31.20 -23.17
C ASN B 21 -9.97 31.22 -22.64
N GLY B 22 -10.59 32.40 -22.70
CA GLY B 22 -11.95 32.56 -22.22
C GLY B 22 -12.11 32.45 -20.73
N THR B 23 -11.02 32.48 -19.97
CA THR B 23 -11.05 32.37 -18.52
C THR B 23 -10.60 33.68 -17.90
N GLN B 24 -11.24 34.06 -16.80
CA GLN B 24 -10.87 35.27 -16.06
C GLN B 24 -10.37 34.87 -14.68
N ARG B 25 -9.27 35.48 -14.25
CA ARG B 25 -8.70 35.29 -12.93
C ARG B 25 -8.55 36.66 -12.27
N PHE B 26 -8.97 36.76 -11.02
CA PHE B 26 -9.08 38.03 -10.32
C PHE B 26 -8.18 38.06 -9.10
N LEU B 27 -7.38 39.12 -8.97
CA LEU B 27 -6.52 39.33 -7.82
C LEU B 27 -6.79 40.71 -7.24
N GLU B 28 -7.03 40.77 -5.93
CA GLU B 28 -7.23 42.01 -5.20
C GLU B 28 -6.12 42.14 -4.17
N ARG B 29 -5.33 43.20 -4.27
CA ARG B 29 -4.16 43.40 -3.42
C ARG B 29 -4.37 44.59 -2.50
N TYR B 30 -3.97 44.43 -1.24
CA TYR B 30 -3.99 45.49 -0.25
C TYR B 30 -2.56 45.76 0.19
N ILE B 31 -2.10 46.99 -0.04
CA ILE B 31 -0.68 47.33 0.10
C ILE B 31 -0.58 48.58 0.98
N TYR B 32 0.20 48.47 2.06
CA TYR B 32 0.57 49.61 2.89
C TYR B 32 1.97 50.04 2.50
N ASN B 33 2.11 51.30 2.07
CA ASN B 33 3.34 51.79 1.46
C ASN B 33 3.71 50.89 0.29
N ARG B 34 4.76 50.07 0.43
CA ARG B 34 5.16 49.15 -0.62
C ARG B 34 5.07 47.70 -0.18
N GLU B 35 4.36 47.43 0.92
CA GLU B 35 4.25 46.07 1.47
C GLU B 35 2.84 45.56 1.21
N GLU B 36 2.73 44.54 0.36
CA GLU B 36 1.48 43.82 0.18
C GLU B 36 1.27 42.90 1.38
N PHE B 37 0.19 43.11 2.12
CA PHE B 37 -0.07 42.34 3.32
C PHE B 37 -1.30 41.45 3.23
N ALA B 38 -2.20 41.68 2.28
CA ALA B 38 -3.41 40.88 2.15
C ALA B 38 -3.79 40.79 0.68
N ARG B 39 -4.23 39.61 0.26
CA ARG B 39 -4.49 39.34 -1.15
C ARG B 39 -5.66 38.38 -1.28
N PHE B 40 -6.52 38.63 -2.26
CA PHE B 40 -7.55 37.69 -2.67
C PHE B 40 -7.21 37.16 -4.05
N ASP B 41 -7.15 35.84 -4.19
CA ASP B 41 -6.89 35.18 -5.45
C ASP B 41 -8.09 34.32 -5.79
N SER B 42 -8.72 34.59 -6.93
CA SER B 42 -9.94 33.87 -7.29
C SER B 42 -9.68 32.37 -7.45
N ASP B 43 -8.49 32.00 -7.92
CA ASP B 43 -8.12 30.59 -7.98
C ASP B 43 -8.00 29.96 -6.60
N VAL B 44 -7.78 30.77 -5.57
CA VAL B 44 -7.73 30.26 -4.20
C VAL B 44 -9.11 30.29 -3.54
N GLY B 45 -9.91 31.31 -3.84
CA GLY B 45 -11.27 31.39 -3.35
C GLY B 45 -11.46 32.14 -2.05
N GLU B 46 -10.39 32.51 -1.36
CA GLU B 46 -10.49 33.26 -0.11
C GLU B 46 -9.26 34.13 0.04
N PHE B 47 -9.28 34.96 1.08
CA PHE B 47 -8.17 35.87 1.34
C PHE B 47 -7.00 35.13 1.99
N ARG B 48 -5.81 35.67 1.76
CA ARG B 48 -4.58 35.11 2.32
C ARG B 48 -3.70 36.24 2.84
N ALA B 49 -3.12 36.04 4.02
CA ALA B 49 -2.21 37.01 4.60
C ALA B 49 -0.84 36.86 3.93
N VAL B 50 -0.40 37.93 3.26
CA VAL B 50 0.92 37.91 2.63
C VAL B 50 2.01 38.18 3.66
N THR B 51 1.72 39.04 4.63
CA THR B 51 2.64 39.37 5.70
C THR B 51 1.93 39.22 7.04
N GLU B 52 2.71 39.16 8.11
CA GLU B 52 2.14 39.17 9.45
C GLU B 52 1.27 40.40 9.67
N LEU B 53 1.58 41.49 8.98
CA LEU B 53 0.77 42.71 9.08
C LEU B 53 -0.67 42.47 8.64
N GLY B 54 -0.89 41.54 7.71
CA GLY B 54 -2.20 41.28 7.15
C GLY B 54 -2.90 40.05 7.68
N ARG B 55 -2.40 39.42 8.76
CA ARG B 55 -3.09 38.25 9.29
C ARG B 55 -4.44 38.60 9.91
N PRO B 56 -4.57 39.63 10.77
CA PRO B 56 -5.92 39.97 11.26
C PRO B 56 -6.89 40.34 10.16
N ALA B 57 -6.42 41.02 9.10
CA ALA B 57 -7.31 41.39 8.01
C ALA B 57 -7.82 40.15 7.26
N ALA B 58 -6.91 39.23 6.93
CA ALA B 58 -7.31 38.03 6.20
C ALA B 58 -8.17 37.10 7.04
N GLU B 59 -7.96 37.09 8.36
CA GLU B 59 -8.77 36.23 9.22
C GLU B 59 -10.21 36.72 9.31
N TYR B 60 -10.41 38.02 9.48
CA TYR B 60 -11.77 38.55 9.57
C TYR B 60 -12.51 38.40 8.25
N TRP B 61 -11.85 38.71 7.13
CA TRP B 61 -12.52 38.64 5.84
C TRP B 61 -12.96 37.22 5.52
N ASN B 62 -12.11 36.23 5.82
CA ASN B 62 -12.48 34.83 5.60
C ASN B 62 -13.60 34.38 6.54
N SER B 63 -13.93 35.15 7.57
CA SER B 63 -15.03 34.80 8.45
C SER B 63 -16.39 35.13 7.83
N GLN B 64 -16.44 36.18 7.00
CA GLN B 64 -17.69 36.65 6.42
C GLN B 64 -17.91 35.95 5.08
N LYS B 65 -18.83 34.98 5.06
CA LYS B 65 -19.18 34.34 3.79
C LYS B 65 -19.84 35.33 2.84
N ASP B 66 -20.47 36.38 3.37
CA ASP B 66 -21.03 37.42 2.52
C ASP B 66 -19.94 38.09 1.69
N ILE B 67 -18.83 38.47 2.32
CA ILE B 67 -17.75 39.16 1.62
C ILE B 67 -17.07 38.20 0.65
N LEU B 68 -16.79 36.98 1.10
CA LEU B 68 -16.17 35.97 0.24
C LEU B 68 -17.00 35.72 -1.00
N GLU B 69 -18.33 35.58 -0.84
CA GLU B 69 -19.19 35.35 -1.98
C GLU B 69 -19.18 36.53 -2.95
N GLU B 70 -18.97 37.74 -2.43
CA GLU B 70 -18.93 38.91 -3.30
C GLU B 70 -17.63 38.99 -4.09
N LYS B 71 -16.54 38.48 -3.54
CA LYS B 71 -15.27 38.48 -4.27
C LYS B 71 -15.17 37.33 -5.26
N ARG B 72 -15.81 36.20 -4.97
CA ARG B 72 -15.80 35.07 -5.89
C ARG B 72 -16.61 35.36 -7.16
N ALA B 73 -17.56 36.29 -7.09
CA ALA B 73 -18.34 36.66 -8.27
C ALA B 73 -17.63 37.65 -9.17
N VAL B 74 -16.51 38.22 -8.72
CA VAL B 74 -15.83 39.27 -9.49
C VAL B 74 -15.35 38.79 -10.85
N PRO B 75 -14.76 37.59 -11.01
CA PRO B 75 -14.33 37.17 -12.35
C PRO B 75 -15.42 37.25 -13.41
N ASP B 76 -16.66 36.90 -13.07
CA ASP B 76 -17.75 36.99 -14.01
C ASP B 76 -18.44 38.35 -13.97
N ARG B 77 -18.45 39.01 -12.82
CA ARG B 77 -19.18 40.27 -12.68
C ARG B 77 -18.42 41.44 -13.27
N MET B 78 -17.10 41.50 -13.08
CA MET B 78 -16.29 42.62 -13.55
C MET B 78 -15.31 42.24 -14.65
N CYS B 79 -14.50 41.21 -14.44
CA CYS B 79 -13.47 40.85 -15.41
C CYS B 79 -14.09 40.46 -16.74
N ARG B 80 -14.98 39.47 -16.73
CA ARG B 80 -15.61 39.02 -17.96
C ARG B 80 -16.46 40.12 -18.58
N HIS B 81 -17.09 40.94 -17.75
CA HIS B 81 -17.94 42.03 -18.27
C HIS B 81 -17.12 43.08 -19.00
N ASN B 82 -16.02 43.54 -18.38
CA ASN B 82 -15.20 44.57 -19.00
C ASN B 82 -14.39 44.01 -20.16
N TYR B 83 -14.07 42.72 -20.14
CA TYR B 83 -13.29 42.13 -21.23
C TYR B 83 -14.12 42.04 -22.51
N GLU B 84 -15.36 41.54 -22.40
CA GLU B 84 -16.23 41.46 -23.56
C GLU B 84 -16.72 42.82 -24.03
N LEU B 85 -16.66 43.84 -23.20
CA LEU B 85 -17.28 45.13 -23.60
C LEU B 85 -16.26 45.95 -24.36
N GLY B 86 -15.00 45.78 -24.00
CA GLY B 86 -13.98 46.61 -24.61
C GLY B 86 -13.33 45.93 -25.78
N GLY B 87 -13.76 44.72 -26.06
CA GLY B 87 -13.07 43.98 -27.12
C GLY B 87 -12.71 44.82 -28.33
N PRO B 88 -13.58 45.69 -28.88
CA PRO B 88 -13.26 46.33 -30.18
C PRO B 88 -12.09 47.30 -30.14
N MET B 89 -12.06 48.24 -29.20
CA MET B 89 -11.10 49.34 -29.24
C MET B 89 -9.83 49.08 -28.43
N THR B 90 -9.75 47.97 -27.71
CA THR B 90 -8.55 47.68 -26.93
C THR B 90 -7.91 46.35 -27.31
N LEU B 91 -8.70 45.29 -27.44
CA LEU B 91 -8.16 44.00 -27.84
C LEU B 91 -7.73 43.97 -29.30
N GLN B 92 -8.26 44.87 -30.13
CA GLN B 92 -8.00 44.85 -31.57
C GLN B 92 -7.50 46.19 -32.07
N ARG B 93 -6.88 46.98 -31.20
CA ARG B 93 -6.31 48.26 -31.63
C ARG B 93 -5.05 48.01 -32.45
N ARG B 94 -4.99 48.61 -33.64
CA ARG B 94 -3.86 48.45 -34.55
C ARG B 94 -3.35 49.82 -34.96
N VAL B 95 -2.06 50.05 -34.80
CA VAL B 95 -1.41 51.29 -35.22
C VAL B 95 -0.17 50.91 -36.03
N GLN B 96 -0.10 51.38 -37.26
CA GLN B 96 1.00 51.00 -38.16
C GLN B 96 2.28 51.70 -37.75
N PRO B 97 3.40 51.01 -37.68
CA PRO B 97 4.67 51.66 -37.32
C PRO B 97 5.28 52.43 -38.49
N ARG B 98 6.18 53.33 -38.13
CA ARG B 98 6.99 54.08 -39.08
C ARG B 98 8.46 53.74 -38.86
N VAL B 99 9.17 53.49 -39.95
CA VAL B 99 10.55 53.02 -39.89
C VAL B 99 11.48 54.10 -40.44
N ASN B 100 12.68 54.17 -39.86
CA ASN B 100 13.66 55.17 -40.26
C ASN B 100 15.05 54.60 -40.08
N VAL B 101 15.87 54.68 -41.14
CA VAL B 101 17.24 54.17 -41.12
C VAL B 101 18.19 55.34 -41.28
N SER B 102 19.12 55.49 -40.33
CA SER B 102 20.14 56.53 -40.37
C SER B 102 21.27 56.12 -39.44
N PRO B 103 22.52 56.40 -39.78
CA PRO B 103 23.63 56.04 -38.91
C PRO B 103 23.87 57.11 -37.84
N SER B 104 24.73 56.77 -36.89
CA SER B 104 25.10 57.69 -35.82
C SER B 104 26.19 58.64 -36.26
N ASN B 113 31.04 51.95 -35.42
CA ASN B 113 30.16 52.43 -36.48
C ASN B 113 28.89 51.58 -36.52
N LEU B 114 27.82 52.11 -35.95
CA LEU B 114 26.56 51.39 -35.82
C LEU B 114 25.52 51.92 -36.80
N LEU B 115 24.49 51.10 -37.04
CA LEU B 115 23.36 51.46 -37.89
C LEU B 115 22.09 51.25 -37.09
N VAL B 116 21.26 52.29 -36.99
CA VAL B 116 20.12 52.31 -36.09
C VAL B 116 18.84 52.30 -36.91
N CYS B 117 18.00 51.29 -36.69
CA CYS B 117 16.67 51.21 -37.29
C CYS B 117 15.66 51.62 -36.21
N HIS B 118 15.00 52.76 -36.42
CA HIS B 118 14.12 53.37 -35.43
C HIS B 118 12.66 53.17 -35.85
N VAL B 119 11.90 52.51 -34.98
CA VAL B 119 10.50 52.19 -35.24
C VAL B 119 9.65 52.93 -34.22
N THR B 120 8.66 53.67 -34.72
CA THR B 120 7.85 54.57 -33.89
C THR B 120 6.37 54.38 -34.18
N ASP B 121 5.55 54.78 -33.22
CA ASP B 121 4.09 54.85 -33.36
C ASP B 121 3.50 53.49 -33.75
N PHE B 122 3.69 52.49 -32.88
CA PHE B 122 3.08 51.19 -33.13
C PHE B 122 2.42 50.65 -31.87
N TYR B 123 1.30 49.95 -32.08
CA TYR B 123 0.51 49.28 -31.07
C TYR B 123 -0.10 48.07 -31.77
N PRO B 124 -0.02 46.86 -31.19
CA PRO B 124 0.55 46.54 -29.87
C PRO B 124 2.08 46.44 -29.85
N GLY B 125 2.62 45.88 -28.76
CA GLY B 125 4.05 45.90 -28.56
C GLY B 125 4.81 44.81 -29.30
N SER B 126 4.14 43.71 -29.63
CA SER B 126 4.80 42.60 -30.32
C SER B 126 5.21 43.03 -31.72
N ILE B 127 6.52 43.02 -31.99
CA ILE B 127 7.04 43.45 -33.27
C ILE B 127 8.38 42.75 -33.52
N GLN B 128 8.67 42.51 -34.80
CA GLN B 128 9.91 41.85 -35.21
C GLN B 128 10.69 42.78 -36.14
N VAL B 129 11.93 43.08 -35.77
CA VAL B 129 12.81 43.93 -36.56
C VAL B 129 14.06 43.13 -36.89
N ARG B 130 14.26 42.83 -38.18
CA ARG B 130 15.38 42.03 -38.63
C ARG B 130 16.27 42.85 -39.56
N TRP B 131 17.57 42.56 -39.51
CA TRP B 131 18.55 43.23 -40.34
C TRP B 131 18.98 42.33 -41.50
N PHE B 132 19.09 42.92 -42.68
CA PHE B 132 19.53 42.22 -43.88
C PHE B 132 20.74 42.92 -44.48
N LEU B 133 21.71 42.14 -44.93
CA LEU B 133 22.89 42.65 -45.61
C LEU B 133 22.96 41.99 -46.99
N ASN B 134 22.55 42.74 -48.02
CA ASN B 134 22.54 42.25 -49.40
C ASN B 134 21.62 41.04 -49.55
N GLY B 135 20.40 41.17 -49.00
CA GLY B 135 19.43 40.09 -49.07
C GLY B 135 19.66 38.96 -48.09
N GLN B 136 20.80 38.92 -47.41
CA GLN B 136 21.09 37.90 -46.41
C GLN B 136 20.78 38.46 -45.03
N GLU B 137 20.03 37.69 -44.24
CA GLU B 137 19.61 38.11 -42.90
C GLU B 137 20.75 37.94 -41.90
N GLU B 138 21.86 38.61 -42.18
CA GLU B 138 23.01 38.57 -41.28
C GLU B 138 22.64 39.31 -39.99
N THR B 139 22.31 38.55 -38.95
CA THR B 139 22.01 39.16 -37.66
C THR B 139 23.19 39.97 -37.14
N ALA B 140 24.40 39.41 -37.28
CA ALA B 140 25.65 40.14 -37.04
C ALA B 140 25.73 40.71 -35.62
N GLY B 141 25.42 39.86 -34.65
CA GLY B 141 25.49 40.24 -33.25
C GLY B 141 24.73 41.51 -32.94
N VAL B 142 23.47 41.55 -33.36
CA VAL B 142 22.67 42.77 -33.27
C VAL B 142 22.33 43.08 -31.81
N VAL B 143 22.26 44.37 -31.49
CA VAL B 143 21.86 44.84 -30.17
C VAL B 143 20.61 45.70 -30.33
N SER B 144 19.52 45.27 -29.71
CA SER B 144 18.26 46.00 -29.73
C SER B 144 17.89 46.41 -28.32
N THR B 145 17.30 47.60 -28.20
CA THR B 145 16.83 48.07 -26.91
C THR B 145 15.53 47.39 -26.54
N ASN B 146 15.18 47.48 -25.25
CA ASN B 146 13.90 46.96 -24.80
C ASN B 146 12.76 47.79 -25.40
N LEU B 147 11.55 47.25 -25.29
CA LEU B 147 10.38 47.99 -25.72
C LEU B 147 10.25 49.28 -24.92
N ILE B 148 9.96 50.37 -25.63
CA ILE B 148 9.86 51.70 -25.03
C ILE B 148 8.40 52.12 -25.09
N ARG B 149 7.77 52.23 -23.93
CA ARG B 149 6.41 52.77 -23.84
C ARG B 149 6.48 54.28 -23.85
N ASN B 150 5.73 54.90 -24.77
CA ASN B 150 5.65 56.35 -24.80
C ASN B 150 4.68 56.91 -23.78
N GLY B 151 3.80 56.08 -23.24
CA GLY B 151 2.80 56.52 -22.28
C GLY B 151 1.51 57.02 -22.90
N ASP B 152 1.43 57.10 -24.22
CA ASP B 152 0.22 57.52 -24.93
C ASP B 152 -0.27 56.41 -25.85
N TRP B 153 -0.15 55.16 -25.39
CA TRP B 153 -0.64 53.98 -26.10
C TRP B 153 0.10 53.74 -27.41
N THR B 154 1.36 54.16 -27.48
CA THR B 154 2.24 53.87 -28.60
C THR B 154 3.59 53.40 -28.07
N PHE B 155 4.28 52.60 -28.87
CA PHE B 155 5.55 52.01 -28.46
C PHE B 155 6.68 52.48 -29.36
N GLN B 156 7.91 52.19 -28.93
CA GLN B 156 9.12 52.46 -29.68
C GLN B 156 10.09 51.29 -29.52
N ILE B 157 11.05 51.21 -30.44
CA ILE B 157 12.14 50.26 -30.32
C ILE B 157 13.26 50.72 -31.23
N LEU B 158 14.51 50.47 -30.81
CA LEU B 158 15.68 50.81 -31.58
C LEU B 158 16.60 49.61 -31.63
N VAL B 159 17.02 49.23 -32.84
CA VAL B 159 17.85 48.06 -33.06
C VAL B 159 19.17 48.52 -33.69
N MET B 160 20.27 48.22 -33.01
CA MET B 160 21.59 48.60 -33.50
C MET B 160 22.21 47.47 -34.29
N LEU B 161 23.11 47.82 -35.22
CA LEU B 161 23.79 46.85 -36.06
C LEU B 161 25.21 47.32 -36.30
N GLU B 162 26.19 46.49 -35.92
CA GLU B 162 27.59 46.78 -36.21
C GLU B 162 27.84 46.64 -37.71
N MET B 163 28.19 47.73 -38.37
CA MET B 163 28.38 47.71 -39.82
C MET B 163 29.74 48.28 -40.20
N THR B 164 30.35 47.66 -41.20
CA THR B 164 31.55 48.17 -41.86
C THR B 164 31.25 48.21 -43.35
N PRO B 165 31.10 49.40 -43.95
CA PRO B 165 30.47 49.49 -45.27
C PRO B 165 31.40 49.16 -46.42
N GLN B 166 30.79 48.64 -47.48
CA GLN B 166 31.37 48.54 -48.80
C GLN B 166 30.49 49.35 -49.75
N GLN B 167 31.08 50.29 -50.48
CA GLN B 167 30.29 51.16 -51.34
C GLN B 167 29.57 50.33 -52.40
N GLY B 168 28.26 50.56 -52.53
CA GLY B 168 27.40 49.75 -53.36
C GLY B 168 26.51 48.80 -52.58
N ASP B 169 26.88 48.47 -51.34
CA ASP B 169 26.06 47.62 -50.51
C ASP B 169 24.76 48.31 -50.15
N VAL B 170 23.76 47.51 -49.79
CA VAL B 170 22.48 48.01 -49.32
C VAL B 170 22.05 47.19 -48.10
N TYR B 171 21.85 47.88 -46.98
CA TYR B 171 21.29 47.26 -45.79
C TYR B 171 19.79 47.51 -45.78
N THR B 172 19.01 46.46 -45.54
CA THR B 172 17.57 46.57 -45.48
C THR B 172 17.08 46.23 -44.08
N CYS B 173 16.24 47.10 -43.51
CA CYS B 173 15.59 46.84 -42.23
C CYS B 173 14.15 46.43 -42.53
N GLN B 174 13.82 45.17 -42.26
CA GLN B 174 12.46 44.68 -42.44
C GLN B 174 11.75 44.63 -41.08
N VAL B 175 10.50 45.08 -41.07
CA VAL B 175 9.71 45.19 -39.85
C VAL B 175 8.38 44.49 -40.09
N GLU B 176 8.11 43.45 -39.31
CA GLU B 176 6.86 42.72 -39.36
C GLU B 176 6.02 43.05 -38.15
N HIS B 177 4.77 43.46 -38.38
CA HIS B 177 3.86 43.86 -37.33
C HIS B 177 2.47 43.35 -37.63
N THR B 178 1.68 43.17 -36.57
CA THR B 178 0.31 42.68 -36.73
C THR B 178 -0.57 43.66 -37.50
N SER B 179 -0.20 44.94 -37.54
CA SER B 179 -0.94 45.94 -38.28
C SER B 179 -0.44 46.12 -39.71
N LEU B 180 0.38 45.20 -40.20
CA LEU B 180 0.95 45.28 -41.54
C LEU B 180 0.65 44.01 -42.31
N ASP B 181 0.04 44.16 -43.48
CA ASP B 181 -0.20 43.00 -44.35
C ASP B 181 1.12 42.42 -44.84
N SER B 182 1.95 43.24 -45.48
CA SER B 182 3.28 42.86 -45.92
C SER B 182 4.34 43.57 -45.10
N PRO B 183 5.51 42.96 -44.94
CA PRO B 183 6.58 43.61 -44.16
C PRO B 183 7.02 44.92 -44.79
N VAL B 184 7.29 45.91 -43.94
CA VAL B 184 7.77 47.21 -44.38
C VAL B 184 9.30 47.18 -44.40
N THR B 185 9.87 47.63 -45.52
CA THR B 185 11.31 47.63 -45.72
C THR B 185 11.80 49.03 -46.05
N VAL B 186 13.00 49.35 -45.55
CA VAL B 186 13.67 50.61 -45.86
C VAL B 186 15.17 50.34 -45.92
N GLU B 187 15.82 50.83 -46.96
CA GLU B 187 17.20 50.47 -47.27
C GLU B 187 18.14 51.65 -47.08
N TRP B 188 19.42 51.32 -46.87
CA TRP B 188 20.46 52.32 -46.69
C TRP B 188 21.58 52.14 -47.71
N ALA C 2 -22.36 53.51 -26.03
CA ALA C 2 -21.63 53.88 -24.83
C ALA C 2 -22.12 53.09 -23.62
N THR C 3 -21.58 51.89 -23.44
CA THR C 3 -21.96 51.02 -22.34
C THR C 3 -21.00 51.20 -21.18
N GLY C 4 -21.50 50.93 -19.97
CA GLY C 4 -20.77 51.25 -18.76
C GLY C 4 -19.90 50.10 -18.26
N LEU C 5 -18.70 50.47 -17.81
CA LEU C 5 -17.77 49.50 -17.25
C LEU C 5 -18.09 49.22 -15.78
N ALA C 6 -17.71 48.03 -15.33
CA ALA C 6 -17.95 47.63 -13.96
C ALA C 6 -16.73 47.92 -13.08
N TRP C 7 -16.98 48.11 -11.80
CA TRP C 7 -15.92 48.29 -10.81
C TRP C 7 -16.24 47.45 -9.58
N GLU C 8 -15.30 47.42 -8.65
CA GLU C 8 -15.41 46.61 -7.44
C GLU C 8 -15.01 47.45 -6.24
N TRP C 9 -15.74 47.28 -5.14
CA TRP C 9 -15.42 47.98 -3.90
C TRP C 9 -14.27 47.28 -3.19
N TRP C 10 -13.24 48.05 -2.83
CA TRP C 10 -12.26 47.53 -1.89
C TRP C 10 -12.89 47.40 -0.51
N ARG C 11 -12.36 46.46 0.26
CA ARG C 11 -12.91 46.14 1.58
C ARG C 11 -12.15 46.89 2.67
N THR C 12 -12.86 47.15 3.76
CA THR C 12 -12.25 47.83 4.90
C THR C 12 -11.49 46.83 5.75
N VAL C 13 -10.30 47.24 6.21
CA VAL C 13 -9.47 46.36 7.03
C VAL C 13 -10.09 46.20 8.41
N TYR C 14 -9.80 45.06 9.05
CA TYR C 14 -10.51 44.63 10.26
C TYR C 14 -10.62 45.74 11.31
N GLU C 15 -9.54 46.46 11.55
CA GLU C 15 -9.52 47.57 12.52
C GLU C 15 -9.80 47.08 13.95
N ILE D 1 9.84 22.78 29.28
CA ILE D 1 9.72 22.20 27.95
C ILE D 1 8.49 21.30 27.88
N LYS D 2 7.74 21.43 26.78
CA LYS D 2 6.58 20.59 26.55
C LYS D 2 6.98 19.12 26.51
N ALA D 3 6.27 18.29 27.27
CA ALA D 3 6.61 16.87 27.32
C ALA D 3 5.43 16.09 27.87
N ASP D 4 5.03 15.05 27.13
CA ASP D 4 4.13 14.05 27.70
C ASP D 4 4.87 13.17 28.69
N HIS D 5 6.14 12.88 28.41
CA HIS D 5 6.98 12.09 29.29
C HIS D 5 8.42 12.57 29.13
N VAL D 6 9.22 12.36 30.18
CA VAL D 6 10.61 12.81 30.20
C VAL D 6 11.49 11.63 30.58
N SER D 7 12.37 11.23 29.66
CA SER D 7 13.33 10.16 29.89
C SER D 7 14.73 10.77 29.94
N THR D 8 15.47 10.47 31.01
CA THR D 8 16.72 11.16 31.29
C THR D 8 17.80 10.20 31.75
N TYR D 9 18.99 10.31 31.15
CA TYR D 9 20.19 9.70 31.68
C TYR D 9 20.85 10.69 32.63
N ALA D 10 21.19 10.22 33.83
CA ALA D 10 21.86 11.03 34.83
C ALA D 10 23.04 10.26 35.39
N ALA D 11 24.19 10.93 35.46
CA ALA D 11 25.40 10.30 35.95
C ALA D 11 26.27 11.35 36.62
N PHE D 12 27.04 10.92 37.62
CA PHE D 12 27.98 11.80 38.29
C PHE D 12 29.23 11.02 38.66
N VAL D 13 30.35 11.75 38.75
CA VAL D 13 31.59 11.23 39.29
C VAL D 13 32.09 12.23 40.33
N GLN D 14 32.72 11.72 41.38
CA GLN D 14 33.20 12.58 42.45
C GLN D 14 34.37 11.89 43.15
N THR D 15 34.96 12.60 44.10
CA THR D 15 36.15 12.10 44.78
C THR D 15 35.80 11.02 45.81
N HIS D 16 34.79 11.26 46.63
CA HIS D 16 34.45 10.35 47.72
C HIS D 16 33.41 9.34 47.26
N ARG D 17 33.21 8.32 48.10
CA ARG D 17 32.24 7.28 47.80
C ARG D 17 30.82 7.82 47.96
N PRO D 18 29.92 7.52 47.01
CA PRO D 18 30.18 6.76 45.79
C PRO D 18 30.89 7.59 44.73
N THR D 19 32.00 7.07 44.21
CA THR D 19 32.80 7.82 43.26
C THR D 19 32.13 7.91 41.89
N GLY D 20 31.11 7.09 41.63
CA GLY D 20 30.42 7.14 40.36
C GLY D 20 29.03 6.54 40.45
N GLU D 21 28.17 6.99 39.54
CA GLU D 21 26.83 6.44 39.41
C GLU D 21 26.34 6.73 38.00
N PHE D 22 25.69 5.75 37.39
CA PHE D 22 25.09 5.88 36.07
C PHE D 22 23.71 5.28 36.11
N MET D 23 22.69 6.06 35.77
CA MET D 23 21.31 5.63 35.91
C MET D 23 20.45 6.29 34.86
N PHE D 24 19.23 5.77 34.71
CA PHE D 24 18.28 6.20 33.72
C PHE D 24 16.90 6.26 34.37
N GLU D 25 16.25 7.42 34.30
CA GLU D 25 14.96 7.62 34.94
C GLU D 25 13.90 7.94 33.91
N PHE D 26 12.68 7.45 34.18
CA PHE D 26 11.50 7.73 33.36
C PHE D 26 10.48 8.43 34.24
N ASP D 27 10.11 9.66 33.86
CA ASP D 27 9.18 10.48 34.63
C ASP D 27 9.61 10.57 36.10
N GLU D 28 10.92 10.80 36.30
CA GLU D 28 11.54 11.00 37.61
C GLU D 28 11.53 9.73 38.48
N ASP D 29 11.51 8.55 37.85
CA ASP D 29 11.60 7.28 38.55
C ASP D 29 12.74 6.47 37.95
N GLU D 30 13.64 5.98 38.80
CA GLU D 30 14.81 5.26 38.33
C GLU D 30 14.40 3.92 37.72
N MET D 31 14.72 3.74 36.44
CA MET D 31 14.35 2.52 35.72
C MET D 31 15.45 1.47 35.74
N PHE D 32 16.70 1.89 35.55
CA PHE D 32 17.83 0.97 35.66
C PHE D 32 19.10 1.77 35.90
N TYR D 33 20.12 1.08 36.41
CA TYR D 33 21.43 1.66 36.59
C TYR D 33 22.48 0.60 36.31
N VAL D 34 23.70 1.04 36.06
CA VAL D 34 24.84 0.15 35.87
C VAL D 34 25.60 0.07 37.20
N ASP D 35 25.68 -1.14 37.75
CA ASP D 35 26.51 -1.38 38.93
C ASP D 35 27.97 -1.34 38.48
N LEU D 36 28.67 -0.27 38.88
CA LEU D 36 30.03 -0.08 38.40
C LEU D 36 31.01 -1.09 38.96
N ASP D 37 30.69 -1.73 40.08
CA ASP D 37 31.59 -2.73 40.64
C ASP D 37 31.39 -4.10 39.98
N LYS D 38 30.14 -4.58 39.95
CA LYS D 38 29.83 -5.84 39.31
C LYS D 38 29.82 -5.76 37.79
N LYS D 39 29.81 -4.55 37.23
CA LYS D 39 29.75 -4.34 35.77
C LYS D 39 28.51 -5.02 35.18
N GLU D 40 27.38 -4.85 35.85
CA GLU D 40 26.11 -5.41 35.44
C GLU D 40 25.05 -4.33 35.40
N THR D 41 24.06 -4.52 34.53
CA THR D 41 22.87 -3.67 34.50
C THR D 41 21.86 -4.19 35.52
N VAL D 42 21.40 -3.29 36.39
CA VAL D 42 20.43 -3.62 37.43
C VAL D 42 19.14 -2.88 37.13
N TRP D 43 18.05 -3.63 37.02
CA TRP D 43 16.74 -3.05 36.73
C TRP D 43 15.95 -2.86 38.02
N HIS D 44 15.24 -1.73 38.11
CA HIS D 44 14.50 -1.42 39.32
C HIS D 44 13.37 -2.42 39.54
N LEU D 45 12.68 -2.80 38.47
CA LEU D 45 11.61 -3.79 38.52
C LEU D 45 12.01 -4.99 37.67
N GLU D 46 11.78 -6.19 38.22
CA GLU D 46 12.19 -7.41 37.54
C GLU D 46 11.61 -7.49 36.14
N GLU D 47 10.38 -7.00 35.96
CA GLU D 47 9.74 -7.01 34.65
C GLU D 47 10.52 -6.20 33.63
N PHE D 48 11.18 -5.12 34.06
CA PHE D 48 11.95 -4.30 33.13
C PHE D 48 13.06 -5.11 32.48
N GLY D 49 13.67 -6.04 33.21
CA GLY D 49 14.75 -6.85 32.65
C GLY D 49 14.27 -7.86 31.64
N GLN D 50 13.00 -8.26 31.74
CA GLN D 50 12.43 -9.22 30.80
C GLN D 50 12.10 -8.60 29.46
N ALA D 51 11.86 -7.29 29.41
CA ALA D 51 11.49 -6.61 28.18
C ALA D 51 12.62 -5.80 27.55
N PHE D 52 13.61 -5.39 28.35
CA PHE D 52 14.70 -4.57 27.85
C PHE D 52 16.04 -5.19 28.23
N SER D 53 17.08 -4.73 27.54
CA SER D 53 18.46 -5.03 27.90
C SER D 53 19.28 -3.75 27.73
N PHE D 54 20.41 -3.69 28.43
CA PHE D 54 21.30 -2.55 28.32
C PHE D 54 22.74 -3.05 28.47
N GLU D 55 23.58 -2.66 27.51
CA GLU D 55 24.99 -3.04 27.56
C GLU D 55 25.70 -2.24 28.64
N ALA D 56 26.29 -2.95 29.61
CA ALA D 56 26.93 -2.29 30.75
C ALA D 56 28.07 -1.37 30.34
N GLN D 57 28.64 -1.58 29.15
CA GLN D 57 29.73 -0.70 28.71
C GLN D 57 29.25 0.74 28.56
N GLY D 58 28.01 0.93 28.13
CA GLY D 58 27.44 2.27 28.02
C GLY D 58 27.39 3.03 29.32
N GLY D 59 27.47 2.34 30.45
CA GLY D 59 27.55 3.00 31.74
C GLY D 59 28.98 3.10 32.22
N LEU D 60 29.73 2.02 32.07
CA LEU D 60 31.12 1.99 32.55
C LEU D 60 31.98 2.99 31.80
N ALA D 61 31.82 3.09 30.48
CA ALA D 61 32.67 3.97 29.69
C ALA D 61 32.23 5.44 29.80
N ASN D 62 30.93 5.69 29.96
CA ASN D 62 30.48 7.06 30.19
C ASN D 62 31.05 7.61 31.49
N ILE D 63 31.16 6.76 32.52
CA ILE D 63 31.77 7.18 33.78
C ILE D 63 33.23 7.56 33.56
N ALA D 64 33.93 6.81 32.70
CA ALA D 64 35.32 7.14 32.41
C ALA D 64 35.44 8.48 31.69
N ILE D 65 34.52 8.75 30.76
CA ILE D 65 34.53 10.04 30.07
C ILE D 65 34.36 11.18 31.07
N LEU D 66 33.43 11.02 32.02
CA LEU D 66 33.18 12.06 33.00
C LEU D 66 34.36 12.22 33.96
N ASN D 67 35.01 11.11 34.31
CA ASN D 67 36.20 11.19 35.17
C ASN D 67 37.29 12.04 34.51
N ASN D 68 37.44 11.91 33.19
CA ASN D 68 38.35 12.81 32.48
C ASN D 68 37.86 14.24 32.51
N ASN D 69 36.55 14.44 32.35
CA ASN D 69 35.97 15.78 32.48
C ASN D 69 36.12 16.32 33.90
N LEU D 70 36.10 15.44 34.90
CA LEU D 70 36.29 15.88 36.28
C LEU D 70 37.70 16.41 36.49
N ASN D 71 38.71 15.66 36.05
CA ASN D 71 40.09 16.11 36.18
C ASN D 71 40.31 17.42 35.43
N THR D 72 39.69 17.56 34.26
CA THR D 72 39.83 18.79 33.48
C THR D 72 39.21 19.97 34.22
N LEU D 73 37.99 19.80 34.74
CA LEU D 73 37.30 20.91 35.38
C LEU D 73 37.88 21.25 36.74
N ILE D 74 38.55 20.31 37.41
CA ILE D 74 39.21 20.63 38.67
C ILE D 74 40.31 21.66 38.44
N GLN D 75 41.10 21.48 37.37
CA GLN D 75 42.19 22.39 37.09
C GLN D 75 41.69 23.73 36.52
N ARG D 76 40.69 23.68 35.64
CA ARG D 76 40.16 24.91 35.06
C ARG D 76 39.40 25.76 36.06
N SER D 77 38.87 25.16 37.12
CA SER D 77 38.13 25.89 38.15
C SER D 77 38.99 26.27 39.34
N ASN D 78 40.30 26.08 39.26
CA ASN D 78 41.22 26.42 40.36
C ASN D 78 40.83 25.69 41.65
N HIS D 79 40.38 24.44 41.50
CA HIS D 79 40.07 23.56 42.63
C HIS D 79 38.96 24.13 43.52
N THR D 80 37.89 24.62 42.88
CA THR D 80 36.75 25.13 43.64
C THR D 80 35.87 23.98 44.10
N GLN D 81 35.65 23.89 45.41
CA GLN D 81 34.74 22.92 46.00
C GLN D 81 33.43 23.61 46.37
N ALA D 82 32.32 22.92 46.15
CA ALA D 82 31.02 23.54 46.33
C ALA D 82 30.60 23.56 47.79
N THR D 83 29.63 24.42 48.09
CA THR D 83 29.10 24.54 49.44
C THR D 83 28.28 23.31 49.80
N ASN D 84 28.54 22.75 50.98
CA ASN D 84 27.73 21.64 51.48
C ASN D 84 26.28 22.11 51.70
N ASP D 85 25.35 21.40 51.06
CA ASP D 85 23.93 21.73 51.21
C ASP D 85 23.30 20.71 52.15
N PRO D 86 22.82 21.12 53.32
CA PRO D 86 22.33 20.12 54.29
C PRO D 86 21.08 19.44 53.78
N PRO D 87 20.85 18.19 54.17
CA PRO D 87 19.67 17.47 53.66
C PRO D 87 18.40 17.82 54.41
N GLU D 88 17.28 17.68 53.71
CA GLU D 88 15.95 17.81 54.29
C GLU D 88 15.32 16.44 54.35
N VAL D 89 14.88 16.03 55.55
CA VAL D 89 14.45 14.66 55.81
C VAL D 89 12.97 14.67 56.20
N THR D 90 12.19 13.79 55.56
CA THR D 90 10.81 13.52 55.93
C THR D 90 10.62 12.02 56.02
N VAL D 91 9.78 11.59 56.97
CA VAL D 91 9.48 10.18 57.18
C VAL D 91 7.96 10.01 57.10
N PHE D 92 7.52 9.03 56.31
CA PHE D 92 6.10 8.77 56.13
C PHE D 92 5.92 7.31 55.71
N PRO D 93 4.82 6.67 56.10
CA PRO D 93 4.64 5.26 55.77
C PRO D 93 4.13 5.06 54.35
N LYS D 94 4.33 3.84 53.85
CA LYS D 94 3.91 3.50 52.50
C LYS D 94 2.41 3.21 52.44
N GLU D 95 1.89 2.51 53.43
CA GLU D 95 0.48 2.14 53.51
C GLU D 95 -0.16 2.77 54.73
N PRO D 96 -1.49 2.85 54.78
CA PRO D 96 -2.16 3.37 55.98
C PRO D 96 -1.80 2.57 57.22
N VAL D 97 -1.64 3.27 58.33
CA VAL D 97 -1.14 2.66 59.56
C VAL D 97 -2.24 1.83 60.21
N GLU D 98 -2.00 0.53 60.33
CA GLU D 98 -2.89 -0.37 61.06
C GLU D 98 -2.04 -1.28 61.92
N LEU D 99 -2.36 -1.33 63.22
CA LEU D 99 -1.57 -2.12 64.16
C LEU D 99 -1.58 -3.60 63.78
N GLY D 100 -0.40 -4.19 63.68
CA GLY D 100 -0.26 -5.58 63.31
C GLY D 100 -0.27 -5.86 61.83
N GLN D 101 -0.44 -4.84 60.99
CA GLN D 101 -0.50 -5.03 59.55
C GLN D 101 0.84 -4.66 58.94
N PRO D 102 1.52 -5.57 58.25
CA PRO D 102 2.86 -5.27 57.74
C PRO D 102 2.88 -4.06 56.82
N ASN D 103 3.81 -3.15 57.07
CA ASN D 103 3.90 -1.89 56.36
C ASN D 103 5.37 -1.58 56.06
N THR D 104 5.60 -0.47 55.37
CA THR D 104 6.94 -0.03 55.02
C THR D 104 7.11 1.44 55.37
N LEU D 105 8.19 1.75 56.09
CA LEU D 105 8.49 3.13 56.45
C LEU D 105 9.44 3.73 55.42
N ILE D 106 9.10 4.93 54.94
CA ILE D 106 9.87 5.61 53.90
C ILE D 106 10.55 6.82 54.51
N CYS D 107 11.87 6.90 54.34
CA CYS D 107 12.66 8.06 54.74
C CYS D 107 13.19 8.73 53.48
N HIS D 108 12.74 9.95 53.22
CA HIS D 108 13.12 10.69 52.02
C HIS D 108 14.11 11.79 52.41
N ILE D 109 15.33 11.68 51.88
CA ILE D 109 16.39 12.66 52.12
C ILE D 109 16.52 13.49 50.85
N ASP D 110 16.47 14.82 50.99
CA ASP D 110 16.28 15.68 49.84
C ASP D 110 17.21 16.89 49.89
N LYS D 111 17.50 17.43 48.71
CA LYS D 111 18.10 18.75 48.52
C LYS D 111 19.54 18.84 49.05
N PHE D 112 20.28 17.74 49.05
CA PHE D 112 21.63 17.75 49.58
C PHE D 112 22.66 17.69 48.46
N PHE D 113 23.85 18.21 48.77
CA PHE D 113 25.05 18.13 47.94
C PHE D 113 26.25 18.37 48.85
N PRO D 114 27.34 17.59 48.73
CA PRO D 114 27.62 16.52 47.77
C PRO D 114 26.80 15.25 48.02
N PRO D 115 26.80 14.31 47.07
CA PRO D 115 26.09 13.03 47.27
C PRO D 115 26.89 12.06 48.13
N VAL D 116 27.21 12.49 49.34
CA VAL D 116 27.94 11.68 50.31
C VAL D 116 27.08 11.61 51.57
N LEU D 117 26.48 10.45 51.83
CA LEU D 117 25.52 10.29 52.90
C LEU D 117 25.81 9.03 53.71
N ASN D 118 25.55 9.13 55.01
CA ASN D 118 25.40 7.97 55.89
C ASN D 118 23.98 8.02 56.47
N VAL D 119 23.18 7.00 56.17
CA VAL D 119 21.79 6.93 56.63
C VAL D 119 21.58 5.62 57.36
N THR D 120 20.97 5.69 58.54
CA THR D 120 20.69 4.50 59.34
C THR D 120 19.29 4.60 59.93
N TRP D 121 18.65 3.43 60.07
CA TRP D 121 17.35 3.32 60.72
C TRP D 121 17.54 2.92 62.17
N LEU D 122 16.75 3.52 63.06
CA LEU D 122 16.81 3.24 64.48
C LEU D 122 15.43 2.86 65.00
N CYS D 123 15.37 1.81 65.81
CA CYS D 123 14.15 1.37 66.48
C CYS D 123 14.39 1.39 67.97
N ASN D 124 13.66 2.24 68.68
CA ASN D 124 13.83 2.43 70.13
C ASN D 124 15.27 2.80 70.48
N GLY D 125 15.95 3.50 69.56
CA GLY D 125 17.27 4.03 69.81
C GLY D 125 18.42 3.15 69.38
N GLU D 126 18.17 1.91 68.95
CA GLU D 126 19.23 1.00 68.56
C GLU D 126 19.16 0.71 67.06
N LEU D 127 20.26 0.18 66.54
CA LEU D 127 20.44 0.03 65.10
C LEU D 127 19.55 -1.07 64.54
N VAL D 128 19.03 -0.85 63.33
CA VAL D 128 18.22 -1.82 62.61
C VAL D 128 18.96 -2.20 61.35
N THR D 129 19.30 -3.49 61.22
CA THR D 129 20.08 -3.98 60.09
C THR D 129 19.32 -4.91 59.17
N GLU D 130 18.12 -5.34 59.54
CA GLU D 130 17.34 -6.26 58.73
C GLU D 130 16.04 -5.59 58.27
N GLY D 131 15.60 -5.96 57.07
CA GLY D 131 14.43 -5.37 56.48
C GLY D 131 14.64 -4.00 55.87
N VAL D 132 15.89 -3.60 55.63
CA VAL D 132 16.19 -2.28 55.13
C VAL D 132 16.51 -2.37 53.63
N ALA D 133 16.29 -1.26 52.95
CA ALA D 133 16.57 -1.15 51.52
C ALA D 133 16.71 0.32 51.19
N GLU D 134 17.49 0.63 50.16
CA GLU D 134 17.77 2.02 49.80
C GLU D 134 17.88 2.15 48.29
N SER D 135 17.50 3.33 47.80
CA SER D 135 17.60 3.65 46.39
C SER D 135 18.96 4.27 46.09
N LEU D 136 19.17 4.65 44.84
CA LEU D 136 20.38 5.36 44.45
C LEU D 136 20.30 6.82 44.86
N PHE D 137 21.41 7.53 44.66
CA PHE D 137 21.40 8.98 44.76
C PHE D 137 20.69 9.53 43.53
N LEU D 138 19.49 10.03 43.73
CA LEU D 138 18.69 10.41 42.58
C LEU D 138 18.89 11.88 42.23
N PRO D 139 18.82 12.22 40.95
CA PRO D 139 19.11 13.60 40.53
C PRO D 139 17.92 14.53 40.71
N ARG D 140 18.25 15.80 40.92
CA ARG D 140 17.27 16.87 40.93
C ARG D 140 17.61 17.87 39.83
N THR D 141 16.63 18.72 39.50
CA THR D 141 16.82 19.68 38.42
C THR D 141 17.81 20.77 38.80
N ASP D 142 17.84 21.16 40.07
CA ASP D 142 18.83 22.13 40.54
C ASP D 142 20.19 21.49 40.83
N TYR D 143 20.39 20.24 40.40
CA TYR D 143 21.65 19.51 40.45
C TYR D 143 22.08 19.14 41.86
N SER D 144 21.19 19.23 42.83
CA SER D 144 21.38 18.57 44.10
C SER D 144 20.78 17.17 44.01
N PHE D 145 20.80 16.43 45.11
CA PHE D 145 20.45 15.03 45.09
C PHE D 145 19.44 14.71 46.18
N HIS D 146 18.63 13.68 45.92
CA HIS D 146 17.72 13.15 46.92
C HIS D 146 17.78 11.63 46.89
N LYS D 147 17.22 11.01 47.92
CA LYS D 147 17.42 9.58 48.13
C LYS D 147 16.28 9.03 48.99
N PHE D 148 15.96 7.75 48.77
CA PHE D 148 14.94 7.05 49.53
C PHE D 148 15.58 5.93 50.35
N HIS D 149 15.10 5.77 51.59
CA HIS D 149 15.46 4.64 52.44
C HIS D 149 14.16 4.01 52.95
N TYR D 150 14.15 2.68 53.00
CA TYR D 150 12.96 1.93 53.33
C TYR D 150 13.21 1.01 54.51
N LEU D 151 12.17 0.79 55.31
CA LEU D 151 12.22 -0.13 56.45
C LEU D 151 10.87 -0.80 56.58
N THR D 152 10.85 -2.12 56.41
CA THR D 152 9.63 -2.90 56.61
C THR D 152 9.47 -3.21 58.09
N PHE D 153 8.33 -2.83 58.66
CA PHE D 153 8.09 -2.98 60.08
C PHE D 153 6.65 -3.39 60.32
N VAL D 154 6.38 -3.90 61.51
CA VAL D 154 5.02 -4.17 61.97
C VAL D 154 4.65 -3.06 62.95
N PRO D 155 3.63 -2.25 62.65
CA PRO D 155 3.32 -1.10 63.52
C PRO D 155 2.87 -1.55 64.91
N SER D 156 3.34 -0.82 65.92
CA SER D 156 2.94 -1.03 67.30
C SER D 156 2.90 0.32 67.99
N ALA D 157 1.94 0.50 68.89
CA ALA D 157 1.79 1.76 69.59
C ALA D 157 2.93 2.07 70.54
N GLU D 158 3.83 1.11 70.79
CA GLU D 158 4.94 1.29 71.72
C GLU D 158 6.29 1.26 71.03
N ASP D 159 6.32 1.39 69.70
CA ASP D 159 7.55 1.44 68.93
C ASP D 159 7.69 2.81 68.29
N PHE D 160 8.86 3.43 68.47
CA PHE D 160 9.18 4.69 67.80
C PHE D 160 10.46 4.51 66.99
N TYR D 161 10.48 5.11 65.80
CA TYR D 161 11.57 4.94 64.86
C TYR D 161 12.24 6.28 64.55
N ASP D 162 13.51 6.21 64.17
CA ASP D 162 14.28 7.38 63.78
C ASP D 162 15.05 7.09 62.50
N CYS D 163 15.22 8.13 61.69
CA CYS D 163 16.04 8.07 60.47
C CYS D 163 17.23 8.99 60.69
N ARG D 164 18.38 8.40 60.98
CA ARG D 164 19.58 9.15 61.34
C ARG D 164 20.41 9.41 60.09
N VAL D 165 20.64 10.68 59.79
CA VAL D 165 21.31 11.11 58.57
C VAL D 165 22.57 11.87 58.94
N GLU D 166 23.68 11.52 58.29
CA GLU D 166 24.96 12.19 58.44
C GLU D 166 25.36 12.83 57.12
N HIS D 167 25.86 14.06 57.19
CA HIS D 167 26.24 14.82 56.00
C HIS D 167 27.24 15.89 56.40
N TRP D 168 28.08 16.29 55.44
CA TRP D 168 29.09 17.30 55.72
C TRP D 168 28.46 18.65 56.07
N GLY D 169 27.27 18.92 55.56
CA GLY D 169 26.55 20.12 55.93
C GLY D 169 25.95 20.10 57.32
N LEU D 170 26.16 19.04 58.08
CA LEU D 170 25.61 18.88 59.41
C LEU D 170 26.75 18.67 60.40
N ASP D 171 26.80 19.52 61.43
CA ASP D 171 27.79 19.34 62.49
C ASP D 171 27.46 18.15 63.38
N GLN D 172 26.20 17.72 63.41
CA GLN D 172 25.78 16.59 64.22
C GLN D 172 24.71 15.82 63.45
N PRO D 173 24.59 14.51 63.67
CA PRO D 173 23.61 13.73 62.90
C PRO D 173 22.18 14.19 63.17
N LEU D 174 21.36 14.15 62.12
CA LEU D 174 19.98 14.59 62.18
C LEU D 174 19.10 13.38 62.44
N LEU D 175 18.49 13.33 63.62
CA LEU D 175 17.47 12.35 63.92
C LEU D 175 16.12 12.87 63.48
N LYS D 176 15.44 12.15 62.60
CA LYS D 176 14.07 12.44 62.21
C LYS D 176 13.16 11.39 62.81
N HIS D 177 12.29 11.81 63.71
CA HIS D 177 11.45 10.89 64.46
C HIS D 177 10.19 10.51 63.67
N TRP D 178 9.61 9.39 64.03
CA TRP D 178 8.31 8.98 63.49
C TRP D 178 7.67 8.00 64.45
N GLU D 179 6.39 8.20 64.72
CA GLU D 179 5.63 7.31 65.58
C GLU D 179 4.18 7.27 65.09
N ALA D 180 3.47 6.24 65.54
CA ALA D 180 2.08 6.05 65.14
C ALA D 180 1.15 7.00 65.89
N ALA E 4 36.05 20.17 59.67
CA ALA E 4 36.58 20.50 58.35
C ALA E 4 36.02 19.55 57.30
N THR E 5 35.67 20.12 56.15
CA THR E 5 35.09 19.31 55.07
C THR E 5 36.19 18.71 54.21
N PRO E 6 36.19 17.39 54.00
CA PRO E 6 37.22 16.78 53.17
C PRO E 6 37.18 17.28 51.73
N GLU E 7 38.30 17.12 51.05
CA GLU E 7 38.41 17.57 49.66
C GLU E 7 37.55 16.69 48.76
N ASN E 8 36.67 17.32 47.99
CA ASN E 8 35.74 16.60 47.14
C ASN E 8 35.32 17.48 45.98
N TYR E 9 35.44 16.94 44.77
CA TYR E 9 34.99 17.61 43.56
C TYR E 9 34.09 16.66 42.78
N LEU E 10 33.08 17.22 42.13
CA LEU E 10 32.08 16.41 41.43
C LEU E 10 31.86 16.93 40.02
N PHE E 11 31.73 15.99 39.08
CA PHE E 11 31.28 16.28 37.73
C PHE E 11 30.07 15.40 37.44
N GLN E 12 29.02 16.01 36.89
CA GLN E 12 27.81 15.26 36.54
C GLN E 12 27.27 15.75 35.21
N GLY E 13 26.46 14.90 34.57
CA GLY E 13 25.89 15.22 33.28
C GLY E 13 24.45 14.78 33.19
N ARG E 14 23.77 15.28 32.16
CA ARG E 14 22.39 14.93 31.88
C ARG E 14 22.22 14.65 30.40
N GLN E 15 21.33 13.70 30.09
CA GLN E 15 20.93 13.41 28.72
C GLN E 15 19.41 13.20 28.75
N GLU E 16 18.66 14.25 28.43
CA GLU E 16 17.22 14.28 28.61
C GLU E 16 16.49 14.19 27.28
N CYS E 17 15.40 13.43 27.26
CA CYS E 17 14.57 13.25 26.08
C CYS E 17 13.15 13.72 26.39
N TYR E 18 12.70 14.76 25.69
CA TYR E 18 11.36 15.32 25.90
C TYR E 18 10.48 14.89 24.73
N ALA E 19 9.52 14.01 25.02
CA ALA E 19 8.59 13.48 24.03
C ALA E 19 7.27 14.24 24.12
N PHE E 20 6.76 14.68 22.96
CA PHE E 20 5.52 15.43 22.91
C PHE E 20 5.01 15.52 21.46
N ASN E 21 3.80 15.01 21.21
CA ASN E 21 3.17 15.08 19.89
C ASN E 21 4.03 14.44 18.82
N GLY E 22 4.61 13.28 19.14
CA GLY E 22 5.47 12.60 18.20
C GLY E 22 6.78 13.29 17.92
N THR E 23 7.20 14.20 18.80
CA THR E 23 8.44 14.96 18.64
C THR E 23 9.39 14.62 19.79
N GLN E 24 10.67 14.50 19.47
CA GLN E 24 11.71 14.25 20.45
C GLN E 24 12.65 15.45 20.50
N ARG E 25 12.85 15.99 21.70
CA ARG E 25 13.77 17.09 21.93
C ARG E 25 14.85 16.63 22.90
N PHE E 26 16.11 16.80 22.51
CA PHE E 26 17.24 16.27 23.26
C PHE E 26 18.04 17.40 23.88
N LEU E 27 18.30 17.28 25.19
CA LEU E 27 19.16 18.20 25.91
C LEU E 27 20.27 17.42 26.58
N GLU E 28 21.52 17.87 26.40
CA GLU E 28 22.68 17.28 27.06
C GLU E 28 23.34 18.35 27.92
N ARG E 29 23.50 18.05 29.21
CA ARG E 29 24.03 19.01 30.17
C ARG E 29 25.38 18.54 30.70
N TYR E 30 26.28 19.50 30.89
CA TYR E 30 27.56 19.27 31.55
C TYR E 30 27.61 20.14 32.78
N ILE E 31 27.82 19.53 33.94
CA ILE E 31 27.71 20.21 35.22
C ILE E 31 28.95 19.92 36.04
N TYR E 32 29.60 20.98 36.52
CA TYR E 32 30.66 20.88 37.52
C TYR E 32 30.08 21.24 38.87
N ASN E 33 30.24 20.33 39.85
CA ASN E 33 29.57 20.42 41.14
C ASN E 33 28.08 20.64 40.90
N ARG E 34 27.58 21.85 41.14
CA ARG E 34 26.18 22.18 40.89
C ARG E 34 26.03 23.24 39.81
N GLU E 35 27.06 23.51 39.03
CA GLU E 35 27.05 24.58 38.04
C GLU E 35 27.02 23.98 36.63
N GLU E 36 25.90 24.16 35.94
CA GLU E 36 25.80 23.79 34.53
C GLU E 36 26.53 24.83 33.69
N PHE E 37 27.57 24.41 32.96
CA PHE E 37 28.36 25.34 32.18
C PHE E 37 28.20 25.18 30.67
N ALA E 38 27.85 23.98 30.19
CA ALA E 38 27.66 23.75 28.77
C ALA E 38 26.39 22.95 28.56
N ARG E 39 25.75 23.16 27.40
CA ARG E 39 24.47 22.52 27.12
C ARG E 39 24.27 22.42 25.61
N PHE E 40 23.84 21.26 25.15
CA PHE E 40 23.39 21.07 23.78
C PHE E 40 21.88 20.93 23.77
N ASP E 41 21.23 21.71 22.91
CA ASP E 41 19.78 21.68 22.76
C ASP E 41 19.48 21.38 21.30
N SER E 42 18.76 20.27 21.04
CA SER E 42 18.46 19.87 19.67
C SER E 42 17.61 20.90 18.95
N ASP E 43 16.83 21.71 19.69
CA ASP E 43 16.10 22.81 19.06
C ASP E 43 17.02 23.95 18.65
N VAL E 44 18.19 24.07 19.28
CA VAL E 44 19.16 25.08 18.88
C VAL E 44 20.07 24.57 17.77
N GLY E 45 20.52 23.32 17.88
CA GLY E 45 21.35 22.72 16.86
C GLY E 45 22.83 22.66 17.18
N GLU E 46 23.28 23.37 18.22
CA GLU E 46 24.68 23.39 18.58
C GLU E 46 24.81 23.70 20.07
N PHE E 47 26.06 23.61 20.55
CA PHE E 47 26.33 23.83 21.96
C PHE E 47 26.26 25.33 22.29
N ARG E 48 26.07 25.61 23.58
CA ARG E 48 26.00 26.98 24.09
C ARG E 48 26.68 27.03 25.44
N ALA E 49 27.36 28.15 25.71
CA ALA E 49 28.05 28.36 26.98
C ALA E 49 27.05 28.89 28.01
N VAL E 50 26.71 28.05 28.98
CA VAL E 50 25.79 28.48 30.03
C VAL E 50 26.50 29.39 31.04
N THR E 51 27.80 29.19 31.24
CA THR E 51 28.60 30.02 32.13
C THR E 51 29.92 30.33 31.42
N GLU E 52 30.60 31.37 31.90
CA GLU E 52 31.96 31.65 31.43
C GLU E 52 32.88 30.45 31.59
N LEU E 53 32.58 29.55 32.53
CA LEU E 53 33.39 28.37 32.74
C LEU E 53 33.31 27.41 31.54
N GLY E 54 32.21 27.45 30.80
CA GLY E 54 32.01 26.54 29.68
C GLY E 54 32.14 27.14 28.30
N ARG E 55 32.69 28.35 28.17
CA ARG E 55 32.84 28.93 26.82
C ARG E 55 33.92 28.21 26.01
N PRO E 56 35.12 27.94 26.53
CA PRO E 56 36.09 27.18 25.73
C PRO E 56 35.59 25.79 25.34
N ALA E 57 34.82 25.13 26.22
CA ALA E 57 34.29 23.81 25.89
C ALA E 57 33.26 23.90 24.76
N ALA E 58 32.35 24.88 24.85
CA ALA E 58 31.33 25.02 23.83
C ALA E 58 31.90 25.55 22.51
N GLU E 59 33.00 26.29 22.58
CA GLU E 59 33.61 26.80 21.35
C GLU E 59 34.27 25.69 20.55
N TYR E 60 35.00 24.79 21.21
CA TYR E 60 35.69 23.72 20.48
C TYR E 60 34.68 22.71 19.93
N TRP E 61 33.64 22.40 20.69
CA TRP E 61 32.66 21.42 20.23
C TRP E 61 31.93 21.92 18.98
N ASN E 62 31.62 23.21 18.93
CA ASN E 62 30.98 23.78 17.75
C ASN E 62 31.93 23.86 16.55
N SER E 63 33.24 23.70 16.77
CA SER E 63 34.19 23.74 15.66
C SER E 63 34.19 22.44 14.87
N GLN E 64 33.85 21.32 15.50
CA GLN E 64 33.87 20.01 14.85
C GLN E 64 32.46 19.72 14.31
N LYS E 65 32.31 19.78 12.98
CA LYS E 65 31.04 19.41 12.38
C LYS E 65 30.69 17.96 12.66
N ASP E 66 31.69 17.11 12.87
CA ASP E 66 31.43 15.71 13.23
C ASP E 66 30.65 15.63 14.54
N ILE E 67 31.14 16.29 15.59
CA ILE E 67 30.50 16.21 16.90
C ILE E 67 29.10 16.82 16.83
N LEU E 68 28.95 17.94 16.11
CA LEU E 68 27.63 18.55 15.96
C LEU E 68 26.68 17.62 15.21
N GLU E 69 27.20 16.92 14.19
CA GLU E 69 26.36 15.97 13.46
C GLU E 69 25.95 14.80 14.34
N GLU E 70 26.79 14.45 15.32
CA GLU E 70 26.48 13.30 16.18
C GLU E 70 25.36 13.64 17.16
N LYS E 71 25.44 14.82 17.78
CA LYS E 71 24.43 15.22 18.75
C LYS E 71 23.09 15.50 18.08
N ARG E 72 23.10 15.94 16.82
CA ARG E 72 21.85 16.21 16.11
C ARG E 72 21.09 14.93 15.78
N ALA E 73 21.77 13.80 15.68
CA ALA E 73 21.10 12.53 15.41
C ALA E 73 20.48 11.92 16.66
N VAL E 74 20.80 12.45 17.84
CA VAL E 74 20.33 11.84 19.09
C VAL E 74 18.80 11.82 19.20
N PRO E 75 18.06 12.87 18.83
CA PRO E 75 16.58 12.78 18.92
C PRO E 75 15.98 11.56 18.24
N ASP E 76 16.52 11.16 17.09
CA ASP E 76 15.99 10.01 16.38
C ASP E 76 16.72 8.71 16.72
N ARG E 77 18.01 8.81 17.07
CA ARG E 77 18.81 7.62 17.34
C ARG E 77 18.59 7.07 18.74
N MET E 78 18.36 7.93 19.74
CA MET E 78 18.20 7.49 21.11
C MET E 78 16.82 7.79 21.67
N CYS E 79 16.35 9.04 21.58
CA CYS E 79 15.09 9.42 22.20
C CYS E 79 13.92 8.70 21.53
N ARG E 80 13.86 8.71 20.20
CA ARG E 80 12.78 8.05 19.49
C ARG E 80 12.86 6.54 19.65
N HIS E 81 14.07 5.99 19.69
CA HIS E 81 14.25 4.54 19.80
C HIS E 81 13.78 4.04 21.17
N ASN E 82 14.21 4.71 22.24
CA ASN E 82 13.85 4.28 23.58
C ASN E 82 12.39 4.56 23.91
N TYR E 83 11.79 5.58 23.28
CA TYR E 83 10.40 5.90 23.56
C TYR E 83 9.47 4.89 22.91
N GLU E 84 9.75 4.49 21.67
CA GLU E 84 8.93 3.48 21.01
C GLU E 84 9.15 2.10 21.61
N LEU E 85 10.37 1.82 22.10
CA LEU E 85 10.65 0.52 22.71
C LEU E 85 10.03 0.41 24.09
N GLY E 86 10.08 1.48 24.89
CA GLY E 86 9.48 1.52 26.19
C GLY E 86 7.99 1.76 26.21
N GLY E 87 7.34 1.70 25.05
CA GLY E 87 5.91 1.90 24.94
C GLY E 87 5.08 1.04 25.85
N PRO E 88 5.20 -0.29 25.74
CA PRO E 88 4.31 -1.16 26.54
C PRO E 88 4.52 -1.07 28.03
N MET E 89 5.76 -0.92 28.50
CA MET E 89 6.08 -1.07 29.92
C MET E 89 6.16 0.23 30.70
N THR E 90 6.26 1.38 30.04
CA THR E 90 6.35 2.65 30.73
C THR E 90 5.19 3.58 30.40
N LEU E 91 4.89 3.77 29.13
CA LEU E 91 3.77 4.60 28.74
C LEU E 91 2.43 3.96 29.08
N GLN E 92 2.40 2.65 29.36
CA GLN E 92 1.16 1.94 29.60
C GLN E 92 1.17 1.16 30.92
N ARG E 93 2.10 1.43 31.82
CA ARG E 93 2.09 0.77 33.12
C ARG E 93 0.95 1.31 33.96
N ARG E 94 0.19 0.41 34.60
CA ARG E 94 -0.95 0.80 35.41
C ARG E 94 -1.06 -0.16 36.59
N VAL E 95 -1.04 0.40 37.80
CA VAL E 95 -1.21 -0.36 39.04
C VAL E 95 -2.38 0.22 39.80
N GLN E 96 -3.21 -0.66 40.38
CA GLN E 96 -4.49 -0.28 40.96
C GLN E 96 -4.32 0.33 42.36
N PRO E 97 -5.11 1.35 42.69
CA PRO E 97 -5.00 1.97 44.01
C PRO E 97 -5.70 1.17 45.11
N ARG E 98 -5.22 1.36 46.33
CA ARG E 98 -5.85 0.84 47.53
C ARG E 98 -6.34 2.02 48.36
N VAL E 99 -7.59 1.95 48.83
CA VAL E 99 -8.25 3.07 49.48
C VAL E 99 -8.59 2.69 50.92
N ASN E 100 -8.40 3.63 51.84
CA ASN E 100 -8.66 3.43 53.25
C ASN E 100 -9.19 4.72 53.86
N VAL E 101 -10.22 4.60 54.70
CA VAL E 101 -10.86 5.75 55.34
C VAL E 101 -10.86 5.53 56.84
N SER E 102 -10.45 6.56 57.59
CA SER E 102 -10.44 6.51 59.04
C SER E 102 -10.39 7.95 59.55
N PRO E 103 -11.00 8.22 60.71
CA PRO E 103 -10.92 9.57 61.29
C PRO E 103 -9.49 9.91 61.71
N SER E 104 -9.26 11.20 61.93
CA SER E 104 -7.95 11.72 62.27
C SER E 104 -7.96 12.28 63.69
N LYS E 105 -6.84 12.12 64.38
CA LYS E 105 -6.69 12.64 65.74
C LYS E 105 -5.21 12.94 65.97
N LYS E 106 -4.58 13.61 65.00
CA LYS E 106 -3.14 13.78 65.03
C LYS E 106 -2.70 14.78 66.11
N GLY E 107 -3.37 15.93 66.18
CA GLY E 107 -2.94 16.96 67.09
C GLY E 107 -4.09 17.75 67.68
N PRO E 108 -3.80 18.47 68.78
CA PRO E 108 -4.83 19.36 69.34
C PRO E 108 -5.15 20.54 68.44
N LEU E 109 -4.20 20.98 67.62
CA LEU E 109 -4.49 22.01 66.62
C LEU E 109 -5.55 21.52 65.65
N GLN E 110 -5.54 20.23 65.33
CA GLN E 110 -6.59 19.60 64.54
C GLN E 110 -7.75 19.22 65.47
N HIS E 111 -8.46 20.27 65.93
CA HIS E 111 -9.57 20.06 66.84
C HIS E 111 -10.78 19.48 66.14
N HIS E 112 -11.00 19.85 64.89
CA HIS E 112 -12.18 19.39 64.15
C HIS E 112 -12.02 17.92 63.75
N ASN E 113 -13.17 17.28 63.51
CA ASN E 113 -13.19 15.90 63.06
C ASN E 113 -12.91 15.85 61.57
N LEU E 114 -11.75 15.32 61.20
CA LEU E 114 -11.37 15.14 59.80
C LEU E 114 -11.49 13.68 59.41
N LEU E 115 -12.00 13.44 58.20
CA LEU E 115 -12.07 12.10 57.62
C LEU E 115 -11.02 12.01 56.52
N VAL E 116 -10.14 11.02 56.62
CA VAL E 116 -8.94 10.94 55.79
C VAL E 116 -9.09 9.78 54.82
N CYS E 117 -9.16 10.10 53.53
CA CYS E 117 -9.16 9.10 52.47
C CYS E 117 -7.72 8.93 52.00
N HIS E 118 -7.13 7.76 52.28
CA HIS E 118 -5.72 7.49 52.01
C HIS E 118 -5.62 6.50 50.86
N VAL E 119 -5.18 6.99 49.70
CA VAL E 119 -5.04 6.18 48.50
C VAL E 119 -3.57 5.85 48.30
N THR E 120 -3.26 4.56 48.11
CA THR E 120 -1.88 4.09 48.05
C THR E 120 -1.68 3.16 46.86
N ASP E 121 -0.41 3.07 46.44
CA ASP E 121 0.07 2.05 45.51
C ASP E 121 -0.55 2.19 44.12
N PHE E 122 -0.60 3.41 43.61
CA PHE E 122 -1.12 3.63 42.27
C PHE E 122 -0.08 4.25 41.36
N TYR E 123 -0.12 3.85 40.09
CA TYR E 123 0.64 4.38 38.97
C TYR E 123 -0.20 4.22 37.71
N PRO E 124 -0.27 5.24 36.83
CA PRO E 124 0.35 6.57 36.88
C PRO E 124 -0.21 7.50 37.94
N GLY E 125 0.14 8.78 37.87
CA GLY E 125 -0.17 9.72 38.93
C GLY E 125 -1.52 10.39 38.82
N SER E 126 -2.03 10.56 37.60
CA SER E 126 -3.33 11.21 37.41
C SER E 126 -4.41 10.39 38.10
N ILE E 127 -5.05 10.99 39.12
CA ILE E 127 -6.06 10.30 39.89
C ILE E 127 -7.11 11.32 40.34
N GLN E 128 -8.36 10.86 40.41
CA GLN E 128 -9.47 11.68 40.89
C GLN E 128 -10.00 11.05 42.17
N VAL E 129 -10.07 11.85 43.23
CA VAL E 129 -10.60 11.41 44.52
C VAL E 129 -11.66 12.40 44.95
N ARG E 130 -12.90 11.92 45.08
CA ARG E 130 -14.04 12.77 45.42
C ARG E 130 -14.69 12.28 46.70
N TRP E 131 -15.29 13.22 47.44
CA TRP E 131 -15.99 12.92 48.67
C TRP E 131 -17.50 12.96 48.45
N PHE E 132 -18.21 12.02 49.07
CA PHE E 132 -19.66 11.97 49.01
C PHE E 132 -20.23 11.87 50.41
N LEU E 133 -21.31 12.61 50.66
CA LEU E 133 -22.02 12.58 51.93
C LEU E 133 -23.49 12.27 51.64
N ASN E 134 -23.91 11.05 51.95
CA ASN E 134 -25.27 10.59 51.68
C ASN E 134 -25.61 10.67 50.19
N GLY E 135 -24.64 10.34 49.33
CA GLY E 135 -24.83 10.36 47.91
C GLY E 135 -24.66 11.71 47.24
N GLN E 136 -24.37 12.76 48.00
CA GLN E 136 -24.15 14.09 47.44
C GLN E 136 -22.68 14.45 47.56
N GLU E 137 -22.10 14.92 46.46
CA GLU E 137 -20.69 15.29 46.42
C GLU E 137 -20.51 16.63 47.14
N GLU E 138 -19.63 16.66 48.14
CA GLU E 138 -19.33 17.87 48.89
C GLU E 138 -17.92 18.34 48.54
N THR E 139 -17.78 19.64 48.31
CA THR E 139 -16.50 20.26 47.97
C THR E 139 -15.93 21.12 49.09
N ALA E 140 -16.78 21.73 49.91
CA ALA E 140 -16.30 22.58 50.99
C ALA E 140 -15.58 21.75 52.05
N GLY E 141 -14.47 22.27 52.54
CA GLY E 141 -13.69 21.58 53.55
C GLY E 141 -12.86 20.43 53.03
N VAL E 142 -12.70 20.29 51.72
CA VAL E 142 -11.91 19.21 51.14
C VAL E 142 -10.49 19.72 50.93
N VAL E 143 -9.54 19.15 51.66
CA VAL E 143 -8.13 19.48 51.55
C VAL E 143 -7.38 18.22 51.17
N SER E 144 -6.66 18.27 50.05
CA SER E 144 -5.87 17.15 49.57
C SER E 144 -4.41 17.55 49.49
N THR E 145 -3.53 16.62 49.84
CA THR E 145 -2.10 16.86 49.72
C THR E 145 -1.67 16.72 48.27
N ASN E 146 -0.42 17.10 47.99
CA ASN E 146 0.13 16.91 46.66
C ASN E 146 0.43 15.43 46.43
N LEU E 147 0.82 15.11 45.20
CA LEU E 147 1.24 13.75 44.89
C LEU E 147 2.49 13.40 45.68
N ILE E 148 2.56 12.16 46.14
CA ILE E 148 3.65 11.67 46.97
C ILE E 148 4.29 10.49 46.23
N ARG E 149 5.53 10.68 45.79
CA ARG E 149 6.28 9.58 45.19
C ARG E 149 6.86 8.71 46.29
N ASN E 150 6.61 7.40 46.21
CA ASN E 150 7.23 6.46 47.12
C ASN E 150 8.63 6.06 46.70
N GLY E 151 9.03 6.39 45.47
CA GLY E 151 10.33 6.03 44.97
C GLY E 151 10.45 4.63 44.42
N ASP E 152 9.36 3.86 44.41
CA ASP E 152 9.35 2.50 43.88
C ASP E 152 8.31 2.34 42.77
N TRP E 153 8.11 3.40 41.98
CA TRP E 153 7.14 3.41 40.89
C TRP E 153 5.69 3.33 41.37
N THR E 154 5.42 3.83 42.58
CA THR E 154 4.06 3.96 43.08
C THR E 154 3.87 5.35 43.68
N PHE E 155 2.61 5.72 43.87
CA PHE E 155 2.26 7.05 44.35
C PHE E 155 1.34 6.96 45.56
N GLN E 156 1.18 8.10 46.23
CA GLN E 156 0.25 8.24 47.35
C GLN E 156 -0.47 9.58 47.23
N ILE E 157 -1.64 9.65 47.86
CA ILE E 157 -2.37 10.91 47.99
C ILE E 157 -3.32 10.76 49.16
N LEU E 158 -3.50 11.85 49.92
CA LEU E 158 -4.36 11.86 51.09
C LEU E 158 -5.32 13.03 50.97
N VAL E 159 -6.62 12.75 51.06
CA VAL E 159 -7.66 13.76 50.93
C VAL E 159 -8.47 13.77 52.22
N MET E 160 -8.57 14.93 52.85
CA MET E 160 -9.30 15.11 54.09
C MET E 160 -10.58 15.89 53.84
N LEU E 161 -11.59 15.61 54.66
CA LEU E 161 -12.87 16.31 54.61
C LEU E 161 -13.23 16.78 56.01
N GLU E 162 -13.28 18.09 56.20
CA GLU E 162 -13.81 18.65 57.44
C GLU E 162 -15.29 18.31 57.54
N MET E 163 -15.66 17.58 58.59
CA MET E 163 -17.01 17.05 58.71
C MET E 163 -17.58 17.35 60.09
N THR E 164 -18.87 17.69 60.13
CA THR E 164 -19.63 17.73 61.36
C THR E 164 -20.41 16.43 61.45
N PRO E 165 -19.88 15.41 62.13
CA PRO E 165 -20.50 14.08 62.06
C PRO E 165 -21.89 14.07 62.68
N GLN E 166 -22.78 13.28 62.07
CA GLN E 166 -24.13 13.10 62.56
C GLN E 166 -24.49 11.64 62.48
N GLN E 167 -25.31 11.19 63.43
CA GLN E 167 -25.71 9.78 63.46
C GLN E 167 -26.46 9.41 62.18
N GLY E 168 -26.10 8.27 61.61
CA GLY E 168 -26.70 7.79 60.39
C GLY E 168 -26.02 8.25 59.12
N ASP E 169 -25.15 9.26 59.20
CA ASP E 169 -24.49 9.77 58.00
C ASP E 169 -23.56 8.72 57.41
N VAL E 170 -23.51 8.67 56.07
CA VAL E 170 -22.68 7.73 55.34
C VAL E 170 -21.76 8.54 54.45
N TYR E 171 -20.49 8.63 54.84
CA TYR E 171 -19.46 9.25 54.02
C TYR E 171 -18.80 8.19 53.16
N THR E 172 -18.77 8.43 51.84
CA THR E 172 -18.12 7.51 50.91
C THR E 172 -17.04 8.27 50.13
N CYS E 173 -15.88 7.64 50.01
CA CYS E 173 -14.78 8.16 49.20
C CYS E 173 -14.69 7.32 47.93
N GLN E 174 -14.88 7.95 46.78
CA GLN E 174 -14.77 7.28 45.50
C GLN E 174 -13.49 7.71 44.81
N VAL E 175 -12.84 6.75 44.14
CA VAL E 175 -11.57 6.98 43.47
C VAL E 175 -11.70 6.51 42.03
N GLU E 176 -11.42 7.40 41.09
CA GLU E 176 -11.40 7.07 39.67
C GLU E 176 -9.96 7.11 39.18
N HIS E 177 -9.52 6.01 38.57
CA HIS E 177 -8.14 5.88 38.12
C HIS E 177 -8.11 5.10 36.82
N THR E 178 -7.13 5.43 35.98
CA THR E 178 -6.99 4.79 34.68
C THR E 178 -6.77 3.28 34.80
N SER E 179 -6.30 2.81 35.95
CA SER E 179 -6.09 1.38 36.18
C SER E 179 -7.36 0.67 36.65
N LEU E 180 -8.53 1.31 36.54
CA LEU E 180 -9.77 0.77 37.08
C LEU E 180 -10.85 0.73 36.00
N ASP E 181 -11.62 -0.36 35.99
CA ASP E 181 -12.80 -0.41 35.14
C ASP E 181 -13.92 0.44 35.70
N SER E 182 -14.27 0.23 36.97
CA SER E 182 -15.27 1.01 37.67
C SER E 182 -14.63 1.73 38.85
N PRO E 183 -15.18 2.87 39.26
CA PRO E 183 -14.62 3.59 40.42
C PRO E 183 -14.69 2.74 41.68
N VAL E 184 -13.71 2.93 42.55
CA VAL E 184 -13.60 2.21 43.81
C VAL E 184 -14.18 3.09 44.92
N THR E 185 -15.10 2.53 45.70
CA THR E 185 -15.78 3.25 46.77
C THR E 185 -15.54 2.55 48.11
N VAL E 186 -15.39 3.37 49.15
CA VAL E 186 -15.24 2.88 50.52
C VAL E 186 -16.02 3.83 51.43
N GLU E 187 -16.72 3.27 52.41
CA GLU E 187 -17.69 4.03 53.19
C GLU E 187 -17.29 4.11 54.65
N TRP E 188 -17.72 5.19 55.31
CA TRP E 188 -17.55 5.31 56.79
C TRP E 188 -18.85 5.87 57.38
N ALA F 2 13.81 -9.47 24.44
CA ALA F 2 14.38 -8.31 25.11
C ALA F 2 15.30 -7.53 24.16
N THR F 3 14.83 -6.37 23.73
CA THR F 3 15.58 -5.51 22.84
C THR F 3 16.43 -4.53 23.65
N GLY F 4 17.52 -4.07 23.04
CA GLY F 4 18.49 -3.25 23.74
C GLY F 4 18.17 -1.76 23.65
N LEU F 5 18.28 -1.08 24.78
CA LEU F 5 18.06 0.36 24.83
C LEU F 5 19.32 1.11 24.40
N ALA F 6 19.10 2.24 23.74
CA ALA F 6 20.21 3.03 23.23
C ALA F 6 20.75 3.97 24.31
N TRP F 7 22.01 4.37 24.12
CA TRP F 7 22.63 5.36 24.99
C TRP F 7 23.47 6.30 24.14
N GLU F 8 23.96 7.36 24.76
CA GLU F 8 24.77 8.36 24.08
C GLU F 8 26.06 8.59 24.88
N TRP F 9 27.18 8.69 24.16
CA TRP F 9 28.44 9.02 24.80
C TRP F 9 28.48 10.52 25.11
N TRP F 10 28.74 10.84 26.37
CA TRP F 10 29.11 12.22 26.70
C TRP F 10 30.45 12.55 26.05
N ARG F 11 30.64 13.84 25.75
CA ARG F 11 31.84 14.27 25.05
C ARG F 11 32.90 14.75 26.04
N THR F 12 34.16 14.63 25.62
CA THR F 12 35.28 15.08 26.44
C THR F 12 35.42 16.59 26.32
N VAL F 13 35.56 17.26 27.47
CA VAL F 13 35.68 18.71 27.48
C VAL F 13 37.07 19.10 27.00
N TYR F 14 37.12 20.17 26.19
CA TYR F 14 38.39 20.71 25.72
C TYR F 14 39.33 20.97 26.88
N GLU F 15 40.53 20.39 26.81
CA GLU F 15 41.43 20.36 27.94
C GLU F 15 42.35 21.58 27.99
N ILE G 1 28.78 -46.86 -29.83
CA ILE G 1 28.40 -45.49 -29.51
C ILE G 1 29.61 -44.56 -29.63
N LYS G 2 29.44 -43.44 -30.34
CA LYS G 2 30.51 -42.48 -30.51
C LYS G 2 30.82 -41.81 -29.17
N ALA G 3 32.06 -41.93 -28.73
CA ALA G 3 32.46 -41.38 -27.44
C ALA G 3 33.94 -41.01 -27.47
N ASP G 4 34.26 -39.84 -26.91
CA ASP G 4 35.66 -39.49 -26.70
C ASP G 4 36.26 -40.28 -25.54
N HIS G 5 35.48 -40.47 -24.48
CA HIS G 5 35.88 -41.26 -23.33
C HIS G 5 34.66 -41.98 -22.78
N VAL G 6 34.91 -43.03 -22.00
CA VAL G 6 33.85 -43.85 -21.42
C VAL G 6 34.14 -44.06 -19.95
N SER G 7 33.30 -43.50 -19.08
CA SER G 7 33.37 -43.72 -17.65
C SER G 7 32.23 -44.65 -17.24
N THR G 8 32.55 -45.70 -16.49
CA THR G 8 31.60 -46.75 -16.22
C THR G 8 31.70 -47.23 -14.78
N TYR G 9 30.55 -47.33 -14.12
CA TYR G 9 30.44 -48.05 -12.85
C TYR G 9 30.09 -49.51 -13.15
N ALA G 10 30.86 -50.43 -12.56
CA ALA G 10 30.64 -51.86 -12.73
C ALA G 10 30.62 -52.53 -11.36
N ALA G 11 29.66 -53.42 -11.15
CA ALA G 11 29.52 -54.11 -9.89
C ALA G 11 28.86 -55.46 -10.12
N PHE G 12 29.16 -56.42 -9.26
CA PHE G 12 28.51 -57.72 -9.34
C PHE G 12 28.39 -58.32 -7.94
N VAL G 13 27.42 -59.21 -7.81
CA VAL G 13 27.22 -60.00 -6.59
C VAL G 13 27.00 -61.45 -7.01
N GLN G 14 27.52 -62.39 -6.22
CA GLN G 14 27.39 -63.80 -6.55
C GLN G 14 27.47 -64.63 -5.27
N THR G 15 27.31 -65.94 -5.43
CA THR G 15 27.26 -66.84 -4.29
C THR G 15 28.65 -67.10 -3.72
N HIS G 16 29.61 -67.44 -4.57
CA HIS G 16 30.95 -67.79 -4.12
C HIS G 16 31.85 -66.56 -4.06
N ARG G 17 32.97 -66.72 -3.37
CA ARG G 17 33.93 -65.64 -3.23
C ARG G 17 34.58 -65.35 -4.58
N PRO G 18 34.75 -64.06 -4.94
CA PRO G 18 34.29 -62.90 -4.17
C PRO G 18 32.79 -62.66 -4.30
N THR G 19 32.12 -62.49 -3.16
CA THR G 19 30.66 -62.33 -3.16
C THR G 19 30.23 -60.98 -3.73
N GLY G 20 31.14 -60.01 -3.83
CA GLY G 20 30.77 -58.71 -4.35
C GLY G 20 31.98 -57.92 -4.77
N GLU G 21 31.73 -56.92 -5.62
CA GLU G 21 32.76 -55.99 -6.06
C GLU G 21 32.07 -54.74 -6.61
N PHE G 22 32.65 -53.58 -6.32
CA PHE G 22 32.15 -52.31 -6.81
C PHE G 22 33.33 -51.47 -7.25
N MET G 23 33.36 -51.09 -8.52
CA MET G 23 34.52 -50.39 -9.06
C MET G 23 34.07 -49.38 -10.10
N PHE G 24 34.98 -48.45 -10.41
CA PHE G 24 34.76 -47.40 -11.39
C PHE G 24 35.96 -47.36 -12.32
N GLU G 25 35.74 -47.56 -13.60
CA GLU G 25 36.80 -47.60 -14.59
C GLU G 25 36.69 -46.44 -15.56
N PHE G 26 37.84 -45.91 -15.96
CA PHE G 26 37.93 -44.82 -16.92
C PHE G 26 38.72 -45.32 -18.12
N ASP G 27 38.05 -45.39 -19.28
CA ASP G 27 38.64 -45.96 -20.49
C ASP G 27 39.16 -47.37 -20.25
N GLU G 28 38.34 -48.18 -19.59
CA GLU G 28 38.61 -49.61 -19.36
C GLU G 28 39.83 -49.82 -18.48
N ASP G 29 40.13 -48.87 -17.58
CA ASP G 29 41.17 -49.01 -16.58
C ASP G 29 40.56 -48.71 -15.22
N GLU G 30 40.66 -49.65 -14.29
CA GLU G 30 40.06 -49.48 -12.97
C GLU G 30 40.69 -48.29 -12.25
N MET G 31 39.85 -47.31 -11.91
CA MET G 31 40.32 -46.11 -11.23
C MET G 31 40.22 -46.22 -9.71
N PHE G 32 39.14 -46.80 -9.21
CA PHE G 32 39.00 -47.02 -7.77
C PHE G 32 37.91 -48.05 -7.53
N TYR G 33 38.00 -48.70 -6.37
CA TYR G 33 36.99 -49.64 -5.92
C TYR G 33 36.74 -49.43 -4.43
N VAL G 34 35.67 -50.03 -3.95
CA VAL G 34 35.28 -49.96 -2.54
C VAL G 34 35.52 -51.33 -1.93
N ASP G 35 36.46 -51.40 -1.00
CA ASP G 35 36.71 -52.64 -0.26
C ASP G 35 35.50 -52.93 0.61
N LEU G 36 34.72 -53.94 0.23
CA LEU G 36 33.47 -54.23 0.93
C LEU G 36 33.68 -54.76 2.34
N ASP G 37 34.89 -55.23 2.65
CA ASP G 37 35.21 -55.69 4.00
C ASP G 37 35.69 -54.54 4.89
N LYS G 38 36.69 -53.79 4.42
CA LYS G 38 37.19 -52.64 5.17
C LYS G 38 36.28 -51.43 5.08
N LYS G 39 35.32 -51.44 4.14
CA LYS G 39 34.39 -50.32 3.96
C LYS G 39 35.12 -49.02 3.66
N GLU G 40 36.18 -49.11 2.86
CA GLU G 40 36.98 -47.97 2.46
C GLU G 40 37.06 -47.90 0.94
N THR G 41 37.35 -46.71 0.44
CA THR G 41 37.56 -46.49 -0.99
C THR G 41 39.04 -46.60 -1.30
N VAL G 42 39.41 -47.55 -2.15
CA VAL G 42 40.79 -47.80 -2.54
C VAL G 42 40.99 -47.24 -3.94
N TRP G 43 42.02 -46.41 -4.10
CA TRP G 43 42.34 -45.81 -5.39
C TRP G 43 43.48 -46.59 -6.06
N HIS G 44 43.34 -46.80 -7.37
CA HIS G 44 44.32 -47.62 -8.09
C HIS G 44 45.68 -46.95 -8.10
N LEU G 45 45.72 -45.64 -8.30
CA LEU G 45 46.95 -44.86 -8.20
C LEU G 45 46.83 -43.90 -7.03
N GLU G 46 47.95 -43.66 -6.34
CA GLU G 46 47.92 -42.80 -5.16
C GLU G 46 47.56 -41.37 -5.52
N GLU G 47 47.89 -40.95 -6.74
CA GLU G 47 47.55 -39.59 -7.17
C GLU G 47 46.04 -39.37 -7.23
N PHE G 48 45.28 -40.44 -7.43
CA PHE G 48 43.82 -40.31 -7.48
C PHE G 48 43.24 -39.99 -6.12
N GLY G 49 43.79 -40.57 -5.05
CA GLY G 49 43.30 -40.31 -3.72
C GLY G 49 43.54 -38.89 -3.23
N GLN G 50 44.51 -38.19 -3.81
CA GLN G 50 44.80 -36.83 -3.41
C GLN G 50 43.88 -35.81 -4.09
N ALA G 51 43.35 -36.15 -5.26
CA ALA G 51 42.54 -35.22 -6.03
C ALA G 51 41.05 -35.52 -5.99
N PHE G 52 40.64 -36.70 -5.54
CA PHE G 52 39.23 -37.07 -5.51
C PHE G 52 38.90 -37.76 -4.21
N SER G 53 37.60 -37.85 -3.93
CA SER G 53 37.10 -38.63 -2.80
C SER G 53 35.82 -39.33 -3.23
N PHE G 54 35.44 -40.35 -2.47
CA PHE G 54 34.24 -41.13 -2.80
C PHE G 54 33.71 -41.75 -1.52
N GLU G 55 32.44 -41.48 -1.20
CA GLU G 55 31.81 -42.08 -0.03
C GLU G 55 31.64 -43.57 -0.24
N ALA G 56 32.18 -44.36 0.69
CA ALA G 56 32.11 -45.81 0.57
C ALA G 56 30.68 -46.33 0.64
N GLN G 57 29.76 -45.55 1.20
CA GLN G 57 28.36 -45.97 1.24
C GLN G 57 27.78 -46.10 -0.16
N GLY G 58 28.31 -45.33 -1.11
CA GLY G 58 27.87 -45.46 -2.50
C GLY G 58 28.17 -46.81 -3.11
N GLY G 59 29.13 -47.54 -2.55
CA GLY G 59 29.43 -48.89 -3.02
C GLY G 59 28.82 -49.96 -2.13
N LEU G 60 28.80 -49.70 -0.83
CA LEU G 60 28.27 -50.69 0.11
C LEU G 60 26.77 -50.88 -0.07
N ALA G 61 26.03 -49.78 -0.23
CA ALA G 61 24.58 -49.87 -0.37
C ALA G 61 24.17 -50.37 -1.74
N ASN G 62 24.94 -50.05 -2.78
CA ASN G 62 24.63 -50.54 -4.11
C ASN G 62 24.76 -52.05 -4.18
N ILE G 63 25.72 -52.62 -3.46
CA ILE G 63 25.83 -54.08 -3.37
C ILE G 63 24.62 -54.67 -2.68
N ALA G 64 24.10 -53.98 -1.66
CA ALA G 64 22.89 -54.44 -1.00
C ALA G 64 21.69 -54.44 -1.95
N ILE G 65 21.61 -53.41 -2.79
CA ILE G 65 20.51 -53.35 -3.77
C ILE G 65 20.62 -54.50 -4.75
N LEU G 66 21.83 -54.74 -5.28
CA LEU G 66 22.02 -55.81 -6.26
C LEU G 66 21.80 -57.18 -5.64
N ASN G 67 22.16 -57.35 -4.37
CA ASN G 67 21.89 -58.62 -3.70
C ASN G 67 20.39 -58.90 -3.65
N ASN G 68 19.59 -57.87 -3.37
CA ASN G 68 18.13 -58.03 -3.45
C ASN G 68 17.70 -58.38 -4.86
N ASN G 69 18.31 -57.73 -5.87
CA ASN G 69 18.03 -58.10 -7.26
C ASN G 69 18.52 -59.51 -7.58
N LEU G 70 19.60 -59.94 -6.94
CA LEU G 70 20.09 -61.30 -7.16
C LEU G 70 19.08 -62.33 -6.66
N ASN G 71 18.59 -62.16 -5.43
CA ASN G 71 17.60 -63.10 -4.91
C ASN G 71 16.32 -63.10 -5.75
N THR G 72 15.96 -61.93 -6.28
CA THR G 72 14.77 -61.86 -7.14
C THR G 72 14.99 -62.63 -8.43
N LEU G 73 16.16 -62.46 -9.06
CA LEU G 73 16.44 -63.14 -10.31
C LEU G 73 16.77 -64.62 -10.12
N ILE G 74 17.09 -65.05 -8.90
CA ILE G 74 17.26 -66.48 -8.65
C ILE G 74 15.90 -67.18 -8.60
N GLN G 75 14.93 -66.57 -7.93
CA GLN G 75 13.59 -67.15 -7.85
C GLN G 75 12.91 -67.14 -9.22
N ARG G 76 12.97 -66.01 -9.91
CA ARG G 76 12.64 -66.03 -11.33
C ARG G 76 13.72 -66.80 -12.09
N SER G 77 13.45 -67.06 -13.37
CA SER G 77 14.33 -67.85 -14.23
C SER G 77 14.50 -69.28 -13.72
N ASN G 78 13.86 -69.61 -12.60
CA ASN G 78 13.79 -70.98 -12.09
C ASN G 78 15.18 -71.55 -11.77
N HIS G 79 16.01 -70.72 -11.11
CA HIS G 79 17.32 -71.16 -10.61
C HIS G 79 18.25 -71.62 -11.74
N THR G 80 18.32 -70.82 -12.81
CA THR G 80 19.19 -71.14 -13.93
C THR G 80 20.60 -70.65 -13.65
N GLN G 81 21.57 -71.56 -13.70
CA GLN G 81 22.98 -71.24 -13.51
C GLN G 81 23.68 -71.20 -14.86
N ALA G 82 24.53 -70.19 -15.05
CA ALA G 82 25.17 -69.98 -16.34
C ALA G 82 26.27 -71.01 -16.58
N THR G 83 26.55 -71.25 -17.86
CA THR G 83 27.61 -72.17 -18.25
C THR G 83 28.97 -71.58 -17.93
N ASN G 84 29.86 -72.42 -17.42
CA ASN G 84 31.24 -72.00 -17.15
C ASN G 84 31.96 -71.71 -18.46
N ASP G 85 32.47 -70.49 -18.61
CA ASP G 85 33.23 -70.12 -19.79
C ASP G 85 34.71 -70.18 -19.48
N PRO G 86 35.50 -71.00 -20.18
CA PRO G 86 36.89 -71.16 -19.81
C PRO G 86 37.69 -69.90 -20.11
N PRO G 87 38.79 -69.67 -19.41
CA PRO G 87 39.57 -68.45 -19.62
C PRO G 87 40.67 -68.59 -20.65
N GLU G 88 41.10 -67.44 -21.17
CA GLU G 88 42.27 -67.33 -22.04
C GLU G 88 43.40 -66.70 -21.24
N VAL G 89 44.57 -67.32 -21.27
CA VAL G 89 45.72 -66.88 -20.48
C VAL G 89 46.87 -66.56 -21.42
N THR G 90 47.43 -65.35 -21.26
CA THR G 90 48.61 -64.91 -21.99
C THR G 90 49.58 -64.28 -21.02
N VAL G 91 50.87 -64.54 -21.21
CA VAL G 91 51.92 -64.07 -20.31
C VAL G 91 52.93 -63.26 -21.12
N PHE G 92 53.24 -62.06 -20.63
CA PHE G 92 54.16 -61.15 -21.30
C PHE G 92 54.79 -60.24 -20.26
N PRO G 93 56.01 -59.75 -20.51
CA PRO G 93 56.66 -58.85 -19.56
C PRO G 93 56.24 -57.40 -19.76
N LYS G 94 56.40 -56.63 -18.69
CA LYS G 94 56.01 -55.22 -18.72
C LYS G 94 57.02 -54.38 -19.48
N GLU G 95 58.30 -54.62 -19.27
CA GLU G 95 59.39 -53.93 -19.95
C GLU G 95 60.15 -54.90 -20.85
N PRO G 96 60.94 -54.40 -21.80
CA PRO G 96 61.78 -55.29 -22.60
C PRO G 96 62.71 -56.12 -21.71
N VAL G 97 62.98 -57.34 -22.16
CA VAL G 97 63.72 -58.30 -21.36
C VAL G 97 65.21 -57.99 -21.43
N GLU G 98 65.83 -57.77 -20.27
CA GLU G 98 67.27 -57.60 -20.16
C GLU G 98 67.75 -58.37 -18.94
N LEU G 99 68.70 -59.28 -19.14
CA LEU G 99 69.22 -60.08 -18.04
C LEU G 99 69.83 -59.17 -16.97
N GLY G 100 69.47 -59.43 -15.71
CA GLY G 100 69.94 -58.63 -14.60
C GLY G 100 69.25 -57.29 -14.43
N GLN G 101 68.28 -56.97 -15.28
CA GLN G 101 67.52 -55.73 -15.16
C GLN G 101 66.14 -56.02 -14.62
N PRO G 102 65.75 -55.47 -13.47
CA PRO G 102 64.47 -55.83 -12.87
C PRO G 102 63.30 -55.57 -13.81
N ASN G 103 62.38 -56.53 -13.87
CA ASN G 103 61.21 -56.45 -14.74
C ASN G 103 60.00 -56.99 -13.99
N THR G 104 58.83 -56.91 -14.64
CA THR G 104 57.58 -57.37 -14.08
C THR G 104 56.86 -58.24 -15.09
N LEU G 105 56.50 -59.45 -14.68
CA LEU G 105 55.80 -60.39 -15.54
C LEU G 105 54.30 -60.23 -15.34
N ILE G 106 53.55 -60.19 -16.45
CA ILE G 106 52.12 -59.95 -16.45
C ILE G 106 51.41 -61.20 -16.94
N CYS G 107 50.50 -61.73 -16.14
CA CYS G 107 49.64 -62.85 -16.52
C CYS G 107 48.21 -62.33 -16.65
N HIS G 108 47.69 -62.32 -17.88
CA HIS G 108 46.38 -61.77 -18.18
C HIS G 108 45.41 -62.92 -18.43
N ILE G 109 44.47 -63.11 -17.49
CA ILE G 109 43.40 -64.07 -17.63
C ILE G 109 42.19 -63.34 -18.21
N ASP G 110 41.55 -63.94 -19.22
CA ASP G 110 40.57 -63.21 -20.02
C ASP G 110 39.42 -64.12 -20.43
N LYS G 111 38.25 -63.49 -20.60
CA LYS G 111 37.08 -64.12 -21.23
C LYS G 111 36.55 -65.30 -20.43
N PHE G 112 36.50 -65.16 -19.10
CA PHE G 112 36.01 -66.23 -18.25
C PHE G 112 34.77 -65.78 -17.49
N PHE G 113 34.03 -66.77 -16.97
CA PHE G 113 32.81 -66.57 -16.20
C PHE G 113 32.50 -67.89 -15.51
N PRO G 114 32.10 -67.89 -14.23
CA PRO G 114 31.94 -66.76 -13.31
C PRO G 114 33.25 -66.28 -12.71
N PRO G 115 33.25 -65.11 -12.04
CA PRO G 115 34.50 -64.61 -11.45
C PRO G 115 34.96 -65.40 -10.24
N VAL G 116 35.36 -66.65 -10.44
CA VAL G 116 35.90 -67.50 -9.38
C VAL G 116 37.20 -68.09 -9.90
N LEU G 117 38.33 -67.58 -9.40
CA LEU G 117 39.64 -67.97 -9.90
C LEU G 117 40.58 -68.32 -8.76
N ASN G 118 41.46 -69.28 -9.04
CA ASN G 118 42.67 -69.52 -8.25
C ASN G 118 43.86 -69.36 -9.20
N VAL G 119 44.63 -68.29 -9.00
CA VAL G 119 45.78 -67.98 -9.85
C VAL G 119 47.03 -67.97 -8.98
N THR G 120 48.09 -68.61 -9.47
CA THR G 120 49.33 -68.73 -8.72
C THR G 120 50.51 -68.71 -9.67
N TRP G 121 51.60 -68.06 -9.24
CA TRP G 121 52.83 -68.03 -10.00
C TRP G 121 53.72 -69.21 -9.61
N LEU G 122 54.54 -69.64 -10.57
CA LEU G 122 55.48 -70.73 -10.37
C LEU G 122 56.82 -70.35 -10.98
N CYS G 123 57.86 -70.35 -10.16
CA CYS G 123 59.24 -70.14 -10.62
C CYS G 123 59.97 -71.46 -10.55
N ASN G 124 60.36 -71.98 -11.72
CA ASN G 124 61.06 -73.27 -11.82
C ASN G 124 60.24 -74.42 -11.24
N GLY G 125 58.91 -74.28 -11.26
CA GLY G 125 58.02 -75.34 -10.84
C GLY G 125 57.62 -75.31 -9.38
N GLU G 126 58.00 -74.29 -8.62
CA GLU G 126 57.63 -74.19 -7.22
C GLU G 126 56.88 -72.88 -6.97
N LEU G 127 56.13 -72.87 -5.86
CA LEU G 127 55.24 -71.76 -5.54
C LEU G 127 56.03 -70.48 -5.23
N VAL G 128 55.50 -69.36 -5.70
CA VAL G 128 56.05 -68.04 -5.41
C VAL G 128 55.01 -67.26 -4.61
N THR G 129 55.42 -66.75 -3.45
CA THR G 129 54.50 -66.01 -2.58
C THR G 129 54.87 -64.55 -2.39
N GLU G 130 56.08 -64.13 -2.77
CA GLU G 130 56.51 -62.76 -2.60
C GLU G 130 56.68 -62.07 -3.95
N GLY G 131 56.55 -60.75 -3.94
CA GLY G 131 56.66 -59.98 -5.16
C GLY G 131 55.49 -60.13 -6.10
N VAL G 132 54.33 -60.52 -5.58
CA VAL G 132 53.15 -60.79 -6.41
C VAL G 132 52.09 -59.74 -6.12
N ALA G 133 51.29 -59.45 -7.14
CA ALA G 133 50.17 -58.52 -7.03
C ALA G 133 49.10 -58.92 -8.04
N GLU G 134 47.88 -58.48 -7.77
CA GLU G 134 46.76 -58.81 -8.65
C GLU G 134 45.78 -57.64 -8.67
N SER G 135 45.01 -57.57 -9.74
CA SER G 135 43.98 -56.57 -9.92
C SER G 135 42.62 -57.15 -9.54
N LEU G 136 41.58 -56.35 -9.73
CA LEU G 136 40.21 -56.80 -9.49
C LEU G 136 39.74 -57.69 -10.63
N PHE G 137 38.54 -58.24 -10.48
CA PHE G 137 37.86 -58.94 -11.56
C PHE G 137 37.23 -57.88 -12.46
N LEU G 138 37.96 -57.50 -13.51
CA LEU G 138 37.55 -56.41 -14.39
C LEU G 138 36.45 -56.87 -15.35
N PRO G 139 35.52 -55.99 -15.68
CA PRO G 139 34.40 -56.36 -16.54
C PRO G 139 34.73 -56.25 -18.03
N ARG G 140 34.00 -57.03 -18.82
CA ARG G 140 34.07 -56.98 -20.27
C ARG G 140 32.71 -56.60 -20.83
N THR G 141 32.68 -56.25 -22.12
CA THR G 141 31.43 -55.83 -22.74
C THR G 141 30.46 -57.00 -22.90
N ASP G 142 30.97 -58.20 -23.16
CA ASP G 142 30.13 -59.39 -23.27
C ASP G 142 29.77 -59.99 -21.92
N TYR G 143 30.01 -59.25 -20.83
CA TYR G 143 29.62 -59.64 -19.47
C TYR G 143 30.39 -60.85 -18.96
N SER G 144 31.50 -61.20 -19.61
CA SER G 144 32.52 -62.06 -19.04
C SER G 144 33.53 -61.18 -18.31
N PHE G 145 34.57 -61.80 -17.76
CA PHE G 145 35.51 -61.08 -16.90
C PHE G 145 36.94 -61.39 -17.30
N HIS G 146 37.83 -60.45 -17.01
CA HIS G 146 39.27 -60.64 -17.18
C HIS G 146 39.98 -60.09 -15.96
N LYS G 147 41.23 -60.51 -15.78
CA LYS G 147 41.97 -60.22 -14.56
C LYS G 147 43.47 -60.21 -14.86
N PHE G 148 44.19 -59.38 -14.11
CA PHE G 148 45.64 -59.27 -14.21
C PHE G 148 46.31 -59.86 -12.98
N HIS G 149 47.48 -60.46 -13.19
CA HIS G 149 48.35 -60.93 -12.11
C HIS G 149 49.78 -60.55 -12.44
N TYR G 150 50.50 -60.06 -11.44
CA TYR G 150 51.82 -59.48 -11.63
C TYR G 150 52.85 -60.21 -10.78
N LEU G 151 54.10 -60.16 -11.23
CA LEU G 151 55.21 -60.76 -10.50
C LEU G 151 56.49 -60.03 -10.87
N THR G 152 57.12 -59.37 -9.90
CA THR G 152 58.40 -58.73 -10.11
C THR G 152 59.51 -59.77 -10.03
N PHE G 153 60.29 -59.91 -11.10
CA PHE G 153 61.30 -60.95 -11.19
C PHE G 153 62.57 -60.37 -11.81
N VAL G 154 63.61 -61.19 -11.84
CA VAL G 154 64.89 -60.87 -12.46
C VAL G 154 65.06 -61.79 -13.67
N PRO G 155 65.17 -61.27 -14.88
CA PRO G 155 65.33 -62.13 -16.06
C PRO G 155 66.66 -62.87 -16.02
N SER G 156 66.58 -64.19 -16.12
CA SER G 156 67.76 -65.05 -16.18
C SER G 156 67.52 -66.15 -17.21
N ALA G 157 68.58 -66.51 -17.93
CA ALA G 157 68.46 -67.57 -18.93
C ALA G 157 68.24 -68.94 -18.33
N GLU G 158 68.38 -69.09 -17.01
CA GLU G 158 68.20 -70.36 -16.33
C GLU G 158 66.91 -70.41 -15.52
N ASP G 159 65.99 -69.48 -15.74
CA ASP G 159 64.72 -69.44 -15.04
C ASP G 159 63.57 -69.53 -16.04
N PHE G 160 62.54 -70.30 -15.68
CA PHE G 160 61.31 -70.38 -16.44
C PHE G 160 60.14 -70.22 -15.48
N TYR G 161 59.11 -69.52 -15.94
CA TYR G 161 57.96 -69.19 -15.10
C TYR G 161 56.68 -69.77 -15.67
N ASP G 162 55.71 -69.97 -14.79
CA ASP G 162 54.41 -70.53 -15.14
C ASP G 162 53.32 -69.74 -14.42
N CYS G 163 52.19 -69.55 -15.10
CA CYS G 163 50.99 -68.95 -14.51
C CYS G 163 49.93 -70.04 -14.43
N ARG G 164 49.74 -70.61 -13.24
CA ARG G 164 48.80 -71.69 -13.04
C ARG G 164 47.42 -71.12 -12.70
N VAL G 165 46.43 -71.45 -13.51
CA VAL G 165 45.09 -70.91 -13.39
C VAL G 165 44.10 -72.04 -13.19
N GLU G 166 43.28 -71.93 -12.15
CA GLU G 166 42.20 -72.88 -11.88
C GLU G 166 40.86 -72.20 -12.12
N HIS G 167 39.92 -72.95 -12.69
CA HIS G 167 38.60 -72.43 -12.99
C HIS G 167 37.63 -73.60 -13.12
N TRP G 168 36.34 -73.28 -12.97
CA TRP G 168 35.32 -74.32 -13.06
C TRP G 168 35.17 -74.86 -14.48
N GLY G 169 35.46 -74.04 -15.49
CA GLY G 169 35.45 -74.48 -16.86
C GLY G 169 36.64 -75.31 -17.29
N LEU G 170 37.49 -75.71 -16.34
CA LEU G 170 38.69 -76.48 -16.63
C LEU G 170 38.66 -77.76 -15.81
N ASP G 171 38.92 -78.88 -16.47
CA ASP G 171 39.04 -80.17 -15.79
C ASP G 171 40.43 -80.40 -15.21
N GLN G 172 41.36 -79.45 -15.39
CA GLN G 172 42.71 -79.56 -14.87
C GLN G 172 43.33 -78.18 -14.92
N PRO G 173 44.17 -77.80 -13.95
CA PRO G 173 44.74 -76.45 -13.96
C PRO G 173 45.52 -76.16 -15.23
N LEU G 174 45.42 -74.91 -15.68
CA LEU G 174 46.03 -74.46 -16.93
C LEU G 174 47.36 -73.79 -16.61
N LEU G 175 48.45 -74.39 -17.08
CA LEU G 175 49.79 -73.85 -16.91
C LEU G 175 50.18 -73.10 -18.18
N LYS G 176 50.44 -71.80 -18.05
CA LYS G 176 50.89 -70.97 -19.16
C LYS G 176 52.38 -70.69 -18.95
N HIS G 177 53.21 -71.26 -19.81
CA HIS G 177 54.66 -71.19 -19.65
C HIS G 177 55.21 -69.89 -20.23
N TRP G 178 56.36 -69.47 -19.70
CA TRP G 178 57.06 -68.31 -20.22
C TRP G 178 58.52 -68.37 -19.79
N GLU G 179 59.41 -68.06 -20.73
CA GLU G 179 60.84 -67.99 -20.47
C GLU G 179 61.44 -66.88 -21.32
N ALA G 180 62.69 -66.55 -21.05
CA ALA G 180 63.40 -65.50 -21.78
C ALA G 180 64.03 -66.07 -23.05
N ALA H 4 31.63 -81.97 -10.66
CA ALA H 4 30.40 -81.21 -10.51
C ALA H 4 30.70 -79.75 -10.16
N THR H 5 29.94 -78.84 -10.76
CA THR H 5 30.14 -77.41 -10.54
C THR H 5 29.33 -76.95 -9.33
N PRO H 6 29.95 -76.27 -8.37
CA PRO H 6 29.20 -75.76 -7.22
C PRO H 6 28.10 -74.80 -7.66
N GLU H 7 27.07 -74.71 -6.82
CA GLU H 7 25.93 -73.85 -7.11
C GLU H 7 26.34 -72.38 -6.99
N ASN H 8 26.11 -71.61 -8.04
CA ASN H 8 26.54 -70.22 -8.06
C ASN H 8 25.67 -69.41 -9.00
N TYR H 9 25.10 -68.31 -8.49
CA TYR H 9 24.30 -67.39 -9.28
C TYR H 9 24.90 -65.99 -9.16
N LEU H 10 24.77 -65.21 -10.22
CA LEU H 10 25.42 -63.91 -10.28
C LEU H 10 24.46 -62.84 -10.79
N PHE H 11 24.56 -61.65 -10.22
CA PHE H 11 23.89 -60.45 -10.72
C PHE H 11 24.93 -59.35 -10.87
N GLN H 12 24.94 -58.69 -12.02
CA GLN H 12 25.89 -57.61 -12.26
C GLN H 12 25.18 -56.47 -12.99
N GLY H 13 25.72 -55.25 -12.81
CA GLY H 13 25.15 -54.08 -13.43
C GLY H 13 26.24 -53.18 -13.99
N ARG H 14 25.80 -52.20 -14.79
CA ARG H 14 26.69 -51.22 -15.38
C ARG H 14 26.04 -49.85 -15.33
N GLN H 15 26.86 -48.82 -15.18
CA GLN H 15 26.42 -47.42 -15.26
C GLN H 15 27.46 -46.70 -16.12
N GLU H 16 27.17 -46.59 -17.41
CA GLU H 16 28.13 -46.11 -18.39
C GLU H 16 27.83 -44.67 -18.79
N CYS H 17 28.89 -43.87 -18.92
CA CYS H 17 28.79 -42.48 -19.34
C CYS H 17 29.60 -42.29 -20.61
N TYR H 18 28.92 -41.99 -21.71
CA TYR H 18 29.56 -41.75 -23.00
C TYR H 18 29.62 -40.24 -23.22
N ALA H 19 30.84 -39.68 -23.21
CA ALA H 19 31.06 -38.26 -23.43
C ALA H 19 31.56 -38.02 -24.84
N PHE H 20 30.94 -37.09 -25.55
CA PHE H 20 31.34 -36.77 -26.93
C PHE H 20 30.79 -35.41 -27.31
N ASN H 21 31.68 -34.51 -27.71
CA ASN H 21 31.30 -33.19 -28.21
C ASN H 21 30.46 -32.41 -27.20
N GLY H 22 30.84 -32.53 -25.92
CA GLY H 22 30.10 -31.86 -24.87
C GLY H 22 28.78 -32.50 -24.52
N THR H 23 28.51 -33.72 -24.98
CA THR H 23 27.26 -34.42 -24.72
C THR H 23 27.55 -35.65 -23.87
N GLN H 24 26.71 -35.86 -22.87
CA GLN H 24 26.77 -37.05 -22.01
C GLN H 24 25.60 -37.96 -22.30
N ARG H 25 25.87 -39.23 -22.56
CA ARG H 25 24.85 -40.24 -22.79
C ARG H 25 25.02 -41.33 -21.74
N PHE H 26 23.94 -41.60 -21.00
CA PHE H 26 23.96 -42.50 -19.86
C PHE H 26 23.26 -43.81 -20.20
N LEU H 27 23.86 -44.92 -19.78
CA LEU H 27 23.30 -46.24 -19.97
C LEU H 27 23.43 -47.04 -18.67
N GLU H 28 22.31 -47.53 -18.17
CA GLU H 28 22.29 -48.39 -16.99
C GLU H 28 21.82 -49.78 -17.41
N ARG H 29 22.60 -50.80 -17.07
CA ARG H 29 22.34 -52.17 -17.50
C ARG H 29 22.12 -53.06 -16.28
N TYR H 30 21.19 -53.99 -16.42
CA TYR H 30 20.89 -54.99 -15.40
C TYR H 30 21.10 -56.37 -16.00
N ILE H 31 22.02 -57.13 -15.43
CA ILE H 31 22.47 -58.41 -15.99
C ILE H 31 22.36 -59.47 -14.92
N TYR H 32 21.67 -60.57 -15.24
CA TYR H 32 21.68 -61.79 -14.43
C TYR H 32 22.55 -62.82 -15.13
N ASN H 33 23.52 -63.36 -14.40
CA ASN H 33 24.60 -64.15 -14.97
C ASN H 33 25.25 -63.35 -16.11
N ARG H 34 25.06 -63.76 -17.35
CA ARG H 34 25.60 -63.03 -18.49
C ARG H 34 24.50 -62.47 -19.40
N GLU H 35 23.26 -62.46 -18.95
CA GLU H 35 22.12 -62.04 -19.77
C GLU H 35 21.67 -60.64 -19.32
N GLU H 36 21.82 -59.67 -20.21
CA GLU H 36 21.26 -58.33 -19.99
C GLU H 36 19.77 -58.38 -20.29
N PHE H 37 18.94 -58.13 -19.28
CA PHE H 37 17.50 -58.21 -19.45
C PHE H 37 16.79 -56.87 -19.42
N ALA H 38 17.38 -55.85 -18.82
CA ALA H 38 16.77 -54.53 -18.75
C ALA H 38 17.85 -53.46 -18.91
N ARG H 39 17.47 -52.35 -19.54
CA ARG H 39 18.43 -51.30 -19.87
C ARG H 39 17.73 -49.95 -19.92
N PHE H 40 18.37 -48.94 -19.36
CA PHE H 40 17.93 -47.56 -19.50
C PHE H 40 18.90 -46.82 -20.40
N ASP H 41 18.36 -46.06 -21.35
CA ASP H 41 19.16 -45.28 -22.30
C ASP H 41 18.65 -43.86 -22.28
N SER H 42 19.55 -42.91 -21.96
CA SER H 42 19.15 -41.51 -21.86
C SER H 42 18.71 -40.94 -23.21
N ASP H 43 19.16 -41.52 -24.32
CA ASP H 43 18.68 -41.12 -25.63
C ASP H 43 17.27 -41.64 -25.91
N VAL H 44 16.84 -42.70 -25.24
CA VAL H 44 15.48 -43.20 -25.37
C VAL H 44 14.54 -42.49 -24.41
N GLY H 45 14.95 -42.34 -23.16
CA GLY H 45 14.17 -41.63 -22.16
C GLY H 45 13.46 -42.52 -21.15
N GLU H 46 13.45 -43.83 -21.37
CA GLU H 46 12.79 -44.74 -20.46
C GLU H 46 13.44 -46.11 -20.56
N PHE H 47 13.03 -47.02 -19.69
CA PHE H 47 13.59 -48.36 -19.68
C PHE H 47 13.06 -49.18 -20.86
N ARG H 48 13.82 -50.21 -21.22
CA ARG H 48 13.46 -51.11 -22.31
C ARG H 48 13.83 -52.53 -21.92
N ALA H 49 12.98 -53.48 -22.29
CA ALA H 49 13.23 -54.89 -22.01
C ALA H 49 14.14 -55.48 -23.08
N VAL H 50 15.35 -55.89 -22.68
CA VAL H 50 16.25 -56.52 -23.63
C VAL H 50 15.87 -57.98 -23.85
N THR H 51 15.29 -58.64 -22.84
CA THR H 51 14.85 -60.02 -22.94
C THR H 51 13.47 -60.13 -22.31
N GLU H 52 12.79 -61.24 -22.58
CA GLU H 52 11.52 -61.51 -21.91
C GLU H 52 11.68 -61.59 -20.40
N LEU H 53 12.88 -61.95 -19.93
CA LEU H 53 13.13 -62.03 -18.50
C LEU H 53 13.00 -60.67 -17.82
N GLY H 54 13.30 -59.59 -18.55
CA GLY H 54 13.29 -58.26 -18.00
C GLY H 54 12.06 -57.42 -18.32
N ARG H 55 11.03 -58.01 -18.93
CA ARG H 55 9.81 -57.26 -19.24
C ARG H 55 9.06 -56.83 -17.98
N PRO H 56 8.87 -57.71 -16.98
CA PRO H 56 8.22 -57.24 -15.75
C PRO H 56 8.99 -56.14 -15.05
N ALA H 57 10.33 -56.16 -15.11
CA ALA H 57 11.11 -55.11 -14.46
C ALA H 57 10.99 -53.79 -15.19
N ALA H 58 11.05 -53.82 -16.53
CA ALA H 58 11.00 -52.57 -17.29
C ALA H 58 9.62 -51.94 -17.26
N GLU H 59 8.57 -52.75 -17.11
CA GLU H 59 7.22 -52.20 -17.09
C GLU H 59 6.95 -51.44 -15.80
N TYR H 60 7.30 -52.04 -14.65
CA TYR H 60 7.07 -51.37 -13.38
C TYR H 60 7.91 -50.11 -13.26
N TRP H 61 9.15 -50.14 -13.76
CA TRP H 61 10.00 -48.97 -13.69
C TRP H 61 9.45 -47.84 -14.55
N ASN H 62 8.89 -48.16 -15.72
CA ASN H 62 8.28 -47.14 -16.58
C ASN H 62 6.97 -46.61 -16.01
N SER H 63 6.40 -47.28 -15.00
CA SER H 63 5.16 -46.80 -14.40
C SER H 63 5.41 -45.64 -13.43
N GLN H 64 6.58 -45.60 -12.79
CA GLN H 64 6.89 -44.60 -11.80
C GLN H 64 7.55 -43.41 -12.47
N LYS H 65 6.83 -42.29 -12.57
CA LYS H 65 7.40 -41.07 -13.12
C LYS H 65 8.53 -40.52 -12.25
N ASP H 66 8.56 -40.90 -10.97
CA ASP H 66 9.65 -40.46 -10.10
C ASP H 66 10.97 -41.13 -10.47
N ILE H 67 10.93 -42.44 -10.75
CA ILE H 67 12.15 -43.16 -11.10
C ILE H 67 12.65 -42.72 -12.46
N LEU H 68 11.75 -42.51 -13.42
CA LEU H 68 12.15 -42.04 -14.74
C LEU H 68 12.81 -40.67 -14.66
N GLU H 69 12.26 -39.77 -13.84
CA GLU H 69 12.84 -38.44 -13.71
C GLU H 69 14.22 -38.50 -13.07
N GLU H 70 14.49 -39.54 -12.27
CA GLU H 70 15.79 -39.64 -11.62
C GLU H 70 16.86 -40.11 -12.61
N LYS H 71 16.54 -41.09 -13.45
CA LYS H 71 17.51 -41.60 -14.40
C LYS H 71 17.75 -40.65 -15.56
N ARG H 72 16.81 -39.76 -15.86
CA ARG H 72 17.02 -38.78 -16.91
C ARG H 72 17.97 -37.67 -16.49
N ALA H 73 18.06 -37.40 -15.18
CA ALA H 73 18.97 -36.39 -14.67
C ALA H 73 20.39 -36.91 -14.48
N VAL H 74 20.62 -38.21 -14.70
CA VAL H 74 21.95 -38.77 -14.49
C VAL H 74 23.00 -38.17 -15.42
N PRO H 75 22.76 -38.01 -16.73
CA PRO H 75 23.81 -37.44 -17.59
C PRO H 75 24.33 -36.10 -17.13
N ASP H 76 23.50 -35.29 -16.47
CA ASP H 76 23.96 -34.00 -15.97
C ASP H 76 24.39 -34.05 -14.51
N ARG H 77 23.79 -34.95 -13.71
CA ARG H 77 24.10 -35.02 -12.29
C ARG H 77 25.34 -35.86 -12.02
N MET H 78 25.58 -36.91 -12.80
CA MET H 78 26.72 -37.79 -12.57
C MET H 78 27.74 -37.74 -13.72
N CYS H 79 27.32 -38.01 -14.95
CA CYS H 79 28.27 -38.11 -16.06
C CYS H 79 29.00 -36.78 -16.28
N ARG H 80 28.24 -35.68 -16.38
CA ARG H 80 28.85 -34.38 -16.60
C ARG H 80 29.66 -33.93 -15.39
N HIS H 81 29.22 -34.29 -14.17
CA HIS H 81 29.95 -33.91 -12.97
C HIS H 81 31.32 -34.59 -12.90
N ASN H 82 31.34 -35.91 -13.09
CA ASN H 82 32.59 -36.65 -12.99
C ASN H 82 33.51 -36.36 -14.17
N TYR H 83 32.96 -36.05 -15.34
CA TYR H 83 33.79 -35.75 -16.50
C TYR H 83 34.55 -34.44 -16.32
N GLU H 84 33.87 -33.41 -15.81
CA GLU H 84 34.52 -32.12 -15.59
C GLU H 84 35.42 -32.11 -14.36
N LEU H 85 35.26 -33.06 -13.47
CA LEU H 85 36.07 -33.00 -12.21
C LEU H 85 37.33 -33.82 -12.39
N GLY H 86 37.24 -34.87 -13.20
CA GLY H 86 38.40 -35.76 -13.37
C GLY H 86 39.34 -35.35 -14.47
N GLY H 87 39.05 -34.29 -15.21
CA GLY H 87 39.91 -34.00 -16.38
C GLY H 87 41.37 -33.76 -16.04
N PRO H 88 41.75 -32.95 -15.04
CA PRO H 88 43.15 -32.70 -14.78
C PRO H 88 44.03 -33.96 -14.72
N MET H 89 43.51 -35.03 -14.15
CA MET H 89 44.32 -36.22 -13.93
C MET H 89 43.96 -37.40 -14.83
N THR H 90 42.82 -37.37 -15.51
CA THR H 90 42.44 -38.46 -16.40
C THR H 90 42.38 -38.05 -17.86
N LEU H 91 41.71 -36.93 -18.17
CA LEU H 91 41.63 -36.46 -19.55
C LEU H 91 42.97 -35.94 -20.05
N GLN H 92 43.87 -35.56 -19.14
CA GLN H 92 45.15 -34.97 -19.53
C GLN H 92 46.34 -35.72 -18.92
N ARG H 93 46.15 -37.01 -18.59
CA ARG H 93 47.25 -37.80 -18.07
C ARG H 93 48.24 -38.14 -19.17
N ARG H 94 49.50 -37.80 -18.97
CA ARG H 94 50.56 -38.04 -19.95
C ARG H 94 51.67 -38.86 -19.30
N VAL H 95 52.10 -39.92 -19.98
CA VAL H 95 53.23 -40.74 -19.56
C VAL H 95 54.10 -41.00 -20.77
N GLN H 96 55.35 -40.56 -20.73
CA GLN H 96 56.23 -40.68 -21.88
C GLN H 96 56.63 -42.14 -22.09
N PRO H 97 56.71 -42.61 -23.33
CA PRO H 97 57.07 -44.00 -23.58
C PRO H 97 58.58 -44.20 -23.57
N ARG H 98 58.98 -45.48 -23.56
CA ARG H 98 60.37 -45.89 -23.65
C ARG H 98 60.51 -46.84 -24.83
N VAL H 99 61.51 -46.61 -25.67
CA VAL H 99 61.68 -47.36 -26.91
C VAL H 99 62.90 -48.26 -26.80
N ASN H 100 62.83 -49.41 -27.47
CA ASN H 100 63.91 -50.39 -27.44
C ASN H 100 63.84 -51.21 -28.71
N VAL H 101 65.00 -51.44 -29.33
CA VAL H 101 65.10 -52.16 -30.59
C VAL H 101 65.99 -53.38 -30.39
N SER H 102 65.52 -54.53 -30.89
CA SER H 102 66.27 -55.78 -30.84
C SER H 102 65.72 -56.70 -31.92
N PRO H 103 66.53 -57.61 -32.46
CA PRO H 103 66.07 -58.42 -33.60
C PRO H 103 65.43 -59.75 -33.19
N SER H 104 65.86 -60.32 -32.08
CA SER H 104 65.41 -61.64 -31.64
C SER H 104 65.63 -62.69 -32.72
N HIS H 112 62.85 -66.13 -41.40
CA HIS H 112 62.16 -64.90 -41.06
C HIS H 112 62.96 -64.07 -40.05
N ASN H 113 63.75 -63.13 -40.56
CA ASN H 113 64.59 -62.26 -39.74
C ASN H 113 63.84 -60.94 -39.53
N LEU H 114 63.31 -60.75 -38.33
CA LEU H 114 62.48 -59.61 -38.01
C LEU H 114 63.23 -58.64 -37.11
N LEU H 115 62.71 -57.41 -37.04
CA LEU H 115 63.22 -56.37 -36.16
C LEU H 115 62.06 -55.81 -35.34
N VAL H 116 62.23 -55.78 -34.02
CA VAL H 116 61.13 -55.51 -33.09
C VAL H 116 61.40 -54.17 -32.41
N CYS H 117 60.48 -53.23 -32.58
CA CYS H 117 60.50 -51.95 -31.87
C CYS H 117 59.44 -52.03 -30.77
N HIS H 118 59.88 -52.09 -29.52
CA HIS H 118 59.01 -52.34 -28.38
C HIS H 118 58.84 -51.04 -27.59
N VAL H 119 57.63 -50.50 -27.59
CA VAL H 119 57.30 -49.26 -26.90
C VAL H 119 56.55 -49.61 -25.62
N THR H 120 57.00 -49.06 -24.49
CA THR H 120 56.50 -49.48 -23.18
C THR H 120 56.21 -48.26 -22.31
N ASP H 121 55.25 -48.44 -21.39
CA ASP H 121 54.94 -47.47 -20.34
C ASP H 121 54.55 -46.12 -20.92
N PHE H 122 53.44 -46.12 -21.66
CA PHE H 122 52.89 -44.88 -22.20
C PHE H 122 51.39 -44.82 -21.97
N TYR H 123 50.86 -43.60 -22.01
CA TYR H 123 49.45 -43.30 -21.82
C TYR H 123 49.18 -41.92 -22.38
N PRO H 124 48.10 -41.71 -23.15
CA PRO H 124 47.10 -42.72 -23.53
C PRO H 124 47.55 -43.64 -24.66
N GLY H 125 46.59 -44.32 -25.29
CA GLY H 125 46.92 -45.35 -26.28
C GLY H 125 47.26 -44.84 -27.66
N SER H 126 46.78 -43.66 -28.02
CA SER H 126 47.05 -43.10 -29.34
C SER H 126 48.55 -42.88 -29.54
N ILE H 127 49.16 -43.63 -30.45
CA ILE H 127 50.60 -43.57 -30.66
C ILE H 127 50.90 -43.93 -32.11
N GLN H 128 52.00 -43.39 -32.62
CA GLN H 128 52.44 -43.64 -33.98
C GLN H 128 53.86 -44.20 -33.96
N VAL H 129 54.06 -45.35 -34.57
CA VAL H 129 55.36 -46.02 -34.65
C VAL H 129 55.66 -46.31 -36.11
N ARG H 130 56.71 -45.69 -36.63
CA ARG H 130 57.07 -45.80 -38.05
C ARG H 130 58.49 -46.34 -38.18
N TRP H 131 58.70 -47.19 -39.17
CA TRP H 131 60.01 -47.76 -39.47
C TRP H 131 60.69 -46.96 -40.57
N PHE H 132 61.97 -46.65 -40.38
CA PHE H 132 62.77 -45.95 -41.38
C PHE H 132 64.00 -46.79 -41.70
N LEU H 133 64.30 -46.91 -42.99
CA LEU H 133 65.50 -47.61 -43.46
C LEU H 133 66.33 -46.61 -44.27
N ASN H 134 67.45 -46.17 -43.69
CA ASN H 134 68.34 -45.20 -44.32
C ASN H 134 67.59 -43.90 -44.64
N GLY H 135 66.85 -43.41 -43.66
CA GLY H 135 66.10 -42.18 -43.81
C GLY H 135 64.84 -42.27 -44.64
N GLN H 136 64.54 -43.43 -45.22
CA GLN H 136 63.36 -43.62 -46.05
C GLN H 136 62.34 -44.47 -45.28
N GLU H 137 61.10 -43.99 -45.25
CA GLU H 137 60.04 -44.73 -44.57
C GLU H 137 59.68 -45.98 -45.37
N GLU H 138 59.68 -47.13 -44.70
CA GLU H 138 59.34 -48.40 -45.32
C GLU H 138 58.03 -48.90 -44.73
N THR H 139 57.12 -49.33 -45.62
CA THR H 139 55.79 -49.79 -45.21
C THR H 139 55.60 -51.28 -45.41
N ALA H 140 56.25 -51.89 -46.40
CA ALA H 140 56.12 -53.32 -46.63
C ALA H 140 56.78 -54.11 -45.51
N GLY H 141 56.20 -55.27 -45.22
CA GLY H 141 56.72 -56.14 -44.18
C GLY H 141 56.57 -55.61 -42.77
N VAL H 142 55.74 -54.60 -42.56
CA VAL H 142 55.53 -54.00 -41.24
C VAL H 142 54.28 -54.62 -40.63
N VAL H 143 54.47 -55.34 -39.53
CA VAL H 143 53.38 -55.98 -38.79
C VAL H 143 53.45 -55.51 -37.35
N SER H 144 52.41 -54.80 -36.92
CA SER H 144 52.33 -54.27 -35.56
C SER H 144 51.21 -54.98 -34.80
N THR H 145 51.49 -55.33 -33.55
CA THR H 145 50.47 -55.93 -32.70
C THR H 145 49.45 -54.88 -32.27
N ASN H 146 48.36 -55.36 -31.68
CA ASN H 146 47.37 -54.45 -31.13
C ASN H 146 47.91 -53.78 -29.87
N LEU H 147 47.19 -52.77 -29.40
CA LEU H 147 47.55 -52.14 -28.13
C LEU H 147 47.43 -53.14 -27.00
N ILE H 148 48.39 -53.09 -26.07
CA ILE H 148 48.45 -54.00 -24.95
C ILE H 148 48.31 -53.19 -23.67
N ARG H 149 47.21 -53.39 -22.96
CA ARG H 149 47.01 -52.75 -21.67
C ARG H 149 47.76 -53.55 -20.60
N ASN H 150 48.53 -52.84 -19.77
CA ASN H 150 49.23 -53.49 -18.67
C ASN H 150 48.37 -53.60 -17.41
N GLY H 151 47.21 -52.94 -17.39
CA GLY H 151 46.34 -52.99 -16.23
C GLY H 151 46.68 -52.01 -15.13
N ASP H 152 47.72 -51.18 -15.31
CA ASP H 152 48.12 -50.17 -14.35
C ASP H 152 48.20 -48.80 -15.00
N TRP H 153 47.27 -48.54 -15.93
CA TRP H 153 47.19 -47.27 -16.65
C TRP H 153 48.41 -47.03 -17.54
N THR H 154 48.98 -48.11 -18.08
CA THR H 154 50.07 -48.01 -19.04
C THR H 154 49.81 -48.99 -20.19
N PHE H 155 50.37 -48.68 -21.35
CA PHE H 155 50.16 -49.47 -22.55
C PHE H 155 51.48 -49.98 -23.11
N GLN H 156 51.37 -50.95 -24.02
CA GLN H 156 52.51 -51.45 -24.77
C GLN H 156 52.10 -51.63 -26.22
N ILE H 157 53.11 -51.78 -27.08
CA ILE H 157 52.89 -52.10 -28.48
C ILE H 157 54.21 -52.58 -29.07
N LEU H 158 54.12 -53.59 -29.95
CA LEU H 158 55.28 -54.17 -30.60
C LEU H 158 55.06 -54.12 -32.11
N VAL H 159 55.99 -53.51 -32.83
CA VAL H 159 55.91 -53.37 -34.28
C VAL H 159 57.05 -54.18 -34.89
N MET H 160 56.70 -55.19 -35.69
CA MET H 160 57.69 -56.00 -36.37
C MET H 160 57.99 -55.42 -37.75
N LEU H 161 59.16 -55.76 -38.27
CA LEU H 161 59.60 -55.32 -39.59
C LEU H 161 60.39 -56.43 -40.25
N GLU H 162 59.93 -56.90 -41.41
CA GLU H 162 60.71 -57.84 -42.20
C GLU H 162 61.86 -57.10 -42.85
N MET H 163 63.08 -57.54 -42.55
CA MET H 163 64.28 -56.86 -42.99
C MET H 163 65.23 -57.83 -43.68
N THR H 164 65.94 -57.32 -44.69
CA THR H 164 67.03 -58.03 -45.33
C THR H 164 68.34 -57.44 -44.83
N PRO H 165 69.03 -58.09 -43.89
CA PRO H 165 70.18 -57.45 -43.25
C PRO H 165 71.32 -57.17 -44.23
N GLN H 166 71.78 -55.94 -44.22
CA GLN H 166 72.93 -55.51 -45.02
C GLN H 166 73.82 -54.65 -44.15
N GLN H 167 75.13 -54.85 -44.26
CA GLN H 167 76.06 -54.10 -43.43
C GLN H 167 76.02 -52.62 -43.79
N GLY H 168 76.04 -51.77 -42.76
CA GLY H 168 75.94 -50.35 -42.94
C GLY H 168 74.52 -49.80 -42.98
N ASP H 169 73.53 -50.65 -43.28
CA ASP H 169 72.14 -50.21 -43.28
C ASP H 169 71.74 -49.78 -41.87
N VAL H 170 71.04 -48.66 -41.80
CA VAL H 170 70.62 -48.06 -40.53
C VAL H 170 69.11 -48.11 -40.45
N TYR H 171 68.60 -48.85 -39.46
CA TYR H 171 67.17 -48.93 -39.18
C TYR H 171 66.86 -48.07 -37.97
N THR H 172 65.92 -47.14 -38.12
CA THR H 172 65.54 -46.24 -37.04
C THR H 172 64.03 -46.35 -36.80
N CYS H 173 63.65 -46.53 -35.54
CA CYS H 173 62.24 -46.57 -35.13
C CYS H 173 61.91 -45.25 -34.44
N GLN H 174 61.05 -44.45 -35.07
CA GLN H 174 60.59 -43.21 -34.48
C GLN H 174 59.20 -43.40 -33.87
N VAL H 175 58.95 -42.69 -32.78
CA VAL H 175 57.71 -42.80 -32.03
C VAL H 175 57.17 -41.40 -31.76
N GLU H 176 55.97 -41.12 -32.24
CA GLU H 176 55.29 -39.86 -31.97
C GLU H 176 54.13 -40.10 -31.03
N HIS H 177 54.08 -39.32 -29.95
CA HIS H 177 53.08 -39.48 -28.91
C HIS H 177 52.67 -38.10 -28.40
N THR H 178 51.47 -38.04 -27.82
CA THR H 178 50.96 -36.77 -27.30
C THR H 178 51.82 -36.25 -26.15
N SER H 179 52.47 -37.14 -25.41
CA SER H 179 53.32 -36.76 -24.29
C SER H 179 54.73 -36.36 -24.71
N LEU H 180 55.00 -36.29 -26.01
CA LEU H 180 56.33 -35.99 -26.53
C LEU H 180 56.28 -34.71 -27.34
N ASP H 181 57.22 -33.80 -27.08
CA ASP H 181 57.35 -32.60 -27.91
C ASP H 181 57.95 -32.96 -29.26
N SER H 182 59.04 -33.72 -29.27
CA SER H 182 59.72 -34.16 -30.46
C SER H 182 59.69 -35.69 -30.55
N PRO H 183 59.68 -36.25 -31.76
CA PRO H 183 59.66 -37.71 -31.88
C PRO H 183 60.93 -38.33 -31.28
N VAL H 184 60.74 -39.44 -30.59
CA VAL H 184 61.84 -40.20 -30.00
C VAL H 184 62.31 -41.23 -31.03
N THR H 185 63.62 -41.23 -31.31
CA THR H 185 64.20 -42.13 -32.29
C THR H 185 65.26 -43.01 -31.64
N VAL H 186 65.51 -44.15 -32.28
CA VAL H 186 66.48 -45.13 -31.81
C VAL H 186 66.90 -45.98 -33.01
N GLU H 187 68.19 -46.27 -33.09
CA GLU H 187 68.76 -46.93 -34.26
C GLU H 187 69.31 -48.30 -33.89
N TRP H 188 69.42 -49.16 -34.91
CA TRP H 188 70.07 -50.45 -34.80
C TRP H 188 70.87 -50.68 -36.07
N LYS H 189 72.18 -50.88 -35.93
CA LYS H 189 73.06 -50.99 -37.08
C LYS H 189 73.78 -52.33 -37.12
N THR I 3 37.21 -32.58 -4.39
CA THR I 3 35.76 -32.70 -4.44
C THR I 3 35.36 -34.15 -4.74
N GLY I 4 34.31 -34.63 -4.06
CA GLY I 4 33.91 -36.01 -4.20
C GLY I 4 33.19 -36.29 -5.51
N LEU I 5 33.38 -37.51 -6.01
CA LEU I 5 32.73 -37.95 -7.23
C LEU I 5 31.30 -38.37 -6.95
N ALA I 6 30.48 -38.33 -8.00
CA ALA I 6 29.07 -38.69 -7.89
C ALA I 6 28.87 -40.16 -8.28
N TRP I 7 27.77 -40.73 -7.79
CA TRP I 7 27.38 -42.09 -8.14
C TRP I 7 25.87 -42.13 -8.29
N GLU I 8 25.36 -43.31 -8.67
CA GLU I 8 23.94 -43.49 -8.90
C GLU I 8 23.50 -44.82 -8.31
N TRP I 9 22.30 -44.83 -7.73
CA TRP I 9 21.74 -46.07 -7.19
C TRP I 9 21.15 -46.91 -8.30
N TRP I 10 21.48 -48.19 -8.32
CA TRP I 10 20.74 -49.12 -9.15
C TRP I 10 19.35 -49.36 -8.56
N ARG I 11 18.40 -49.67 -9.42
CA ARG I 11 17.01 -49.82 -9.02
C ARG I 11 16.70 -51.26 -8.63
N THR I 12 15.77 -51.40 -7.68
CA THR I 12 15.30 -52.72 -7.28
C THR I 12 14.34 -53.27 -8.34
N VAL I 13 14.57 -54.51 -8.74
CA VAL I 13 13.75 -55.13 -9.78
C VAL I 13 12.40 -55.51 -9.20
N TYR I 14 11.34 -55.33 -9.99
CA TYR I 14 9.99 -55.65 -9.55
C TYR I 14 9.89 -57.12 -9.14
N GLU I 15 9.38 -57.35 -7.94
CA GLU I 15 9.30 -58.70 -7.38
C GLU I 15 7.85 -59.17 -7.30
N ILE J 1 -53.43 -1.95 -8.77
CA ILE J 1 -53.48 -3.31 -9.31
C ILE J 1 -54.01 -4.27 -8.25
N LYS J 2 -54.84 -5.22 -8.68
CA LYS J 2 -55.40 -6.22 -7.78
C LYS J 2 -54.29 -7.17 -7.31
N ALA J 3 -54.10 -7.26 -5.99
CA ALA J 3 -53.00 -8.05 -5.47
C ALA J 3 -53.29 -8.46 -4.03
N ASP J 4 -53.00 -9.74 -3.72
CA ASP J 4 -53.06 -10.22 -2.35
C ASP J 4 -51.84 -9.77 -1.55
N HIS J 5 -50.68 -9.69 -2.21
CA HIS J 5 -49.45 -9.21 -1.59
C HIS J 5 -48.65 -8.46 -2.65
N VAL J 6 -47.82 -7.52 -2.20
CA VAL J 6 -46.99 -6.71 -3.07
C VAL J 6 -45.56 -6.74 -2.54
N SER J 7 -44.64 -7.27 -3.34
CA SER J 7 -43.21 -7.23 -3.06
C SER J 7 -42.56 -6.22 -3.99
N THR J 8 -41.78 -5.30 -3.42
CA THR J 8 -41.23 -4.19 -4.18
C THR J 8 -39.76 -3.99 -3.84
N TYR J 9 -38.93 -3.89 -4.89
CA TYR J 9 -37.57 -3.40 -4.77
C TYR J 9 -37.59 -1.89 -4.96
N ALA J 10 -37.10 -1.15 -3.97
CA ALA J 10 -37.04 0.30 -4.03
C ALA J 10 -35.60 0.76 -3.88
N ALA J 11 -35.21 1.75 -4.69
CA ALA J 11 -33.85 2.26 -4.67
C ALA J 11 -33.84 3.68 -5.18
N PHE J 12 -32.90 4.48 -4.69
CA PHE J 12 -32.71 5.83 -5.18
C PHE J 12 -31.24 6.21 -5.06
N VAL J 13 -30.83 7.17 -5.90
CA VAL J 13 -29.54 7.81 -5.80
C VAL J 13 -29.76 9.31 -5.88
N GLN J 14 -28.91 10.06 -5.16
CA GLN J 14 -29.05 11.51 -5.13
C GLN J 14 -27.70 12.13 -4.82
N THR J 15 -27.66 13.47 -4.87
CA THR J 15 -26.40 14.18 -4.67
C THR J 15 -25.94 14.11 -3.22
N HIS J 16 -26.83 14.41 -2.28
CA HIS J 16 -26.48 14.55 -0.88
C HIS J 16 -26.71 13.26 -0.11
N ARG J 17 -26.25 13.26 1.14
CA ARG J 17 -26.34 12.08 1.98
C ARG J 17 -27.78 11.85 2.43
N PRO J 18 -28.29 10.62 2.36
CA PRO J 18 -27.56 9.46 1.84
C PRO J 18 -27.54 9.44 0.32
N THR J 19 -26.37 9.17 -0.28
CA THR J 19 -26.27 9.20 -1.73
C THR J 19 -26.99 8.03 -2.38
N GLY J 20 -27.30 6.97 -1.63
CA GLY J 20 -27.97 5.83 -2.22
C GLY J 20 -28.67 4.97 -1.19
N GLU J 21 -29.65 4.22 -1.66
CA GLU J 21 -30.34 3.22 -0.86
C GLU J 21 -30.87 2.14 -1.79
N PHE J 22 -30.83 0.90 -1.32
CA PHE J 22 -31.39 -0.23 -2.06
C PHE J 22 -32.08 -1.14 -1.05
N MET J 23 -33.40 -1.26 -1.16
CA MET J 23 -34.19 -1.99 -0.17
C MET J 23 -35.30 -2.77 -0.86
N PHE J 24 -35.89 -3.68 -0.09
CA PHE J 24 -36.95 -4.56 -0.56
C PHE J 24 -38.04 -4.59 0.50
N GLU J 25 -39.25 -4.22 0.13
CA GLU J 25 -40.38 -4.16 1.06
C GLU J 25 -41.43 -5.20 0.67
N PHE J 26 -42.04 -5.80 1.68
CA PHE J 26 -43.11 -6.79 1.51
C PHE J 26 -44.35 -6.25 2.19
N ASP J 27 -45.38 -5.96 1.40
CA ASP J 27 -46.60 -5.31 1.89
C ASP J 27 -46.27 -4.01 2.63
N GLU J 28 -45.30 -3.27 2.07
CA GLU J 28 -44.90 -1.94 2.52
C GLU J 28 -44.16 -1.96 3.85
N ASP J 29 -43.60 -3.10 4.24
CA ASP J 29 -42.72 -3.21 5.40
C ASP J 29 -41.33 -3.63 4.90
N GLU J 30 -40.31 -2.83 5.22
CA GLU J 30 -38.96 -3.13 4.77
C GLU J 30 -38.50 -4.47 5.31
N MET J 31 -38.07 -5.35 4.41
CA MET J 31 -37.59 -6.68 4.78
C MET J 31 -36.07 -6.75 4.86
N PHE J 32 -35.37 -6.13 3.91
CA PHE J 32 -33.92 -6.06 3.97
C PHE J 32 -33.44 -4.94 3.07
N TYR J 33 -32.19 -4.54 3.29
CA TYR J 33 -31.52 -3.58 2.44
C TYR J 33 -30.05 -3.95 2.33
N VAL J 34 -29.35 -3.29 1.41
CA VAL J 34 -27.93 -3.51 1.18
C VAL J 34 -27.19 -2.28 1.69
N ASP J 35 -26.41 -2.45 2.76
CA ASP J 35 -25.54 -1.39 3.25
C ASP J 35 -24.49 -1.07 2.19
N LEU J 36 -24.58 0.10 1.58
CA LEU J 36 -23.71 0.45 0.48
C LEU J 36 -22.28 0.76 0.92
N ASP J 37 -22.05 0.93 2.22
CA ASP J 37 -20.70 1.17 2.73
C ASP J 37 -20.02 -0.13 3.17
N LYS J 38 -20.70 -0.92 4.00
CA LYS J 38 -20.18 -2.22 4.41
C LYS J 38 -20.31 -3.28 3.32
N LYS J 39 -21.12 -3.03 2.29
CA LYS J 39 -21.35 -3.99 1.21
C LYS J 39 -21.89 -5.31 1.75
N GLU J 40 -22.82 -5.21 2.70
CA GLU J 40 -23.47 -6.35 3.31
C GLU J 40 -24.99 -6.25 3.17
N THR J 41 -25.65 -7.40 3.26
CA THR J 41 -27.10 -7.46 3.27
C THR J 41 -27.58 -7.44 4.72
N VAL J 42 -28.41 -6.44 5.06
CA VAL J 42 -28.91 -6.24 6.41
C VAL J 42 -30.39 -6.58 6.43
N TRP J 43 -30.79 -7.46 7.33
CA TRP J 43 -32.18 -7.92 7.43
C TRP J 43 -32.88 -7.20 8.56
N HIS J 44 -34.17 -6.89 8.34
CA HIS J 44 -34.94 -6.17 9.35
C HIS J 44 -35.16 -7.01 10.59
N LEU J 45 -35.65 -8.22 10.37
CA LEU J 45 -35.85 -9.17 11.49
C LEU J 45 -34.88 -10.33 11.28
N GLU J 46 -34.19 -10.79 12.32
CA GLU J 46 -33.12 -11.81 12.17
C GLU J 46 -33.68 -13.10 11.62
N GLU J 47 -34.88 -13.47 12.04
CA GLU J 47 -35.53 -14.66 11.47
C GLU J 47 -35.38 -14.60 9.94
N PHE J 48 -35.44 -13.41 9.33
CA PHE J 48 -35.34 -13.35 7.88
C PHE J 48 -33.96 -13.80 7.40
N GLY J 49 -32.91 -13.45 8.14
CA GLY J 49 -31.56 -13.81 7.74
C GLY J 49 -31.25 -15.29 7.86
N GLN J 50 -32.01 -16.02 8.68
CA GLN J 50 -31.81 -17.45 8.83
C GLN J 50 -32.55 -18.26 7.77
N ALA J 51 -33.50 -17.64 7.06
CA ALA J 51 -34.30 -18.33 6.07
C ALA J 51 -34.04 -17.86 4.64
N PHE J 52 -33.42 -16.71 4.45
CA PHE J 52 -33.14 -16.19 3.12
C PHE J 52 -31.72 -15.66 3.05
N SER J 53 -31.24 -15.48 1.82
CA SER J 53 -29.96 -14.84 1.56
C SER J 53 -30.11 -13.93 0.35
N PHE J 54 -29.21 -12.96 0.24
CA PHE J 54 -29.24 -12.04 -0.90
C PHE J 54 -27.83 -11.57 -1.19
N GLU J 55 -27.38 -11.78 -2.42
CA GLU J 55 -26.06 -11.33 -2.84
C GLU J 55 -26.03 -9.81 -2.89
N ALA J 56 -25.13 -9.21 -2.10
CA ALA J 56 -25.04 -7.75 -2.01
C ALA J 56 -24.70 -7.09 -3.33
N GLN J 57 -24.20 -7.84 -4.31
CA GLN J 57 -23.93 -7.25 -5.63
C GLN J 57 -25.22 -6.81 -6.31
N GLY J 58 -26.34 -7.45 -5.99
CA GLY J 58 -27.62 -7.04 -6.53
C GLY J 58 -28.04 -5.64 -6.14
N GLY J 59 -27.50 -5.12 -5.04
CA GLY J 59 -27.79 -3.76 -4.64
C GLY J 59 -26.72 -2.78 -5.07
N LEU J 60 -25.46 -3.17 -4.88
CA LEU J 60 -24.34 -2.27 -5.17
C LEU J 60 -24.30 -1.90 -6.65
N ALA J 61 -24.38 -2.89 -7.54
CA ALA J 61 -24.34 -2.63 -8.97
C ALA J 61 -25.63 -1.97 -9.46
N ASN J 62 -26.77 -2.31 -8.87
CA ASN J 62 -28.02 -1.64 -9.22
C ASN J 62 -27.95 -0.15 -8.89
N ILE J 63 -27.31 0.19 -7.78
CA ILE J 63 -27.06 1.60 -7.46
C ILE J 63 -26.18 2.22 -8.54
N ALA J 64 -25.17 1.49 -9.00
CA ALA J 64 -24.28 2.01 -10.05
C ALA J 64 -25.04 2.27 -11.34
N ILE J 65 -25.99 1.39 -11.68
CA ILE J 65 -26.81 1.61 -12.88
C ILE J 65 -27.62 2.90 -12.74
N LEU J 66 -28.28 3.07 -11.60
CA LEU J 66 -29.11 4.25 -11.39
C LEU J 66 -28.28 5.53 -11.42
N ASN J 67 -27.06 5.47 -10.88
CA ASN J 67 -26.18 6.64 -10.89
C ASN J 67 -25.91 7.10 -12.31
N ASN J 68 -25.68 6.16 -13.23
CA ASN J 68 -25.55 6.52 -14.64
C ASN J 68 -26.85 7.12 -15.17
N ASN J 69 -27.99 6.55 -14.78
CA ASN J 69 -29.27 7.12 -15.19
C ASN J 69 -29.47 8.51 -14.58
N LEU J 70 -28.97 8.73 -13.36
CA LEU J 70 -29.09 10.04 -12.74
C LEU J 70 -28.35 11.10 -13.55
N ASN J 71 -27.07 10.84 -13.86
CA ASN J 71 -26.29 11.79 -14.65
C ASN J 71 -26.94 12.04 -16.01
N THR J 72 -27.52 11.00 -16.61
CA THR J 72 -28.19 11.16 -17.89
C THR J 72 -29.40 12.07 -17.77
N LEU J 73 -30.25 11.82 -16.76
CA LEU J 73 -31.45 12.64 -16.59
C LEU J 73 -31.12 14.05 -16.17
N ILE J 74 -30.00 14.27 -15.48
CA ILE J 74 -29.59 15.62 -15.13
C ILE J 74 -29.42 16.47 -16.39
N GLN J 75 -28.75 15.91 -17.39
CA GLN J 75 -28.51 16.66 -18.63
C GLN J 75 -29.79 16.80 -19.45
N ARG J 76 -30.59 15.74 -19.52
CA ARG J 76 -31.80 15.80 -20.35
C ARG J 76 -32.87 16.68 -19.74
N SER J 77 -32.89 16.82 -18.42
CA SER J 77 -33.85 17.68 -17.74
C SER J 77 -33.36 19.11 -17.61
N ASN J 78 -32.21 19.44 -18.20
CA ASN J 78 -31.64 20.79 -18.13
C ASN J 78 -31.37 21.22 -16.68
N HIS J 79 -31.01 20.26 -15.83
CA HIS J 79 -30.67 20.51 -14.43
C HIS J 79 -31.86 21.07 -13.65
N THR J 80 -33.01 20.41 -13.78
CA THR J 80 -34.19 20.79 -13.01
C THR J 80 -34.18 20.08 -11.66
N GLN J 81 -34.08 20.87 -10.59
CA GLN J 81 -34.17 20.37 -9.24
C GLN J 81 -35.63 20.35 -8.80
N ALA J 82 -36.00 19.34 -8.01
CA ALA J 82 -37.37 19.21 -7.60
C ALA J 82 -37.71 20.19 -6.48
N THR J 83 -39.00 20.47 -6.35
CA THR J 83 -39.48 21.31 -5.25
C THR J 83 -39.32 20.58 -3.92
N ASN J 84 -38.82 21.30 -2.91
CA ASN J 84 -38.74 20.74 -1.57
C ASN J 84 -40.14 20.58 -0.98
N ASP J 85 -40.44 19.37 -0.52
CA ASP J 85 -41.72 19.08 0.10
C ASP J 85 -41.53 18.94 1.60
N PRO J 86 -42.14 19.83 2.41
CA PRO J 86 -41.91 19.76 3.85
C PRO J 86 -42.52 18.50 4.44
N PRO J 87 -41.95 17.98 5.52
CA PRO J 87 -42.48 16.76 6.12
C PRO J 87 -43.63 17.02 7.08
N GLU J 88 -44.43 15.97 7.28
CA GLU J 88 -45.45 15.92 8.32
C GLU J 88 -44.95 15.01 9.44
N VAL J 89 -44.96 15.51 10.67
CA VAL J 89 -44.47 14.77 11.82
C VAL J 89 -45.65 14.44 12.74
N THR J 90 -45.76 13.17 13.13
CA THR J 90 -46.71 12.71 14.11
C THR J 90 -46.00 11.80 15.09
N VAL J 91 -46.26 11.98 16.38
CA VAL J 91 -45.64 11.19 17.44
C VAL J 91 -46.72 10.43 18.18
N PHE J 92 -46.51 9.13 18.37
CA PHE J 92 -47.46 8.28 19.06
C PHE J 92 -46.69 7.13 19.71
N PRO J 93 -47.22 6.55 20.78
CA PRO J 93 -46.52 5.44 21.45
C PRO J 93 -46.84 4.09 20.83
N LYS J 94 -45.90 3.16 21.03
CA LYS J 94 -46.06 1.81 20.47
C LYS J 94 -47.11 1.01 21.24
N GLU J 95 -47.10 1.11 22.56
CA GLU J 95 -48.05 0.45 23.43
C GLU J 95 -48.84 1.48 24.22
N PRO J 96 -50.00 1.09 24.79
CA PRO J 96 -50.73 2.04 25.65
C PRO J 96 -49.86 2.53 26.80
N VAL J 97 -50.07 3.79 27.17
CA VAL J 97 -49.19 4.46 28.12
C VAL J 97 -49.55 4.04 29.54
N GLU J 98 -48.55 3.58 30.28
CA GLU J 98 -48.68 3.30 31.71
C GLU J 98 -47.43 3.80 32.40
N LEU J 99 -47.60 4.59 33.46
CA LEU J 99 -46.46 5.16 34.17
C LEU J 99 -45.57 4.07 34.75
N GLY J 100 -44.27 4.20 34.51
CA GLY J 100 -43.31 3.21 34.97
C GLY J 100 -43.24 1.96 34.12
N GLN J 101 -44.05 1.85 33.07
CA GLN J 101 -44.05 0.67 32.21
C GLN J 101 -43.26 0.98 30.96
N PRO J 102 -42.12 0.32 30.72
CA PRO J 102 -41.28 0.67 29.57
C PRO J 102 -42.05 0.60 28.25
N ASN J 103 -41.85 1.64 27.42
CA ASN J 103 -42.59 1.79 26.18
C ASN J 103 -41.66 2.37 25.12
N THR J 104 -42.17 2.46 23.90
CA THR J 104 -41.44 3.01 22.77
C THR J 104 -42.23 4.13 22.13
N LEU J 105 -41.57 5.26 21.88
CA LEU J 105 -42.19 6.41 21.26
C LEU J 105 -41.81 6.46 19.78
N ILE J 106 -42.81 6.59 18.91
CA ILE J 106 -42.63 6.48 17.47
C ILE J 106 -42.84 7.85 16.83
N CYS J 107 -41.80 8.38 16.19
CA CYS J 107 -41.89 9.63 15.44
C CYS J 107 -41.94 9.28 13.96
N HIS J 108 -43.07 9.55 13.33
CA HIS J 108 -43.30 9.21 11.93
C HIS J 108 -43.20 10.47 11.08
N ILE J 109 -42.11 10.59 10.34
CA ILE J 109 -41.90 11.69 9.41
C ILE J 109 -42.37 11.23 8.04
N ASP J 110 -43.26 12.02 7.42
CA ASP J 110 -44.01 11.54 6.26
C ASP J 110 -44.10 12.63 5.20
N LYS J 111 -44.15 12.20 3.93
CA LYS J 111 -44.50 13.04 2.79
C LYS J 111 -43.48 14.14 2.52
N PHE J 112 -42.20 13.79 2.55
CA PHE J 112 -41.13 14.76 2.33
C PHE J 112 -40.24 14.33 1.17
N PHE J 113 -39.61 15.33 0.54
CA PHE J 113 -38.66 15.13 -0.55
C PHE J 113 -37.74 16.34 -0.58
N PRO J 114 -36.43 16.17 -0.82
CA PRO J 114 -35.70 14.91 -1.06
C PRO J 114 -35.49 14.13 0.24
N PRO J 115 -34.95 12.90 0.18
CA PRO J 115 -34.69 12.19 1.44
C PRO J 115 -33.40 12.66 2.08
N VAL J 116 -33.43 13.88 2.62
CA VAL J 116 -32.33 14.46 3.37
C VAL J 116 -32.90 14.99 4.67
N LEU J 117 -32.64 14.30 5.78
CA LEU J 117 -33.26 14.62 7.06
C LEU J 117 -32.22 14.61 8.17
N ASN J 118 -32.42 15.48 9.16
CA ASN J 118 -31.78 15.38 10.46
C ASN J 118 -32.91 15.28 11.49
N VAL J 119 -33.02 14.12 12.14
CA VAL J 119 -34.07 13.86 13.12
C VAL J 119 -33.42 13.52 14.46
N THR J 120 -33.84 14.21 15.51
CA THR J 120 -33.28 14.04 16.83
C THR J 120 -34.39 14.11 17.88
N TRP J 121 -34.26 13.28 18.92
CA TRP J 121 -35.20 13.27 20.03
C TRP J 121 -34.78 14.28 21.09
N LEU J 122 -35.76 14.85 21.77
CA LEU J 122 -35.54 15.78 22.88
C LEU J 122 -36.40 15.37 24.05
N CYS J 123 -35.77 15.08 25.19
CA CYS J 123 -36.48 14.81 26.43
C CYS J 123 -36.29 16.00 27.36
N ASN J 124 -37.40 16.64 27.71
CA ASN J 124 -37.42 17.83 28.57
C ASN J 124 -36.55 18.95 28.02
N GLY J 125 -36.29 18.96 26.71
CA GLY J 125 -35.59 20.04 26.06
C GLY J 125 -34.15 19.75 25.69
N GLU J 126 -33.59 18.62 26.12
CA GLU J 126 -32.19 18.31 25.88
C GLU J 126 -32.05 17.06 25.04
N LEU J 127 -30.87 16.92 24.42
CA LEU J 127 -30.63 15.86 23.46
C LEU J 127 -30.59 14.50 24.12
N VAL J 128 -31.17 13.50 23.44
CA VAL J 128 -31.13 12.11 23.86
C VAL J 128 -30.36 11.32 22.82
N THR J 129 -29.30 10.65 23.24
CA THR J 129 -28.43 9.91 22.32
C THR J 129 -28.50 8.40 22.49
N GLU J 130 -29.12 7.89 23.55
CA GLU J 130 -29.21 6.46 23.77
C GLU J 130 -30.66 6.01 23.78
N GLY J 131 -30.86 4.73 23.51
CA GLY J 131 -32.20 4.18 23.41
C GLY J 131 -32.96 4.60 22.17
N VAL J 132 -32.26 4.99 21.11
CA VAL J 132 -32.88 5.49 19.89
C VAL J 132 -32.57 4.54 18.75
N ALA J 133 -33.47 4.52 17.77
CA ALA J 133 -33.28 3.73 16.55
C ALA J 133 -34.08 4.39 15.43
N GLU J 134 -33.64 4.14 14.20
CA GLU J 134 -34.28 4.73 13.04
C GLU J 134 -34.39 3.69 11.93
N SER J 135 -35.38 3.89 11.06
CA SER J 135 -35.57 3.07 9.89
C SER J 135 -34.89 3.71 8.69
N LEU J 136 -35.06 3.09 7.52
CA LEU J 136 -34.57 3.67 6.28
C LEU J 136 -35.52 4.76 5.80
N PHE J 137 -35.11 5.43 4.72
CA PHE J 137 -36.00 6.32 3.98
C PHE J 137 -36.94 5.44 3.15
N LEU J 138 -38.13 5.20 3.68
CA LEU J 138 -39.08 4.30 3.04
C LEU J 138 -39.78 4.99 1.88
N PRO J 139 -40.10 4.25 0.82
CA PRO J 139 -40.74 4.85 -0.35
C PRO J 139 -42.25 4.91 -0.25
N ARG J 140 -42.80 5.94 -0.88
CA ARG J 140 -44.25 6.10 -1.00
C ARG J 140 -44.65 6.03 -2.47
N THR J 141 -45.93 5.76 -2.70
CA THR J 141 -46.43 5.59 -4.06
C THR J 141 -46.33 6.88 -4.88
N ASP J 142 -46.48 8.03 -4.23
CA ASP J 142 -46.29 9.31 -4.92
C ASP J 142 -44.82 9.69 -5.03
N TYR J 143 -43.91 8.78 -4.71
CA TYR J 143 -42.46 8.91 -4.85
C TYR J 143 -41.87 9.93 -3.90
N SER J 144 -42.62 10.38 -2.91
CA SER J 144 -42.04 11.05 -1.76
C SER J 144 -41.53 9.98 -0.80
N PHE J 145 -41.16 10.37 0.41
CA PHE J 145 -40.56 9.43 1.35
C PHE J 145 -41.16 9.61 2.73
N HIS J 146 -41.11 8.55 3.52
CA HIS J 146 -41.45 8.62 4.93
C HIS J 146 -40.42 7.83 5.74
N LYS J 147 -40.36 8.11 7.03
CA LYS J 147 -39.31 7.57 7.88
C LYS J 147 -39.82 7.42 9.30
N PHE J 148 -39.28 6.44 10.01
CA PHE J 148 -39.61 6.18 11.40
C PHE J 148 -38.40 6.45 12.29
N HIS J 149 -38.65 6.98 13.48
CA HIS J 149 -37.66 7.10 14.53
C HIS J 149 -38.26 6.61 15.84
N TYR J 150 -37.44 5.96 16.66
CA TYR J 150 -37.92 5.29 17.85
C TYR J 150 -37.11 5.74 19.06
N LEU J 151 -37.80 5.87 20.19
CA LEU J 151 -37.17 6.21 21.46
C LEU J 151 -37.80 5.36 22.56
N THR J 152 -36.97 4.60 23.27
CA THR J 152 -37.42 3.82 24.40
C THR J 152 -37.36 4.68 25.65
N PHE J 153 -38.50 4.84 26.32
CA PHE J 153 -38.61 5.75 27.46
C PHE J 153 -39.49 5.12 28.53
N VAL J 154 -39.46 5.72 29.71
CA VAL J 154 -40.31 5.34 30.84
C VAL J 154 -41.34 6.44 31.02
N PRO J 155 -42.64 6.14 30.87
CA PRO J 155 -43.66 7.20 30.94
C PRO J 155 -43.74 7.79 32.34
N SER J 156 -43.63 9.11 32.40
CA SER J 156 -43.78 9.85 33.64
C SER J 156 -44.59 11.11 33.37
N ALA J 157 -45.42 11.50 34.33
CA ALA J 157 -46.22 12.71 34.17
C ALA J 157 -45.38 13.98 34.19
N GLU J 158 -44.13 13.90 34.62
CA GLU J 158 -43.24 15.04 34.71
C GLU J 158 -42.25 15.12 33.55
N ASP J 159 -42.47 14.33 32.50
CA ASP J 159 -41.59 14.30 31.33
C ASP J 159 -42.37 14.67 30.08
N PHE J 160 -41.75 15.48 29.23
CA PHE J 160 -42.30 15.81 27.92
C PHE J 160 -41.22 15.61 26.87
N TYR J 161 -41.63 15.12 25.70
CA TYR J 161 -40.70 14.74 24.65
C TYR J 161 -40.98 15.52 23.36
N ASP J 162 -39.94 15.69 22.56
CA ASP J 162 -40.02 16.40 21.28
C ASP J 162 -39.30 15.60 20.22
N CYS J 163 -39.78 15.70 18.99
CA CYS J 163 -39.12 15.12 17.81
C CYS J 163 -38.70 16.29 16.92
N ARG J 164 -37.40 16.60 16.94
CA ARG J 164 -36.88 17.75 16.21
C ARG J 164 -36.44 17.29 14.81
N VAL J 165 -37.06 17.88 13.79
CA VAL J 165 -36.91 17.44 12.41
C VAL J 165 -36.38 18.59 11.58
N GLU J 166 -35.25 18.38 10.91
CA GLU J 166 -34.64 19.37 10.03
C GLU J 166 -34.76 18.90 8.59
N HIS J 167 -35.23 19.80 7.72
CA HIS J 167 -35.43 19.47 6.31
C HIS J 167 -35.30 20.75 5.49
N TRP J 168 -34.91 20.58 4.22
CA TRP J 168 -34.73 21.73 3.32
C TRP J 168 -36.03 22.47 3.08
N GLY J 169 -37.18 21.82 3.23
CA GLY J 169 -38.46 22.47 3.09
C GLY J 169 -38.93 23.27 4.28
N LEU J 170 -38.12 23.33 5.34
CA LEU J 170 -38.46 24.05 6.57
C LEU J 170 -37.42 25.14 6.80
N ASP J 171 -37.89 26.37 6.99
CA ASP J 171 -36.98 27.48 7.30
C ASP J 171 -36.43 27.40 8.71
N GLN J 172 -37.02 26.58 9.57
CA GLN J 172 -36.56 26.42 10.95
C GLN J 172 -36.88 25.00 11.38
N PRO J 173 -36.10 24.42 12.29
CA PRO J 173 -36.40 23.06 12.76
C PRO J 173 -37.80 22.98 13.35
N LEU J 174 -38.44 21.83 13.13
CA LEU J 174 -39.82 21.59 13.54
C LEU J 174 -39.82 20.72 14.79
N LEU J 175 -40.40 21.25 15.87
CA LEU J 175 -40.55 20.52 17.12
C LEU J 175 -41.95 19.95 17.19
N LYS J 176 -42.05 18.63 17.37
CA LYS J 176 -43.33 17.96 17.59
C LYS J 176 -43.39 17.54 19.05
N HIS J 177 -44.24 18.23 19.82
CA HIS J 177 -44.34 17.97 21.25
C HIS J 177 -45.19 16.73 21.52
N TRP J 178 -44.83 16.00 22.57
CA TRP J 178 -45.63 14.87 23.03
C TRP J 178 -45.41 14.69 24.52
N GLU J 179 -46.51 14.42 25.24
CA GLU J 179 -46.46 14.22 26.68
C GLU J 179 -47.55 13.25 27.08
N ALA J 180 -47.42 12.71 28.29
CA ALA J 180 -48.37 11.73 28.80
C ALA J 180 -49.67 12.39 29.25
N ALA K 1 -31.65 33.87 7.62
CA ALA K 1 -30.67 34.48 6.72
C ALA K 1 -30.82 33.93 5.31
N SER K 2 -29.72 33.91 4.56
CA SER K 2 -29.71 33.41 3.19
C SER K 2 -29.32 31.93 3.24
N ARG K 3 -30.33 31.07 3.39
CA ARG K 3 -30.13 29.62 3.47
C ARG K 3 -30.85 28.97 2.29
N ALA K 4 -30.26 29.11 1.10
CA ALA K 4 -30.84 28.52 -0.09
C ALA K 4 -30.68 27.00 -0.06
N THR K 5 -31.45 26.33 -0.89
CA THR K 5 -31.40 24.87 -0.96
C THR K 5 -30.15 24.44 -1.71
N PRO K 6 -29.33 23.56 -1.16
CA PRO K 6 -28.18 23.03 -1.90
C PRO K 6 -28.62 22.36 -3.19
N GLU K 7 -27.71 22.32 -4.15
CA GLU K 7 -27.99 21.65 -5.43
C GLU K 7 -28.12 20.16 -5.19
N ASN K 8 -29.21 19.58 -5.70
CA ASN K 8 -29.50 18.17 -5.43
C ASN K 8 -30.40 17.63 -6.54
N TYR K 9 -30.03 16.48 -7.09
CA TYR K 9 -30.83 15.79 -8.08
C TYR K 9 -30.95 14.33 -7.68
N LEU K 10 -32.08 13.72 -8.01
CA LEU K 10 -32.37 12.37 -7.55
C LEU K 10 -32.95 11.53 -8.68
N PHE K 11 -32.53 10.26 -8.71
CA PHE K 11 -33.12 9.24 -9.56
C PHE K 11 -33.51 8.06 -8.68
N GLN K 12 -34.70 7.51 -8.93
CA GLN K 12 -35.19 6.39 -8.15
C GLN K 12 -35.98 5.45 -9.04
N GLY K 13 -36.14 4.21 -8.57
CA GLY K 13 -36.83 3.20 -9.34
C GLY K 13 -37.61 2.25 -8.46
N ARG K 14 -38.51 1.50 -9.09
CA ARG K 14 -39.34 0.52 -8.43
C ARG K 14 -39.34 -0.77 -9.24
N GLN K 15 -39.44 -1.90 -8.52
CA GLN K 15 -39.61 -3.21 -9.15
C GLN K 15 -40.67 -3.93 -8.32
N GLU K 16 -41.92 -3.87 -8.79
CA GLU K 16 -43.08 -4.28 -8.01
C GLU K 16 -43.66 -5.57 -8.55
N CYS K 17 -43.89 -6.54 -7.65
CA CYS K 17 -44.51 -7.81 -7.98
C CYS K 17 -45.88 -7.88 -7.32
N TYR K 18 -46.93 -8.01 -8.14
CA TYR K 18 -48.30 -8.08 -7.67
C TYR K 18 -48.78 -9.52 -7.81
N ALA K 19 -48.92 -10.22 -6.69
CA ALA K 19 -49.33 -11.61 -6.69
C ALA K 19 -50.82 -11.71 -6.37
N PHE K 20 -51.54 -12.51 -7.16
CA PHE K 20 -52.97 -12.71 -6.97
C PHE K 20 -53.46 -13.90 -7.79
N ASN K 21 -54.10 -14.86 -7.13
CA ASN K 21 -54.67 -16.05 -7.78
C ASN K 21 -53.59 -16.81 -8.56
N GLY K 22 -52.43 -16.97 -7.92
CA GLY K 22 -51.33 -17.67 -8.56
C GLY K 22 -50.74 -16.96 -9.76
N THR K 23 -51.07 -15.69 -9.93
CA THR K 23 -50.59 -14.89 -11.04
C THR K 23 -49.64 -13.81 -10.53
N GLN K 24 -48.58 -13.56 -11.28
CA GLN K 24 -47.62 -12.51 -10.95
C GLN K 24 -47.66 -11.43 -12.02
N ARG K 25 -47.75 -10.18 -11.60
CA ARG K 25 -47.66 -9.03 -12.48
C ARG K 25 -46.49 -8.16 -12.04
N PHE K 26 -45.64 -7.79 -12.99
CA PHE K 26 -44.40 -7.08 -12.70
C PHE K 26 -44.44 -5.69 -13.30
N LEU K 27 -44.15 -4.69 -12.49
CA LEU K 27 -44.00 -3.31 -12.94
C LEU K 27 -42.62 -2.80 -12.56
N GLU K 28 -41.97 -2.12 -13.50
CA GLU K 28 -40.68 -1.50 -13.28
C GLU K 28 -40.80 -0.03 -13.63
N ARG K 29 -40.52 0.84 -12.67
CA ARG K 29 -40.69 2.27 -12.81
C ARG K 29 -39.35 2.99 -12.80
N TYR K 30 -39.19 3.96 -13.69
CA TYR K 30 -38.02 4.82 -13.73
C TYR K 30 -38.46 6.24 -13.41
N ILE K 31 -37.94 6.80 -12.32
CA ILE K 31 -38.43 8.06 -11.77
C ILE K 31 -37.26 9.01 -11.60
N TYR K 32 -37.40 10.23 -12.12
CA TYR K 32 -36.43 11.30 -11.90
C TYR K 32 -37.05 12.31 -10.96
N ASN K 33 -36.41 12.51 -9.80
CA ASN K 33 -36.99 13.26 -8.70
C ASN K 33 -38.31 12.60 -8.30
N ARG K 34 -39.44 13.26 -8.54
CA ARG K 34 -40.74 12.66 -8.24
C ARG K 34 -41.57 12.42 -9.50
N GLU K 35 -40.93 12.44 -10.66
CA GLU K 35 -41.63 12.32 -11.95
C GLU K 35 -41.34 10.94 -12.53
N GLU K 36 -42.36 10.09 -12.60
CA GLU K 36 -42.24 8.82 -13.30
C GLU K 36 -42.32 9.07 -14.80
N PHE K 37 -41.26 8.72 -15.53
CA PHE K 37 -41.19 9.01 -16.95
C PHE K 37 -41.18 7.77 -17.84
N ALA K 38 -40.89 6.60 -17.29
CA ALA K 38 -40.86 5.39 -18.09
C ALA K 38 -41.26 4.20 -17.21
N ARG K 39 -41.96 3.24 -17.81
CA ARG K 39 -42.53 2.13 -17.07
C ARG K 39 -42.60 0.90 -17.97
N PHE K 40 -42.35 -0.26 -17.37
CA PHE K 40 -42.61 -1.55 -18.00
C PHE K 40 -43.74 -2.23 -17.24
N ASP K 41 -44.74 -2.71 -17.98
CA ASP K 41 -45.90 -3.39 -17.41
C ASP K 41 -46.03 -4.75 -18.07
N SER K 42 -45.89 -5.81 -17.28
CA SER K 42 -45.89 -7.15 -17.85
C SER K 42 -47.22 -7.49 -18.50
N ASP K 43 -48.31 -6.86 -18.06
CA ASP K 43 -49.59 -7.02 -18.74
C ASP K 43 -49.60 -6.32 -20.09
N VAL K 44 -48.72 -5.36 -20.32
CA VAL K 44 -48.62 -4.69 -21.61
C VAL K 44 -47.60 -5.39 -22.50
N GLY K 45 -46.48 -5.83 -21.94
CA GLY K 45 -45.47 -6.55 -22.68
C GLY K 45 -44.31 -5.73 -23.20
N GLU K 46 -44.35 -4.41 -23.04
CA GLU K 46 -43.27 -3.56 -23.51
C GLU K 46 -43.28 -2.26 -22.72
N PHE K 47 -42.22 -1.48 -22.89
CA PHE K 47 -42.09 -0.23 -22.17
C PHE K 47 -43.08 0.81 -22.69
N ARG K 48 -43.39 1.78 -21.83
CA ARG K 48 -44.31 2.85 -22.16
C ARG K 48 -43.77 4.16 -21.59
N ALA K 49 -43.90 5.23 -22.37
CA ALA K 49 -43.51 6.55 -21.92
C ALA K 49 -44.63 7.14 -21.05
N VAL K 50 -44.31 7.41 -19.79
CA VAL K 50 -45.30 8.02 -18.90
C VAL K 50 -45.37 9.53 -19.12
N THR K 51 -44.23 10.15 -19.38
CA THR K 51 -44.12 11.57 -19.64
C THR K 51 -43.30 11.78 -20.90
N GLU K 52 -43.38 13.00 -21.46
CA GLU K 52 -42.53 13.34 -22.60
C GLU K 52 -41.05 13.22 -22.26
N LEU K 53 -40.70 13.26 -20.98
CA LEU K 53 -39.31 13.09 -20.58
C LEU K 53 -38.79 11.69 -20.87
N GLY K 54 -39.69 10.70 -20.93
CA GLY K 54 -39.32 9.32 -21.10
C GLY K 54 -39.57 8.72 -22.46
N ARG K 55 -40.00 9.51 -23.46
CA ARG K 55 -40.24 8.93 -24.78
C ARG K 55 -38.96 8.42 -25.44
N PRO K 56 -37.83 9.15 -25.43
CA PRO K 56 -36.61 8.55 -25.99
C PRO K 56 -36.20 7.26 -25.31
N ALA K 57 -36.30 7.21 -23.98
CA ALA K 57 -35.95 5.99 -23.26
C ALA K 57 -36.83 4.82 -23.67
N ALA K 58 -38.14 5.02 -23.69
CA ALA K 58 -39.06 3.93 -24.00
C ALA K 58 -38.97 3.50 -25.45
N GLU K 59 -38.61 4.41 -26.36
CA GLU K 59 -38.46 4.05 -27.76
C GLU K 59 -37.26 3.13 -27.97
N TYR K 60 -36.10 3.49 -27.40
CA TYR K 60 -34.91 2.68 -27.58
C TYR K 60 -35.06 1.30 -26.95
N TRP K 61 -35.65 1.23 -25.75
CA TRP K 61 -35.81 -0.06 -25.08
C TRP K 61 -36.69 -0.99 -25.89
N ASN K 62 -37.76 -0.46 -26.49
CA ASN K 62 -38.64 -1.28 -27.33
C ASN K 62 -37.96 -1.73 -28.62
N SER K 63 -36.85 -1.08 -29.00
CA SER K 63 -36.13 -1.51 -30.20
C SER K 63 -35.38 -2.81 -29.96
N GLN K 64 -34.95 -3.06 -28.72
CA GLN K 64 -34.14 -4.24 -28.40
C GLN K 64 -35.07 -5.36 -27.96
N LYS K 65 -35.29 -6.33 -28.86
CA LYS K 65 -36.05 -7.51 -28.49
C LYS K 65 -35.36 -8.30 -27.38
N ASP K 66 -34.03 -8.16 -27.25
CA ASP K 66 -33.32 -8.83 -26.18
C ASP K 66 -33.75 -8.29 -24.82
N ILE K 67 -33.90 -6.96 -24.71
CA ILE K 67 -34.28 -6.36 -23.43
C ILE K 67 -35.73 -6.65 -23.11
N LEU K 68 -36.61 -6.52 -24.11
CA LEU K 68 -38.02 -6.84 -23.92
C LEU K 68 -38.19 -8.28 -23.44
N GLU K 69 -37.48 -9.22 -24.07
CA GLU K 69 -37.58 -10.61 -23.66
C GLU K 69 -37.04 -10.83 -22.25
N GLU K 70 -36.16 -9.96 -21.78
CA GLU K 70 -35.63 -10.09 -20.42
C GLU K 70 -36.66 -9.65 -19.38
N LYS K 71 -37.38 -8.56 -19.64
CA LYS K 71 -38.37 -8.10 -18.70
C LYS K 71 -39.62 -8.97 -18.71
N ARG K 72 -39.97 -9.55 -19.86
CA ARG K 72 -41.10 -10.47 -19.91
C ARG K 72 -40.86 -11.73 -19.11
N ALA K 73 -39.60 -12.06 -18.83
CA ALA K 73 -39.26 -13.21 -18.01
C ALA K 73 -39.32 -12.90 -16.51
N VAL K 74 -39.43 -11.62 -16.13
CA VAL K 74 -39.39 -11.26 -14.71
C VAL K 74 -40.55 -11.85 -13.91
N PRO K 75 -41.81 -11.81 -14.36
CA PRO K 75 -42.90 -12.34 -13.52
C PRO K 75 -42.68 -13.78 -13.05
N ASP K 76 -41.98 -14.59 -13.83
CA ASP K 76 -41.68 -15.97 -13.43
C ASP K 76 -40.29 -16.12 -12.85
N ARG K 77 -39.33 -15.30 -13.27
CA ARG K 77 -37.94 -15.47 -12.83
C ARG K 77 -37.71 -14.88 -11.43
N MET K 78 -38.35 -13.76 -11.12
CA MET K 78 -38.16 -13.08 -9.84
C MET K 78 -39.42 -13.08 -8.97
N CYS K 79 -40.54 -12.61 -9.52
CA CYS K 79 -41.76 -12.50 -8.71
C CYS K 79 -42.21 -13.85 -8.20
N ARG K 80 -42.39 -14.81 -9.11
CA ARG K 80 -42.85 -16.14 -8.71
C ARG K 80 -41.82 -16.83 -7.83
N HIS K 81 -40.54 -16.61 -8.11
CA HIS K 81 -39.48 -17.24 -7.32
C HIS K 81 -39.49 -16.74 -5.88
N ASN K 82 -39.46 -15.42 -5.69
CA ASN K 82 -39.43 -14.86 -4.34
C ASN K 82 -40.74 -15.12 -3.59
N TYR K 83 -41.87 -15.14 -4.30
CA TYR K 83 -43.16 -15.35 -3.64
C TYR K 83 -43.23 -16.75 -3.04
N GLU K 84 -42.86 -17.77 -3.81
CA GLU K 84 -42.88 -19.14 -3.30
C GLU K 84 -41.76 -19.40 -2.32
N LEU K 85 -40.72 -18.56 -2.30
CA LEU K 85 -39.63 -18.73 -1.35
C LEU K 85 -39.95 -18.10 0.01
N GLY K 86 -40.58 -16.93 0.01
CA GLY K 86 -40.95 -16.23 1.23
C GLY K 86 -42.21 -16.73 1.90
N GLY K 87 -42.69 -17.91 1.53
CA GLY K 87 -43.90 -18.48 2.07
C GLY K 87 -43.94 -18.59 3.60
N PRO K 88 -42.98 -19.29 4.20
CA PRO K 88 -43.11 -19.61 5.63
C PRO K 88 -43.11 -18.40 6.56
N MET K 89 -42.17 -17.47 6.39
CA MET K 89 -41.93 -16.45 7.39
C MET K 89 -42.56 -15.10 7.06
N THR K 90 -43.19 -14.95 5.91
CA THR K 90 -43.85 -13.70 5.56
C THR K 90 -45.32 -13.87 5.24
N LEU K 91 -45.68 -14.88 4.46
CA LEU K 91 -47.09 -15.10 4.12
C LEU K 91 -47.88 -15.68 5.29
N GLN K 92 -47.21 -16.21 6.31
CA GLN K 92 -47.89 -16.84 7.43
C GLN K 92 -47.40 -16.30 8.77
N ARG K 93 -46.86 -15.09 8.78
CA ARG K 93 -46.42 -14.48 10.04
C ARG K 93 -47.63 -14.07 10.87
N ARG K 94 -47.67 -14.52 12.12
CA ARG K 94 -48.78 -14.21 13.03
C ARG K 94 -48.23 -13.62 14.31
N VAL K 95 -48.80 -12.50 14.74
CA VAL K 95 -48.47 -11.88 16.02
C VAL K 95 -49.78 -11.50 16.70
N GLN K 96 -50.01 -12.04 17.90
CA GLN K 96 -51.28 -11.84 18.59
C GLN K 96 -51.39 -10.40 19.09
N PRO K 97 -52.58 -9.80 19.01
CA PRO K 97 -52.76 -8.43 19.48
C PRO K 97 -53.08 -8.34 20.96
N ARG K 98 -52.86 -7.15 21.50
CA ARG K 98 -53.18 -6.83 22.88
C ARG K 98 -54.22 -5.71 22.90
N VAL K 99 -55.27 -5.89 23.69
CA VAL K 99 -56.44 -5.02 23.65
C VAL K 99 -56.54 -4.26 24.97
N ASN K 100 -56.96 -2.99 24.87
CA ASN K 100 -57.04 -2.10 26.03
C ASN K 100 -58.22 -1.16 25.84
N VAL K 101 -59.03 -1.00 26.88
CA VAL K 101 -60.22 -0.15 26.85
C VAL K 101 -60.07 0.92 27.93
N SER K 102 -60.22 2.18 27.53
CA SER K 102 -60.15 3.32 28.44
C SER K 102 -60.82 4.50 27.79
N PRO K 103 -61.35 5.45 28.57
CA PRO K 103 -61.99 6.64 27.98
C PRO K 103 -61.08 7.86 27.99
N SER K 104 -61.45 8.90 27.25
CA SER K 104 -60.67 10.14 27.20
C SER K 104 -61.64 11.31 26.99
N LYS K 105 -62.37 11.66 28.04
CA LYS K 105 -63.33 12.76 28.00
C LYS K 105 -62.69 14.03 28.53
N LYS K 106 -62.75 15.10 27.74
CA LYS K 106 -62.23 16.41 28.13
C LYS K 106 -62.98 17.48 27.35
N GLY K 107 -62.66 18.74 27.65
CA GLY K 107 -63.30 19.86 27.01
C GLY K 107 -62.63 20.25 25.71
N PRO K 108 -61.39 20.74 25.79
CA PRO K 108 -60.69 21.17 24.57
C PRO K 108 -60.47 20.02 23.60
N LEU K 109 -60.31 20.40 22.32
CA LEU K 109 -60.17 19.45 21.21
C LEU K 109 -61.38 18.51 21.18
N GLN K 110 -61.19 17.23 21.48
CA GLN K 110 -62.33 16.31 21.54
C GLN K 110 -63.27 16.74 22.65
N HIS K 111 -64.56 16.84 22.33
CA HIS K 111 -65.54 17.35 23.27
C HIS K 111 -66.52 16.31 23.78
N HIS K 112 -66.74 15.22 23.04
CA HIS K 112 -67.71 14.21 23.42
C HIS K 112 -67.09 13.17 24.34
N ASN K 113 -67.95 12.45 25.06
CA ASN K 113 -67.51 11.38 25.97
C ASN K 113 -67.40 10.10 25.16
N LEU K 114 -66.17 9.70 24.84
CA LEU K 114 -65.90 8.57 23.98
C LEU K 114 -65.30 7.41 24.76
N LEU K 115 -65.36 6.23 24.17
CA LEU K 115 -64.72 5.03 24.70
C LEU K 115 -63.78 4.49 23.64
N VAL K 116 -62.49 4.37 23.99
CA VAL K 116 -61.43 4.08 23.03
C VAL K 116 -60.90 2.68 23.28
N CYS K 117 -61.04 1.81 22.28
CA CYS K 117 -60.47 0.47 22.30
C CYS K 117 -59.18 0.50 21.49
N HIS K 118 -58.06 0.17 22.13
CA HIS K 118 -56.74 0.33 21.53
C HIS K 118 -56.08 -1.04 21.37
N VAL K 119 -55.85 -1.45 20.13
CA VAL K 119 -55.26 -2.73 19.79
C VAL K 119 -53.83 -2.51 19.34
N THR K 120 -52.90 -3.30 19.88
CA THR K 120 -51.48 -3.11 19.64
C THR K 120 -50.80 -4.42 19.28
N ASP K 121 -49.67 -4.30 18.58
CA ASP K 121 -48.75 -5.42 18.32
C ASP K 121 -49.43 -6.55 17.56
N PHE K 122 -49.99 -6.25 16.39
CA PHE K 122 -50.62 -7.28 15.59
C PHE K 122 -50.16 -7.20 14.14
N TYR K 123 -50.12 -8.37 13.50
CA TYR K 123 -49.75 -8.59 12.12
C TYR K 123 -50.44 -9.88 11.69
N PRO K 124 -51.08 -9.92 10.52
CA PRO K 124 -51.17 -8.83 9.54
C PRO K 124 -52.23 -7.79 9.90
N GLY K 125 -52.59 -6.92 8.94
CA GLY K 125 -53.46 -5.80 9.22
C GLY K 125 -54.93 -6.13 9.25
N SER K 126 -55.34 -7.26 8.68
CA SER K 126 -56.74 -7.66 8.66
C SER K 126 -57.19 -7.94 10.09
N ILE K 127 -58.14 -7.14 10.59
CA ILE K 127 -58.62 -7.27 11.96
C ILE K 127 -60.04 -6.76 12.03
N GLN K 128 -60.82 -7.32 12.95
CA GLN K 128 -62.17 -6.87 13.24
C GLN K 128 -62.27 -6.43 14.69
N VAL K 129 -62.74 -5.21 14.91
CA VAL K 129 -62.94 -4.66 16.24
C VAL K 129 -64.37 -4.13 16.32
N ARG K 130 -65.21 -4.82 17.08
CA ARG K 130 -66.61 -4.45 17.23
C ARG K 130 -66.89 -4.00 18.65
N TRP K 131 -67.92 -3.19 18.81
CA TRP K 131 -68.35 -2.69 20.11
C TRP K 131 -69.66 -3.37 20.52
N PHE K 132 -69.75 -3.74 21.79
CA PHE K 132 -70.95 -4.33 22.35
C PHE K 132 -71.37 -3.56 23.60
N LEU K 133 -72.67 -3.38 23.75
CA LEU K 133 -73.24 -2.74 24.94
C LEU K 133 -74.28 -3.69 25.53
N ASN K 134 -73.96 -4.27 26.68
CA ASN K 134 -74.81 -5.25 27.34
C ASN K 134 -75.13 -6.42 26.42
N GLY K 135 -74.12 -6.90 25.69
CA GLY K 135 -74.28 -8.00 24.77
C GLY K 135 -74.91 -7.64 23.45
N GLN K 136 -75.25 -6.38 23.22
CA GLN K 136 -75.84 -5.94 21.96
C GLN K 136 -74.81 -5.14 21.18
N GLU K 137 -74.60 -5.54 19.92
CA GLU K 137 -73.63 -4.85 19.07
C GLU K 137 -74.16 -3.50 18.65
N GLU K 138 -73.39 -2.45 18.91
CA GLU K 138 -73.75 -1.08 18.57
C GLU K 138 -72.90 -0.59 17.41
N THR K 139 -73.55 -0.04 16.39
CA THR K 139 -72.86 0.52 15.24
C THR K 139 -72.89 2.04 15.19
N ALA K 140 -73.94 2.66 15.72
CA ALA K 140 -74.00 4.11 15.76
C ALA K 140 -72.91 4.67 16.67
N GLY K 141 -72.41 5.85 16.31
CA GLY K 141 -71.38 6.51 17.10
C GLY K 141 -70.04 5.82 17.10
N VAL K 142 -69.82 4.85 16.23
CA VAL K 142 -68.57 4.10 16.16
C VAL K 142 -67.69 4.73 15.10
N VAL K 143 -66.54 5.25 15.50
CA VAL K 143 -65.57 5.85 14.59
C VAL K 143 -64.23 5.16 14.82
N SER K 144 -63.66 4.58 13.76
CA SER K 144 -62.38 3.89 13.83
C SER K 144 -61.39 4.57 12.91
N THR K 145 -60.15 4.70 13.38
CA THR K 145 -59.09 5.30 12.58
C THR K 145 -58.63 4.31 11.51
N ASN K 146 -57.73 4.80 10.64
CA ASN K 146 -57.10 3.94 9.66
C ASN K 146 -56.03 3.07 10.34
N LEU K 147 -55.57 2.07 9.60
CA LEU K 147 -54.49 1.22 10.10
C LEU K 147 -53.22 2.06 10.31
N ILE K 148 -52.53 1.79 11.40
CA ILE K 148 -51.36 2.55 11.81
C ILE K 148 -50.15 1.62 11.75
N ARG K 149 -49.20 1.95 10.88
CA ARG K 149 -47.98 1.17 10.73
C ARG K 149 -46.94 1.65 11.72
N ASN K 150 -46.41 0.71 12.51
CA ASN K 150 -45.36 1.05 13.46
C ASN K 150 -43.98 1.07 12.83
N GLY K 151 -43.82 0.48 11.65
CA GLY K 151 -42.53 0.45 10.99
C GLY K 151 -41.63 -0.70 11.40
N ASP K 152 -42.10 -1.61 12.24
CA ASP K 152 -41.35 -2.80 12.63
C ASP K 152 -42.21 -4.04 12.47
N TRP K 153 -43.02 -4.07 11.42
CA TRP K 153 -43.88 -5.21 11.08
C TRP K 153 -44.97 -5.44 12.11
N THR K 154 -45.44 -4.37 12.75
CA THR K 154 -46.58 -4.44 13.67
C THR K 154 -47.54 -3.29 13.36
N PHE K 155 -48.80 -3.49 13.72
CA PHE K 155 -49.85 -2.53 13.41
C PHE K 155 -50.54 -2.05 14.68
N GLN K 156 -51.32 -0.98 14.52
CA GLN K 156 -52.16 -0.44 15.58
C GLN K 156 -53.49 0.01 14.97
N ILE K 157 -54.49 0.15 15.82
CA ILE K 157 -55.80 0.64 15.40
C ILE K 157 -56.56 1.08 16.65
N LEU K 158 -57.38 2.11 16.49
CA LEU K 158 -58.19 2.65 17.58
C LEU K 158 -59.61 2.83 17.09
N VAL K 159 -60.58 2.36 17.87
CA VAL K 159 -61.99 2.43 17.52
C VAL K 159 -62.70 3.20 18.63
N MET K 160 -63.32 4.32 18.28
CA MET K 160 -64.02 5.17 19.22
C MET K 160 -65.52 4.86 19.23
N LEU K 161 -66.16 5.17 20.35
CA LEU K 161 -67.59 4.93 20.50
C LEU K 161 -68.20 6.04 21.34
N GLU K 162 -69.14 6.78 20.76
CA GLU K 162 -69.92 7.75 21.53
C GLU K 162 -70.87 6.99 22.45
N MET K 163 -70.75 7.23 23.75
CA MET K 163 -71.49 6.46 24.76
C MET K 163 -72.30 7.39 25.65
N THR K 164 -73.45 6.90 26.09
CA THR K 164 -74.25 7.54 27.13
C THR K 164 -74.09 6.73 28.40
N PRO K 165 -73.24 7.16 29.35
CA PRO K 165 -72.93 6.31 30.51
C PRO K 165 -74.14 6.11 31.40
N GLN K 166 -74.44 4.84 31.69
CA GLN K 166 -75.49 4.45 32.60
C GLN K 166 -74.91 3.45 33.61
N GLN K 167 -75.32 3.58 34.87
CA GLN K 167 -74.70 2.80 35.94
C GLN K 167 -74.92 1.31 35.72
N GLY K 168 -73.86 0.52 35.86
CA GLY K 168 -73.94 -0.90 35.65
C GLY K 168 -73.95 -1.34 34.21
N ASP K 169 -73.91 -0.43 33.25
CA ASP K 169 -73.79 -0.81 31.85
C ASP K 169 -72.44 -1.45 31.60
N VAL K 170 -72.43 -2.48 30.76
CA VAL K 170 -71.23 -3.24 30.46
C VAL K 170 -70.89 -3.01 29.00
N TYR K 171 -69.82 -2.27 28.74
CA TYR K 171 -69.28 -2.08 27.39
C TYR K 171 -68.15 -3.07 27.17
N THR K 172 -68.26 -3.89 26.13
CA THR K 172 -67.26 -4.90 25.81
C THR K 172 -66.72 -4.66 24.41
N CYS K 173 -65.39 -4.70 24.28
CA CYS K 173 -64.72 -4.58 22.99
C CYS K 173 -64.15 -5.95 22.62
N GLN K 174 -64.69 -6.57 21.59
CA GLN K 174 -64.21 -7.86 21.12
C GLN K 174 -63.34 -7.66 19.89
N VAL K 175 -62.31 -8.49 19.76
CA VAL K 175 -61.32 -8.39 18.70
C VAL K 175 -61.13 -9.77 18.08
N GLU K 176 -61.33 -9.87 16.77
CA GLU K 176 -61.13 -11.12 16.04
C GLU K 176 -59.99 -10.94 15.04
N HIS K 177 -58.98 -11.81 15.14
CA HIS K 177 -57.79 -11.71 14.32
C HIS K 177 -57.42 -13.09 13.81
N THR K 178 -56.65 -13.11 12.71
CA THR K 178 -56.20 -14.38 12.14
C THR K 178 -55.29 -15.14 13.09
N SER K 179 -54.67 -14.46 14.05
CA SER K 179 -53.76 -15.09 15.00
C SER K 179 -54.46 -15.60 16.26
N LEU K 180 -55.80 -15.59 16.29
CA LEU K 180 -56.56 -15.92 17.48
C LEU K 180 -57.52 -17.06 17.19
N ASP K 181 -57.55 -18.05 18.08
CA ASP K 181 -58.54 -19.13 17.97
C ASP K 181 -59.92 -18.64 18.37
N SER K 182 -60.03 -18.03 19.54
CA SER K 182 -61.28 -17.46 20.03
C SER K 182 -61.14 -15.96 20.18
N PRO K 183 -62.24 -15.21 20.05
CA PRO K 183 -62.15 -13.74 20.17
C PRO K 183 -61.72 -13.31 21.56
N VAL K 184 -60.88 -12.27 21.59
CA VAL K 184 -60.41 -11.68 22.84
C VAL K 184 -61.36 -10.55 23.22
N THR K 185 -61.82 -10.57 24.48
CA THR K 185 -62.75 -9.57 24.98
C THR K 185 -62.18 -8.88 26.21
N VAL K 186 -62.51 -7.60 26.35
CA VAL K 186 -62.13 -6.80 27.51
C VAL K 186 -63.23 -5.77 27.74
N GLU K 187 -63.69 -5.65 28.98
CA GLU K 187 -64.90 -4.93 29.30
C GLU K 187 -64.62 -3.72 30.19
N TRP K 188 -65.57 -2.80 30.20
CA TRP K 188 -65.51 -1.60 31.02
C TRP K 188 -66.90 -1.33 31.60
N LYS K 189 -66.95 -1.10 32.91
CA LYS K 189 -68.22 -0.86 33.59
C LYS K 189 -68.27 0.51 34.25
N ALA L 2 -31.00 -21.43 4.16
CA ALA L 2 -31.00 -20.10 3.58
C ALA L 2 -30.92 -20.17 2.05
N THR L 3 -32.01 -19.77 1.39
CA THR L 3 -32.12 -19.82 -0.06
C THR L 3 -32.12 -18.41 -0.63
N GLY L 4 -31.45 -18.23 -1.76
CA GLY L 4 -31.20 -16.91 -2.29
C GLY L 4 -32.40 -16.32 -3.01
N LEU L 5 -32.71 -15.07 -2.71
CA LEU L 5 -33.76 -14.33 -3.39
C LEU L 5 -33.22 -13.73 -4.70
N ALA L 6 -34.14 -13.46 -5.62
CA ALA L 6 -33.78 -12.96 -6.94
C ALA L 6 -33.90 -11.44 -6.99
N TRP L 7 -33.11 -10.83 -7.87
CA TRP L 7 -33.18 -9.41 -8.15
C TRP L 7 -33.12 -9.20 -9.65
N GLU L 8 -33.44 -7.97 -10.07
CA GLU L 8 -33.44 -7.61 -11.48
C GLU L 8 -32.61 -6.34 -11.66
N TRP L 9 -31.92 -6.26 -12.80
CA TRP L 9 -31.12 -5.08 -13.12
C TRP L 9 -32.01 -4.03 -13.76
N TRP L 10 -32.01 -2.82 -13.18
CA TRP L 10 -32.58 -1.69 -13.88
C TRP L 10 -31.79 -1.41 -15.15
N ARG L 11 -32.45 -0.86 -16.15
CA ARG L 11 -31.83 -0.63 -17.43
C ARG L 11 -31.21 0.77 -17.50
N THR L 12 -30.24 0.92 -18.38
CA THR L 12 -29.60 2.21 -18.62
C THR L 12 -30.46 3.04 -19.56
N VAL L 13 -30.70 4.30 -19.21
CA VAL L 13 -31.52 5.17 -20.04
C VAL L 13 -30.72 5.61 -21.26
N TYR L 14 -31.40 5.69 -22.41
CA TYR L 14 -30.76 6.11 -23.65
C TYR L 14 -30.02 7.43 -23.48
N GLU L 15 -28.76 7.45 -23.89
CA GLU L 15 -27.90 8.60 -23.69
C GLU L 15 -27.91 9.54 -24.89
N GLN M 9 -51.00 45.23 -7.94
CA GLN M 9 -51.18 43.80 -8.15
C GLN M 9 -51.66 43.12 -6.87
N ALA M 10 -52.65 42.25 -6.99
CA ALA M 10 -53.22 41.54 -5.86
C ALA M 10 -53.47 40.09 -6.26
N LEU M 11 -53.53 39.23 -5.25
CA LEU M 11 -53.73 37.80 -5.46
C LEU M 11 -54.12 37.14 -4.14
N SER M 12 -55.03 36.18 -4.21
CA SER M 12 -55.45 35.42 -3.04
C SER M 12 -55.62 33.96 -3.41
N ILE M 13 -55.11 33.07 -2.56
CA ILE M 13 -55.21 31.63 -2.75
C ILE M 13 -55.66 30.99 -1.43
N GLN M 14 -56.00 29.71 -1.52
CA GLN M 14 -56.40 28.94 -0.35
C GLN M 14 -55.17 28.30 0.30
N GLU M 15 -55.22 28.18 1.63
CA GLU M 15 -54.12 27.62 2.38
C GLU M 15 -53.84 26.19 1.94
N GLY M 16 -52.55 25.86 1.78
CA GLY M 16 -52.14 24.56 1.31
C GLY M 16 -51.95 24.45 -0.19
N GLU M 17 -52.28 25.49 -0.95
CA GLU M 17 -52.14 25.49 -2.40
C GLU M 17 -50.85 26.20 -2.80
N ASN M 18 -50.65 26.34 -4.11
CA ASN M 18 -49.47 26.98 -4.65
C ASN M 18 -49.77 28.40 -5.07
N ALA M 19 -48.82 29.30 -4.85
CA ALA M 19 -48.90 30.69 -5.28
C ALA M 19 -47.74 31.00 -6.20
N THR M 20 -48.05 31.69 -7.31
CA THR M 20 -47.03 32.14 -8.25
C THR M 20 -47.21 33.63 -8.49
N MET M 21 -46.12 34.39 -8.29
CA MET M 21 -46.14 35.82 -8.48
C MET M 21 -45.05 36.21 -9.46
N ASN M 22 -45.31 37.28 -10.21
CA ASN M 22 -44.45 37.69 -11.30
C ASN M 22 -43.97 39.12 -11.09
N CYS M 23 -42.88 39.46 -11.78
CA CYS M 23 -42.33 40.80 -11.77
C CYS M 23 -41.47 40.95 -13.02
N SER M 24 -41.07 42.19 -13.30
CA SER M 24 -40.23 42.48 -14.44
C SER M 24 -39.32 43.65 -14.12
N TYR M 25 -38.10 43.59 -14.65
CA TYR M 25 -37.12 44.65 -14.49
C TYR M 25 -36.78 45.23 -15.87
N LYS M 26 -36.03 46.33 -15.86
CA LYS M 26 -35.81 47.11 -17.07
C LYS M 26 -34.37 47.09 -17.57
N THR M 27 -33.39 46.93 -16.69
CA THR M 27 -31.99 47.05 -17.05
C THR M 27 -31.31 45.68 -17.04
N SER M 28 -30.06 45.66 -17.50
CA SER M 28 -29.23 44.48 -17.40
C SER M 28 -28.75 44.29 -15.97
N ILE M 29 -28.83 43.06 -15.47
CA ILE M 29 -28.62 42.77 -14.07
C ILE M 29 -27.57 41.68 -13.91
N ASN M 30 -27.01 41.61 -12.70
CA ASN M 30 -26.14 40.51 -12.29
C ASN M 30 -26.85 39.52 -11.38
N ASN M 31 -27.78 39.98 -10.55
CA ASN M 31 -28.56 39.10 -9.71
C ASN M 31 -29.94 39.72 -9.45
N LEU M 32 -30.94 38.87 -9.30
CA LEU M 32 -32.28 39.28 -8.92
C LEU M 32 -32.62 38.67 -7.57
N GLN M 33 -33.40 39.40 -6.78
CA GLN M 33 -33.80 38.94 -5.46
C GLN M 33 -35.29 39.15 -5.26
N TRP M 34 -35.87 38.34 -4.37
CA TRP M 34 -37.26 38.48 -3.98
C TRP M 34 -37.33 38.81 -2.49
N TYR M 35 -38.15 39.78 -2.15
CA TYR M 35 -38.31 40.23 -0.77
C TYR M 35 -39.76 40.13 -0.35
N ARG M 36 -39.97 39.95 0.95
CA ARG M 36 -41.28 39.78 1.55
C ARG M 36 -41.43 40.77 2.70
N GLN M 37 -42.64 41.32 2.86
CA GLN M 37 -42.92 42.30 3.89
C GLN M 37 -44.24 41.93 4.58
N ASN M 38 -44.14 41.36 5.77
CA ASN M 38 -45.30 41.09 6.61
C ASN M 38 -45.52 42.26 7.57
N SER M 39 -46.74 42.34 8.10
CA SER M 39 -47.08 43.24 9.21
C SER M 39 -46.67 44.69 8.94
N GLY M 40 -46.37 45.04 7.69
CA GLY M 40 -45.90 46.36 7.35
C GLY M 40 -44.63 46.74 8.09
N ARG M 41 -43.80 45.75 8.40
CA ARG M 41 -42.57 45.95 9.16
C ARG M 41 -41.37 45.81 8.22
N GLY M 42 -40.24 45.37 8.74
CA GLY M 42 -39.03 45.30 7.95
C GLY M 42 -39.12 44.25 6.86
N LEU M 43 -38.71 44.61 5.66
CA LEU M 43 -38.66 43.66 4.56
C LEU M 43 -37.59 42.62 4.83
N VAL M 44 -37.84 41.39 4.38
CA VAL M 44 -36.94 40.26 4.62
C VAL M 44 -36.52 39.69 3.28
N HIS M 45 -35.22 39.42 3.12
CA HIS M 45 -34.72 38.75 1.94
C HIS M 45 -35.22 37.31 1.92
N LEU M 46 -35.62 36.85 0.74
CA LEU M 46 -36.08 35.49 0.55
C LEU M 46 -35.08 34.65 -0.23
N ILE M 47 -34.80 35.02 -1.48
CA ILE M 47 -34.01 34.20 -2.38
C ILE M 47 -33.29 35.10 -3.37
N LEU M 48 -32.14 34.65 -3.86
CA LEU M 48 -31.35 35.39 -4.83
C LEU M 48 -30.97 34.45 -5.97
N ILE M 49 -31.23 34.87 -7.20
CA ILE M 49 -30.84 34.12 -8.38
C ILE M 49 -29.92 35.00 -9.21
N ARG M 50 -28.86 34.40 -9.74
CA ARG M 50 -27.88 35.10 -10.54
C ARG M 50 -28.24 35.02 -12.01
N SER M 51 -27.63 35.90 -12.80
CA SER M 51 -27.93 35.95 -14.23
C SER M 51 -27.52 34.67 -14.93
N ASN M 52 -26.59 33.90 -14.36
CA ASN M 52 -26.15 32.67 -15.01
C ASN M 52 -27.13 31.53 -14.74
N GLU M 53 -28.04 31.71 -13.78
CA GLU M 53 -28.94 30.65 -13.37
C GLU M 53 -30.33 30.86 -13.96
N ARG M 54 -31.08 29.75 -14.04
CA ARG M 54 -32.48 29.78 -14.47
C ARG M 54 -33.48 29.43 -13.37
N GLU M 55 -33.10 28.54 -12.46
CA GLU M 55 -33.95 28.13 -11.35
C GLU M 55 -33.12 27.99 -10.09
N LYS M 56 -33.71 28.34 -8.95
CA LYS M 56 -33.06 28.17 -7.67
C LYS M 56 -34.13 27.99 -6.60
N HIS M 57 -33.82 27.16 -5.60
CA HIS M 57 -34.79 26.78 -4.59
C HIS M 57 -34.33 27.27 -3.22
N SER M 58 -35.31 27.51 -2.34
CA SER M 58 -35.02 27.88 -0.95
C SER M 58 -36.29 27.62 -0.14
N GLY M 59 -36.24 26.61 0.72
CA GLY M 59 -37.44 26.24 1.48
C GLY M 59 -38.54 25.79 0.55
N ARG M 60 -39.73 26.37 0.73
CA ARG M 60 -40.86 26.11 -0.14
C ARG M 60 -40.91 27.05 -1.33
N LEU M 61 -39.83 27.77 -1.61
CA LEU M 61 -39.77 28.74 -2.69
C LEU M 61 -38.95 28.20 -3.85
N ARG M 62 -39.36 28.58 -5.06
CA ARG M 62 -38.59 28.30 -6.27
C ARG M 62 -38.68 29.52 -7.17
N VAL M 63 -37.54 30.14 -7.45
CA VAL M 63 -37.48 31.34 -8.27
C VAL M 63 -37.05 30.93 -9.68
N THR M 64 -37.70 31.53 -10.68
CA THR M 64 -37.38 31.30 -12.08
C THR M 64 -36.99 32.62 -12.72
N LEU M 65 -35.94 32.60 -13.54
CA LEU M 65 -35.40 33.79 -14.17
C LEU M 65 -35.36 33.61 -15.68
N ASP M 66 -35.67 34.67 -16.41
CA ASP M 66 -35.63 34.67 -17.87
C ASP M 66 -34.99 35.99 -18.31
N THR M 67 -33.72 35.91 -18.70
CA THR M 67 -32.98 37.12 -19.07
C THR M 67 -33.50 37.73 -20.36
N SER M 68 -34.02 36.91 -21.28
CA SER M 68 -34.52 37.43 -22.55
C SER M 68 -35.75 38.30 -22.34
N LYS M 69 -36.74 37.80 -21.59
CA LYS M 69 -37.94 38.56 -21.30
C LYS M 69 -37.78 39.55 -20.17
N LYS M 70 -36.65 39.49 -19.44
CA LYS M 70 -36.42 40.34 -18.26
C LYS M 70 -37.58 40.24 -17.28
N SER M 71 -37.93 39.01 -16.92
CA SER M 71 -38.98 38.75 -15.96
C SER M 71 -38.54 37.64 -15.02
N SER M 72 -39.28 37.48 -13.93
CA SER M 72 -39.00 36.45 -12.95
C SER M 72 -40.30 35.99 -12.32
N SER M 73 -40.32 34.74 -11.86
CA SER M 73 -41.47 34.17 -11.19
C SER M 73 -41.04 33.56 -9.87
N LEU M 74 -41.84 33.79 -8.83
CA LEU M 74 -41.64 33.17 -7.53
C LEU M 74 -42.79 32.19 -7.28
N LEU M 75 -42.43 30.96 -6.89
CA LEU M 75 -43.41 29.91 -6.65
C LEU M 75 -43.36 29.54 -5.17
N ILE M 76 -44.50 29.66 -4.50
CA ILE M 76 -44.65 29.26 -3.10
C ILE M 76 -45.50 28.00 -3.07
N THR M 77 -44.90 26.89 -2.64
CA THR M 77 -45.59 25.61 -2.59
C THR M 77 -46.01 25.30 -1.17
N ALA M 78 -47.20 24.70 -1.04
CA ALA M 78 -47.80 24.39 0.26
C ALA M 78 -47.87 25.63 1.14
N SER M 79 -48.59 26.63 0.63
CA SER M 79 -48.63 27.94 1.26
C SER M 79 -49.22 27.87 2.67
N ARG M 80 -48.72 28.73 3.55
CA ARG M 80 -49.16 28.81 4.92
C ARG M 80 -49.69 30.21 5.21
N ALA M 81 -50.24 30.38 6.41
CA ALA M 81 -50.78 31.69 6.80
C ALA M 81 -49.69 32.75 6.87
N ALA M 82 -48.47 32.36 7.24
CA ALA M 82 -47.37 33.30 7.35
C ALA M 82 -46.87 33.79 5.99
N ASP M 83 -47.27 33.15 4.90
CA ASP M 83 -46.89 33.61 3.57
C ASP M 83 -47.68 34.83 3.13
N THR M 84 -48.71 35.21 3.88
CA THR M 84 -49.47 36.42 3.57
C THR M 84 -48.59 37.65 3.74
N ALA M 85 -48.31 38.34 2.63
CA ALA M 85 -47.43 39.50 2.62
C ALA M 85 -47.39 40.17 1.26
N SER M 86 -46.59 41.21 1.13
CA SER M 86 -46.28 41.82 -0.16
C SER M 86 -44.93 41.33 -0.64
N TYR M 87 -44.80 41.12 -1.95
CA TYR M 87 -43.60 40.53 -2.52
C TYR M 87 -43.00 41.49 -3.54
N PHE M 88 -41.72 41.81 -3.36
CA PHE M 88 -40.99 42.72 -4.22
C PHE M 88 -39.91 41.99 -5.00
N CYS M 89 -39.46 42.63 -6.07
CA CYS M 89 -38.28 42.19 -6.80
C CYS M 89 -37.18 43.24 -6.66
N ALA M 90 -35.94 42.77 -6.52
CA ALA M 90 -34.80 43.65 -6.32
C ALA M 90 -33.69 43.23 -7.28
N THR M 91 -33.20 44.19 -8.06
CA THR M 91 -32.13 43.96 -9.02
C THR M 91 -31.07 45.05 -8.88
N ASP M 92 -29.86 44.73 -9.30
CA ASP M 92 -28.82 45.73 -9.48
C ASP M 92 -28.75 46.11 -10.96
N LYS M 93 -27.80 46.98 -11.29
CA LYS M 93 -27.61 47.42 -12.67
C LYS M 93 -26.17 47.15 -13.08
N LYS M 94 -25.99 46.46 -14.21
CA LYS M 94 -24.66 46.29 -14.78
C LYS M 94 -24.07 47.65 -15.14
N GLY M 95 -22.84 47.89 -14.71
CA GLY M 95 -22.23 49.19 -14.88
C GLY M 95 -22.41 50.13 -13.72
N GLY M 96 -23.28 49.79 -12.75
CA GLY M 96 -23.47 50.58 -11.56
C GLY M 96 -22.88 49.92 -10.33
N ALA M 97 -23.14 50.54 -9.18
CA ALA M 97 -22.65 50.01 -7.92
C ALA M 97 -23.24 48.61 -7.66
N THR M 98 -22.37 47.65 -7.38
CA THR M 98 -22.80 46.26 -7.23
C THR M 98 -23.75 46.07 -6.05
N ASN M 99 -23.77 47.01 -5.10
CA ASN M 99 -24.61 46.89 -3.92
C ASN M 99 -25.86 47.76 -3.97
N LYS M 100 -26.04 48.53 -5.04
CA LYS M 100 -27.20 49.42 -5.17
C LYS M 100 -28.34 48.66 -5.84
N LEU M 101 -29.38 48.38 -5.08
CA LEU M 101 -30.53 47.65 -5.58
C LEU M 101 -31.68 48.59 -5.91
N ILE M 102 -32.51 48.18 -6.87
CA ILE M 102 -33.69 48.91 -7.29
C ILE M 102 -34.88 47.99 -7.06
N PHE M 103 -35.82 48.42 -6.21
CA PHE M 103 -36.97 47.60 -5.86
C PHE M 103 -38.16 47.94 -6.75
N GLY M 104 -38.83 46.91 -7.26
CA GLY M 104 -40.01 47.08 -8.07
C GLY M 104 -41.27 47.21 -7.26
N THR M 105 -42.39 47.40 -7.96
CA THR M 105 -43.68 47.49 -7.30
C THR M 105 -44.13 46.12 -6.80
N GLY M 106 -44.62 46.07 -5.57
CA GLY M 106 -44.94 44.80 -4.96
C GLY M 106 -46.33 44.30 -5.30
N THR M 107 -46.53 43.00 -5.11
CA THR M 107 -47.81 42.35 -5.29
C THR M 107 -48.25 41.77 -3.95
N LEU M 108 -49.50 42.02 -3.59
CA LEU M 108 -50.03 41.59 -2.30
C LEU M 108 -50.60 40.18 -2.41
N LEU M 109 -50.21 39.31 -1.48
CA LEU M 109 -50.66 37.93 -1.46
C LEU M 109 -51.37 37.64 -0.14
N ALA M 110 -52.55 37.03 -0.22
CA ALA M 110 -53.34 36.68 0.96
C ALA M 110 -53.63 35.18 0.92
N VAL M 111 -53.21 34.48 1.96
CA VAL M 111 -53.43 33.04 2.07
C VAL M 111 -54.64 32.83 2.96
N GLN M 112 -55.79 32.56 2.33
CA GLN M 112 -57.03 32.42 3.07
C GLN M 112 -57.09 31.07 3.78
N PRO M 113 -57.67 30.99 4.97
CA PRO M 113 -57.75 29.70 5.66
C PRO M 113 -58.86 28.83 5.09
N ASN M 114 -58.70 27.53 5.30
CA ASN M 114 -59.70 26.53 4.90
C ASN M 114 -60.66 26.35 6.08
N ILE M 115 -61.82 26.99 6.00
CA ILE M 115 -62.81 26.90 7.06
C ILE M 115 -63.50 25.55 6.97
N GLN M 116 -63.31 24.72 8.01
CA GLN M 116 -63.85 23.37 7.99
C GLN M 116 -65.36 23.36 8.11
N ASN M 117 -65.89 24.04 9.14
CA ASN M 117 -67.32 24.05 9.44
C ASN M 117 -67.82 25.50 9.46
N PRO M 118 -68.12 26.06 8.30
CA PRO M 118 -68.56 27.47 8.26
C PRO M 118 -69.86 27.67 9.02
N ASP M 119 -69.94 28.79 9.73
CA ASP M 119 -71.10 29.12 10.55
C ASP M 119 -71.31 30.63 10.54
N PRO M 120 -71.57 31.21 9.37
CA PRO M 120 -71.68 32.68 9.28
C PRO M 120 -72.77 33.23 10.19
N ALA M 121 -72.42 34.26 10.94
CA ALA M 121 -73.33 34.83 11.91
C ALA M 121 -72.93 36.28 12.18
N VAL M 122 -73.92 37.09 12.55
CA VAL M 122 -73.70 38.49 12.88
C VAL M 122 -74.21 38.69 14.31
N TYR M 123 -73.30 39.01 15.22
CA TYR M 123 -73.62 39.21 16.63
C TYR M 123 -73.48 40.68 17.00
N GLN M 124 -74.28 41.11 17.97
CA GLN M 124 -74.14 42.42 18.57
C GLN M 124 -73.46 42.25 19.93
N LEU M 125 -72.31 42.91 20.11
CA LEU M 125 -71.55 42.78 21.34
C LEU M 125 -72.03 43.77 22.39
N ARG M 126 -71.72 43.46 23.64
CA ARG M 126 -72.20 44.25 24.77
C ARG M 126 -71.61 45.65 24.72
N ASP M 127 -72.48 46.66 24.64
CA ASP M 127 -72.04 48.05 24.60
C ASP M 127 -71.20 48.38 25.84
N SER M 128 -70.29 49.33 25.67
CA SER M 128 -69.37 49.69 26.74
C SER M 128 -69.90 50.89 27.52
N LYS M 129 -69.60 50.89 28.82
CA LYS M 129 -69.94 52.04 29.65
C LYS M 129 -69.16 53.27 29.23
N SER M 130 -67.98 53.08 28.66
CA SER M 130 -67.09 54.17 28.29
C SER M 130 -67.29 54.66 26.86
N SER M 131 -68.18 54.04 26.08
CA SER M 131 -68.32 54.36 24.68
C SER M 131 -69.76 54.65 24.33
N ASP M 132 -69.95 55.44 23.27
CA ASP M 132 -71.25 55.76 22.71
C ASP M 132 -71.55 54.95 21.45
N LYS M 133 -70.72 53.96 21.13
CA LYS M 133 -70.82 53.19 19.90
C LYS M 133 -71.40 51.82 20.18
N SER M 134 -72.07 51.26 19.17
CA SER M 134 -72.58 49.89 19.20
C SER M 134 -71.83 49.08 18.16
N VAL M 135 -71.39 47.88 18.54
CA VAL M 135 -70.48 47.08 17.72
C VAL M 135 -71.20 45.80 17.28
N CYS M 136 -71.15 45.51 16.00
CA CYS M 136 -71.60 44.25 15.43
C CYS M 136 -70.40 43.46 14.94
N LEU M 137 -70.49 42.13 15.02
CA LEU M 137 -69.39 41.24 14.66
C LEU M 137 -69.89 40.22 13.64
N PHE M 138 -69.36 40.30 12.42
CA PHE M 138 -69.63 39.32 11.36
C PHE M 138 -68.48 38.32 11.37
N THR M 139 -68.76 37.08 11.80
CA THR M 139 -67.70 36.12 12.07
C THR M 139 -68.12 34.73 11.59
N ASP M 140 -67.12 33.84 11.55
CA ASP M 140 -67.27 32.41 11.27
C ASP M 140 -67.79 32.14 9.86
N PHE M 141 -67.68 33.12 8.96
CA PHE M 141 -67.95 32.84 7.55
C PHE M 141 -66.71 32.26 6.88
N ASP M 142 -66.94 31.62 5.73
CA ASP M 142 -65.83 31.01 5.01
C ASP M 142 -65.11 32.05 4.15
N SER M 143 -63.96 31.65 3.62
CA SER M 143 -63.12 32.57 2.85
C SER M 143 -63.74 32.98 1.53
N GLN M 144 -64.83 32.36 1.11
CA GLN M 144 -65.50 32.74 -0.13
C GLN M 144 -66.17 34.11 -0.03
N THR M 145 -66.45 34.57 1.18
CA THR M 145 -67.16 35.82 1.40
C THR M 145 -66.20 37.00 1.42
N ASN M 146 -66.60 38.09 0.77
CA ASN M 146 -65.83 39.33 0.74
C ASN M 146 -66.60 40.44 1.44
N VAL M 147 -65.96 41.12 2.37
CA VAL M 147 -66.57 42.24 3.07
C VAL M 147 -66.38 43.50 2.24
N SER M 148 -67.46 44.25 2.05
CA SER M 148 -67.42 45.48 1.27
C SER M 148 -67.38 46.69 2.19
N GLN M 149 -66.69 47.73 1.75
CA GLN M 149 -66.57 48.96 2.52
C GLN M 149 -67.94 49.62 2.68
N SER M 150 -68.16 50.21 3.85
CA SER M 150 -69.43 50.88 4.11
C SER M 150 -69.60 52.09 3.20
N LYS M 151 -70.82 52.30 2.72
CA LYS M 151 -71.15 53.43 1.86
C LYS M 151 -71.88 54.53 2.63
N ASP M 152 -71.97 54.42 3.94
CA ASP M 152 -72.64 55.41 4.78
C ASP M 152 -71.63 55.98 5.76
N SER M 153 -71.52 57.31 5.78
CA SER M 153 -70.71 57.96 6.79
C SER M 153 -71.30 57.70 8.18
N ASP M 154 -70.45 57.85 9.19
CA ASP M 154 -70.75 57.54 10.60
C ASP M 154 -70.96 56.04 10.82
N VAL M 155 -70.74 55.22 9.81
CA VAL M 155 -70.79 53.76 9.93
C VAL M 155 -69.47 53.23 9.38
N TYR M 156 -68.64 52.67 10.26
CA TYR M 156 -67.30 52.26 9.91
C TYR M 156 -67.20 50.73 9.89
N ILE M 157 -66.65 50.19 8.80
CA ILE M 157 -66.55 48.75 8.59
C ILE M 157 -65.10 48.40 8.26
N THR M 158 -64.53 47.45 8.99
CA THR M 158 -63.18 46.97 8.75
C THR M 158 -63.24 45.72 7.88
N ASP M 159 -62.15 45.50 7.14
CA ASP M 159 -62.06 44.33 6.29
C ASP M 159 -61.87 43.07 7.13
N LYS M 160 -62.08 41.92 6.50
CA LYS M 160 -61.97 40.66 7.22
C LYS M 160 -60.53 40.39 7.63
N CYS M 161 -60.36 39.87 8.86
CA CYS M 161 -59.06 39.45 9.35
C CYS M 161 -59.21 38.04 9.93
N VAL M 162 -58.09 37.33 9.99
CA VAL M 162 -58.07 35.93 10.39
C VAL M 162 -57.39 35.80 11.74
N LEU M 163 -58.08 35.17 12.69
CA LEU M 163 -57.51 34.84 13.98
C LEU M 163 -57.30 33.33 14.08
N ASP M 164 -56.28 32.94 14.85
CA ASP M 164 -55.87 31.55 14.97
C ASP M 164 -55.87 31.16 16.45
N MET M 165 -56.82 30.32 16.84
CA MET M 165 -56.85 29.77 18.19
C MET M 165 -56.02 28.49 18.16
N ARG M 166 -54.70 28.66 18.35
CA ARG M 166 -53.76 27.57 18.16
C ARG M 166 -54.01 26.42 19.13
N SER M 167 -54.53 26.71 20.32
CA SER M 167 -54.76 25.66 21.31
C SER M 167 -55.79 24.64 20.82
N MET M 168 -56.81 25.11 20.11
CA MET M 168 -57.90 24.26 19.65
C MET M 168 -57.83 23.97 18.16
N ASP M 169 -56.75 24.38 17.49
CA ASP M 169 -56.56 24.15 16.05
C ASP M 169 -57.73 24.70 15.25
N PHE M 170 -58.11 25.94 15.55
CA PHE M 170 -59.29 26.56 14.98
C PHE M 170 -58.92 27.90 14.38
N LYS M 171 -59.44 28.16 13.18
CA LYS M 171 -59.26 29.45 12.50
C LYS M 171 -60.63 29.98 12.10
N SER M 172 -60.77 31.30 12.13
CA SER M 172 -62.03 31.92 11.79
C SER M 172 -61.78 33.32 11.26
N ASN M 173 -62.60 33.72 10.30
CA ASN M 173 -62.62 35.09 9.82
C ASN M 173 -63.56 35.94 10.68
N SER M 174 -63.39 37.25 10.59
CA SER M 174 -64.24 38.17 11.32
C SER M 174 -64.13 39.55 10.71
N ALA M 175 -65.21 40.31 10.80
CA ALA M 175 -65.26 41.69 10.38
C ALA M 175 -66.11 42.47 11.36
N VAL M 176 -65.64 43.67 11.73
CA VAL M 176 -66.27 44.48 12.75
C VAL M 176 -66.91 45.70 12.09
N ALA M 177 -68.10 46.06 12.58
CA ALA M 177 -68.79 47.26 12.13
C ALA M 177 -69.40 47.95 13.33
N TRP M 178 -69.22 49.27 13.42
CA TRP M 178 -69.74 50.04 14.53
C TRP M 178 -70.24 51.38 14.02
N SER M 179 -71.05 52.05 14.84
CA SER M 179 -71.62 53.33 14.48
C SER M 179 -72.23 53.98 15.71
N ASN M 180 -72.13 55.31 15.79
CA ASN M 180 -72.83 56.08 16.81
C ASN M 180 -74.14 56.57 16.19
N LYS M 181 -75.13 55.68 16.19
CA LYS M 181 -76.37 55.90 15.47
C LYS M 181 -77.45 55.01 16.08
N SER M 182 -78.57 55.62 16.50
CA SER M 182 -79.62 54.84 17.13
C SER M 182 -80.38 53.98 16.12
N ASP M 183 -80.50 54.44 14.88
CA ASP M 183 -81.14 53.65 13.84
C ASP M 183 -80.24 52.54 13.31
N PHE M 184 -78.95 52.57 13.64
CA PHE M 184 -78.02 51.55 13.18
C PHE M 184 -78.28 50.23 13.91
N ALA M 185 -78.42 49.15 13.14
CA ALA M 185 -78.68 47.83 13.69
C ALA M 185 -77.89 46.80 12.90
N CYS M 186 -77.55 45.69 13.56
CA CYS M 186 -76.73 44.67 12.92
C CYS M 186 -77.42 44.00 11.74
N ALA M 187 -78.75 44.10 11.65
CA ALA M 187 -79.45 43.50 10.51
C ALA M 187 -79.13 44.23 9.21
N ASN M 188 -78.85 45.53 9.27
CA ASN M 188 -78.51 46.32 8.10
C ASN M 188 -77.07 46.81 8.11
N ALA M 189 -76.28 46.40 9.10
CA ALA M 189 -74.89 46.85 9.18
C ALA M 189 -74.09 46.42 7.96
N PHE M 190 -74.08 45.12 7.66
CA PHE M 190 -73.31 44.58 6.56
C PHE M 190 -74.11 44.49 5.26
N ASN M 191 -75.14 45.32 5.11
CA ASN M 191 -75.71 45.55 3.80
C ASN M 191 -74.65 46.21 2.90
N ASN M 192 -74.94 46.25 1.60
CA ASN M 192 -74.00 46.64 0.56
C ASN M 192 -72.84 45.64 0.46
N SER M 193 -72.94 44.50 1.14
CA SER M 193 -71.95 43.42 1.08
C SER M 193 -72.67 42.11 0.83
N ILE M 194 -72.10 41.28 -0.04
CA ILE M 194 -72.71 39.99 -0.37
C ILE M 194 -72.35 39.01 0.74
N ILE M 195 -73.35 38.65 1.54
CA ILE M 195 -73.17 37.70 2.65
C ILE M 195 -74.12 36.53 2.39
N PRO M 196 -73.80 35.35 2.91
CA PRO M 196 -74.63 34.18 2.64
C PRO M 196 -76.04 34.34 3.19
N GLU M 197 -77.01 33.74 2.48
CA GLU M 197 -78.36 33.64 3.02
C GLU M 197 -78.41 32.76 4.26
N ASP M 198 -77.44 31.87 4.43
CA ASP M 198 -77.33 31.00 5.60
C ASP M 198 -77.02 31.78 6.87
N THR M 199 -76.75 33.08 6.77
CA THR M 199 -76.19 33.83 7.89
C THR M 199 -77.15 33.86 9.09
N PHE M 200 -76.58 33.64 10.26
CA PHE M 200 -77.32 33.56 11.51
C PHE M 200 -77.40 34.95 12.14
N PHE M 201 -78.61 35.45 12.34
CA PHE M 201 -78.86 36.79 12.89
C PHE M 201 -79.61 36.68 14.21
N PRO M 202 -78.93 36.29 15.28
CA PRO M 202 -79.61 36.16 16.57
C PRO M 202 -79.97 37.53 17.14
N SER M 203 -81.03 37.56 17.94
CA SER M 203 -81.37 38.79 18.63
C SER M 203 -80.54 38.92 19.91
N PRO M 204 -80.23 40.15 20.33
CA PRO M 204 -79.49 40.36 21.58
C PRO M 204 -80.36 40.18 22.82
N GLY N 3 -30.14 42.70 13.05
CA GLY N 3 -29.39 43.50 13.99
C GLY N 3 -29.41 44.98 13.67
N VAL N 4 -30.36 45.39 12.84
CA VAL N 4 -30.51 46.78 12.42
C VAL N 4 -31.53 47.45 13.32
N THR N 5 -31.17 48.61 13.88
CA THR N 5 -32.01 49.34 14.80
C THR N 5 -32.25 50.75 14.26
N GLN N 6 -33.49 51.23 14.40
CA GLN N 6 -33.85 52.58 14.00
C GLN N 6 -34.36 53.35 15.21
N THR N 7 -33.87 54.57 15.39
CA THR N 7 -34.33 55.47 16.44
C THR N 7 -34.48 56.87 15.85
N PRO N 8 -35.67 57.47 15.89
CA PRO N 8 -36.89 57.00 16.55
C PRO N 8 -37.67 55.96 15.76
N LYS N 9 -38.73 55.44 16.36
CA LYS N 9 -39.67 54.55 15.69
C LYS N 9 -40.89 55.29 15.16
N PHE N 10 -41.36 56.30 15.89
CA PHE N 10 -42.48 57.13 15.48
C PHE N 10 -42.14 58.57 15.77
N ARG N 11 -42.70 59.48 14.95
CA ARG N 11 -42.44 60.90 15.14
C ARG N 11 -43.53 61.69 14.43
N VAL N 12 -43.94 62.79 15.05
CA VAL N 12 -44.84 63.77 14.45
C VAL N 12 -44.17 65.13 14.51
N LEU N 13 -44.19 65.86 13.40
CA LEU N 13 -43.47 67.11 13.27
C LEU N 13 -44.39 68.19 12.68
N LYS N 14 -44.06 69.44 12.98
CA LYS N 14 -44.70 70.57 12.35
C LYS N 14 -43.94 70.96 11.09
N THR N 15 -44.68 71.44 10.09
CA THR N 15 -44.08 71.88 8.84
C THR N 15 -42.98 72.90 9.10
N GLY N 16 -41.78 72.62 8.59
CA GLY N 16 -40.63 73.48 8.79
C GLY N 16 -39.70 73.04 9.90
N GLN N 17 -40.08 72.03 10.69
CA GLN N 17 -39.24 71.55 11.77
C GLN N 17 -38.18 70.59 11.25
N SER N 18 -37.21 70.28 12.10
CA SER N 18 -36.07 69.45 11.73
C SER N 18 -35.98 68.25 12.67
N MET N 19 -35.35 67.18 12.17
CA MET N 19 -35.12 65.99 12.97
C MET N 19 -34.06 65.13 12.28
N THR N 20 -33.66 64.07 12.95
CA THR N 20 -32.61 63.18 12.47
C THR N 20 -32.99 61.75 12.80
N LEU N 21 -33.09 60.90 11.78
CA LEU N 21 -33.30 59.47 11.97
C LEU N 21 -31.96 58.79 12.14
N LEU N 22 -31.84 57.96 13.17
CA LEU N 22 -30.62 57.26 13.48
C LEU N 22 -30.79 55.78 13.17
N CYS N 23 -29.86 55.23 12.40
CA CYS N 23 -29.82 53.80 12.12
C CYS N 23 -28.54 53.22 12.71
N ALA N 24 -28.65 52.04 13.30
CA ALA N 24 -27.52 51.39 13.96
C ALA N 24 -27.53 49.91 13.65
N GLN N 25 -26.34 49.34 13.48
CA GLN N 25 -26.17 47.92 13.26
C GLN N 25 -24.91 47.44 13.96
N ASP N 26 -25.00 46.28 14.60
CA ASP N 26 -23.88 45.70 15.34
C ASP N 26 -23.25 44.53 14.59
N MET N 27 -23.45 44.44 13.28
CA MET N 27 -22.98 43.32 12.48
C MET N 27 -21.76 43.66 11.64
N ASN N 28 -21.12 44.82 11.90
CA ASN N 28 -19.90 45.23 11.20
C ASN N 28 -20.10 45.29 9.68
N HIS N 29 -21.34 45.51 9.24
CA HIS N 29 -21.60 45.62 7.82
C HIS N 29 -21.02 46.90 7.26
N GLU N 30 -20.49 46.81 6.04
CA GLU N 30 -19.81 47.95 5.43
C GLU N 30 -20.77 48.90 4.71
N TYR N 31 -21.90 48.40 4.23
CA TYR N 31 -22.83 49.19 3.42
C TYR N 31 -24.13 49.41 4.20
N MET N 32 -24.70 50.60 4.07
CA MET N 32 -25.95 50.95 4.73
C MET N 32 -26.78 51.84 3.80
N TYR N 33 -28.10 51.76 3.97
CA TYR N 33 -29.03 52.39 3.04
C TYR N 33 -30.16 53.06 3.84
N TRP N 34 -30.81 54.02 3.20
CA TRP N 34 -31.99 54.68 3.74
C TRP N 34 -33.06 54.73 2.66
N TYR N 35 -34.16 54.02 2.86
CA TYR N 35 -35.29 54.02 1.95
C TYR N 35 -36.47 54.78 2.56
N ARG N 36 -37.43 55.11 1.71
CA ARG N 36 -38.74 55.59 2.13
C ARG N 36 -39.79 54.81 1.35
N GLN N 37 -40.86 54.42 2.04
CA GLN N 37 -41.91 53.61 1.43
C GLN N 37 -43.24 54.34 1.57
N ASP N 38 -43.81 54.71 0.44
CA ASP N 38 -45.17 55.21 0.30
C ASP N 38 -46.02 54.17 -0.42
N PRO N 39 -47.33 54.14 -0.17
CA PRO N 39 -48.13 53.02 -0.70
C PRO N 39 -48.11 52.90 -2.22
N GLY N 40 -48.09 54.02 -2.94
CA GLY N 40 -48.22 53.95 -4.39
C GLY N 40 -46.95 53.58 -5.12
N MET N 41 -45.78 53.97 -4.61
CA MET N 41 -44.53 53.87 -5.35
C MET N 41 -43.63 52.74 -4.88
N GLY N 42 -43.93 52.09 -3.76
CA GLY N 42 -43.07 51.04 -3.27
C GLY N 42 -41.87 51.59 -2.51
N LEU N 43 -40.83 50.77 -2.42
CA LEU N 43 -39.62 51.11 -1.69
C LEU N 43 -38.66 51.85 -2.62
N ARG N 44 -38.23 53.05 -2.20
CA ARG N 44 -37.36 53.88 -3.01
C ARG N 44 -36.17 54.34 -2.18
N LEU N 45 -34.99 54.31 -2.80
CA LEU N 45 -33.76 54.64 -2.11
C LEU N 45 -33.54 56.15 -2.06
N ILE N 46 -33.10 56.63 -0.90
CA ILE N 46 -32.82 58.05 -0.71
C ILE N 46 -31.31 58.28 -0.87
N HIS N 47 -30.54 57.72 0.05
CA HIS N 47 -29.08 57.74 -0.02
C HIS N 47 -28.53 56.42 0.49
N TYR N 48 -27.27 56.16 0.15
CA TYR N 48 -26.57 54.98 0.64
C TYR N 48 -25.11 55.33 0.89
N SER N 49 -24.40 54.41 1.55
CA SER N 49 -23.02 54.65 1.95
C SER N 49 -22.26 53.33 1.93
N VAL N 50 -21.07 53.34 1.32
CA VAL N 50 -20.25 52.13 1.25
C VAL N 50 -19.10 52.17 2.25
N GLY N 51 -19.10 53.14 3.16
CA GLY N 51 -18.05 53.21 4.16
C GLY N 51 -18.09 54.53 4.89
N GLU N 52 -17.24 54.63 5.91
CA GLU N 52 -17.11 55.88 6.66
C GLU N 52 -16.67 57.01 5.74
N GLY N 53 -17.33 58.16 5.89
CA GLY N 53 -16.93 59.36 5.19
C GLY N 53 -17.46 59.53 3.79
N THR N 54 -18.19 58.53 3.26
CA THR N 54 -18.69 58.60 1.90
C THR N 54 -20.17 58.26 1.87
N THR N 55 -20.94 59.04 1.13
CA THR N 55 -22.35 58.77 0.85
C THR N 55 -22.59 59.01 -0.63
N ALA N 56 -23.73 58.53 -1.12
CA ALA N 56 -24.09 58.70 -2.52
C ALA N 56 -25.60 58.77 -2.66
N LYS N 57 -26.05 59.49 -3.68
CA LYS N 57 -27.48 59.71 -3.89
C LYS N 57 -28.15 58.45 -4.43
N GLY N 58 -29.46 58.45 -4.34
CA GLY N 58 -30.28 57.31 -4.77
C GLY N 58 -31.35 57.76 -5.74
N GLU N 59 -32.55 57.17 -5.59
CA GLU N 59 -33.67 57.47 -6.48
C GLU N 59 -34.33 58.80 -6.13
N VAL N 60 -34.64 59.01 -4.87
CA VAL N 60 -35.34 60.22 -4.41
C VAL N 60 -34.47 60.93 -3.38
N PRO N 61 -33.45 61.67 -3.80
CA PRO N 61 -32.50 62.24 -2.84
C PRO N 61 -32.87 63.63 -2.35
N ASP N 62 -33.60 64.40 -3.16
CA ASP N 62 -33.82 65.82 -2.86
C ASP N 62 -34.65 65.98 -1.59
N GLY N 63 -34.13 66.77 -0.65
CA GLY N 63 -34.79 67.04 0.61
C GLY N 63 -34.17 66.35 1.80
N TYR N 64 -33.24 65.42 1.59
CA TYR N 64 -32.65 64.64 2.67
C TYR N 64 -31.14 64.78 2.67
N ASN N 65 -30.56 64.79 3.87
CA ASN N 65 -29.12 64.76 4.06
C ASN N 65 -28.75 63.48 4.80
N VAL N 66 -27.49 63.04 4.61
CA VAL N 66 -27.01 61.82 5.24
C VAL N 66 -25.59 62.04 5.77
N SER N 67 -25.24 61.23 6.77
CA SER N 67 -23.94 61.30 7.42
C SER N 67 -23.52 59.90 7.85
N ARG N 68 -22.24 59.58 7.62
CA ARG N 68 -21.66 58.30 8.02
C ARG N 68 -20.32 58.59 8.71
N LEU N 69 -20.40 59.17 9.90
CA LEU N 69 -19.20 59.44 10.68
C LEU N 69 -18.68 58.21 11.41
N LYS N 70 -19.52 57.19 11.58
CA LYS N 70 -19.13 55.95 12.23
C LYS N 70 -19.62 54.77 11.39
N LYS N 71 -18.88 53.66 11.48
CA LYS N 71 -19.24 52.46 10.71
C LYS N 71 -20.58 51.89 11.13
N GLN N 72 -20.95 52.05 12.41
CA GLN N 72 -22.16 51.44 12.93
C GLN N 72 -23.41 52.28 12.67
N ASN N 73 -23.27 53.59 12.48
CA ASN N 73 -24.41 54.49 12.41
C ASN N 73 -24.53 55.13 11.04
N PHE N 74 -25.77 55.20 10.54
CA PHE N 74 -26.09 55.90 9.30
C PHE N 74 -27.24 56.86 9.62
N LEU N 75 -26.96 58.16 9.58
CA LEU N 75 -27.90 59.19 10.01
C LEU N 75 -28.58 59.82 8.81
N LEU N 76 -29.91 59.94 8.87
CA LEU N 76 -30.71 60.60 7.85
C LEU N 76 -31.34 61.85 8.46
N GLY N 77 -31.15 62.98 7.81
CA GLY N 77 -31.57 64.27 8.35
C GLY N 77 -32.58 64.98 7.46
N LEU N 78 -33.52 65.66 8.10
CA LEU N 78 -34.49 66.51 7.42
C LEU N 78 -34.34 67.92 7.99
N GLU N 79 -33.98 68.88 7.14
CA GLU N 79 -33.74 70.24 7.61
C GLU N 79 -35.05 71.01 7.80
N SER N 80 -35.91 71.01 6.78
CA SER N 80 -37.21 71.67 6.83
C SER N 80 -38.26 70.67 6.39
N ALA N 81 -38.96 70.09 7.35
CA ALA N 81 -39.94 69.05 7.05
C ALA N 81 -41.09 69.60 6.22
N ALA N 82 -41.56 68.80 5.27
CA ALA N 82 -42.64 69.13 4.37
C ALA N 82 -43.67 68.02 4.40
N PRO N 83 -44.93 68.32 4.06
CA PRO N 83 -45.95 67.26 4.04
C PRO N 83 -45.64 66.13 3.08
N SER N 84 -44.90 66.40 2.00
CA SER N 84 -44.51 65.36 1.06
C SER N 84 -43.56 64.34 1.67
N GLN N 85 -42.96 64.65 2.82
CA GLN N 85 -42.03 63.74 3.48
C GLN N 85 -42.71 62.83 4.49
N THR N 86 -44.03 62.90 4.62
CA THR N 86 -44.78 61.95 5.43
C THR N 86 -44.72 60.58 4.76
N SER N 87 -44.07 59.63 5.42
CA SER N 87 -43.88 58.29 4.87
C SER N 87 -43.35 57.39 5.98
N VAL N 88 -42.98 56.16 5.60
CA VAL N 88 -42.29 55.24 6.49
C VAL N 88 -40.88 55.05 5.94
N TYR N 89 -39.88 55.26 6.79
CA TYR N 89 -38.48 55.25 6.38
C TYR N 89 -37.81 53.99 6.90
N PHE N 90 -37.28 53.19 5.98
CA PHE N 90 -36.62 51.93 6.31
C PHE N 90 -35.12 52.07 6.14
N CYS N 91 -34.37 51.56 7.10
CA CYS N 91 -32.92 51.46 7.01
C CYS N 91 -32.52 50.02 6.75
N ALA N 92 -31.42 49.85 6.01
CA ALA N 92 -30.91 48.53 5.69
C ALA N 92 -29.38 48.57 5.68
N SER N 93 -28.79 47.39 5.89
CA SER N 93 -27.35 47.21 5.84
C SER N 93 -27.04 45.93 5.09
N SER N 94 -25.85 45.89 4.50
CA SER N 94 -25.45 44.74 3.69
C SER N 94 -23.93 44.70 3.59
N GLN N 95 -23.43 43.57 3.09
CA GLN N 95 -22.02 43.39 2.78
C GLN N 95 -21.78 43.33 1.27
N GLY N 96 -22.78 43.63 0.45
CA GLY N 96 -22.62 43.56 -0.99
C GLY N 96 -23.95 43.64 -1.71
N GLY N 97 -23.97 43.01 -2.88
CA GLY N 97 -25.17 43.00 -3.71
C GLY N 97 -26.08 41.84 -3.42
N GLY N 98 -25.89 41.20 -2.27
CA GLY N 98 -26.73 40.09 -1.86
C GLY N 98 -27.87 40.52 -0.96
N GLU N 99 -28.00 39.87 0.18
CA GLU N 99 -29.10 40.15 1.08
C GLU N 99 -28.92 41.50 1.76
N GLN N 100 -30.00 42.29 1.81
CA GLN N 100 -30.04 43.51 2.59
C GLN N 100 -30.88 43.26 3.84
N TYR N 101 -30.31 43.58 5.00
CA TYR N 101 -30.95 43.37 6.29
C TYR N 101 -31.62 44.66 6.70
N PHE N 102 -32.95 44.67 6.74
CA PHE N 102 -33.71 45.88 7.00
C PHE N 102 -34.00 46.05 8.48
N GLY N 103 -34.21 47.31 8.87
CA GLY N 103 -34.63 47.64 10.22
C GLY N 103 -36.13 47.59 10.37
N PRO N 104 -36.62 47.90 11.56
CA PRO N 104 -38.07 47.78 11.81
C PRO N 104 -38.91 48.81 11.10
N GLY N 105 -38.34 49.95 10.73
CA GLY N 105 -39.08 51.01 10.09
C GLY N 105 -39.34 52.18 11.03
N THR N 106 -39.62 53.33 10.42
CA THR N 106 -39.90 54.55 11.17
C THR N 106 -40.90 55.36 10.36
N ARG N 107 -42.13 55.49 10.87
CA ARG N 107 -43.15 56.28 10.20
C ARG N 107 -43.17 57.68 10.77
N LEU N 108 -43.14 58.67 9.88
CA LEU N 108 -43.05 60.07 10.23
C LEU N 108 -44.22 60.80 9.61
N THR N 109 -44.94 61.59 10.41
CA THR N 109 -46.08 62.36 9.94
C THR N 109 -45.78 63.84 10.12
N VAL N 110 -45.90 64.59 9.02
CA VAL N 110 -45.69 66.03 9.02
C VAL N 110 -47.05 66.71 8.89
N THR N 111 -47.42 67.47 9.91
CA THR N 111 -48.70 68.17 9.92
C THR N 111 -48.47 69.66 10.09
N GLU N 112 -49.37 70.46 9.52
CA GLU N 112 -49.21 71.91 9.57
C GLU N 112 -49.38 72.45 10.99
N ASP N 113 -50.31 71.88 11.75
CA ASP N 113 -50.59 72.33 13.10
C ASP N 113 -50.40 71.16 14.06
N LEU N 114 -49.55 71.36 15.07
CA LEU N 114 -49.28 70.31 16.04
C LEU N 114 -50.45 70.08 16.99
N ASN N 115 -51.47 70.93 16.96
CA ASN N 115 -52.64 70.78 17.81
C ASN N 115 -53.59 69.70 17.34
N LYS N 116 -53.42 69.20 16.11
CA LYS N 116 -54.25 68.11 15.61
C LYS N 116 -53.83 66.75 16.18
N VAL N 117 -52.83 66.71 17.06
CA VAL N 117 -52.36 65.47 17.65
C VAL N 117 -53.28 65.10 18.81
N PHE N 118 -54.02 64.00 18.66
CA PHE N 118 -54.91 63.54 19.69
C PHE N 118 -54.57 62.11 20.11
N PRO N 119 -54.62 61.80 21.41
CA PRO N 119 -54.47 60.42 21.85
C PRO N 119 -55.73 59.63 21.51
N PRO N 120 -55.67 58.31 21.58
CA PRO N 120 -56.85 57.49 21.28
C PRO N 120 -57.73 57.24 22.50
N GLU N 121 -59.00 56.97 22.21
CA GLU N 121 -59.93 56.45 23.20
C GLU N 121 -60.11 54.96 22.94
N VAL N 122 -59.97 54.16 23.98
CA VAL N 122 -59.98 52.70 23.87
C VAL N 122 -61.19 52.17 24.62
N ALA N 123 -62.04 51.43 23.93
CA ALA N 123 -63.22 50.82 24.51
C ALA N 123 -63.24 49.33 24.15
N VAL N 124 -63.47 48.49 25.15
CA VAL N 124 -63.59 47.05 24.97
C VAL N 124 -65.07 46.69 25.01
N PHE N 125 -65.47 45.72 24.20
CA PHE N 125 -66.86 45.30 24.09
C PHE N 125 -66.95 43.81 24.41
N GLU N 126 -67.75 43.47 25.42
CA GLU N 126 -67.82 42.12 25.93
C GLU N 126 -68.51 41.18 24.94
N PRO N 127 -68.21 39.89 25.00
CA PRO N 127 -68.73 38.96 23.99
C PRO N 127 -70.25 38.92 23.95
N SER N 128 -70.79 38.73 22.75
CA SER N 128 -72.23 38.56 22.57
C SER N 128 -72.67 37.25 23.21
N GLU N 129 -73.77 37.31 23.97
CA GLU N 129 -74.29 36.11 24.61
C GLU N 129 -74.75 35.08 23.59
N ALA N 130 -75.20 35.53 22.42
CA ALA N 130 -75.65 34.59 21.39
C ALA N 130 -74.48 33.80 20.82
N GLU N 131 -73.32 34.45 20.66
CA GLU N 131 -72.16 33.75 20.11
C GLU N 131 -71.72 32.61 21.03
N ILE N 132 -71.85 32.80 22.34
CA ILE N 132 -71.42 31.78 23.28
C ILE N 132 -72.33 30.56 23.21
N SER N 133 -73.63 30.77 23.01
CA SER N 133 -74.58 29.67 22.91
C SER N 133 -74.50 28.93 21.58
N HIS N 134 -74.02 29.60 20.53
CA HIS N 134 -74.03 29.02 19.19
C HIS N 134 -72.72 28.32 18.84
N THR N 135 -71.59 28.85 19.31
CA THR N 135 -70.28 28.35 18.92
C THR N 135 -69.42 27.90 20.09
N GLN N 136 -69.90 28.05 21.33
CA GLN N 136 -69.10 27.75 22.53
C GLN N 136 -67.78 28.50 22.53
N LYS N 137 -67.77 29.69 21.94
CA LYS N 137 -66.61 30.56 21.88
C LYS N 137 -67.06 32.00 22.09
N ALA N 138 -66.15 32.82 22.61
CA ALA N 138 -66.46 34.19 22.97
C ALA N 138 -65.44 35.14 22.36
N THR N 139 -65.91 36.15 21.64
CA THR N 139 -65.05 37.12 20.96
C THR N 139 -65.21 38.48 21.62
N LEU N 140 -64.09 39.06 22.05
CA LEU N 140 -64.03 40.43 22.53
C LEU N 140 -63.51 41.33 21.42
N VAL N 141 -64.12 42.50 21.27
CA VAL N 141 -63.71 43.49 20.27
C VAL N 141 -63.17 44.72 21.01
N CYS N 142 -62.10 45.29 20.48
CA CYS N 142 -61.49 46.49 21.02
C CYS N 142 -61.48 47.58 19.97
N LEU N 143 -61.88 48.79 20.37
CA LEU N 143 -62.03 49.92 19.45
C LEU N 143 -61.18 51.08 19.95
N ALA N 144 -60.07 51.34 19.26
CA ALA N 144 -59.31 52.57 19.45
C ALA N 144 -59.81 53.61 18.45
N THR N 145 -60.18 54.78 18.95
CA THR N 145 -60.89 55.76 18.14
C THR N 145 -60.34 57.16 18.38
N GLY N 146 -60.44 57.98 17.34
CA GLY N 146 -60.13 59.40 17.42
C GLY N 146 -58.71 59.77 17.78
N PHE N 147 -57.73 59.19 17.09
CA PHE N 147 -56.33 59.50 17.34
C PHE N 147 -55.67 60.00 16.06
N PHE N 148 -54.64 60.84 16.24
CA PHE N 148 -53.82 61.37 15.16
C PHE N 148 -52.46 61.65 15.78
N PRO N 149 -51.36 61.22 15.15
CA PRO N 149 -51.33 60.47 13.89
C PRO N 149 -51.70 59.00 14.04
N ASP N 150 -51.57 58.24 12.96
CA ASP N 150 -51.89 56.81 12.98
C ASP N 150 -50.71 56.00 13.52
N HIS N 151 -50.19 56.38 14.68
CA HIS N 151 -49.02 55.75 15.28
C HIS N 151 -49.45 55.01 16.54
N VAL N 152 -49.95 53.78 16.36
CA VAL N 152 -50.48 53.00 17.47
C VAL N 152 -49.93 51.58 17.41
N GLU N 153 -49.89 50.93 18.56
CA GLU N 153 -49.49 49.53 18.68
C GLU N 153 -50.45 48.86 19.67
N LEU N 154 -51.38 48.07 19.13
CA LEU N 154 -52.42 47.46 19.95
C LEU N 154 -52.01 46.05 20.36
N SER N 155 -52.31 45.70 21.61
CA SER N 155 -52.02 44.38 22.14
C SER N 155 -53.10 43.98 23.14
N TRP N 156 -53.23 42.68 23.36
CA TRP N 156 -54.19 42.12 24.31
C TRP N 156 -53.44 41.51 25.49
N TRP N 157 -53.98 41.73 26.69
CA TRP N 157 -53.38 41.24 27.93
C TRP N 157 -54.44 40.48 28.72
N VAL N 158 -54.19 39.19 28.96
CA VAL N 158 -55.06 38.35 29.77
C VAL N 158 -54.36 38.08 31.09
N ASN N 159 -54.97 38.52 32.19
CA ASN N 159 -54.42 38.35 33.53
C ASN N 159 -53.03 38.99 33.66
N GLY N 160 -52.83 40.12 32.99
CA GLY N 160 -51.61 40.86 33.08
C GLY N 160 -50.47 40.38 32.20
N LYS N 161 -50.71 39.37 31.36
CA LYS N 161 -49.71 38.86 30.44
C LYS N 161 -50.21 39.01 29.01
N GLU N 162 -49.31 39.41 28.11
CA GLU N 162 -49.70 39.62 26.71
C GLU N 162 -49.99 38.28 26.04
N VAL N 163 -50.99 38.29 25.17
CA VAL N 163 -51.46 37.10 24.48
C VAL N 163 -51.43 37.36 22.98
N HIS N 164 -51.12 36.32 22.21
CA HIS N 164 -51.15 36.39 20.76
C HIS N 164 -52.08 35.38 20.11
N SER N 165 -52.31 34.24 20.75
CA SER N 165 -53.25 33.25 20.21
C SER N 165 -54.67 33.81 20.26
N GLY N 166 -55.40 33.63 19.16
CA GLY N 166 -56.76 34.11 19.07
C GLY N 166 -56.92 35.59 18.86
N VAL N 167 -55.85 36.31 18.56
CA VAL N 167 -55.87 37.75 18.34
C VAL N 167 -55.84 38.03 16.84
N CYS N 168 -56.54 39.09 16.43
CA CYS N 168 -56.46 39.54 15.04
C CYS N 168 -56.71 41.04 15.04
N THR N 169 -55.67 41.82 14.74
CA THR N 169 -55.73 43.26 14.66
C THR N 169 -55.73 43.69 13.19
N ASP N 170 -56.48 44.75 12.88
CA ASP N 170 -56.50 45.32 11.54
C ASP N 170 -55.08 45.64 11.11
N PRO N 171 -54.76 45.49 9.82
CA PRO N 171 -53.38 45.76 9.38
C PRO N 171 -52.93 47.19 9.62
N GLN N 172 -53.79 48.17 9.36
CA GLN N 172 -53.42 49.57 9.51
C GLN N 172 -54.67 50.37 9.86
N PRO N 173 -54.52 51.47 10.60
CA PRO N 173 -55.69 52.26 10.99
C PRO N 173 -56.38 52.88 9.79
N LEU N 174 -57.70 53.03 9.90
CA LEU N 174 -58.52 53.65 8.87
C LEU N 174 -58.90 55.06 9.28
N LYS N 175 -59.23 55.88 8.28
CA LYS N 175 -59.61 57.26 8.53
C LYS N 175 -61.07 57.35 8.95
N GLU N 176 -61.33 58.10 10.02
CA GLU N 176 -62.71 58.35 10.42
C GLU N 176 -63.44 59.18 9.39
N GLN N 177 -62.74 60.10 8.72
CA GLN N 177 -63.32 60.91 7.65
C GLN N 177 -62.34 60.87 6.48
N PRO N 178 -62.59 60.01 5.48
CA PRO N 178 -61.60 59.82 4.41
C PRO N 178 -61.43 61.04 3.51
N ALA N 179 -62.43 61.92 3.43
CA ALA N 179 -62.32 63.08 2.55
C ALA N 179 -61.42 64.15 3.15
N LEU N 180 -61.59 64.45 4.43
CA LEU N 180 -60.83 65.52 5.09
C LEU N 180 -59.41 65.06 5.36
N ASN N 181 -58.44 65.90 5.02
CA ASN N 181 -57.05 65.62 5.36
C ASN N 181 -56.82 65.93 6.84
N ASP N 182 -55.72 65.37 7.37
CA ASP N 182 -55.43 65.41 8.80
C ASP N 182 -56.58 64.84 9.63
N SER N 183 -57.39 63.98 9.03
CA SER N 183 -58.46 63.31 9.74
C SER N 183 -57.89 62.34 10.77
N ARG N 184 -58.68 62.05 11.80
CA ARG N 184 -58.25 61.14 12.84
C ARG N 184 -58.54 59.71 12.43
N TYR N 185 -57.93 58.77 13.13
CA TYR N 185 -57.88 57.37 12.72
C TYR N 185 -58.57 56.48 13.74
N CYS N 186 -58.90 55.27 13.28
CA CYS N 186 -59.53 54.25 14.11
C CYS N 186 -58.91 52.90 13.81
N LEU N 187 -59.01 51.99 14.79
CA LEU N 187 -58.41 50.66 14.68
C LEU N 187 -59.23 49.68 15.50
N SER N 188 -59.33 48.45 15.01
CA SER N 188 -60.08 47.39 15.68
C SER N 188 -59.22 46.15 15.83
N SER N 189 -59.48 45.41 16.91
CA SER N 189 -58.81 44.15 17.16
C SER N 189 -59.79 43.22 17.85
N ARG N 190 -59.61 41.92 17.66
CA ARG N 190 -60.48 40.90 18.23
C ARG N 190 -59.66 39.88 19.02
N LEU N 191 -60.22 39.46 20.15
CA LEU N 191 -59.68 38.36 20.94
C LEU N 191 -60.80 37.34 21.16
N ARG N 192 -60.56 36.11 20.72
CA ARG N 192 -61.53 35.03 20.84
C ARG N 192 -61.02 33.99 21.80
N VAL N 193 -61.84 33.68 22.82
CA VAL N 193 -61.50 32.70 23.83
C VAL N 193 -62.61 31.66 23.88
N SER N 194 -62.32 30.55 24.54
CA SER N 194 -63.33 29.52 24.73
C SER N 194 -64.43 30.01 25.66
N ALA N 195 -65.63 29.46 25.49
CA ALA N 195 -66.75 29.85 26.34
C ALA N 195 -66.47 29.55 27.80
N THR N 196 -65.76 28.45 28.07
CA THR N 196 -65.37 28.14 29.44
C THR N 196 -64.47 29.21 30.03
N PHE N 197 -63.54 29.73 29.22
CA PHE N 197 -62.58 30.71 29.73
C PHE N 197 -63.25 32.06 30.00
N TRP N 198 -64.10 32.52 29.08
CA TRP N 198 -64.76 33.81 29.29
C TRP N 198 -65.70 33.78 30.48
N GLN N 199 -66.36 32.64 30.73
CA GLN N 199 -67.31 32.54 31.82
C GLN N 199 -66.64 32.43 33.18
N ASN N 200 -65.31 32.46 33.24
CA ASN N 200 -64.61 32.45 34.52
C ASN N 200 -64.54 33.88 35.06
N PRO N 201 -65.17 34.18 36.19
CA PRO N 201 -65.19 35.58 36.69
C PRO N 201 -63.84 36.10 37.14
N ARG N 202 -62.85 35.24 37.36
CA ARG N 202 -61.54 35.67 37.82
C ARG N 202 -60.54 35.88 36.70
N ASN N 203 -60.97 35.80 35.44
CA ASN N 203 -60.11 36.05 34.30
C ASN N 203 -60.24 37.51 33.87
N HIS N 204 -59.11 38.18 33.71
CA HIS N 204 -59.06 39.60 33.41
C HIS N 204 -58.60 39.81 31.98
N PHE N 205 -59.38 40.57 31.22
CA PHE N 205 -59.06 40.90 29.83
C PHE N 205 -58.82 42.39 29.72
N ARG N 206 -57.74 42.77 29.03
CA ARG N 206 -57.38 44.18 28.90
C ARG N 206 -56.85 44.44 27.50
N CYS N 207 -57.36 45.50 26.86
CA CYS N 207 -56.87 45.94 25.56
C CYS N 207 -55.95 47.14 25.75
N GLN N 208 -54.72 47.01 25.28
CA GLN N 208 -53.68 48.02 25.48
C GLN N 208 -53.32 48.66 24.14
N VAL N 209 -53.35 49.99 24.09
CA VAL N 209 -53.03 50.74 22.88
C VAL N 209 -51.92 51.71 23.22
N GLN N 210 -50.70 51.42 22.76
CA GLN N 210 -49.57 52.32 22.94
C GLN N 210 -49.62 53.39 21.86
N PHE N 211 -49.74 54.65 22.29
CA PHE N 211 -49.82 55.79 21.37
C PHE N 211 -48.48 56.51 21.34
N TYR N 212 -48.18 57.13 20.20
CA TYR N 212 -46.95 57.89 20.01
C TYR N 212 -47.33 59.29 19.54
N GLY N 213 -47.11 60.28 20.40
CA GLY N 213 -47.42 61.66 20.06
C GLY N 213 -46.26 62.60 20.30
N LEU N 214 -46.53 63.70 21.01
CA LEU N 214 -45.50 64.70 21.24
C LEU N 214 -44.50 64.22 22.29
N SER N 215 -43.39 64.93 22.38
CA SER N 215 -42.28 64.55 23.23
C SER N 215 -42.03 65.62 24.30
N GLU N 216 -40.92 65.45 25.02
CA GLU N 216 -40.55 66.39 26.07
C GLU N 216 -40.29 67.78 25.50
N ASN N 217 -39.45 67.85 24.47
CA ASN N 217 -38.98 69.14 23.96
C ASN N 217 -40.07 69.92 23.26
N ASP N 218 -41.11 69.26 22.78
CA ASP N 218 -42.23 69.96 22.16
C ASP N 218 -42.94 70.82 23.19
N GLU N 219 -43.33 72.03 22.79
CA GLU N 219 -44.02 72.96 23.67
C GLU N 219 -45.52 72.88 23.44
N TRP N 220 -46.27 72.86 24.53
CA TRP N 220 -47.73 72.80 24.51
C TRP N 220 -48.27 74.04 25.21
N THR N 221 -49.03 74.86 24.48
CA THR N 221 -49.54 76.12 24.98
C THR N 221 -51.07 76.13 25.04
N GLN N 222 -51.69 74.95 25.16
CA GLN N 222 -53.14 74.84 25.18
C GLN N 222 -53.61 74.21 26.47
N ASP N 223 -54.93 74.35 26.73
CA ASP N 223 -55.47 73.97 28.03
C ASP N 223 -55.62 72.46 28.18
N ARG N 224 -55.94 71.75 27.10
CA ARG N 224 -56.07 70.30 27.21
C ARG N 224 -54.72 69.66 27.51
N ALA N 225 -54.77 68.45 28.05
CA ALA N 225 -53.55 67.75 28.43
C ALA N 225 -52.67 67.51 27.22
N LYS N 226 -51.36 67.45 27.47
CA LYS N 226 -50.41 67.34 26.37
C LYS N 226 -50.49 65.96 25.74
N PRO N 227 -50.67 65.87 24.42
CA PRO N 227 -50.82 64.56 23.76
C PRO N 227 -49.53 63.76 23.70
N VAL N 228 -48.85 63.59 24.83
CA VAL N 228 -47.58 62.89 24.88
C VAL N 228 -47.78 61.42 24.53
N THR N 229 -46.69 60.71 24.24
CA THR N 229 -46.79 59.28 23.97
C THR N 229 -47.20 58.56 25.26
N GLN N 230 -48.23 57.73 25.17
CA GLN N 230 -48.85 57.15 26.34
C GLN N 230 -49.56 55.86 25.94
N ILE N 231 -49.98 55.09 26.94
CA ILE N 231 -50.76 53.89 26.75
C ILE N 231 -52.17 54.15 27.26
N VAL N 232 -53.16 54.01 26.39
CA VAL N 232 -54.56 54.11 26.76
C VAL N 232 -55.14 52.70 26.77
N SER N 233 -55.95 52.39 27.78
CA SER N 233 -56.34 51.02 28.04
C SER N 233 -57.83 50.92 28.32
N ALA N 234 -58.39 49.75 28.00
CA ALA N 234 -59.74 49.36 28.39
C ALA N 234 -59.70 47.92 28.84
N GLU N 235 -60.59 47.56 29.77
CA GLU N 235 -60.55 46.24 30.38
C GLU N 235 -61.96 45.70 30.58
N ALA N 236 -62.03 44.38 30.76
CA ALA N 236 -63.30 43.69 31.00
C ALA N 236 -63.03 42.41 31.75
N TRP N 237 -63.94 42.06 32.66
CA TRP N 237 -63.83 40.86 33.47
C TRP N 237 -64.83 39.81 33.00
N GLY N 238 -64.47 38.55 33.18
CA GLY N 238 -65.37 37.47 32.80
C GLY N 238 -66.61 37.42 33.67
N ARG N 239 -67.67 36.86 33.11
CA ARG N 239 -68.94 36.72 33.81
C ARG N 239 -69.53 35.35 33.50
N ALA N 240 -70.05 34.69 34.53
CA ALA N 240 -70.58 33.33 34.42
C ALA N 240 -72.10 33.32 34.26
N ASP N 241 -72.69 34.39 33.73
CA ASP N 241 -74.14 34.46 33.60
C ASP N 241 -74.63 33.62 32.43
N PRO O 8 34.19 -14.25 0.49
CA PRO O 8 34.21 -13.02 -0.30
C PRO O 8 33.53 -13.17 -1.66
N GLN O 9 33.38 -12.06 -2.38
CA GLN O 9 32.83 -12.05 -3.72
C GLN O 9 33.82 -11.40 -4.67
N ALA O 10 33.61 -11.62 -5.97
CA ALA O 10 34.52 -11.12 -6.98
C ALA O 10 33.74 -10.65 -8.20
N LEU O 11 34.27 -9.62 -8.86
CA LEU O 11 33.66 -9.04 -10.05
C LEU O 11 34.74 -8.36 -10.88
N SER O 12 34.63 -8.51 -12.21
CA SER O 12 35.56 -7.87 -13.13
C SER O 12 34.77 -7.28 -14.29
N ILE O 13 34.99 -6.00 -14.55
CA ILE O 13 34.35 -5.29 -15.65
C ILE O 13 35.42 -4.65 -16.52
N GLN O 14 34.97 -3.96 -17.57
CA GLN O 14 35.85 -3.25 -18.48
C GLN O 14 35.87 -1.76 -18.12
N GLU O 15 37.01 -1.12 -18.39
CA GLU O 15 37.18 0.29 -18.06
C GLU O 15 36.15 1.14 -18.82
N GLY O 16 35.52 2.05 -18.10
CA GLY O 16 34.51 2.92 -18.68
C GLY O 16 33.08 2.45 -18.51
N GLU O 17 32.86 1.27 -17.94
CA GLU O 17 31.53 0.74 -17.73
C GLU O 17 31.10 0.98 -16.27
N ASN O 18 29.93 0.45 -15.93
CA ASN O 18 29.41 0.55 -14.58
C ASN O 18 29.67 -0.75 -13.81
N ALA O 19 29.91 -0.61 -12.51
CA ALA O 19 30.10 -1.72 -11.60
C ALA O 19 29.06 -1.65 -10.50
N THR O 20 28.47 -2.81 -10.17
CA THR O 20 27.46 -2.91 -9.13
C THR O 20 27.89 -3.99 -8.13
N MET O 21 28.00 -3.61 -6.86
CA MET O 21 28.43 -4.51 -5.81
C MET O 21 27.40 -4.52 -4.69
N ASN O 22 27.21 -5.68 -4.08
CA ASN O 22 26.18 -5.86 -3.06
C ASN O 22 26.80 -6.32 -1.75
N CYS O 23 26.08 -6.05 -0.66
CA CYS O 23 26.48 -6.48 0.67
C CYS O 23 25.21 -6.63 1.51
N SER O 24 25.37 -7.27 2.67
CA SER O 24 24.22 -7.52 3.54
C SER O 24 24.66 -7.46 5.00
N TYR O 25 23.76 -6.98 5.85
CA TYR O 25 23.99 -6.90 7.28
C TYR O 25 22.89 -7.66 8.02
N LYS O 26 23.12 -7.91 9.31
CA LYS O 26 22.25 -8.79 10.09
C LYS O 26 21.46 -8.09 11.18
N THR O 27 21.92 -6.94 11.67
CA THR O 27 21.27 -6.25 12.78
C THR O 27 20.50 -5.04 12.29
N SER O 28 19.76 -4.43 13.22
CA SER O 28 19.08 -3.17 12.94
C SER O 28 20.08 -2.03 13.00
N ILE O 29 19.97 -1.10 12.06
CA ILE O 29 20.99 -0.08 11.84
C ILE O 29 20.37 1.31 11.79
N ASN O 30 21.21 2.31 12.06
CA ASN O 30 20.86 3.71 11.88
C ASN O 30 21.46 4.31 10.62
N ASN O 31 22.64 3.84 10.20
CA ASN O 31 23.24 4.26 8.95
C ASN O 31 24.21 3.19 8.47
N LEU O 32 24.45 3.17 7.16
CA LEU O 32 25.35 2.22 6.53
C LEU O 32 26.38 2.98 5.70
N GLN O 33 27.60 2.45 5.67
CA GLN O 33 28.70 3.10 4.98
C GLN O 33 29.43 2.10 4.08
N TRP O 34 29.94 2.60 2.96
CA TRP O 34 30.78 1.83 2.06
C TRP O 34 32.23 2.29 2.19
N TYR O 35 33.15 1.34 2.02
CA TYR O 35 34.58 1.61 2.16
C TYR O 35 35.33 0.99 0.99
N ARG O 36 36.49 1.56 0.70
CA ARG O 36 37.38 1.11 -0.36
C ARG O 36 38.77 0.85 0.20
N GLN O 37 39.37 -0.26 -0.22
CA GLN O 37 40.72 -0.62 0.20
C GLN O 37 41.55 -0.96 -1.04
N ASN O 38 42.50 -0.09 -1.38
CA ASN O 38 43.37 -0.29 -2.53
C ASN O 38 44.70 -0.86 -2.06
N SER O 39 45.15 -1.93 -2.73
CA SER O 39 46.50 -2.47 -2.57
C SER O 39 46.84 -2.78 -1.12
N GLY O 40 45.85 -3.31 -0.39
CA GLY O 40 46.08 -3.70 0.99
C GLY O 40 46.44 -2.56 1.91
N ARG O 41 46.22 -1.31 1.49
CA ARG O 41 46.52 -0.17 2.33
C ARG O 41 45.35 0.13 3.25
N GLY O 42 45.31 1.32 3.83
CA GLY O 42 44.21 1.67 4.70
C GLY O 42 42.90 1.76 3.95
N LEU O 43 41.82 1.53 4.69
CA LEU O 43 40.48 1.68 4.13
C LEU O 43 40.08 3.15 4.14
N VAL O 44 39.29 3.55 3.14
CA VAL O 44 38.87 4.94 2.97
C VAL O 44 37.35 4.98 2.90
N HIS O 45 36.76 5.88 3.68
CA HIS O 45 35.32 6.07 3.64
C HIS O 45 34.89 6.58 2.26
N LEU O 46 33.79 6.03 1.75
CA LEU O 46 33.26 6.41 0.45
C LEU O 46 31.99 7.24 0.55
N ILE O 47 30.96 6.71 1.21
CA ILE O 47 29.66 7.38 1.27
C ILE O 47 28.88 6.78 2.43
N LEU O 48 27.98 7.58 3.00
CA LEU O 48 27.15 7.17 4.12
C LEU O 48 25.69 7.36 3.77
N ILE O 49 24.89 6.32 3.96
CA ILE O 49 23.46 6.38 3.75
C ILE O 49 22.76 6.03 5.05
N ARG O 50 21.60 6.65 5.27
CA ARG O 50 20.87 6.54 6.53
C ARG O 50 19.68 5.60 6.38
N SER O 51 19.18 5.12 7.53
CA SER O 51 18.02 4.24 7.53
C SER O 51 16.80 4.95 6.94
N ASN O 52 16.71 6.26 7.09
CA ASN O 52 15.59 7.02 6.52
C ASN O 52 15.76 7.32 5.04
N GLU O 53 16.92 7.03 4.46
CA GLU O 53 17.19 7.28 3.05
C GLU O 53 17.09 5.98 2.25
N ARG O 54 16.87 6.14 0.95
CA ARG O 54 16.87 5.01 0.02
C ARG O 54 17.84 5.17 -1.14
N GLU O 55 18.16 6.40 -1.53
CA GLU O 55 19.15 6.66 -2.58
C GLU O 55 19.96 7.90 -2.22
N LYS O 56 21.23 7.89 -2.61
CA LYS O 56 22.13 9.02 -2.37
C LYS O 56 23.27 8.94 -3.38
N HIS O 57 23.74 10.10 -3.82
CA HIS O 57 24.79 10.20 -4.83
C HIS O 57 25.97 11.01 -4.30
N SER O 58 27.15 10.73 -4.83
CA SER O 58 28.35 11.48 -4.44
C SER O 58 29.42 11.17 -5.49
N GLY O 59 29.59 12.08 -6.45
CA GLY O 59 30.55 11.85 -7.51
C GLY O 59 30.05 10.76 -8.44
N ARG O 60 30.90 9.76 -8.67
CA ARG O 60 30.54 8.61 -9.49
C ARG O 60 29.80 7.54 -8.71
N LEU O 61 29.41 7.81 -7.48
CA LEU O 61 28.83 6.81 -6.59
C LEU O 61 27.32 7.00 -6.46
N ARG O 62 26.62 5.88 -6.30
CA ARG O 62 25.20 5.88 -5.95
C ARG O 62 24.95 4.67 -5.07
N VAL O 63 24.45 4.91 -3.85
CA VAL O 63 24.21 3.85 -2.89
C VAL O 63 22.71 3.65 -2.73
N THR O 64 22.29 2.38 -2.69
CA THR O 64 20.90 2.00 -2.51
C THR O 64 20.78 1.22 -1.22
N LEU O 65 19.78 1.55 -0.40
CA LEU O 65 19.55 0.88 0.87
C LEU O 65 18.14 0.34 0.92
N ASP O 66 18.00 -0.92 1.31
CA ASP O 66 16.71 -1.58 1.48
C ASP O 66 16.63 -2.09 2.91
N THR O 67 15.79 -1.45 3.72
CA THR O 67 15.72 -1.80 5.14
C THR O 67 15.12 -3.18 5.34
N SER O 68 14.14 -3.56 4.51
CA SER O 68 13.48 -4.85 4.68
C SER O 68 14.43 -6.00 4.36
N LYS O 69 15.09 -5.95 3.19
CA LYS O 69 15.98 -7.02 2.79
C LYS O 69 17.33 -6.97 3.49
N LYS O 70 17.66 -5.85 4.15
CA LYS O 70 18.95 -5.68 4.83
C LYS O 70 20.12 -5.87 3.86
N SER O 71 20.03 -5.19 2.72
CA SER O 71 21.09 -5.24 1.72
C SER O 71 21.30 -3.85 1.15
N SER O 72 22.48 -3.65 0.55
CA SER O 72 22.83 -2.37 -0.04
C SER O 72 23.55 -2.61 -1.37
N SER O 73 23.37 -1.66 -2.29
CA SER O 73 24.00 -1.73 -3.61
C SER O 73 24.79 -0.45 -3.85
N LEU O 74 26.01 -0.60 -4.37
CA LEU O 74 26.87 0.52 -4.72
C LEU O 74 27.11 0.51 -6.22
N LEU O 75 26.83 1.64 -6.86
CA LEU O 75 26.97 1.79 -8.31
C LEU O 75 28.10 2.77 -8.58
N ILE O 76 29.12 2.31 -9.29
CA ILE O 76 30.26 3.14 -9.70
C ILE O 76 30.14 3.37 -11.19
N THR O 77 29.74 4.58 -11.58
CA THR O 77 29.53 4.92 -12.99
C THR O 77 30.83 5.43 -13.60
N ALA O 78 31.10 4.99 -14.83
CA ALA O 78 32.31 5.33 -15.57
C ALA O 78 33.56 4.97 -14.76
N SER O 79 33.73 3.66 -14.58
CA SER O 79 34.80 3.15 -13.75
C SER O 79 36.17 3.48 -14.34
N ARG O 80 37.13 3.73 -13.45
CA ARG O 80 38.50 4.04 -13.80
C ARG O 80 39.42 2.95 -13.27
N ALA O 81 40.72 3.10 -13.54
CA ALA O 81 41.69 2.13 -13.05
C ALA O 81 41.86 2.23 -11.54
N ALA O 82 41.63 3.41 -10.96
CA ALA O 82 41.76 3.58 -9.52
C ALA O 82 40.65 2.91 -8.74
N ASP O 83 39.60 2.43 -9.40
CA ASP O 83 38.50 1.77 -8.72
C ASP O 83 38.77 0.28 -8.46
N THR O 84 39.93 -0.22 -8.86
CA THR O 84 40.32 -1.60 -8.59
C THR O 84 40.70 -1.71 -7.12
N ALA O 85 39.81 -2.27 -6.31
CA ALA O 85 40.01 -2.33 -4.86
C ALA O 85 39.00 -3.29 -4.26
N SER O 86 39.17 -3.57 -2.97
CA SER O 86 38.17 -4.29 -2.20
C SER O 86 37.18 -3.31 -1.60
N TYR O 87 35.92 -3.71 -1.52
CA TYR O 87 34.85 -2.85 -1.04
C TYR O 87 34.12 -3.53 0.10
N PHE O 88 33.97 -2.82 1.22
CA PHE O 88 33.35 -3.36 2.42
C PHE O 88 32.18 -2.48 2.84
N CYS O 89 31.29 -3.07 3.63
CA CYS O 89 30.14 -2.37 4.20
C CYS O 89 30.29 -2.28 5.71
N ALA O 90 29.93 -1.13 6.28
CA ALA O 90 30.02 -0.88 7.71
C ALA O 90 28.66 -0.50 8.24
N THR O 91 28.18 -1.23 9.24
CA THR O 91 26.90 -0.98 9.88
C THR O 91 27.08 -0.93 11.39
N ASP O 92 26.16 -0.23 12.05
CA ASP O 92 26.11 -0.19 13.50
C ASP O 92 25.01 -1.12 13.99
N LYS O 93 24.77 -1.12 15.30
CA LYS O 93 23.72 -1.94 15.89
C LYS O 93 22.88 -1.06 16.81
N LYS O 94 21.59 -0.95 16.50
CA LYS O 94 20.66 -0.26 17.38
C LYS O 94 20.64 -0.96 18.73
N GLY O 95 20.94 -0.22 19.80
CA GLY O 95 21.11 -0.79 21.11
C GLY O 95 22.55 -1.05 21.49
N GLY O 96 23.49 -0.88 20.57
CA GLY O 96 24.89 -0.95 20.86
C GLY O 96 25.56 0.40 20.79
N ALA O 97 26.89 0.39 20.94
CA ALA O 97 27.66 1.62 20.87
C ALA O 97 27.47 2.29 19.50
N THR O 98 27.05 3.55 19.53
CA THR O 98 26.75 4.28 18.30
C THR O 98 27.95 4.42 17.38
N ASN O 99 29.17 4.15 17.87
CA ASN O 99 30.38 4.30 17.10
C ASN O 99 31.03 2.97 16.74
N LYS O 100 30.48 1.84 17.21
CA LYS O 100 31.06 0.53 16.95
C LYS O 100 30.49 -0.01 15.64
N LEU O 101 31.29 -0.01 14.58
CA LEU O 101 30.86 -0.50 13.28
C LEU O 101 31.28 -1.95 13.11
N ILE O 102 30.51 -2.67 12.28
CA ILE O 102 30.76 -4.07 11.98
C ILE O 102 30.98 -4.17 10.48
N PHE O 103 32.20 -4.52 10.09
CA PHE O 103 32.55 -4.62 8.68
C PHE O 103 32.22 -6.01 8.17
N GLY O 104 31.40 -6.07 7.11
CA GLY O 104 31.00 -7.33 6.53
C GLY O 104 32.04 -7.89 5.57
N THR O 105 31.68 -8.99 4.93
CA THR O 105 32.57 -9.63 3.98
C THR O 105 32.65 -8.80 2.70
N GLY O 106 33.88 -8.49 2.28
CA GLY O 106 34.09 -7.60 1.16
C GLY O 106 34.04 -8.29 -0.19
N THR O 107 33.91 -7.48 -1.23
CA THR O 107 33.88 -7.95 -2.61
C THR O 107 35.06 -7.33 -3.35
N LEU O 108 35.82 -8.16 -4.05
CA LEU O 108 37.00 -7.71 -4.78
C LEU O 108 36.60 -7.30 -6.19
N LEU O 109 37.05 -6.12 -6.61
CA LEU O 109 36.73 -5.55 -7.91
C LEU O 109 38.01 -5.36 -8.72
N ALA O 110 37.99 -5.80 -9.97
CA ALA O 110 39.10 -5.62 -10.89
C ALA O 110 38.60 -4.94 -12.16
N VAL O 111 39.14 -3.77 -12.46
CA VAL O 111 38.76 -3.00 -13.64
C VAL O 111 39.75 -3.35 -14.74
N GLN O 112 39.30 -4.16 -15.72
CA GLN O 112 40.14 -4.61 -16.81
C GLN O 112 40.32 -3.50 -17.84
N PRO O 113 41.47 -3.46 -18.51
CA PRO O 113 41.69 -2.43 -19.52
C PRO O 113 41.14 -2.83 -20.88
N ASN O 114 40.89 -1.82 -21.71
CA ASN O 114 40.38 -2.02 -23.06
C ASN O 114 41.58 -2.09 -24.01
N ILE O 115 42.04 -3.31 -24.27
CA ILE O 115 43.17 -3.52 -25.17
C ILE O 115 42.71 -3.16 -26.59
N GLN O 116 43.26 -2.09 -27.15
CA GLN O 116 42.84 -1.64 -28.47
C GLN O 116 43.39 -2.55 -29.57
N ASN O 117 44.69 -2.84 -29.52
CA ASN O 117 45.37 -3.65 -30.54
C ASN O 117 46.00 -4.86 -29.85
N PRO O 118 45.22 -5.92 -29.64
CA PRO O 118 45.79 -7.12 -29.00
C PRO O 118 46.81 -7.80 -29.90
N ASP O 119 47.86 -8.32 -29.26
CA ASP O 119 48.94 -9.02 -29.97
C ASP O 119 49.52 -10.08 -29.05
N PRO O 120 48.74 -11.10 -28.71
CA PRO O 120 49.20 -12.08 -27.72
C PRO O 120 50.46 -12.81 -28.18
N ALA O 121 51.41 -12.93 -27.26
CA ALA O 121 52.68 -13.58 -27.55
C ALA O 121 53.30 -14.06 -26.25
N VAL O 122 54.23 -15.00 -26.38
CA VAL O 122 54.94 -15.58 -25.24
C VAL O 122 56.42 -15.53 -25.56
N TYR O 123 57.12 -14.54 -25.03
CA TYR O 123 58.55 -14.40 -25.26
C TYR O 123 59.34 -15.05 -24.13
N GLN O 124 60.63 -15.25 -24.36
CA GLN O 124 61.56 -15.77 -23.36
C GLN O 124 62.61 -14.71 -23.07
N LEU O 125 62.56 -14.15 -21.87
CA LEU O 125 63.49 -13.09 -21.50
C LEU O 125 64.87 -13.66 -21.21
N ARG O 126 65.87 -12.78 -21.32
CA ARG O 126 67.26 -13.19 -21.14
C ARG O 126 67.49 -13.71 -19.74
N ASP O 127 68.08 -14.90 -19.65
CA ASP O 127 68.41 -15.48 -18.35
C ASP O 127 69.47 -14.63 -17.66
N SER O 128 69.18 -14.21 -16.43
CA SER O 128 70.15 -13.46 -15.66
C SER O 128 71.41 -14.28 -15.44
N LYS O 129 72.55 -13.60 -15.41
CA LYS O 129 73.82 -14.29 -15.24
C LYS O 129 73.97 -14.92 -13.86
N LYS O 133 67.18 -19.79 -13.18
CA LYS O 133 65.86 -19.98 -13.78
C LYS O 133 65.77 -19.12 -15.04
N SER O 134 64.90 -19.54 -15.95
CA SER O 134 64.60 -18.79 -17.16
C SER O 134 63.14 -18.38 -17.16
N VAL O 135 62.86 -17.15 -17.58
CA VAL O 135 61.54 -16.54 -17.42
C VAL O 135 60.86 -16.44 -18.78
N CYS O 136 59.58 -16.79 -18.81
CA CYS O 136 58.73 -16.62 -19.98
C CYS O 136 57.67 -15.58 -19.69
N LEU O 137 57.30 -14.80 -20.71
CA LEU O 137 56.41 -13.66 -20.54
C LEU O 137 55.25 -13.76 -21.52
N PHE O 138 54.06 -14.04 -21.00
CA PHE O 138 52.82 -13.95 -21.78
C PHE O 138 52.28 -12.53 -21.65
N THR O 139 52.23 -11.81 -22.76
CA THR O 139 51.91 -10.39 -22.73
C THR O 139 51.03 -10.02 -23.93
N ASP O 140 50.52 -8.79 -23.87
CA ASP O 140 49.78 -8.15 -24.96
C ASP O 140 48.50 -8.89 -25.32
N PHE O 141 47.96 -9.71 -24.42
CA PHE O 141 46.69 -10.37 -24.67
C PHE O 141 45.53 -9.51 -24.21
N ASP O 142 44.36 -9.74 -24.81
CA ASP O 142 43.19 -8.96 -24.49
C ASP O 142 42.61 -9.38 -23.14
N SER O 143 41.69 -8.56 -22.63
CA SER O 143 41.09 -8.82 -21.32
C SER O 143 40.22 -10.06 -21.30
N GLN O 144 39.89 -10.63 -22.45
CA GLN O 144 39.05 -11.82 -22.47
C GLN O 144 39.81 -13.06 -22.04
N THR O 145 41.12 -13.09 -22.26
CA THR O 145 41.94 -14.22 -21.84
C THR O 145 42.12 -14.18 -20.32
N ASN O 146 42.01 -15.34 -19.69
CA ASN O 146 42.21 -15.50 -18.26
C ASN O 146 43.30 -16.55 -18.03
N VAL O 147 44.37 -16.16 -17.35
CA VAL O 147 45.45 -17.08 -17.03
C VAL O 147 45.04 -17.93 -15.84
N SER O 148 45.40 -19.21 -15.87
CA SER O 148 45.06 -20.15 -14.83
C SER O 148 46.31 -20.55 -14.05
N GLN O 149 46.12 -20.83 -12.76
CA GLN O 149 47.23 -21.19 -11.89
C GLN O 149 47.85 -22.51 -12.34
N SER O 150 49.16 -22.63 -12.13
CA SER O 150 49.88 -23.83 -12.53
C SER O 150 49.48 -25.01 -11.64
N SER O 153 53.80 -28.47 -9.53
CA SER O 153 54.77 -27.91 -8.62
C SER O 153 56.13 -27.78 -9.31
N ASP O 154 56.97 -26.90 -8.76
CA ASP O 154 58.23 -26.47 -9.36
C ASP O 154 58.04 -25.71 -10.66
N VAL O 155 56.80 -25.37 -11.01
CA VAL O 155 56.49 -24.51 -12.15
C VAL O 155 55.55 -23.42 -11.63
N TYR O 156 56.05 -22.20 -11.54
CA TYR O 156 55.36 -21.10 -10.90
C TYR O 156 54.82 -20.13 -11.95
N ILE O 157 53.56 -19.75 -11.81
CA ILE O 157 52.89 -18.82 -12.73
C ILE O 157 52.14 -17.79 -11.89
N THR O 158 52.29 -16.52 -12.26
CA THR O 158 51.59 -15.43 -11.60
C THR O 158 50.36 -15.03 -12.40
N ASP O 159 49.40 -14.42 -11.71
CA ASP O 159 48.20 -13.95 -12.38
C ASP O 159 48.52 -12.70 -13.21
N LYS O 160 47.60 -12.34 -14.09
CA LYS O 160 47.81 -11.22 -14.98
C LYS O 160 47.80 -9.90 -14.21
N CYS O 161 48.76 -9.04 -14.51
CA CYS O 161 48.85 -7.71 -13.93
C CYS O 161 48.96 -6.69 -15.06
N VAL O 162 48.39 -5.51 -14.83
CA VAL O 162 48.28 -4.47 -15.84
C VAL O 162 49.36 -3.43 -15.61
N LEU O 163 50.14 -3.14 -16.66
CA LEU O 163 51.11 -2.05 -16.65
C LEU O 163 50.66 -0.97 -17.61
N ASP O 164 50.95 0.29 -17.24
CA ASP O 164 50.46 1.45 -17.97
C ASP O 164 51.64 2.33 -18.36
N MET O 165 51.90 2.43 -19.67
CA MET O 165 52.88 3.38 -20.20
C MET O 165 52.13 4.65 -20.54
N ARG O 166 52.08 5.56 -19.55
CA ARG O 166 51.21 6.73 -19.66
C ARG O 166 51.64 7.67 -20.78
N SER O 167 52.95 7.80 -21.00
CA SER O 167 53.45 8.75 -22.00
C SER O 167 52.94 8.39 -23.39
N MET O 168 52.80 7.10 -23.69
CA MET O 168 52.39 6.63 -24.99
C MET O 168 50.93 6.20 -25.05
N ASP O 169 50.19 6.36 -23.95
CA ASP O 169 48.78 5.99 -23.88
C ASP O 169 48.59 4.52 -24.26
N PHE O 170 49.36 3.65 -23.61
CA PHE O 170 49.40 2.24 -23.94
C PHE O 170 49.31 1.41 -22.67
N LYS O 171 48.30 0.56 -22.58
CA LYS O 171 48.15 -0.40 -21.49
C LYS O 171 48.32 -1.80 -22.03
N SER O 172 49.07 -2.63 -21.31
CA SER O 172 49.35 -3.99 -21.73
C SER O 172 49.26 -4.94 -20.54
N ASN O 173 48.50 -6.02 -20.72
CA ASN O 173 48.49 -7.09 -19.73
C ASN O 173 49.75 -7.93 -19.87
N SER O 174 50.06 -8.67 -18.80
CA SER O 174 51.26 -9.50 -18.80
C SER O 174 51.14 -10.55 -17.71
N ALA O 175 51.84 -11.66 -17.92
CA ALA O 175 51.90 -12.74 -16.95
C ALA O 175 53.28 -13.38 -17.04
N VAL O 176 53.79 -13.83 -15.89
CA VAL O 176 55.15 -14.33 -15.77
C VAL O 176 55.11 -15.79 -15.30
N ALA O 177 55.96 -16.61 -15.90
CA ALA O 177 56.11 -18.01 -15.50
C ALA O 177 57.58 -18.37 -15.49
N TRP O 178 58.00 -19.08 -14.45
CA TRP O 178 59.39 -19.52 -14.35
C TRP O 178 59.43 -20.90 -13.70
N SER O 179 60.53 -21.60 -13.92
CA SER O 179 60.73 -22.93 -13.35
C SER O 179 62.21 -23.28 -13.42
N ASN O 180 62.62 -24.18 -12.52
CA ASN O 180 64.01 -24.61 -12.47
C ASN O 180 64.29 -25.81 -13.38
N LYS O 181 63.26 -26.53 -13.81
CA LYS O 181 63.46 -27.71 -14.63
C LYS O 181 64.09 -27.35 -15.97
N SER O 182 65.04 -28.18 -16.40
CA SER O 182 65.67 -27.97 -17.70
C SER O 182 64.77 -28.36 -18.85
N ASP O 183 63.88 -29.35 -18.64
CA ASP O 183 62.87 -29.70 -19.64
C ASP O 183 61.81 -28.62 -19.80
N PHE O 184 61.75 -27.67 -18.89
CA PHE O 184 60.76 -26.60 -18.95
C PHE O 184 61.10 -25.63 -20.07
N ALA O 185 60.13 -25.36 -20.94
CA ALA O 185 60.31 -24.44 -22.05
C ALA O 185 59.07 -23.57 -22.18
N CYS O 186 59.25 -22.39 -22.79
CA CYS O 186 58.17 -21.41 -22.87
C CYS O 186 57.04 -21.85 -23.79
N ALA O 187 57.27 -22.84 -24.66
CA ALA O 187 56.24 -23.25 -25.60
C ALA O 187 55.07 -23.93 -24.90
N ASN O 188 55.32 -24.58 -23.76
CA ASN O 188 54.28 -25.29 -23.01
C ASN O 188 54.12 -24.75 -21.59
N ALA O 189 54.74 -23.63 -21.26
CA ALA O 189 54.68 -23.11 -19.90
C ALA O 189 53.28 -22.58 -19.57
N ASN O 192 47.59 -24.84 -19.48
CA ASN O 192 46.61 -24.84 -18.39
C ASN O 192 45.68 -23.62 -18.50
N SER O 193 45.98 -22.68 -19.38
CA SER O 193 45.15 -21.49 -19.56
C SER O 193 44.68 -21.45 -21.00
N ILE O 194 43.39 -21.15 -21.19
CA ILE O 194 42.85 -21.00 -22.54
C ILE O 194 43.46 -19.73 -23.14
N ILE O 195 44.38 -19.90 -24.08
CA ILE O 195 45.08 -18.79 -24.69
C ILE O 195 44.58 -18.62 -26.12
N PRO O 196 44.63 -17.41 -26.69
CA PRO O 196 44.21 -17.24 -28.09
C PRO O 196 45.10 -18.05 -29.02
N GLU O 197 44.48 -18.61 -30.06
CA GLU O 197 45.24 -19.35 -31.06
C GLU O 197 46.15 -18.45 -31.88
N ASP O 198 45.87 -17.14 -31.89
CA ASP O 198 46.71 -16.17 -32.59
C ASP O 198 47.99 -15.84 -31.81
N THR O 199 48.25 -16.53 -30.70
CA THR O 199 49.42 -16.24 -29.89
C THR O 199 50.70 -16.51 -30.66
N PHE O 200 51.59 -15.52 -30.67
CA PHE O 200 52.83 -15.58 -31.45
C PHE O 200 53.93 -16.16 -30.57
N PHE O 201 54.26 -17.43 -30.80
CA PHE O 201 55.40 -18.07 -30.14
C PHE O 201 56.63 -17.86 -31.01
N PRO O 202 57.58 -17.02 -30.60
CA PRO O 202 58.73 -16.74 -31.46
C PRO O 202 59.64 -17.95 -31.60
N SER O 203 60.27 -18.05 -32.77
CA SER O 203 61.14 -19.18 -33.07
C SER O 203 62.53 -18.93 -32.50
N PRO O 204 63.08 -19.85 -31.69
CA PRO O 204 64.44 -19.75 -31.17
C PRO O 204 65.48 -19.75 -32.28
N GLY P 3 45.43 11.46 9.63
CA GLY P 3 46.65 11.59 10.40
C GLY P 3 46.91 10.43 11.33
N VAL P 4 46.55 9.23 10.91
CA VAL P 4 46.72 8.03 11.72
C VAL P 4 48.05 7.37 11.34
N THR P 5 48.87 7.10 12.35
CA THR P 5 50.18 6.49 12.16
C THR P 5 50.25 5.19 12.95
N GLN P 6 50.91 4.18 12.38
CA GLN P 6 51.12 2.90 13.04
C GLN P 6 52.60 2.56 13.02
N THR P 7 53.10 2.09 14.17
CA THR P 7 54.47 1.62 14.30
C THR P 7 54.44 0.36 15.17
N PRO P 8 55.12 -0.72 14.76
CA PRO P 8 55.94 -0.78 13.55
C PRO P 8 55.12 -0.98 12.28
N LYS P 9 55.78 -0.89 11.12
CA LYS P 9 55.13 -1.14 9.84
C LYS P 9 55.16 -2.62 9.48
N PHE P 10 56.22 -3.32 9.87
CA PHE P 10 56.35 -4.77 9.68
C PHE P 10 56.98 -5.36 10.93
N ARG P 11 56.69 -6.64 11.18
CA ARG P 11 57.29 -7.33 12.32
C ARG P 11 57.15 -8.82 12.11
N VAL P 12 58.17 -9.56 12.58
CA VAL P 12 58.16 -11.02 12.57
C VAL P 12 58.58 -11.50 13.95
N LEU P 13 57.77 -12.38 14.55
CA LEU P 13 57.96 -12.80 15.93
C LEU P 13 58.03 -14.31 16.01
N LYS P 14 58.69 -14.79 17.07
CA LYS P 14 58.72 -16.20 17.41
C LYS P 14 57.51 -16.54 18.27
N THR P 15 57.07 -17.80 18.20
CA THR P 15 55.94 -18.25 18.99
C THR P 15 56.22 -18.04 20.48
N GLY P 16 55.31 -17.34 21.15
CA GLY P 16 55.45 -17.05 22.56
C GLY P 16 56.07 -15.71 22.87
N GLN P 17 56.62 -15.01 21.87
CA GLN P 17 57.21 -13.71 22.09
C GLN P 17 56.12 -12.65 22.26
N SER P 18 56.54 -11.45 22.68
CA SER P 18 55.62 -10.36 22.95
C SER P 18 56.02 -9.12 22.16
N MET P 19 55.04 -8.28 21.88
CA MET P 19 55.28 -7.02 21.18
C MET P 19 54.14 -6.05 21.48
N THR P 20 54.32 -4.81 21.03
CA THR P 20 53.34 -3.76 21.24
C THR P 20 53.21 -2.95 19.96
N LEU P 21 52.00 -2.88 19.41
CA LEU P 21 51.73 -2.03 18.26
C LEU P 21 51.22 -0.68 18.75
N LEU P 22 51.88 0.39 18.32
CA LEU P 22 51.50 1.74 18.71
C LEU P 22 50.70 2.40 17.60
N CYS P 23 49.58 3.02 17.95
CA CYS P 23 48.77 3.79 17.04
C CYS P 23 48.67 5.22 17.56
N ALA P 24 48.77 6.19 16.65
CA ALA P 24 48.74 7.59 17.03
C ALA P 24 47.90 8.37 16.03
N GLN P 25 47.26 9.43 16.51
CA GLN P 25 46.46 10.30 15.67
C GLN P 25 46.55 11.72 16.21
N ASP P 26 46.70 12.68 15.31
CA ASP P 26 46.87 14.09 15.66
C ASP P 26 45.63 14.91 15.35
N MET P 27 44.46 14.28 15.37
CA MET P 27 43.22 14.94 14.98
C MET P 27 42.28 15.17 16.15
N ASN P 28 42.73 14.92 17.38
CA ASN P 28 41.92 15.09 18.59
C ASN P 28 40.65 14.25 18.55
N HIS P 29 40.69 13.12 17.84
CA HIS P 29 39.55 12.23 17.81
C HIS P 29 39.42 11.48 19.12
N GLU P 30 38.18 11.30 19.58
CA GLU P 30 37.95 10.67 20.88
C GLU P 30 37.97 9.16 20.80
N TYR P 31 37.52 8.58 19.68
CA TYR P 31 37.35 7.15 19.55
C TYR P 31 38.44 6.57 18.66
N MET P 32 38.98 5.43 19.07
CA MET P 32 40.01 4.74 18.28
C MET P 32 39.71 3.25 18.29
N TYR P 33 40.27 2.55 17.29
CA TYR P 33 39.94 1.17 17.02
C TYR P 33 41.18 0.40 16.59
N TRP P 34 41.18 -0.90 16.88
CA TRP P 34 42.20 -1.82 16.39
C TRP P 34 41.52 -2.97 15.68
N TYR P 35 41.88 -3.19 14.41
CA TYR P 35 41.34 -4.27 13.61
C TYR P 35 42.44 -5.24 13.21
N ARG P 36 42.03 -6.42 12.77
CA ARG P 36 42.91 -7.37 12.09
C ARG P 36 42.25 -7.79 10.79
N GLN P 37 43.06 -7.96 9.75
CA GLN P 37 42.55 -8.37 8.45
C GLN P 37 43.45 -9.42 7.84
N ASP P 38 43.03 -10.62 7.88
CA ASP P 38 43.60 -11.50 6.86
C ASP P 38 42.79 -11.35 5.58
N PRO P 39 43.42 -11.49 4.41
CA PRO P 39 42.68 -11.29 3.15
C PRO P 39 41.45 -12.18 2.99
N GLY P 40 41.25 -13.16 3.87
CA GLY P 40 40.17 -14.11 3.72
C GLY P 40 38.83 -13.72 4.33
N MET P 41 38.83 -13.38 5.62
CA MET P 41 37.58 -13.15 6.35
C MET P 41 37.28 -11.67 6.55
N GLY P 42 37.98 -10.78 5.85
CA GLY P 42 37.70 -9.36 5.97
C GLY P 42 38.22 -8.76 7.25
N LEU P 43 37.71 -7.57 7.57
CA LEU P 43 38.15 -6.79 8.72
C LEU P 43 37.30 -7.16 9.94
N ARG P 44 37.96 -7.47 11.05
CA ARG P 44 37.29 -7.83 12.29
C ARG P 44 37.87 -7.01 13.43
N LEU P 45 36.99 -6.39 14.21
CA LEU P 45 37.41 -5.52 15.29
C LEU P 45 37.98 -6.32 16.45
N ILE P 46 39.08 -5.84 17.02
CA ILE P 46 39.73 -6.50 18.15
C ILE P 46 39.28 -5.80 19.44
N HIS P 47 39.71 -4.55 19.62
CA HIS P 47 39.26 -3.72 20.71
C HIS P 47 38.98 -2.33 20.19
N TYR P 48 38.31 -1.52 21.02
CA TYR P 48 38.11 -0.11 20.71
C TYR P 48 38.13 0.67 22.03
N SER P 49 38.20 1.99 21.91
CA SER P 49 38.29 2.85 23.07
C SER P 49 37.60 4.17 22.76
N VAL P 50 36.78 4.64 23.71
CA VAL P 50 36.04 5.88 23.53
C VAL P 50 36.60 7.01 24.37
N GLY P 51 37.73 6.81 25.04
CA GLY P 51 38.34 7.87 25.80
C GLY P 51 39.53 7.34 26.58
N GLU P 52 40.25 8.28 27.20
CA GLU P 52 41.36 7.90 28.06
C GLU P 52 40.87 7.02 29.21
N GLY P 53 41.56 5.89 29.40
CA GLY P 53 41.31 5.03 30.54
C GLY P 53 40.22 3.99 30.36
N THR P 54 39.53 3.98 29.22
CA THR P 54 38.46 3.02 28.98
C THR P 54 38.68 2.29 27.66
N THR P 55 38.51 0.98 27.69
CA THR P 55 38.56 0.14 26.50
C THR P 55 37.42 -0.85 26.56
N ALA P 56 37.13 -1.47 25.40
CA ALA P 56 36.04 -2.42 25.31
C ALA P 56 36.37 -3.46 24.25
N LYS P 57 35.80 -4.65 24.43
CA LYS P 57 36.11 -5.78 23.56
C LYS P 57 35.31 -5.71 22.26
N GLY P 58 35.91 -6.22 21.19
CA GLY P 58 35.27 -6.25 19.90
C GLY P 58 34.89 -7.67 19.46
N GLU P 59 34.97 -7.93 18.17
CA GLU P 59 34.55 -9.23 17.64
C GLU P 59 35.50 -10.33 18.09
N VAL P 60 36.81 -10.12 17.93
CA VAL P 60 37.79 -11.16 18.22
C VAL P 60 38.85 -10.62 19.19
N PRO P 61 38.49 -10.29 20.44
CA PRO P 61 39.48 -9.74 21.37
C PRO P 61 40.38 -10.78 22.01
N ASP P 62 40.11 -12.07 21.83
CA ASP P 62 40.86 -13.12 22.52
C ASP P 62 42.34 -13.07 22.13
N GLY P 63 43.21 -13.03 23.14
CA GLY P 63 44.64 -13.03 22.95
C GLY P 63 45.28 -11.66 22.81
N TYR P 64 44.51 -10.58 22.90
CA TYR P 64 45.02 -9.23 22.72
C TYR P 64 44.69 -8.38 23.95
N ASN P 65 45.62 -7.50 24.30
CA ASN P 65 45.40 -6.48 25.33
C ASN P 65 45.50 -5.11 24.69
N VAL P 66 44.84 -4.13 25.30
CA VAL P 66 44.87 -2.77 24.81
C VAL P 66 45.11 -1.81 25.97
N SER P 67 45.46 -0.58 25.62
CA SER P 67 45.78 0.46 26.59
C SER P 67 45.52 1.81 25.94
N ARG P 68 44.88 2.72 26.69
CA ARG P 68 44.57 4.07 26.23
C ARG P 68 44.88 5.03 27.37
N LEU P 69 46.16 5.17 27.68
CA LEU P 69 46.59 6.11 28.71
C LEU P 69 46.60 7.55 28.22
N LYS P 70 46.73 7.76 26.91
CA LYS P 70 46.74 9.09 26.33
C LYS P 70 45.69 9.16 25.22
N LYS P 71 45.13 10.35 25.02
CA LYS P 71 44.11 10.54 24.00
C LYS P 71 44.66 10.31 22.60
N GLN P 72 45.95 10.57 22.39
CA GLN P 72 46.53 10.45 21.06
C GLN P 72 46.94 9.03 20.71
N ASN P 73 47.14 8.15 21.69
CA ASN P 73 47.73 6.84 21.46
C ASN P 73 46.80 5.73 21.91
N PHE P 74 46.66 4.71 21.07
CA PHE P 74 45.93 3.48 21.39
C PHE P 74 46.89 2.32 21.16
N LEU P 75 47.32 1.67 22.25
CA LEU P 75 48.32 0.62 22.19
C LEU P 75 47.66 -0.74 22.13
N LEU P 76 48.10 -1.58 21.19
CA LEU P 76 47.66 -2.95 21.06
C LEU P 76 48.80 -3.87 21.48
N GLY P 77 48.50 -4.84 22.34
CA GLY P 77 49.51 -5.70 22.92
C GLY P 77 49.29 -7.16 22.62
N LEU P 78 50.39 -7.89 22.48
CA LEU P 78 50.40 -9.35 22.31
C LEU P 78 51.33 -9.92 23.37
N GLU P 79 50.78 -10.61 24.35
CA GLU P 79 51.61 -11.13 25.44
C GLU P 79 52.35 -12.40 25.04
N SER P 80 51.66 -13.34 24.39
CA SER P 80 52.26 -14.59 23.94
C SER P 80 51.84 -14.82 22.49
N ALA P 81 52.72 -14.51 21.55
CA ALA P 81 52.39 -14.58 20.14
C ALA P 81 52.13 -16.01 19.70
N ALA P 82 51.15 -16.19 18.83
CA ALA P 82 50.77 -17.49 18.29
C ALA P 82 50.58 -17.36 16.78
N PRO P 83 50.81 -18.44 16.04
CA PRO P 83 50.68 -18.36 14.57
C PRO P 83 49.28 -17.97 14.09
N SER P 84 48.25 -18.16 14.91
CA SER P 84 46.91 -17.73 14.52
C SER P 84 46.79 -16.22 14.47
N GLN P 85 47.80 -15.48 14.92
CA GLN P 85 47.79 -14.02 14.92
C GLN P 85 48.55 -13.43 13.74
N THR P 86 49.03 -14.28 12.82
CA THR P 86 49.67 -13.80 11.59
C THR P 86 48.61 -13.12 10.72
N SER P 87 48.65 -11.80 10.66
CA SER P 87 47.65 -11.04 9.92
C SER P 87 48.18 -9.63 9.69
N VAL P 88 47.32 -8.77 9.15
CA VAL P 88 47.61 -7.35 8.95
C VAL P 88 46.70 -6.56 9.89
N TYR P 89 47.29 -5.72 10.74
CA TYR P 89 46.57 -5.01 11.78
C TYR P 89 46.38 -3.56 11.37
N PHE P 90 45.12 -3.12 11.32
CA PHE P 90 44.76 -1.76 10.94
C PHE P 90 44.23 -1.01 12.14
N CYS P 91 44.70 0.22 12.34
CA CYS P 91 44.17 1.11 13.35
C CYS P 91 43.29 2.17 12.70
N ALA P 92 42.35 2.69 13.47
CA ALA P 92 41.44 3.71 12.96
C ALA P 92 41.04 4.64 14.09
N SER P 93 40.34 5.72 13.73
CA SER P 93 39.87 6.70 14.70
C SER P 93 38.67 7.41 14.11
N SER P 94 37.82 7.94 14.99
CA SER P 94 36.60 8.62 14.57
C SER P 94 36.11 9.51 15.69
N GLN P 95 35.20 10.41 15.34
CA GLN P 95 34.50 11.25 16.30
C GLN P 95 33.07 10.77 16.57
N GLY P 96 32.64 9.69 15.92
CA GLY P 96 31.30 9.18 16.13
C GLY P 96 30.96 7.96 15.31
N GLY P 97 29.71 7.86 14.87
CA GLY P 97 29.26 6.75 14.05
C GLY P 97 29.39 6.95 12.56
N GLY P 98 30.08 8.00 12.13
CA GLY P 98 30.25 8.26 10.71
C GLY P 98 31.56 7.71 10.17
N GLU P 99 32.32 8.56 9.48
CA GLU P 99 33.56 8.12 8.84
C GLU P 99 34.59 7.69 9.86
N GLN P 100 35.30 6.61 9.56
CA GLN P 100 36.46 6.19 10.31
C GLN P 100 37.71 6.38 9.48
N TYR P 101 38.77 6.88 10.11
CA TYR P 101 40.01 7.25 9.44
C TYR P 101 41.06 6.19 9.78
N PHE P 102 41.49 5.45 8.76
CA PHE P 102 42.34 4.29 8.94
C PHE P 102 43.82 4.63 8.76
N GLY P 103 44.67 3.80 9.37
CA GLY P 103 46.09 3.92 9.23
C GLY P 103 46.61 3.08 8.09
N PRO P 104 47.93 3.09 7.87
CA PRO P 104 48.50 2.36 6.73
C PRO P 104 48.51 0.85 6.91
N GLY P 105 48.40 0.36 8.13
CA GLY P 105 48.38 -1.08 8.35
C GLY P 105 49.70 -1.61 8.85
N THR P 106 49.64 -2.70 9.62
CA THR P 106 50.81 -3.37 10.16
C THR P 106 50.61 -4.86 9.98
N ARG P 107 51.47 -5.49 9.17
CA ARG P 107 51.38 -6.92 8.93
C ARG P 107 52.43 -7.65 9.76
N LEU P 108 52.00 -8.66 10.49
CA LEU P 108 52.83 -9.40 11.43
C LEU P 108 52.79 -10.87 11.08
N THR P 109 53.95 -11.52 11.14
CA THR P 109 54.06 -12.95 10.91
C THR P 109 54.65 -13.60 12.15
N VAL P 110 53.96 -14.61 12.68
CA VAL P 110 54.44 -15.40 13.81
C VAL P 110 54.86 -16.77 13.30
N THR P 111 56.05 -17.21 13.67
CA THR P 111 56.56 -18.52 13.29
C THR P 111 57.11 -19.22 14.52
N GLU P 112 57.20 -20.55 14.42
CA GLU P 112 57.69 -21.34 15.54
C GLU P 112 59.21 -21.27 15.68
N ASP P 113 59.92 -21.10 14.57
CA ASP P 113 61.38 -21.01 14.58
C ASP P 113 61.79 -19.76 13.81
N LEU P 114 62.64 -18.94 14.43
CA LEU P 114 63.08 -17.70 13.81
C LEU P 114 64.13 -17.90 12.74
N ASN P 115 64.70 -19.11 12.61
CA ASN P 115 65.70 -19.38 11.59
C ASN P 115 65.10 -19.57 10.22
N LYS P 116 63.78 -19.71 10.11
CA LYS P 116 63.12 -19.82 8.82
C LYS P 116 62.96 -18.48 8.12
N VAL P 117 63.62 -17.44 8.62
CA VAL P 117 63.55 -16.10 8.03
C VAL P 117 64.72 -15.94 7.06
N PHE P 118 64.40 -15.70 5.79
CA PHE P 118 65.40 -15.60 4.74
C PHE P 118 65.25 -14.28 3.98
N PRO P 119 66.34 -13.56 3.73
CA PRO P 119 66.25 -12.39 2.86
C PRO P 119 66.10 -12.82 1.41
N PRO P 120 65.51 -11.98 0.57
CA PRO P 120 65.23 -12.40 -0.81
C PRO P 120 66.48 -12.40 -1.67
N GLU P 121 66.37 -13.11 -2.80
CA GLU P 121 67.37 -13.07 -3.86
C GLU P 121 66.74 -12.41 -5.08
N VAL P 122 67.29 -11.27 -5.49
CA VAL P 122 66.72 -10.46 -6.55
C VAL P 122 67.50 -10.71 -7.84
N ALA P 123 66.78 -10.96 -8.93
CA ALA P 123 67.37 -11.15 -10.24
C ALA P 123 66.52 -10.44 -11.28
N VAL P 124 67.15 -9.64 -12.12
CA VAL P 124 66.47 -8.94 -13.21
C VAL P 124 66.79 -9.65 -14.52
N PHE P 125 65.79 -9.81 -15.37
CA PHE P 125 65.92 -10.52 -16.63
C PHE P 125 65.78 -9.53 -17.77
N GLU P 126 66.79 -9.48 -18.63
CA GLU P 126 66.80 -8.53 -19.73
C GLU P 126 65.74 -8.91 -20.77
N PRO P 127 65.21 -7.93 -21.51
CA PRO P 127 64.07 -8.19 -22.39
C PRO P 127 64.40 -9.17 -23.50
N SER P 128 63.37 -9.89 -23.95
CA SER P 128 63.52 -10.83 -25.04
C SER P 128 63.80 -10.09 -26.34
N GLU P 129 64.76 -10.62 -27.12
CA GLU P 129 65.09 -10.00 -28.38
C GLU P 129 63.99 -10.13 -29.42
N ALA P 130 63.08 -11.09 -29.25
CA ALA P 130 61.97 -11.23 -30.17
C ALA P 130 60.87 -10.20 -29.90
N GLU P 131 60.70 -9.81 -28.64
CA GLU P 131 59.66 -8.83 -28.31
C GLU P 131 60.01 -7.45 -28.87
N ILE P 132 61.29 -7.10 -28.89
CA ILE P 132 61.70 -5.81 -29.42
C ILE P 132 61.40 -5.72 -30.92
N SER P 133 61.57 -6.84 -31.64
CA SER P 133 61.36 -6.82 -33.09
C SER P 133 59.88 -6.79 -33.44
N HIS P 134 59.02 -7.39 -32.60
CA HIS P 134 57.61 -7.53 -32.94
C HIS P 134 56.76 -6.35 -32.51
N THR P 135 57.09 -5.73 -31.37
CA THR P 135 56.26 -4.66 -30.81
C THR P 135 56.99 -3.35 -30.60
N GLN P 136 58.30 -3.29 -30.87
CA GLN P 136 59.11 -2.10 -30.62
C GLN P 136 59.01 -1.65 -29.16
N LYS P 137 58.86 -2.60 -28.25
CA LYS P 137 58.81 -2.33 -26.82
C LYS P 137 59.55 -3.45 -26.10
N ALA P 138 60.28 -3.09 -25.05
CA ALA P 138 61.09 -4.02 -24.29
C ALA P 138 60.58 -4.11 -22.87
N THR P 139 60.37 -5.34 -22.39
CA THR P 139 59.85 -5.59 -21.06
C THR P 139 60.93 -6.26 -20.21
N LEU P 140 61.23 -5.68 -19.05
CA LEU P 140 62.08 -6.30 -18.06
C LEU P 140 61.24 -6.98 -17.00
N VAL P 141 61.74 -8.09 -16.47
CA VAL P 141 61.06 -8.86 -15.43
C VAL P 141 62.02 -9.04 -14.26
N CYS P 142 61.54 -8.73 -13.06
CA CYS P 142 62.31 -8.86 -11.83
C CYS P 142 61.72 -9.98 -10.98
N LEU P 143 62.58 -10.85 -10.47
CA LEU P 143 62.17 -12.00 -9.67
C LEU P 143 62.86 -11.94 -8.32
N ALA P 144 62.10 -11.60 -7.28
CA ALA P 144 62.55 -11.75 -5.90
C ALA P 144 62.13 -13.13 -5.41
N THR P 145 63.11 -13.95 -5.02
CA THR P 145 62.85 -15.36 -4.77
C THR P 145 63.41 -15.76 -3.41
N GLY P 146 62.76 -16.76 -2.80
CA GLY P 146 63.23 -17.38 -1.58
C GLY P 146 63.35 -16.48 -0.38
N PHE P 147 62.26 -15.80 -0.02
CA PHE P 147 62.25 -14.94 1.16
C PHE P 147 61.10 -15.30 2.08
N PHE P 148 61.34 -15.18 3.39
CA PHE P 148 60.35 -15.39 4.42
C PHE P 148 60.69 -14.42 5.54
N PRO P 149 59.71 -13.68 6.08
CA PRO P 149 58.30 -13.72 5.68
C PRO P 149 58.02 -12.96 4.40
N ASP P 150 56.74 -12.80 4.07
CA ASP P 150 56.32 -12.06 2.88
C ASP P 150 56.22 -10.56 3.17
N HIS P 151 57.30 -10.00 3.72
CA HIS P 151 57.36 -8.59 4.09
C HIS P 151 58.33 -7.89 3.14
N VAL P 152 57.86 -7.56 1.94
CA VAL P 152 58.71 -6.99 0.89
C VAL P 152 58.02 -5.80 0.25
N GLU P 153 58.85 -4.94 -0.36
CA GLU P 153 58.38 -3.80 -1.13
C GLU P 153 59.29 -3.67 -2.35
N LEU P 154 58.72 -3.85 -3.54
CA LEU P 154 59.49 -3.84 -4.78
C LEU P 154 59.28 -2.53 -5.52
N SER P 155 60.38 -1.96 -6.01
CA SER P 155 60.35 -0.70 -6.75
C SER P 155 61.38 -0.74 -7.86
N TRP P 156 61.10 0.00 -8.93
CA TRP P 156 61.99 0.10 -10.08
C TRP P 156 62.69 1.45 -10.07
N TRP P 157 63.97 1.45 -10.44
CA TRP P 157 64.81 2.66 -10.43
C TRP P 157 65.54 2.74 -11.76
N VAL P 158 65.18 3.73 -12.58
CA VAL P 158 65.81 3.95 -13.87
C VAL P 158 66.69 5.20 -13.77
N ASN P 159 67.98 5.03 -14.04
CA ASN P 159 68.96 6.11 -13.98
C ASN P 159 69.02 6.75 -12.60
N GLY P 160 68.72 5.98 -11.55
CA GLY P 160 68.82 6.46 -10.19
C GLY P 160 67.54 7.02 -9.60
N LYS P 161 66.50 7.24 -10.41
CA LYS P 161 65.24 7.76 -9.93
C LYS P 161 64.17 6.69 -10.00
N GLU P 162 63.31 6.65 -8.97
CA GLU P 162 62.23 5.67 -8.94
C GLU P 162 61.23 5.95 -10.05
N VAL P 163 60.71 4.88 -10.63
CA VAL P 163 59.78 4.95 -11.76
C VAL P 163 58.50 4.22 -11.39
N HIS P 164 57.37 4.77 -11.85
CA HIS P 164 56.07 4.12 -11.70
C HIS P 164 55.36 3.87 -13.02
N SER P 165 55.66 4.64 -14.07
CA SER P 165 55.05 4.42 -15.37
C SER P 165 55.65 3.17 -16.02
N GLY P 166 54.78 2.29 -16.50
CA GLY P 166 55.23 1.05 -17.12
C GLY P 166 55.61 -0.04 -16.15
N VAL P 167 55.27 0.11 -14.86
CA VAL P 167 55.59 -0.88 -13.84
C VAL P 167 54.32 -1.59 -13.43
N CYS P 168 54.42 -2.91 -13.22
CA CYS P 168 53.32 -3.68 -12.67
C CYS P 168 53.90 -4.83 -11.85
N THR P 169 53.63 -4.82 -10.55
CA THR P 169 54.11 -5.86 -9.64
C THR P 169 52.91 -6.69 -9.16
N ASP P 170 53.18 -7.94 -8.82
CA ASP P 170 52.11 -8.82 -8.36
C ASP P 170 51.48 -8.26 -7.09
N PRO P 171 50.16 -8.41 -6.91
CA PRO P 171 49.51 -7.82 -5.74
C PRO P 171 50.03 -8.34 -4.41
N GLN P 172 50.51 -9.58 -4.37
CA GLN P 172 51.00 -10.18 -3.14
C GLN P 172 51.86 -11.38 -3.51
N PRO P 173 52.85 -11.72 -2.69
CA PRO P 173 53.76 -12.82 -3.04
C PRO P 173 53.04 -14.17 -3.05
N LEU P 174 53.65 -15.12 -3.74
CA LEU P 174 53.16 -16.48 -3.83
C LEU P 174 54.11 -17.44 -3.11
N LYS P 175 53.56 -18.56 -2.65
CA LYS P 175 54.35 -19.56 -1.93
C LYS P 175 55.15 -20.41 -2.90
N GLU P 176 56.40 -20.71 -2.53
CA GLU P 176 57.21 -21.63 -3.31
C GLU P 176 56.74 -23.07 -3.15
N GLN P 177 56.22 -23.42 -1.98
CA GLN P 177 55.70 -24.75 -1.71
C GLN P 177 54.38 -24.59 -0.99
N PRO P 178 53.26 -24.54 -1.72
CA PRO P 178 51.98 -24.16 -1.10
C PRO P 178 51.51 -25.11 -0.01
N ALA P 179 51.93 -26.39 -0.07
CA ALA P 179 51.48 -27.34 0.94
C ALA P 179 52.24 -27.16 2.26
N LEU P 180 53.54 -26.89 2.19
CA LEU P 180 54.36 -26.77 3.39
C LEU P 180 54.12 -25.43 4.05
N ASN P 181 53.95 -25.46 5.37
CA ASN P 181 53.82 -24.22 6.14
C ASN P 181 55.20 -23.61 6.37
N ASP P 182 55.20 -22.31 6.69
CA ASP P 182 56.43 -21.54 6.83
C ASP P 182 57.29 -21.61 5.56
N SER P 183 56.62 -21.76 4.42
CA SER P 183 57.32 -21.83 3.15
C SER P 183 57.79 -20.43 2.74
N ARG P 184 58.87 -20.40 1.96
CA ARG P 184 59.40 -19.14 1.48
C ARG P 184 58.60 -18.66 0.27
N TYR P 185 58.64 -17.36 0.04
CA TYR P 185 57.77 -16.70 -0.93
C TYR P 185 58.57 -16.17 -2.11
N CYS P 186 57.83 -15.81 -3.17
CA CYS P 186 58.40 -15.25 -4.39
C CYS P 186 57.51 -14.14 -4.89
N LEU P 187 58.11 -13.20 -5.64
CA LEU P 187 57.39 -12.05 -6.17
C LEU P 187 57.99 -11.66 -7.51
N SER P 188 57.13 -11.20 -8.42
CA SER P 188 57.56 -10.83 -9.76
C SER P 188 57.05 -9.43 -10.11
N SER P 189 57.83 -8.71 -10.91
CA SER P 189 57.46 -7.37 -11.35
C SER P 189 57.95 -7.14 -12.76
N ARG P 190 57.25 -6.26 -13.49
CA ARG P 190 57.55 -5.99 -14.88
C ARG P 190 57.72 -4.49 -15.09
N LEU P 191 58.76 -4.10 -15.83
CA LEU P 191 58.97 -2.72 -16.26
C LEU P 191 59.12 -2.72 -17.77
N ARG P 192 58.29 -1.93 -18.45
CA ARG P 192 58.29 -1.88 -19.91
C ARG P 192 58.65 -0.48 -20.37
N VAL P 193 59.68 -0.38 -21.21
CA VAL P 193 60.11 0.87 -21.81
C VAL P 193 60.12 0.70 -23.33
N SER P 194 60.23 1.81 -24.03
CA SER P 194 60.30 1.75 -25.49
C SER P 194 61.58 1.03 -25.92
N ALA P 195 61.52 0.44 -27.12
CA ALA P 195 62.70 -0.22 -27.68
C ALA P 195 63.85 0.76 -27.85
N THR P 196 63.55 2.01 -28.18
CA THR P 196 64.60 3.03 -28.27
C THR P 196 65.27 3.24 -26.91
N PHE P 197 64.48 3.28 -25.84
CA PHE P 197 65.04 3.56 -24.52
C PHE P 197 65.91 2.40 -24.03
N TRP P 198 65.49 1.16 -24.28
CA TRP P 198 66.26 0.02 -23.81
C TRP P 198 67.54 -0.15 -24.62
N GLN P 199 67.52 0.17 -25.91
CA GLN P 199 68.70 0.02 -26.75
C GLN P 199 69.75 1.10 -26.51
N ASN P 200 69.54 1.98 -25.54
CA ASN P 200 70.52 3.01 -25.20
C ASN P 200 71.44 2.49 -24.10
N PRO P 201 72.75 2.39 -24.33
CA PRO P 201 73.66 1.87 -23.29
C PRO P 201 73.88 2.83 -22.13
N ARG P 202 73.27 4.01 -22.14
CA ARG P 202 73.43 4.99 -21.07
C ARG P 202 72.31 4.92 -20.04
N ASN P 203 71.31 4.09 -20.25
CA ASN P 203 70.21 3.94 -19.31
C ASN P 203 70.49 2.79 -18.35
N HIS P 204 70.29 3.05 -17.06
CA HIS P 204 70.53 2.06 -16.01
C HIS P 204 69.21 1.62 -15.40
N PHE P 205 68.99 0.31 -15.33
CA PHE P 205 67.79 -0.26 -14.77
C PHE P 205 68.16 -1.04 -13.50
N ARG P 206 67.40 -0.83 -12.43
CA ARG P 206 67.68 -1.45 -11.15
C ARG P 206 66.39 -1.84 -10.45
N CYS P 207 66.34 -3.06 -9.94
CA CYS P 207 65.17 -3.57 -9.21
C CYS P 207 65.52 -3.67 -7.74
N GLN P 208 64.86 -2.87 -6.92
CA GLN P 208 65.06 -2.87 -5.48
C GLN P 208 63.94 -3.64 -4.79
N VAL P 209 64.29 -4.43 -3.79
CA VAL P 209 63.34 -5.17 -2.97
C VAL P 209 63.67 -4.88 -1.51
N GLN P 210 62.83 -4.09 -0.85
CA GLN P 210 63.02 -3.77 0.56
C GLN P 210 62.47 -4.91 1.40
N PHE P 211 63.35 -5.60 2.12
CA PHE P 211 62.97 -6.74 2.94
C PHE P 211 62.93 -6.34 4.41
N TYR P 212 61.89 -6.78 5.11
CA TYR P 212 61.73 -6.56 6.54
C TYR P 212 61.85 -7.89 7.27
N GLY P 213 62.87 -8.01 8.11
CA GLY P 213 63.16 -9.25 8.82
C GLY P 213 63.42 -8.99 10.29
N LEU P 214 64.42 -9.69 10.82
CA LEU P 214 64.76 -9.60 12.23
C LEU P 214 65.27 -8.19 12.57
N SER P 215 65.31 -7.91 13.87
CA SER P 215 65.67 -6.60 14.38
C SER P 215 66.97 -6.68 15.18
N GLU P 216 67.36 -5.53 15.73
CA GLU P 216 68.57 -5.46 16.56
C GLU P 216 68.47 -6.38 17.76
N ASN P 217 67.38 -6.29 18.51
CA ASN P 217 67.27 -6.96 19.79
C ASN P 217 67.11 -8.48 19.65
N ASP P 218 66.70 -8.96 18.48
CA ASP P 218 66.59 -10.40 18.28
C ASP P 218 67.96 -11.06 18.31
N GLU P 219 68.02 -12.26 18.88
CA GLU P 219 69.25 -13.02 18.94
C GLU P 219 69.44 -13.83 17.66
N TRP P 220 70.70 -13.99 17.27
CA TRP P 220 71.04 -14.76 16.07
C TRP P 220 72.33 -15.52 16.34
N THR P 221 72.23 -16.85 16.39
CA THR P 221 73.39 -17.73 16.61
C THR P 221 73.39 -18.80 15.52
N GLN P 222 73.74 -18.38 14.30
CA GLN P 222 73.81 -19.28 13.15
C GLN P 222 75.03 -18.91 12.32
N ASP P 223 75.37 -19.79 11.38
CA ASP P 223 76.54 -19.52 10.53
C ASP P 223 76.26 -18.40 9.54
N ARG P 224 75.10 -18.43 8.89
CA ARG P 224 74.80 -17.45 7.85
C ARG P 224 74.57 -16.07 8.46
N ALA P 225 74.48 -15.07 7.58
CA ALA P 225 74.30 -13.70 8.02
C ALA P 225 72.93 -13.51 8.65
N LYS P 226 72.83 -12.49 9.50
CA LYS P 226 71.59 -12.21 10.19
C LYS P 226 70.54 -11.74 9.19
N PRO P 227 69.35 -12.33 9.17
CA PRO P 227 68.30 -11.92 8.22
C PRO P 227 67.62 -10.62 8.64
N VAL P 228 68.40 -9.56 8.75
CA VAL P 228 67.94 -8.27 9.24
C VAL P 228 67.25 -7.52 8.10
N THR P 229 66.54 -6.44 8.42
CA THR P 229 65.89 -5.62 7.41
C THR P 229 66.94 -5.02 6.49
N GLN P 230 66.72 -5.16 5.18
CA GLN P 230 67.74 -4.78 4.21
C GLN P 230 67.07 -4.59 2.84
N ILE P 231 67.85 -4.01 1.92
CA ILE P 231 67.45 -3.89 0.52
C ILE P 231 68.34 -4.81 -0.30
N VAL P 232 67.72 -5.65 -1.12
CA VAL P 232 68.43 -6.51 -2.06
C VAL P 232 68.10 -6.02 -3.47
N SER P 233 69.13 -5.86 -4.30
CA SER P 233 68.98 -5.20 -5.58
C SER P 233 69.62 -6.00 -6.70
N ALA P 234 69.04 -5.87 -7.90
CA ALA P 234 69.59 -6.42 -9.12
C ALA P 234 69.49 -5.37 -10.21
N GLU P 235 70.52 -5.28 -11.05
CA GLU P 235 70.63 -4.21 -12.02
C GLU P 235 70.90 -4.78 -13.41
N ALA P 236 70.73 -3.91 -14.42
CA ALA P 236 70.94 -4.27 -15.81
C ALA P 236 71.08 -3.00 -16.62
N TRP P 237 72.05 -3.00 -17.55
CA TRP P 237 72.29 -1.87 -18.43
C TRP P 237 71.72 -2.14 -19.82
N GLY P 238 71.36 -1.07 -20.51
CA GLY P 238 70.88 -1.22 -21.88
C GLY P 238 71.97 -1.65 -22.82
N ARG P 239 71.56 -2.33 -23.90
CA ARG P 239 72.49 -2.83 -24.90
C ARG P 239 71.97 -2.49 -26.28
N ALA P 240 72.89 -2.12 -27.18
CA ALA P 240 72.52 -1.64 -28.51
C ALA P 240 72.30 -2.77 -29.51
N ASP P 241 72.67 -4.01 -29.18
CA ASP P 241 72.52 -5.11 -30.12
C ASP P 241 71.07 -5.49 -30.33
N PRO Q 8 15.28 -18.73 13.44
CA PRO Q 8 14.26 -18.81 12.39
C PRO Q 8 13.76 -17.42 11.95
N GLN Q 9 12.94 -17.39 10.90
CA GLN Q 9 12.45 -16.17 10.31
C GLN Q 9 10.93 -16.18 10.31
N ALA Q 10 10.32 -15.00 10.30
CA ALA Q 10 8.87 -14.86 10.31
C ALA Q 10 8.46 -13.79 9.30
N LEU Q 11 7.18 -13.83 8.93
CA LEU Q 11 6.63 -12.90 7.96
C LEU Q 11 5.12 -12.90 8.08
N SER Q 12 4.51 -11.71 8.10
CA SER Q 12 3.06 -11.57 8.12
C SER Q 12 2.63 -10.61 7.02
N ILE Q 13 1.61 -11.00 6.26
CA ILE Q 13 1.05 -10.17 5.20
C ILE Q 13 -0.46 -10.27 5.26
N GLN Q 14 -1.12 -9.47 4.42
CA GLN Q 14 -2.58 -9.46 4.37
C GLN Q 14 -3.08 -10.41 3.30
N GLU Q 15 -4.29 -10.94 3.52
CA GLU Q 15 -4.87 -11.90 2.60
C GLU Q 15 -5.11 -11.27 1.23
N GLY Q 16 -4.67 -11.96 0.18
CA GLY Q 16 -4.77 -11.47 -1.18
C GLY Q 16 -3.52 -10.82 -1.72
N GLU Q 17 -2.55 -10.52 -0.86
CA GLU Q 17 -1.31 -9.89 -1.27
C GLU Q 17 -0.26 -10.95 -1.60
N ASN Q 18 0.93 -10.50 -1.96
CA ASN Q 18 2.03 -11.40 -2.29
C ASN Q 18 2.91 -11.64 -1.08
N ALA Q 19 3.48 -12.84 -1.01
CA ALA Q 19 4.40 -13.23 0.06
C ALA Q 19 5.70 -13.70 -0.57
N THR Q 20 6.83 -13.21 -0.06
CA THR Q 20 8.15 -13.59 -0.53
C THR Q 20 8.99 -14.04 0.64
N MET Q 21 9.47 -15.28 0.57
CA MET Q 21 10.31 -15.86 1.61
C MET Q 21 11.65 -16.26 1.01
N ASN Q 22 12.69 -16.21 1.84
CA ASN Q 22 14.05 -16.48 1.41
C ASN Q 22 14.65 -17.61 2.24
N CYS Q 23 15.64 -18.29 1.64
CA CYS Q 23 16.39 -19.33 2.32
C CYS Q 23 17.77 -19.43 1.68
N SER Q 24 18.71 -20.02 2.40
CA SER Q 24 20.07 -20.18 1.90
C SER Q 24 20.57 -21.58 2.21
N TYR Q 25 21.54 -22.02 1.42
CA TYR Q 25 22.16 -23.33 1.58
C TYR Q 25 23.66 -23.20 1.51
N LYS Q 26 24.37 -24.21 2.02
CA LYS Q 26 25.81 -24.13 2.23
C LYS Q 26 26.63 -24.91 1.22
N THR Q 27 26.15 -26.05 0.74
CA THR Q 27 26.91 -26.92 -0.15
C THR Q 27 26.52 -26.69 -1.60
N SER Q 28 27.25 -27.34 -2.50
CA SER Q 28 26.88 -27.34 -3.91
C SER Q 28 25.73 -28.31 -4.13
N ILE Q 29 24.79 -27.91 -4.98
CA ILE Q 29 23.53 -28.64 -5.13
C ILE Q 29 23.26 -28.94 -6.59
N ASN Q 30 22.42 -29.95 -6.81
CA ASN Q 30 21.86 -30.26 -8.12
C ASN Q 30 20.42 -29.80 -8.27
N ASN Q 31 19.65 -29.78 -7.18
CA ASN Q 31 18.27 -29.32 -7.21
C ASN Q 31 17.90 -28.79 -5.83
N LEU Q 32 16.97 -27.84 -5.81
CA LEU Q 32 16.48 -27.24 -4.57
C LEU Q 32 14.96 -27.37 -4.52
N GLN Q 33 14.45 -27.69 -3.33
CA GLN Q 33 13.02 -27.90 -3.13
C GLN Q 33 12.50 -27.04 -1.99
N TRP Q 34 11.24 -26.62 -2.12
CA TRP Q 34 10.52 -25.94 -1.06
C TRP Q 34 9.45 -26.87 -0.48
N TYR Q 35 9.25 -26.80 0.83
CA TYR Q 35 8.27 -27.61 1.51
C TYR Q 35 7.39 -26.74 2.41
N ARG Q 36 6.16 -27.18 2.62
CA ARG Q 36 5.19 -26.49 3.44
C ARG Q 36 4.74 -27.41 4.57
N GLN Q 37 4.54 -26.84 5.76
CA GLN Q 37 4.08 -27.60 6.92
C GLN Q 37 3.01 -26.80 7.64
N ASN Q 38 1.76 -27.24 7.53
CA ASN Q 38 0.64 -26.62 8.23
C ASN Q 38 0.30 -27.40 9.49
N SER Q 39 -0.16 -26.68 10.51
CA SER Q 39 -0.72 -27.27 11.73
C SER Q 39 0.21 -28.31 12.35
N GLY Q 40 1.51 -28.18 12.11
CA GLY Q 40 2.49 -29.07 12.70
C GLY Q 40 2.41 -30.51 12.23
N ARG Q 41 1.64 -30.78 11.17
CA ARG Q 41 1.58 -32.14 10.64
C ARG Q 41 2.68 -32.36 9.62
N GLY Q 42 2.47 -33.28 8.68
CA GLY Q 42 3.52 -33.66 7.77
C GLY Q 42 3.88 -32.56 6.79
N LEU Q 43 5.15 -32.47 6.46
CA LEU Q 43 5.61 -31.54 5.45
C LEU Q 43 5.20 -32.03 4.07
N VAL Q 44 4.89 -31.08 3.18
CA VAL Q 44 4.39 -31.40 1.84
C VAL Q 44 5.27 -30.69 0.82
N HIS Q 45 5.60 -31.39 -0.25
CA HIS Q 45 6.43 -30.83 -1.31
C HIS Q 45 5.65 -29.80 -2.11
N LEU Q 46 6.31 -28.70 -2.47
CA LEU Q 46 5.69 -27.62 -3.22
C LEU Q 46 6.23 -27.51 -4.65
N ILE Q 47 7.55 -27.41 -4.81
CA ILE Q 47 8.14 -27.18 -6.13
C ILE Q 47 9.62 -27.51 -6.04
N LEU Q 48 10.17 -27.99 -7.15
CA LEU Q 48 11.58 -28.35 -7.26
C LEU Q 48 12.20 -27.58 -8.42
N ILE Q 49 13.38 -27.03 -8.19
CA ILE Q 49 14.13 -26.31 -9.23
C ILE Q 49 15.55 -26.87 -9.26
N ARG Q 50 16.05 -27.09 -10.47
CA ARG Q 50 17.37 -27.69 -10.66
C ARG Q 50 18.44 -26.60 -10.80
N SER Q 51 19.70 -27.04 -10.70
CA SER Q 51 20.81 -26.09 -10.71
C SER Q 51 20.91 -25.33 -12.03
N ASN Q 52 20.40 -25.90 -13.12
CA ASN Q 52 20.48 -25.23 -14.41
C ASN Q 52 19.36 -24.21 -14.63
N GLU Q 53 18.34 -24.20 -13.77
CA GLU Q 53 17.23 -23.26 -13.90
C GLU Q 53 17.44 -22.05 -13.00
N ARG Q 54 16.81 -20.94 -13.39
CA ARG Q 54 16.77 -19.73 -12.58
C ARG Q 54 15.36 -19.38 -12.10
N GLU Q 55 14.34 -19.64 -12.91
CA GLU Q 55 12.95 -19.42 -12.55
C GLU Q 55 12.14 -20.66 -12.87
N LYS Q 56 11.17 -20.97 -12.02
CA LYS Q 56 10.22 -22.03 -12.29
C LYS Q 56 8.91 -21.73 -11.57
N HIS Q 57 7.80 -21.99 -12.25
CA HIS Q 57 6.48 -21.71 -11.72
C HIS Q 57 5.67 -22.99 -11.55
N SER Q 58 4.71 -22.93 -10.63
CA SER Q 58 3.79 -24.04 -10.41
C SER Q 58 2.56 -23.45 -9.70
N GLY Q 59 1.54 -23.11 -10.48
CA GLY Q 59 0.36 -22.47 -9.91
C GLY Q 59 0.69 -21.07 -9.45
N ARG Q 60 0.28 -20.73 -8.24
CA ARG Q 60 0.51 -19.42 -7.65
C ARG Q 60 1.95 -19.24 -7.16
N LEU Q 61 2.83 -20.19 -7.42
CA LEU Q 61 4.19 -20.17 -6.88
C LEU Q 61 5.19 -19.82 -7.97
N ARG Q 62 6.24 -19.10 -7.57
CA ARG Q 62 7.41 -18.86 -8.41
C ARG Q 62 8.65 -19.02 -7.55
N VAL Q 63 9.56 -19.91 -7.95
CA VAL Q 63 10.80 -20.15 -7.23
C VAL Q 63 11.96 -19.57 -8.05
N THR Q 64 12.86 -18.88 -7.37
CA THR Q 64 14.04 -18.30 -7.98
C THR Q 64 15.28 -18.93 -7.37
N LEU Q 65 16.28 -19.21 -8.21
CA LEU Q 65 17.51 -19.83 -7.74
C LEU Q 65 18.70 -19.00 -8.21
N ASP Q 66 19.61 -18.71 -7.29
CA ASP Q 66 20.87 -18.03 -7.57
C ASP Q 66 21.99 -18.93 -7.04
N THR Q 67 22.67 -19.64 -7.95
CA THR Q 67 23.72 -20.55 -7.55
C THR Q 67 24.91 -19.82 -6.95
N SER Q 68 25.21 -18.63 -7.47
CA SER Q 68 26.37 -17.88 -6.98
C SER Q 68 26.19 -17.47 -5.53
N LYS Q 69 25.03 -16.89 -5.20
CA LYS Q 69 24.75 -16.46 -3.84
C LYS Q 69 24.26 -17.59 -2.95
N LYS Q 70 23.92 -18.75 -3.52
CA LYS Q 70 23.40 -19.89 -2.76
C LYS Q 70 22.15 -19.50 -1.97
N SER Q 71 21.17 -18.94 -2.66
CA SER Q 71 19.92 -18.51 -2.04
C SER Q 71 18.77 -18.76 -3.00
N SER Q 72 17.57 -18.88 -2.43
CA SER Q 72 16.37 -19.12 -3.21
C SER Q 72 15.23 -18.25 -2.68
N SER Q 73 14.34 -17.85 -3.59
CA SER Q 73 13.22 -16.98 -3.26
C SER Q 73 11.93 -17.60 -3.77
N LEU Q 74 10.96 -17.77 -2.88
CA LEU Q 74 9.64 -18.31 -3.20
C LEU Q 74 8.63 -17.17 -3.16
N LEU Q 75 7.81 -17.07 -4.22
CA LEU Q 75 6.82 -16.01 -4.34
C LEU Q 75 5.44 -16.64 -4.44
N ILE Q 76 4.60 -16.38 -3.45
CA ILE Q 76 3.20 -16.79 -3.45
C ILE Q 76 2.36 -15.58 -3.80
N THR Q 77 1.68 -15.65 -4.94
CA THR Q 77 0.80 -14.57 -5.39
C THR Q 77 -0.65 -14.89 -5.02
N ALA Q 78 -1.39 -13.85 -4.65
CA ALA Q 78 -2.78 -13.98 -4.21
C ALA Q 78 -2.89 -14.97 -3.06
N SER Q 79 -2.23 -14.61 -1.95
CA SER Q 79 -2.12 -15.52 -0.81
C SER Q 79 -3.48 -15.72 -0.14
N ARG Q 80 -3.68 -16.93 0.37
CA ARG Q 80 -4.92 -17.33 1.01
C ARG Q 80 -4.65 -17.71 2.47
N ALA Q 81 -5.73 -17.85 3.23
CA ALA Q 81 -5.60 -18.24 4.63
C ALA Q 81 -4.97 -19.62 4.77
N ALA Q 82 -5.19 -20.50 3.79
CA ALA Q 82 -4.59 -21.82 3.83
C ALA Q 82 -3.08 -21.78 3.61
N ASP Q 83 -2.55 -20.69 3.06
CA ASP Q 83 -1.12 -20.55 2.87
C ASP Q 83 -0.36 -20.30 4.16
N THR Q 84 -1.04 -20.17 5.29
CA THR Q 84 -0.39 -19.98 6.58
C THR Q 84 0.26 -21.29 7.01
N ALA Q 85 1.60 -21.31 7.02
CA ALA Q 85 2.34 -22.52 7.34
C ALA Q 85 3.81 -22.16 7.44
N SER Q 86 4.61 -23.14 7.88
CA SER Q 86 6.06 -23.03 7.87
C SER Q 86 6.60 -23.51 6.53
N TYR Q 87 7.57 -22.78 6.00
CA TYR Q 87 8.15 -23.08 4.69
C TYR Q 87 9.63 -23.38 4.85
N PHE Q 88 10.04 -24.58 4.44
CA PHE Q 88 11.42 -25.04 4.55
C PHE Q 88 12.03 -25.20 3.17
N CYS Q 89 13.36 -25.18 3.12
CA CYS Q 89 14.12 -25.44 1.92
C CYS Q 89 14.86 -26.76 2.04
N ALA Q 90 15.01 -27.46 0.92
CA ALA Q 90 15.65 -28.77 0.87
C ALA Q 90 16.64 -28.80 -0.29
N THR Q 91 17.87 -29.21 0.01
CA THR Q 91 18.92 -29.33 -0.98
C THR Q 91 19.62 -30.67 -0.84
N ASP Q 92 20.33 -31.05 -1.89
CA ASP Q 92 21.25 -32.18 -1.88
C ASP Q 92 22.68 -31.67 -1.91
N LYS Q 93 23.62 -32.60 -1.79
CA LYS Q 93 25.05 -32.27 -1.84
C LYS Q 93 25.66 -33.00 -3.03
N LYS Q 94 26.28 -32.24 -3.93
CA LYS Q 94 27.07 -32.85 -4.99
C LYS Q 94 28.17 -33.70 -4.38
N GLY Q 95 28.32 -34.92 -4.89
CA GLY Q 95 29.25 -35.87 -4.30
C GLY Q 95 28.68 -36.70 -3.18
N GLY Q 96 27.44 -36.45 -2.78
CA GLY Q 96 26.74 -37.26 -1.80
C GLY Q 96 25.62 -38.06 -2.43
N ALA Q 97 24.88 -38.75 -1.57
CA ALA Q 97 23.74 -39.54 -2.02
C ALA Q 97 22.73 -38.63 -2.71
N THR Q 98 22.32 -39.04 -3.92
CA THR Q 98 21.42 -38.20 -4.72
C THR Q 98 20.05 -38.04 -4.08
N ASN Q 99 19.70 -38.90 -3.12
CA ASN Q 99 18.41 -38.86 -2.46
C ASN Q 99 18.45 -38.28 -1.06
N LYS Q 100 19.64 -37.88 -0.58
CA LYS Q 100 19.79 -37.40 0.79
C LYS Q 100 19.62 -35.89 0.80
N LEU Q 101 18.46 -35.44 1.26
CA LEU Q 101 18.16 -34.01 1.32
C LEU Q 101 18.57 -33.43 2.66
N ILE Q 102 18.85 -32.13 2.66
CA ILE Q 102 19.23 -31.39 3.86
C ILE Q 102 18.25 -30.25 4.02
N PHE Q 103 17.40 -30.32 5.03
CA PHE Q 103 16.36 -29.32 5.25
C PHE Q 103 16.93 -28.17 6.08
N GLY Q 104 16.89 -26.97 5.50
CA GLY Q 104 17.37 -25.78 6.19
C GLY Q 104 16.37 -25.24 7.20
N THR Q 105 16.75 -24.11 7.79
CA THR Q 105 15.88 -23.47 8.77
C THR Q 105 14.69 -22.82 8.07
N GLY Q 106 13.49 -23.07 8.60
CA GLY Q 106 12.27 -22.61 7.98
C GLY Q 106 11.88 -21.20 8.38
N THR Q 107 10.94 -20.64 7.60
CA THR Q 107 10.39 -19.33 7.85
C THR Q 107 8.88 -19.46 8.05
N LEU Q 108 8.37 -18.91 9.14
CA LEU Q 108 6.96 -19.03 9.48
C LEU Q 108 6.16 -17.90 8.84
N LEU Q 109 5.12 -18.26 8.10
CA LEU Q 109 4.28 -17.31 7.38
C LEU Q 109 2.89 -17.31 7.97
N ALA Q 110 2.37 -16.12 8.28
CA ALA Q 110 1.01 -15.95 8.78
C ALA Q 110 0.27 -14.99 7.86
N VAL Q 111 -0.80 -15.47 7.24
CA VAL Q 111 -1.60 -14.66 6.32
C VAL Q 111 -2.73 -14.05 7.12
N GLN Q 112 -2.59 -12.77 7.46
CA GLN Q 112 -3.58 -12.07 8.25
C GLN Q 112 -4.82 -11.76 7.41
N PRO Q 113 -5.98 -11.59 8.03
CA PRO Q 113 -7.19 -11.25 7.29
C PRO Q 113 -7.36 -9.74 7.14
N ASN Q 114 -8.18 -9.37 6.15
CA ASN Q 114 -8.53 -7.97 5.90
C ASN Q 114 -9.78 -7.66 6.69
N ILE Q 115 -9.62 -7.06 7.87
CA ILE Q 115 -10.76 -6.69 8.69
C ILE Q 115 -11.44 -5.48 8.07
N GLN Q 116 -12.63 -5.68 7.52
CA GLN Q 116 -13.32 -4.60 6.82
C GLN Q 116 -13.83 -3.53 7.78
N ASN Q 117 -14.54 -3.96 8.83
CA ASN Q 117 -15.17 -3.05 9.79
C ASN Q 117 -14.60 -3.35 11.17
N PRO Q 118 -13.41 -2.83 11.48
CA PRO Q 118 -12.81 -3.09 12.79
C PRO Q 118 -13.64 -2.49 13.91
N ASP Q 119 -13.56 -3.11 15.08
CA ASP Q 119 -14.26 -2.65 16.28
C ASP Q 119 -13.54 -3.17 17.51
N PRO Q 120 -12.30 -2.74 17.73
CA PRO Q 120 -11.50 -3.30 18.83
C PRO Q 120 -12.16 -3.08 20.18
N ALA Q 121 -12.13 -4.10 21.02
CA ALA Q 121 -12.78 -4.06 22.31
C ALA Q 121 -12.22 -5.18 23.18
N VAL Q 122 -12.29 -4.97 24.51
CA VAL Q 122 -11.85 -5.94 25.50
C VAL Q 122 -13.05 -6.27 26.38
N TYR Q 123 -13.51 -7.52 26.33
CA TYR Q 123 -14.68 -7.96 27.05
C TYR Q 123 -14.29 -8.86 28.21
N GLN Q 124 -15.17 -8.92 29.22
CA GLN Q 124 -15.00 -9.81 30.36
C GLN Q 124 -16.10 -10.87 30.30
N LEU Q 125 -15.69 -12.12 30.13
CA LEU Q 125 -16.64 -13.21 30.05
C LEU Q 125 -17.26 -13.48 31.42
N ARG Q 126 -18.38 -14.20 31.40
CA ARG Q 126 -19.12 -14.47 32.62
C ARG Q 126 -18.28 -15.28 33.60
N ASP Q 127 -18.39 -14.92 34.88
CA ASP Q 127 -17.66 -15.63 35.92
C ASP Q 127 -18.12 -17.07 35.99
N SER Q 128 -17.19 -18.00 35.83
CA SER Q 128 -17.48 -19.39 36.13
C SER Q 128 -17.64 -19.57 37.62
N LYS Q 129 -18.67 -20.32 38.02
CA LYS Q 129 -18.83 -20.68 39.42
C LYS Q 129 -18.12 -21.98 39.76
N SER Q 130 -17.55 -22.65 38.77
CA SER Q 130 -16.73 -23.83 38.98
C SER Q 130 -15.23 -23.53 38.91
N SER Q 131 -14.84 -22.43 38.28
CA SER Q 131 -13.43 -22.10 38.07
C SER Q 131 -13.08 -20.81 38.79
N ASP Q 132 -11.85 -20.76 39.29
CA ASP Q 132 -11.33 -19.58 39.98
C ASP Q 132 -10.70 -18.56 39.04
N LYS Q 133 -10.71 -18.83 37.74
CA LYS Q 133 -10.07 -17.95 36.77
C LYS Q 133 -11.07 -16.94 36.19
N SER Q 134 -10.57 -15.75 35.89
CA SER Q 134 -11.34 -14.72 35.19
C SER Q 134 -10.68 -14.46 33.84
N VAL Q 135 -11.51 -14.39 32.79
CA VAL Q 135 -11.04 -14.39 31.42
C VAL Q 135 -11.44 -13.08 30.74
N CYS Q 136 -10.48 -12.42 30.11
CA CYS Q 136 -10.72 -11.25 29.29
C CYS Q 136 -10.46 -11.61 27.83
N LEU Q 137 -11.21 -10.97 26.93
CA LEU Q 137 -11.13 -11.25 25.50
C LEU Q 137 -10.94 -9.94 24.74
N PHE Q 138 -9.81 -9.81 24.07
CA PHE Q 138 -9.52 -8.68 23.19
C PHE Q 138 -9.81 -9.13 21.77
N THR Q 139 -10.86 -8.57 21.17
CA THR Q 139 -11.36 -9.09 19.90
C THR Q 139 -11.70 -7.93 18.96
N ASP Q 140 -11.93 -8.29 17.69
CA ASP Q 140 -12.43 -7.41 16.64
C ASP Q 140 -11.46 -6.29 16.29
N PHE Q 141 -10.17 -6.44 16.60
CA PHE Q 141 -9.19 -5.48 16.15
C PHE Q 141 -8.69 -5.85 14.75
N ASP Q 142 -8.14 -4.85 14.07
CA ASP Q 142 -7.61 -5.09 12.73
C ASP Q 142 -6.26 -5.83 12.84
N SER Q 143 -5.78 -6.31 11.69
CA SER Q 143 -4.60 -7.15 11.66
C SER Q 143 -3.30 -6.38 11.94
N GLN Q 144 -3.32 -5.05 11.82
CA GLN Q 144 -2.13 -4.27 12.12
C GLN Q 144 -1.75 -4.31 13.59
N THR Q 145 -2.69 -4.62 14.48
CA THR Q 145 -2.39 -4.76 15.89
C THR Q 145 -1.69 -6.07 16.16
N ASN Q 146 -0.67 -6.02 17.02
CA ASN Q 146 0.09 -7.21 17.42
C ASN Q 146 -0.04 -7.37 18.93
N VAL Q 147 -0.43 -8.57 19.36
CA VAL Q 147 -0.56 -8.89 20.78
C VAL Q 147 0.79 -9.38 21.29
N SER Q 148 1.18 -8.88 22.46
CA SER Q 148 2.46 -9.21 23.05
C SER Q 148 2.28 -10.19 24.20
N GLN Q 149 3.35 -10.94 24.48
CA GLN Q 149 3.33 -11.91 25.56
C GLN Q 149 3.26 -11.21 26.92
N SER Q 150 2.57 -11.85 27.86
CA SER Q 150 2.43 -11.29 29.19
C SER Q 150 3.76 -11.31 29.92
N LYS Q 151 4.07 -10.21 30.60
CA LYS Q 151 5.30 -10.08 31.37
C LYS Q 151 5.05 -10.24 32.87
N ASP Q 152 3.84 -10.67 33.25
CA ASP Q 152 3.49 -10.87 34.64
C ASP Q 152 3.16 -12.34 34.86
N SER Q 153 3.84 -12.96 35.82
CA SER Q 153 3.44 -14.30 36.24
C SER Q 153 2.01 -14.23 36.80
N ASP Q 154 1.35 -15.38 36.79
CA ASP Q 154 -0.04 -15.55 37.20
C ASP Q 154 -1.03 -14.85 36.27
N VAL Q 155 -0.56 -14.18 35.22
CA VAL Q 155 -1.41 -13.59 34.20
C VAL Q 155 -0.96 -14.18 32.87
N TYR Q 156 -1.80 -15.03 32.28
CA TYR Q 156 -1.46 -15.74 31.06
C TYR Q 156 -2.17 -15.13 29.87
N ILE Q 157 -1.46 -15.02 28.74
CA ILE Q 157 -1.98 -14.38 27.54
C ILE Q 157 -1.58 -15.22 26.33
N THR Q 158 -2.55 -15.49 25.45
CA THR Q 158 -2.30 -16.22 24.21
C THR Q 158 -2.26 -15.25 23.03
N ASP Q 159 -1.55 -15.66 21.99
CA ASP Q 159 -1.39 -14.82 20.81
C ASP Q 159 -2.70 -14.70 20.04
N LYS Q 160 -2.73 -13.76 19.10
CA LYS Q 160 -3.94 -13.54 18.30
C LYS Q 160 -4.15 -14.71 17.36
N CYS Q 161 -5.40 -15.15 17.27
CA CYS Q 161 -5.81 -16.20 16.34
C CYS Q 161 -6.99 -15.69 15.52
N VAL Q 162 -7.14 -16.26 14.32
CA VAL Q 162 -8.19 -15.86 13.39
C VAL Q 162 -9.29 -16.91 13.42
N LEU Q 163 -10.54 -16.45 13.60
CA LEU Q 163 -11.71 -17.30 13.51
C LEU Q 163 -12.53 -16.88 12.28
N ASP Q 164 -13.11 -17.86 11.61
CA ASP Q 164 -13.83 -17.65 10.36
C ASP Q 164 -15.26 -18.13 10.53
N MET Q 165 -16.21 -17.19 10.61
CA MET Q 165 -17.63 -17.52 10.64
C MET Q 165 -18.10 -17.61 9.18
N ARG Q 166 -17.86 -18.78 8.59
CA ARG Q 166 -18.11 -18.96 7.16
C ARG Q 166 -19.56 -18.67 6.78
N SER Q 167 -20.50 -18.94 7.68
CA SER Q 167 -21.91 -18.75 7.36
C SER Q 167 -22.22 -17.28 7.11
N MET Q 168 -21.55 -16.38 7.81
CA MET Q 168 -21.82 -14.95 7.72
C MET Q 168 -20.72 -14.17 7.01
N ASP Q 169 -19.76 -14.87 6.39
CA ASP Q 169 -18.65 -14.24 5.68
C ASP Q 169 -17.93 -13.23 6.58
N PHE Q 170 -17.57 -13.69 7.77
CA PHE Q 170 -17.05 -12.84 8.83
C PHE Q 170 -15.80 -13.46 9.43
N LYS Q 171 -14.72 -12.70 9.45
CA LYS Q 171 -13.49 -13.08 10.13
C LYS Q 171 -13.19 -12.08 11.24
N SER Q 172 -12.53 -12.55 12.29
CA SER Q 172 -12.23 -11.69 13.43
C SER Q 172 -11.02 -12.22 14.17
N ASN Q 173 -10.18 -11.30 14.64
CA ASN Q 173 -9.06 -11.64 15.49
C ASN Q 173 -9.47 -11.61 16.95
N SER Q 174 -8.73 -12.35 17.77
CA SER Q 174 -9.03 -12.39 19.20
C SER Q 174 -7.81 -12.91 19.95
N ALA Q 175 -7.67 -12.46 21.19
CA ALA Q 175 -6.64 -12.93 22.10
C ALA Q 175 -7.24 -13.05 23.50
N VAL Q 176 -6.76 -14.05 24.24
CA VAL Q 176 -7.34 -14.41 25.53
C VAL Q 176 -6.31 -14.15 26.63
N ALA Q 177 -6.79 -13.59 27.74
CA ALA Q 177 -5.99 -13.40 28.94
C ALA Q 177 -6.81 -13.89 30.14
N TRP Q 178 -6.18 -14.67 31.01
CA TRP Q 178 -6.84 -15.13 32.22
C TRP Q 178 -5.86 -15.10 33.37
N SER Q 179 -6.40 -15.06 34.59
CA SER Q 179 -5.60 -14.97 35.79
C SER Q 179 -6.41 -15.47 36.98
N ASN Q 180 -5.68 -15.92 37.99
CA ASN Q 180 -6.28 -16.39 39.24
C ASN Q 180 -6.32 -15.31 40.32
N LYS Q 181 -5.68 -14.17 40.08
CA LYS Q 181 -5.49 -13.16 41.12
C LYS Q 181 -6.65 -12.17 41.17
N SER Q 182 -6.79 -11.53 42.34
CA SER Q 182 -7.90 -10.60 42.56
C SER Q 182 -7.61 -9.23 41.98
N ASP Q 183 -6.34 -8.84 41.87
CA ASP Q 183 -6.00 -7.55 41.26
C ASP Q 183 -6.11 -7.59 39.74
N PHE Q 184 -6.43 -8.73 39.15
CA PHE Q 184 -6.54 -8.85 37.70
C PHE Q 184 -7.81 -8.16 37.22
N ALA Q 185 -7.67 -7.32 36.20
CA ALA Q 185 -8.80 -6.58 35.64
C ALA Q 185 -8.56 -6.40 34.14
N CYS Q 186 -9.65 -6.48 33.37
CA CYS Q 186 -9.53 -6.44 31.91
C CYS Q 186 -9.00 -5.10 31.40
N ALA Q 187 -9.08 -4.05 32.22
CA ALA Q 187 -8.52 -2.75 31.81
C ALA Q 187 -7.01 -2.80 31.71
N ASN Q 188 -6.36 -3.68 32.47
CA ASN Q 188 -4.91 -3.80 32.47
C ASN Q 188 -4.43 -5.14 31.92
N ALA Q 189 -5.33 -5.98 31.41
CA ALA Q 189 -4.95 -7.33 30.99
C ALA Q 189 -3.92 -7.29 29.87
N PHE Q 190 -4.16 -6.46 28.86
CA PHE Q 190 -3.26 -6.34 27.71
C PHE Q 190 -2.38 -5.10 27.84
N ASN Q 191 -1.88 -4.88 29.05
CA ASN Q 191 -0.96 -3.77 29.32
C ASN Q 191 0.27 -3.86 28.43
N ASN Q 192 0.83 -5.06 28.29
CA ASN Q 192 2.10 -5.26 27.61
C ASN Q 192 2.00 -5.24 26.09
N SER Q 193 0.83 -4.96 25.54
CA SER Q 193 0.63 -4.88 24.11
C SER Q 193 0.21 -3.46 23.72
N ILE Q 194 0.51 -3.07 22.48
CA ILE Q 194 0.11 -1.77 21.96
C ILE Q 194 -1.21 -1.97 21.21
N ILE Q 195 -2.28 -1.42 21.78
CA ILE Q 195 -3.62 -1.56 21.21
C ILE Q 195 -4.10 -0.18 20.82
N PRO Q 196 -5.05 -0.08 19.89
CA PRO Q 196 -5.52 1.25 19.45
C PRO Q 196 -6.21 2.00 20.58
N GLU Q 197 -6.20 3.33 20.46
CA GLU Q 197 -6.97 4.16 21.39
C GLU Q 197 -8.47 4.01 21.15
N ASP Q 198 -8.86 3.64 19.93
CA ASP Q 198 -10.26 3.39 19.61
C ASP Q 198 -10.82 2.18 20.33
N THR Q 199 -10.00 1.42 21.04
CA THR Q 199 -10.44 0.19 21.69
C THR Q 199 -11.51 0.49 22.74
N PHE Q 200 -12.62 -0.22 22.64
CA PHE Q 200 -13.77 -0.04 23.52
C PHE Q 200 -13.60 -0.85 24.80
N PHE Q 201 -13.75 -0.19 25.94
CA PHE Q 201 -13.72 -0.86 27.24
C PHE Q 201 -15.08 -0.68 27.91
N PRO Q 202 -15.93 -1.71 27.92
CA PRO Q 202 -17.28 -1.55 28.48
C PRO Q 202 -17.25 -1.39 29.98
N SER Q 203 -18.15 -0.55 30.48
CA SER Q 203 -18.30 -0.40 31.92
C SER Q 203 -19.12 -1.54 32.49
N PRO Q 204 -18.80 -2.02 33.70
CA PRO Q 204 -19.54 -3.12 34.32
C PRO Q 204 -20.87 -2.67 34.94
N GLY R 3 0.64 -42.16 1.65
CA GLY R 3 0.48 -43.53 2.12
C GLY R 3 1.41 -43.88 3.27
N VAL R 4 2.02 -42.87 3.87
CA VAL R 4 2.97 -43.06 4.96
C VAL R 4 2.20 -43.04 6.28
N THR R 5 2.57 -43.95 7.17
CA THR R 5 1.89 -44.12 8.44
C THR R 5 2.92 -44.28 9.56
N GLN R 6 2.69 -43.63 10.68
CA GLN R 6 3.55 -43.74 11.84
C GLN R 6 2.76 -44.25 13.04
N THR R 7 3.45 -44.98 13.91
CA THR R 7 2.84 -45.56 15.11
C THR R 7 3.87 -45.58 16.24
N PRO R 8 3.56 -44.98 17.41
CA PRO R 8 2.27 -44.36 17.73
C PRO R 8 2.23 -42.87 17.41
N LYS R 9 1.10 -42.23 17.70
CA LYS R 9 0.99 -40.79 17.49
C LYS R 9 1.63 -40.01 18.62
N PHE R 10 1.42 -40.44 19.86
CA PHE R 10 1.96 -39.78 21.04
C PHE R 10 2.57 -40.82 21.97
N ARG R 11 3.61 -40.40 22.70
CA ARG R 11 4.28 -41.29 23.62
C ARG R 11 5.06 -40.49 24.65
N VAL R 12 4.94 -40.87 25.91
CA VAL R 12 5.71 -40.27 27.01
C VAL R 12 6.50 -41.37 27.68
N LEU R 13 7.79 -41.12 27.91
CA LEU R 13 8.71 -42.14 28.42
C LEU R 13 9.45 -41.60 29.64
N LYS R 14 9.89 -42.54 30.48
CA LYS R 14 10.79 -42.23 31.58
C LYS R 14 12.23 -42.36 31.11
N THR R 15 13.11 -41.58 31.73
CA THR R 15 14.52 -41.60 31.36
C THR R 15 15.10 -43.00 31.56
N GLY R 16 15.71 -43.53 30.49
CA GLY R 16 16.28 -44.86 30.50
C GLY R 16 15.39 -45.93 29.90
N GLN R 17 14.16 -45.59 29.52
CA GLN R 17 13.24 -46.55 28.94
C GLN R 17 13.50 -46.70 27.44
N SER R 18 12.80 -47.65 26.82
CA SER R 18 13.00 -47.96 25.41
C SER R 18 11.66 -48.06 24.70
N MET R 19 11.68 -47.77 23.39
CA MET R 19 10.51 -47.90 22.55
C MET R 19 10.97 -48.01 21.10
N THR R 20 10.02 -48.25 20.21
CA THR R 20 10.31 -48.41 18.79
C THR R 20 9.22 -47.72 17.98
N LEU R 21 9.62 -46.76 17.15
CA LEU R 21 8.70 -46.06 16.27
C LEU R 21 8.61 -46.81 14.95
N LEU R 22 7.39 -47.18 14.56
CA LEU R 22 7.16 -47.93 13.34
C LEU R 22 6.70 -47.01 12.22
N CYS R 23 7.24 -47.23 11.02
CA CYS R 23 6.84 -46.48 9.85
C CYS R 23 6.44 -47.47 8.76
N ALA R 24 5.40 -47.13 8.00
CA ALA R 24 4.88 -48.00 6.96
C ALA R 24 4.43 -47.19 5.77
N GLN R 25 4.72 -47.69 4.56
CA GLN R 25 4.29 -47.07 3.32
C GLN R 25 3.81 -48.16 2.36
N ASP R 26 2.77 -47.86 1.60
CA ASP R 26 2.15 -48.80 0.67
C ASP R 26 2.33 -48.39 -0.78
N MET R 27 3.40 -47.65 -1.07
CA MET R 27 3.63 -47.11 -2.41
C MET R 27 4.83 -47.77 -3.10
N ASN R 28 5.40 -48.82 -2.50
CA ASN R 28 6.53 -49.54 -3.06
C ASN R 28 7.74 -48.63 -3.30
N HIS R 29 7.86 -47.59 -2.49
CA HIS R 29 9.02 -46.71 -2.57
C HIS R 29 10.25 -47.42 -2.04
N GLU R 30 11.40 -47.10 -2.62
CA GLU R 30 12.65 -47.74 -2.26
C GLU R 30 13.34 -47.03 -1.10
N TYR R 31 13.25 -45.71 -1.05
CA TYR R 31 14.00 -44.91 -0.08
C TYR R 31 13.07 -44.44 1.03
N MET R 32 13.53 -44.57 2.27
CA MET R 32 12.79 -44.10 3.45
C MET R 32 13.73 -43.34 4.37
N TYR R 33 13.14 -42.44 5.15
CA TYR R 33 13.91 -41.53 6.00
C TYR R 33 13.27 -41.43 7.37
N TRP R 34 14.06 -40.99 8.34
CA TRP R 34 13.58 -40.71 9.69
C TRP R 34 14.15 -39.37 10.14
N TYR R 35 13.28 -38.39 10.36
CA TYR R 35 13.67 -37.06 10.79
C TYR R 35 13.22 -36.81 12.21
N ARG R 36 13.80 -35.77 12.82
CA ARG R 36 13.31 -35.20 14.06
C ARG R 36 13.18 -33.69 13.89
N GLN R 37 12.12 -33.12 14.46
CA GLN R 37 11.86 -31.69 14.34
C GLN R 37 11.50 -31.13 15.71
N ASP R 38 12.49 -30.61 16.41
CA ASP R 38 12.18 -29.69 17.48
C ASP R 38 11.85 -28.32 16.87
N PRO R 39 10.89 -27.59 17.43
CA PRO R 39 10.47 -26.33 16.79
C PRO R 39 11.58 -25.32 16.59
N GLY R 40 12.74 -25.50 17.21
CA GLY R 40 13.80 -24.52 17.15
C GLY R 40 14.72 -24.61 15.95
N MET R 41 15.02 -25.83 15.48
CA MET R 41 16.07 -25.99 14.48
C MET R 41 15.61 -26.77 13.25
N GLY R 42 14.31 -26.76 12.94
CA GLY R 42 13.89 -27.36 11.69
C GLY R 42 14.02 -28.88 11.66
N LEU R 43 14.06 -29.41 10.44
CA LEU R 43 14.01 -30.84 10.18
C LEU R 43 15.42 -31.37 9.98
N ARG R 44 15.88 -32.22 10.90
CA ARG R 44 17.20 -32.82 10.83
C ARG R 44 17.08 -34.33 10.64
N LEU R 45 17.90 -34.88 9.74
CA LEU R 45 17.82 -36.28 9.38
C LEU R 45 18.58 -37.14 10.39
N ILE R 46 17.97 -38.26 10.77
CA ILE R 46 18.56 -39.19 11.72
C ILE R 46 19.24 -40.33 10.95
N HIS R 47 18.44 -41.15 10.27
CA HIS R 47 18.96 -42.20 9.40
C HIS R 47 18.12 -42.24 8.13
N TYR R 48 18.66 -42.92 7.12
CA TYR R 48 17.92 -43.20 5.90
C TYR R 48 18.30 -44.59 5.41
N SER R 49 17.51 -45.09 4.46
CA SER R 49 17.71 -46.44 3.94
C SER R 49 17.32 -46.46 2.47
N VAL R 50 18.22 -46.98 1.63
CA VAL R 50 17.98 -47.04 0.19
C VAL R 50 17.45 -48.39 -0.25
N GLY R 51 17.24 -49.32 0.67
CA GLY R 51 16.71 -50.62 0.31
C GLY R 51 16.76 -51.56 1.50
N GLU R 52 16.20 -52.75 1.29
CA GLU R 52 16.19 -53.77 2.32
C GLU R 52 17.61 -54.11 2.76
N GLY R 53 17.83 -54.10 4.07
CA GLY R 53 19.08 -54.57 4.63
C GLY R 53 20.20 -53.55 4.72
N THR R 54 20.02 -52.34 4.16
CA THR R 54 21.05 -51.31 4.19
C THR R 54 20.49 -50.05 4.83
N THR R 55 21.27 -49.47 5.73
CA THR R 55 20.95 -48.19 6.37
C THR R 55 22.20 -47.31 6.37
N ALA R 56 22.00 -46.03 6.64
CA ALA R 56 23.10 -45.09 6.66
C ALA R 56 22.76 -43.93 7.59
N LYS R 57 23.79 -43.37 8.22
CA LYS R 57 23.61 -42.30 9.18
C LYS R 57 23.34 -40.97 8.46
N GLY R 58 22.81 -40.02 9.22
CA GLY R 58 22.51 -38.71 8.68
C GLY R 58 23.17 -37.58 9.46
N GLU R 59 22.38 -36.56 9.80
CA GLU R 59 22.93 -35.39 10.49
C GLU R 59 23.13 -35.64 11.98
N VAL R 60 22.10 -36.18 12.65
CA VAL R 60 22.17 -36.42 14.08
C VAL R 60 21.80 -37.88 14.38
N PRO R 61 22.68 -38.84 14.06
CA PRO R 61 22.33 -40.25 14.29
C PRO R 61 22.58 -40.73 15.71
N ASP R 62 23.35 -39.99 16.52
CA ASP R 62 23.74 -40.46 17.84
C ASP R 62 22.53 -40.74 18.71
N GLY R 63 22.45 -41.97 19.23
CA GLY R 63 21.41 -42.36 20.14
C GLY R 63 20.25 -43.12 19.53
N TYR R 64 20.23 -43.29 18.20
CA TYR R 64 19.12 -43.94 17.53
C TYR R 64 19.61 -45.13 16.73
N ASN R 65 18.79 -46.18 16.70
CA ASN R 65 19.04 -47.36 15.87
C ASN R 65 17.93 -47.47 14.84
N VAL R 66 18.23 -48.15 13.73
CA VAL R 66 17.30 -48.31 12.63
C VAL R 66 17.30 -49.76 12.16
N SER R 67 16.32 -50.07 11.32
CA SER R 67 16.12 -51.44 10.83
C SER R 67 15.25 -51.37 9.58
N ARG R 68 15.71 -52.02 8.52
CA ARG R 68 14.97 -52.09 7.24
C ARG R 68 14.92 -53.56 6.81
N LEU R 69 14.16 -54.36 7.56
CA LEU R 69 14.02 -55.77 7.22
C LEU R 69 13.00 -56.01 6.12
N LYS R 70 12.05 -55.10 5.94
CA LYS R 70 11.05 -55.21 4.89
C LYS R 70 10.99 -53.91 4.11
N LYS R 71 10.58 -54.02 2.84
CA LYS R 71 10.52 -52.85 1.98
C LYS R 71 9.51 -51.82 2.47
N GLN R 72 8.44 -52.28 3.11
CA GLN R 72 7.35 -51.38 3.48
C GLN R 72 7.61 -50.65 4.79
N ASN R 73 8.44 -51.22 5.67
CA ASN R 73 8.60 -50.71 7.03
C ASN R 73 10.03 -50.18 7.24
N PHE R 74 10.12 -49.08 7.98
CA PHE R 74 11.39 -48.52 8.42
C PHE R 74 11.26 -48.24 9.92
N LEU R 75 12.01 -48.98 10.73
CA LEU R 75 11.87 -48.94 12.18
C LEU R 75 12.92 -48.05 12.80
N LEU R 76 12.50 -47.20 13.73
CA LEU R 76 13.40 -46.36 14.51
C LEU R 76 13.38 -46.81 15.97
N GLY R 77 14.55 -46.92 16.57
CA GLY R 77 14.67 -47.46 17.91
C GLY R 77 15.42 -46.55 18.86
N LEU R 78 14.94 -46.50 20.09
CA LEU R 78 15.59 -45.76 21.18
C LEU R 78 15.89 -46.74 22.29
N GLU R 79 17.18 -46.96 22.57
CA GLU R 79 17.57 -47.94 23.58
C GLU R 79 17.45 -47.37 24.99
N SER R 80 18.02 -46.19 25.23
CA SER R 80 17.95 -45.53 26.53
C SER R 80 17.45 -44.11 26.30
N ALA R 81 16.20 -43.86 26.65
CA ALA R 81 15.59 -42.56 26.40
C ALA R 81 16.22 -41.49 27.29
N ALA R 82 16.44 -40.32 26.70
CA ALA R 82 17.03 -39.18 27.39
C ALA R 82 16.21 -37.93 27.10
N PRO R 83 16.23 -36.96 28.03
CA PRO R 83 15.45 -35.72 27.79
C PRO R 83 15.85 -34.99 26.52
N SER R 84 17.08 -35.15 26.04
CA SER R 84 17.51 -34.51 24.80
C SER R 84 16.79 -35.07 23.58
N GLN R 85 16.06 -36.17 23.71
CA GLN R 85 15.36 -36.79 22.59
C GLN R 85 13.90 -36.38 22.51
N THR R 86 13.43 -35.51 23.41
CA THR R 86 12.05 -35.00 23.36
C THR R 86 11.88 -34.13 22.13
N SER R 87 11.17 -34.65 21.13
CA SER R 87 10.98 -33.93 19.87
C SER R 87 9.79 -34.57 19.13
N VAL R 88 9.59 -34.16 17.89
CA VAL R 88 8.57 -34.72 17.01
C VAL R 88 9.30 -35.42 15.88
N TYR R 89 9.01 -36.71 15.69
CA TYR R 89 9.70 -37.55 14.72
C TYR R 89 8.83 -37.75 13.49
N PHE R 90 9.37 -37.43 12.32
CA PHE R 90 8.66 -37.56 11.06
C PHE R 90 9.31 -38.64 10.21
N CYS R 91 8.49 -39.50 9.62
CA CYS R 91 8.94 -40.49 8.66
C CYS R 91 8.58 -40.05 7.25
N ALA R 92 9.43 -40.43 6.29
CA ALA R 92 9.22 -40.03 4.91
C ALA R 92 9.74 -41.11 3.99
N SER R 93 9.28 -41.07 2.74
CA SER R 93 9.70 -42.01 1.71
C SER R 93 9.76 -41.29 0.37
N SER R 94 10.59 -41.81 -0.52
CA SER R 94 10.75 -41.23 -1.84
C SER R 94 11.32 -42.28 -2.78
N GLN R 95 11.35 -41.94 -4.07
CA GLN R 95 11.98 -42.77 -5.10
C GLN R 95 13.27 -42.17 -5.62
N GLY R 96 13.73 -41.05 -5.04
CA GLY R 96 14.97 -40.43 -5.48
C GLY R 96 15.25 -39.13 -4.78
N GLY R 97 15.79 -38.15 -5.51
CA GLY R 97 16.07 -36.84 -4.98
C GLY R 97 14.97 -35.82 -5.15
N GLY R 98 13.83 -36.23 -5.69
CA GLY R 98 12.70 -35.33 -5.87
C GLY R 98 11.82 -35.22 -4.66
N GLU R 99 10.50 -35.35 -4.86
CA GLU R 99 9.56 -35.20 -3.76
C GLU R 99 9.75 -36.29 -2.72
N GLN R 100 9.69 -35.88 -1.46
CA GLN R 100 9.59 -36.81 -0.33
C GLN R 100 8.18 -36.72 0.26
N TYR R 101 7.60 -37.86 0.57
CA TYR R 101 6.24 -37.96 1.10
C TYR R 101 6.31 -38.24 2.60
N PHE R 102 5.81 -37.32 3.41
CA PHE R 102 5.95 -37.37 4.85
C PHE R 102 4.71 -37.98 5.50
N GLY R 103 4.91 -38.54 6.69
CA GLY R 103 3.84 -39.07 7.49
C GLY R 103 3.24 -38.02 8.39
N PRO R 104 2.29 -38.41 9.24
CA PRO R 104 1.62 -37.43 10.10
C PRO R 104 2.47 -36.94 11.25
N GLY R 105 3.52 -37.67 11.62
CA GLY R 105 4.38 -37.27 12.70
C GLY R 105 4.14 -38.08 13.97
N THR R 106 5.11 -38.01 14.88
CA THR R 106 5.03 -38.71 16.16
C THR R 106 5.81 -37.87 17.16
N ARG R 107 5.12 -37.26 18.12
CA ARG R 107 5.78 -36.45 19.13
C ARG R 107 6.00 -37.28 20.39
N LEU R 108 7.21 -37.17 20.94
CA LEU R 108 7.67 -37.96 22.06
C LEU R 108 8.24 -37.03 23.11
N THR R 109 7.95 -37.32 24.38
CA THR R 109 8.48 -36.55 25.49
C THR R 109 9.08 -37.50 26.52
N VAL R 110 10.34 -37.26 26.87
CA VAL R 110 11.06 -38.07 27.85
C VAL R 110 11.27 -37.22 29.09
N THR R 111 10.79 -37.72 30.23
CA THR R 111 10.92 -37.03 31.50
C THR R 111 11.61 -37.94 32.51
N GLU R 112 12.31 -37.33 33.46
CA GLU R 112 13.06 -38.08 34.45
C GLU R 112 12.14 -38.84 35.39
N ASP R 113 10.95 -38.30 35.67
CA ASP R 113 10.02 -38.90 36.61
C ASP R 113 8.64 -38.94 36.00
N LEU R 114 7.96 -40.08 36.14
CA LEU R 114 6.62 -40.23 35.59
C LEU R 114 5.55 -39.54 36.44
N ASN R 115 5.92 -39.04 37.62
CA ASN R 115 4.98 -38.34 38.48
C ASN R 115 4.68 -36.92 38.01
N LYS R 116 5.43 -36.41 37.04
CA LYS R 116 5.19 -35.09 36.48
C LYS R 116 4.19 -35.10 35.34
N VAL R 117 3.51 -36.23 35.13
CA VAL R 117 2.50 -36.35 34.08
C VAL R 117 1.15 -36.01 34.70
N PHE R 118 0.49 -34.98 34.15
CA PHE R 118 -0.80 -34.53 34.66
C PHE R 118 -1.81 -34.44 33.53
N PRO R 119 -3.04 -34.89 33.75
CA PRO R 119 -4.09 -34.72 32.76
C PRO R 119 -4.64 -33.30 32.80
N PRO R 120 -5.31 -32.85 31.75
CA PRO R 120 -5.76 -31.45 31.71
C PRO R 120 -7.07 -31.25 32.46
N GLU R 121 -7.25 -30.02 32.94
CA GLU R 121 -8.51 -29.57 33.51
C GLU R 121 -9.17 -28.63 32.50
N VAL R 122 -10.40 -28.95 32.11
CA VAL R 122 -11.10 -28.24 31.05
C VAL R 122 -12.25 -27.46 31.65
N ALA R 123 -12.30 -26.16 31.34
CA ALA R 123 -13.38 -25.29 31.79
C ALA R 123 -13.83 -24.40 30.64
N VAL R 124 -15.14 -24.21 30.52
CA VAL R 124 -15.74 -23.38 29.48
C VAL R 124 -16.28 -22.13 30.13
N PHE R 125 -16.17 -21.00 29.43
CA PHE R 125 -16.55 -19.69 29.96
C PHE R 125 -17.57 -19.05 29.05
N GLU R 126 -18.75 -18.75 29.60
CA GLU R 126 -19.86 -18.24 28.83
C GLU R 126 -19.56 -16.83 28.32
N PRO R 127 -20.21 -16.42 27.22
CA PRO R 127 -19.84 -15.17 26.56
C PRO R 127 -20.10 -13.94 27.42
N SER R 128 -19.37 -12.88 27.10
CA SER R 128 -19.53 -11.60 27.78
C SER R 128 -20.84 -10.93 27.36
N GLU R 129 -21.58 -10.43 28.35
CA GLU R 129 -22.83 -9.75 28.04
C GLU R 129 -22.59 -8.42 27.33
N ALA R 130 -21.44 -7.78 27.57
CA ALA R 130 -21.11 -6.56 26.86
C ALA R 130 -20.81 -6.83 25.39
N GLU R 131 -20.27 -8.01 25.07
CA GLU R 131 -20.03 -8.35 23.68
C GLU R 131 -21.34 -8.54 22.93
N ILE R 132 -22.33 -9.18 23.56
CA ILE R 132 -23.60 -9.44 22.90
C ILE R 132 -24.34 -8.15 22.62
N SER R 133 -24.23 -7.17 23.53
CA SER R 133 -24.91 -5.89 23.32
C SER R 133 -24.21 -5.05 22.26
N HIS R 134 -22.89 -5.16 22.14
CA HIS R 134 -22.13 -4.27 21.27
C HIS R 134 -21.96 -4.82 19.86
N THR R 135 -21.83 -6.13 19.69
CA THR R 135 -21.54 -6.72 18.38
C THR R 135 -22.61 -7.69 17.90
N GLN R 136 -23.62 -7.98 18.72
CA GLN R 136 -24.64 -9.00 18.40
C GLN R 136 -24.00 -10.36 18.12
N LYS R 137 -22.86 -10.63 18.75
CA LYS R 137 -22.17 -11.90 18.62
C LYS R 137 -21.67 -12.32 19.99
N ALA R 138 -21.55 -13.63 20.19
CA ALA R 138 -21.17 -14.21 21.47
C ALA R 138 -19.98 -15.13 21.27
N THR R 139 -18.94 -14.94 22.10
CA THR R 139 -17.72 -15.72 22.01
C THR R 139 -17.57 -16.55 23.28
N LEU R 140 -17.48 -17.87 23.11
CA LEU R 140 -17.14 -18.76 24.20
C LEU R 140 -15.64 -19.04 24.17
N VAL R 141 -15.07 -19.24 25.36
CA VAL R 141 -13.64 -19.49 25.51
C VAL R 141 -13.46 -20.75 26.32
N CYS R 142 -12.59 -21.64 25.85
CA CYS R 142 -12.26 -22.87 26.54
C CYS R 142 -10.81 -22.86 26.99
N LEU R 143 -10.58 -23.28 28.23
CA LEU R 143 -9.25 -23.27 28.85
C LEU R 143 -8.93 -24.67 29.34
N ALA R 144 -7.93 -25.30 28.73
CA ALA R 144 -7.39 -26.57 29.22
C ALA R 144 -6.08 -26.27 29.94
N THR R 145 -6.04 -26.54 31.24
CA THR R 145 -4.97 -26.06 32.10
C THR R 145 -4.28 -27.19 32.83
N GLY R 146 -2.97 -27.00 33.05
CA GLY R 146 -2.19 -27.87 33.92
C GLY R 146 -2.00 -29.30 33.45
N PHE R 147 -1.59 -29.49 32.20
CA PHE R 147 -1.35 -30.83 31.67
C PHE R 147 0.09 -30.97 31.21
N PHE R 148 0.64 -32.17 31.39
CA PHE R 148 1.97 -32.53 30.93
C PHE R 148 1.92 -34.02 30.60
N PRO R 149 2.43 -34.44 29.43
CA PRO R 149 3.07 -33.59 28.42
C PRO R 149 2.07 -32.82 27.55
N ASP R 150 2.58 -32.03 26.61
CA ASP R 150 1.74 -31.24 25.74
C ASP R 150 1.13 -32.08 24.63
N HIS R 151 0.52 -33.21 24.99
CA HIS R 151 -0.09 -34.14 24.04
C HIS R 151 -1.60 -34.02 24.17
N VAL R 152 -2.19 -33.03 23.50
CA VAL R 152 -3.61 -32.76 23.58
C VAL R 152 -4.17 -32.47 22.20
N GLU R 153 -5.48 -32.68 22.06
CA GLU R 153 -6.22 -32.38 20.83
C GLU R 153 -7.56 -31.79 21.25
N LEU R 154 -7.77 -30.51 20.98
CA LEU R 154 -8.97 -29.81 21.42
C LEU R 154 -9.97 -29.69 20.27
N SER R 155 -11.25 -29.85 20.59
CA SER R 155 -12.32 -29.78 19.60
C SER R 155 -13.58 -29.24 20.25
N TRP R 156 -14.37 -28.53 19.46
CA TRP R 156 -15.66 -27.99 19.88
C TRP R 156 -16.80 -28.85 19.33
N TRP R 157 -17.86 -28.97 20.12
CA TRP R 157 -19.02 -29.78 19.75
C TRP R 157 -20.28 -29.00 20.06
N VAL R 158 -21.02 -28.63 19.01
CA VAL R 158 -22.28 -27.90 19.13
C VAL R 158 -23.41 -28.82 18.71
N ASN R 159 -24.29 -29.14 19.66
CA ASN R 159 -25.46 -29.98 19.40
C ASN R 159 -25.06 -31.35 18.84
N GLY R 160 -23.98 -31.91 19.36
CA GLY R 160 -23.55 -33.25 19.02
C GLY R 160 -22.63 -33.36 17.83
N LYS R 161 -22.55 -32.34 16.99
CA LYS R 161 -21.69 -32.36 15.82
C LYS R 161 -20.43 -31.55 16.08
N GLU R 162 -19.29 -32.06 15.65
CA GLU R 162 -18.04 -31.31 15.76
C GLU R 162 -18.07 -30.13 14.81
N VAL R 163 -17.63 -28.98 15.29
CA VAL R 163 -17.70 -27.73 14.57
C VAL R 163 -16.29 -27.20 14.33
N HIS R 164 -16.07 -26.61 13.16
CA HIS R 164 -14.85 -25.90 12.84
C HIS R 164 -15.09 -24.46 12.42
N SER R 165 -16.26 -24.15 11.88
CA SER R 165 -16.63 -22.77 11.59
C SER R 165 -16.75 -21.97 12.88
N GLY R 166 -16.13 -20.79 12.89
CA GLY R 166 -16.17 -19.96 14.07
C GLY R 166 -15.31 -20.43 15.22
N VAL R 167 -14.30 -21.25 14.94
CA VAL R 167 -13.42 -21.80 15.97
C VAL R 167 -12.00 -21.36 15.68
N CYS R 168 -11.24 -21.08 16.74
CA CYS R 168 -9.83 -20.78 16.62
C CYS R 168 -9.11 -21.26 17.88
N THR R 169 -8.18 -22.20 17.71
CA THR R 169 -7.41 -22.75 18.80
C THR R 169 -5.94 -22.38 18.65
N ASP R 170 -5.27 -22.16 19.78
CA ASP R 170 -3.87 -21.78 19.76
C ASP R 170 -3.05 -22.83 19.03
N PRO R 171 -2.03 -22.42 18.27
CA PRO R 171 -1.22 -23.41 17.52
C PRO R 171 -0.49 -24.39 18.41
N GLN R 172 0.03 -23.94 19.56
CA GLN R 172 0.74 -24.82 20.47
C GLN R 172 0.57 -24.32 21.89
N PRO R 173 0.60 -25.21 22.88
CA PRO R 173 0.39 -24.78 24.27
C PRO R 173 1.55 -23.94 24.79
N LEU R 174 1.24 -23.14 25.81
CA LEU R 174 2.22 -22.31 26.48
C LEU R 174 2.44 -22.79 27.91
N LYS R 175 3.66 -22.62 28.40
CA LYS R 175 4.02 -23.10 29.72
C LYS R 175 3.40 -22.23 30.80
N GLU R 176 2.95 -22.87 31.89
CA GLU R 176 2.50 -22.13 33.05
C GLU R 176 3.67 -21.45 33.77
N GLN R 177 4.82 -22.13 33.81
CA GLN R 177 6.04 -21.61 34.41
C GLN R 177 7.16 -21.79 33.39
N PRO R 178 7.41 -20.78 32.57
CA PRO R 178 8.38 -20.96 31.46
C PRO R 178 9.80 -21.21 31.92
N ALA R 179 10.18 -20.77 33.12
CA ALA R 179 11.55 -20.97 33.59
C ALA R 179 11.78 -22.42 34.04
N LEU R 180 10.84 -22.98 34.79
CA LEU R 180 10.98 -24.34 35.30
C LEU R 180 10.79 -25.35 34.19
N ASN R 181 11.68 -26.34 34.12
CA ASN R 181 11.54 -27.40 33.14
C ASN R 181 10.53 -28.44 33.65
N ASP R 182 10.05 -29.27 32.72
CA ASP R 182 8.96 -30.21 32.98
C ASP R 182 7.71 -29.48 33.49
N SER R 183 7.56 -28.22 33.10
CA SER R 183 6.41 -27.44 33.52
C SER R 183 5.15 -27.90 32.80
N ARG R 184 4.01 -27.67 33.44
CA ARG R 184 2.73 -28.04 32.86
C ARG R 184 2.27 -26.95 31.90
N TYR R 185 1.39 -27.34 30.97
CA TYR R 185 1.02 -26.49 29.85
C TYR R 185 -0.46 -26.10 29.92
N CYS R 186 -0.77 -25.01 29.21
CA CYS R 186 -2.14 -24.50 29.09
C CYS R 186 -2.45 -24.26 27.62
N LEU R 187 -3.73 -24.33 27.29
CA LEU R 187 -4.19 -24.13 25.91
C LEU R 187 -5.56 -23.46 25.94
N SER R 188 -5.76 -22.51 25.03
CA SER R 188 -7.02 -21.78 24.93
C SER R 188 -7.59 -21.92 23.52
N SER R 189 -8.92 -21.89 23.45
CA SER R 189 -9.63 -21.94 22.18
C SER R 189 -10.90 -21.10 22.30
N ARG R 190 -11.38 -20.62 21.16
CA ARG R 190 -12.55 -19.77 21.12
C ARG R 190 -13.57 -20.33 20.13
N LEU R 191 -14.85 -20.09 20.43
CA LEU R 191 -15.95 -20.39 19.52
C LEU R 191 -16.91 -19.23 19.55
N ARG R 192 -17.14 -18.61 18.39
CA ARG R 192 -18.00 -17.44 18.29
C ARG R 192 -19.24 -17.80 17.47
N VAL R 193 -20.42 -17.57 18.06
CA VAL R 193 -21.69 -17.81 17.39
C VAL R 193 -22.46 -16.49 17.38
N SER R 194 -23.63 -16.50 16.74
CA SER R 194 -24.48 -15.32 16.77
C SER R 194 -25.09 -15.15 18.17
N ALA R 195 -25.52 -13.93 18.46
CA ALA R 195 -26.15 -13.66 19.74
C ALA R 195 -27.43 -14.48 19.91
N THR R 196 -28.22 -14.60 18.84
CA THR R 196 -29.46 -15.37 18.91
C THR R 196 -29.19 -16.84 19.16
N PHE R 197 -28.16 -17.39 18.51
CA PHE R 197 -27.84 -18.81 18.71
C PHE R 197 -27.41 -19.09 20.15
N TRP R 198 -26.70 -18.16 20.78
CA TRP R 198 -26.31 -18.36 22.16
C TRP R 198 -27.48 -18.17 23.12
N GLN R 199 -28.36 -17.21 22.82
CA GLN R 199 -29.50 -16.95 23.69
C GLN R 199 -30.60 -18.01 23.59
N ASN R 200 -30.39 -19.06 22.80
CA ASN R 200 -31.37 -20.13 22.68
C ASN R 200 -31.07 -21.21 23.72
N PRO R 201 -31.99 -21.52 24.63
CA PRO R 201 -31.69 -22.52 25.66
C PRO R 201 -31.58 -23.94 25.13
N ARG R 202 -32.02 -24.20 23.90
CA ARG R 202 -31.98 -25.56 23.35
C ARG R 202 -30.60 -25.94 22.82
N ASN R 203 -29.68 -24.99 22.68
CA ASN R 203 -28.38 -25.25 22.07
C ASN R 203 -27.37 -25.68 23.14
N HIS R 204 -26.67 -26.77 22.87
CA HIS R 204 -25.70 -27.35 23.80
C HIS R 204 -24.29 -27.19 23.23
N PHE R 205 -23.38 -26.64 24.04
CA PHE R 205 -22.00 -26.42 23.65
C PHE R 205 -21.10 -27.31 24.51
N ARG R 206 -20.03 -27.82 23.89
CA ARG R 206 -19.11 -28.70 24.58
C ARG R 206 -17.69 -28.49 24.07
N CYS R 207 -16.76 -28.30 25.01
CA CYS R 207 -15.33 -28.26 24.71
C CYS R 207 -14.71 -29.58 25.17
N GLN R 208 -14.08 -30.28 24.24
CA GLN R 208 -13.57 -31.62 24.49
C GLN R 208 -12.08 -31.67 24.20
N VAL R 209 -11.32 -32.26 25.12
CA VAL R 209 -9.86 -32.33 25.03
C VAL R 209 -9.43 -33.79 25.17
N GLN R 210 -8.84 -34.33 24.11
CA GLN R 210 -8.27 -35.67 24.15
C GLN R 210 -6.83 -35.58 24.65
N PHE R 211 -6.55 -36.26 25.76
CA PHE R 211 -5.24 -36.26 26.39
C PHE R 211 -4.55 -37.59 26.13
N TYR R 212 -3.22 -37.53 25.96
CA TYR R 212 -2.41 -38.71 25.71
C TYR R 212 -1.36 -38.81 26.81
N GLY R 213 -1.52 -39.79 27.70
CA GLY R 213 -0.58 -39.99 28.80
C GLY R 213 -0.07 -41.40 28.92
N LEU R 214 -0.08 -41.93 30.14
CA LEU R 214 0.47 -43.25 30.41
C LEU R 214 -0.43 -44.34 29.83
N SER R 215 0.06 -45.57 29.88
CA SER R 215 -0.64 -46.72 29.33
C SER R 215 -0.87 -47.76 30.43
N GLU R 216 -1.39 -48.92 30.03
CA GLU R 216 -1.67 -49.98 30.99
C GLU R 216 -0.39 -50.58 31.57
N ASN R 217 0.67 -50.65 30.77
CA ASN R 217 1.91 -51.29 31.21
C ASN R 217 2.73 -50.41 32.15
N ASP R 218 2.52 -49.10 32.12
CA ASP R 218 3.27 -48.20 33.00
C ASP R 218 2.84 -48.41 34.45
N GLU R 219 3.81 -48.56 35.34
CA GLU R 219 3.52 -48.76 36.75
C GLU R 219 3.25 -47.43 37.43
N TRP R 220 2.19 -47.39 38.24
CA TRP R 220 1.75 -46.16 38.90
C TRP R 220 1.50 -46.46 40.38
N THR R 221 2.30 -45.84 41.25
CA THR R 221 2.18 -46.00 42.71
C THR R 221 2.08 -44.60 43.31
N GLN R 222 0.91 -43.98 43.18
CA GLN R 222 0.66 -42.66 43.70
C GLN R 222 -0.76 -42.60 44.25
N ASP R 223 -1.04 -41.55 45.02
CA ASP R 223 -2.37 -41.42 45.62
C ASP R 223 -3.41 -41.06 44.57
N ARG R 224 -3.11 -40.08 43.72
CA ARG R 224 -4.07 -39.61 42.73
C ARG R 224 -4.26 -40.65 41.63
N ALA R 225 -5.29 -40.42 40.79
CA ALA R 225 -5.62 -41.35 39.73
C ALA R 225 -4.50 -41.43 38.70
N LYS R 226 -4.49 -42.54 37.97
CA LYS R 226 -3.43 -42.77 36.99
C LYS R 226 -3.61 -41.84 35.81
N PRO R 227 -2.57 -41.14 35.37
CA PRO R 227 -2.72 -40.20 34.25
C PRO R 227 -2.82 -40.90 32.90
N VAL R 228 -3.78 -41.82 32.76
CA VAL R 228 -3.94 -42.55 31.50
C VAL R 228 -4.55 -41.62 30.44
N THR R 229 -4.36 -41.98 29.18
CA THR R 229 -4.98 -41.25 28.08
C THR R 229 -6.50 -41.25 28.26
N GLN R 230 -7.09 -40.06 28.25
CA GLN R 230 -8.49 -39.91 28.59
C GLN R 230 -9.06 -38.72 27.83
N ILE R 231 -10.34 -38.47 28.05
CA ILE R 231 -11.05 -37.34 27.45
C ILE R 231 -11.63 -36.50 28.58
N VAL R 232 -11.14 -35.27 28.73
CA VAL R 232 -11.68 -34.31 29.69
C VAL R 232 -12.56 -33.34 28.93
N SER R 233 -13.75 -33.09 29.44
CA SER R 233 -14.75 -32.29 28.73
C SER R 233 -15.35 -31.26 29.67
N ALA R 234 -15.90 -30.21 29.07
CA ALA R 234 -16.62 -29.17 29.79
C ALA R 234 -17.74 -28.68 28.88
N GLU R 235 -18.92 -28.46 29.46
CA GLU R 235 -20.09 -28.16 28.65
C GLU R 235 -20.87 -27.01 29.28
N ALA R 236 -21.73 -26.41 28.47
CA ALA R 236 -22.50 -25.24 28.86
C ALA R 236 -23.71 -25.11 27.95
N TRP R 237 -24.84 -24.68 28.52
CA TRP R 237 -26.06 -24.47 27.78
C TRP R 237 -26.29 -22.98 27.54
N GLY R 238 -26.90 -22.66 26.40
CA GLY R 238 -27.22 -21.28 26.12
C GLY R 238 -28.23 -20.72 27.11
N ARG R 239 -28.16 -19.41 27.32
CA ARG R 239 -29.02 -18.72 28.27
C ARG R 239 -29.58 -17.46 27.62
N ALA R 240 -30.82 -17.14 27.98
CA ALA R 240 -31.54 -16.02 27.38
C ALA R 240 -31.53 -14.78 28.27
N ASP R 241 -30.81 -14.81 29.38
CA ASP R 241 -30.78 -13.67 30.29
C ASP R 241 -29.82 -12.58 29.81
N PRO S 8 -13.61 -33.37 -20.98
CA PRO S 8 -14.20 -33.23 -22.31
C PRO S 8 -14.81 -34.52 -22.83
N GLN S 9 -15.41 -34.48 -24.02
CA GLN S 9 -16.02 -35.64 -24.65
C GLN S 9 -15.79 -35.55 -26.16
N ALA S 10 -15.93 -36.70 -26.82
CA ALA S 10 -15.73 -36.79 -28.26
C ALA S 10 -16.79 -37.69 -28.87
N LEU S 11 -17.18 -37.37 -30.10
CA LEU S 11 -18.19 -38.11 -30.82
C LEU S 11 -17.98 -37.92 -32.32
N SER S 12 -18.25 -38.96 -33.10
CA SER S 12 -18.15 -38.91 -34.55
C SER S 12 -19.37 -39.55 -35.18
N ILE S 13 -19.92 -38.90 -36.20
CA ILE S 13 -21.04 -39.42 -36.97
C ILE S 13 -20.74 -39.18 -38.45
N GLN S 14 -21.57 -39.78 -39.31
CA GLN S 14 -21.43 -39.62 -40.74
C GLN S 14 -22.31 -38.50 -41.24
N GLU S 15 -21.90 -37.88 -42.35
CA GLU S 15 -22.61 -36.74 -42.89
C GLU S 15 -24.00 -37.15 -43.36
N GLY S 16 -25.01 -36.44 -42.87
CA GLY S 16 -26.39 -36.72 -43.19
C GLY S 16 -27.16 -37.44 -42.10
N GLU S 17 -26.50 -37.91 -41.06
CA GLU S 17 -27.14 -38.59 -39.94
C GLU S 17 -27.43 -37.61 -38.81
N ASN S 18 -28.03 -38.11 -37.75
CA ASN S 18 -28.38 -37.30 -36.59
C ASN S 18 -27.32 -37.46 -35.50
N ALA S 19 -27.05 -36.35 -34.80
CA ALA S 19 -26.12 -36.33 -33.68
C ALA S 19 -26.84 -35.87 -32.43
N THR S 20 -26.60 -36.57 -31.33
CA THR S 20 -27.16 -36.23 -30.03
C THR S 20 -26.01 -36.09 -29.04
N MET S 21 -25.92 -34.94 -28.38
CA MET S 21 -24.90 -34.68 -27.39
C MET S 21 -25.57 -34.31 -26.07
N ASN S 22 -24.91 -34.67 -24.97
CA ASN S 22 -25.46 -34.51 -23.64
C ASN S 22 -24.56 -33.63 -22.80
N CYS S 23 -25.13 -33.11 -21.71
CA CYS S 23 -24.40 -32.32 -20.74
C CYS S 23 -25.16 -32.37 -19.43
N SER S 24 -24.56 -31.80 -18.38
CA SER S 24 -25.20 -31.74 -17.08
C SER S 24 -24.75 -30.48 -16.36
N TYR S 25 -25.68 -29.92 -15.58
CA TYR S 25 -25.41 -28.76 -14.75
C TYR S 25 -25.64 -29.14 -13.29
N LYS S 26 -25.27 -28.22 -12.38
CA LYS S 26 -25.20 -28.55 -10.96
C LYS S 26 -26.20 -27.81 -10.10
N THR S 27 -26.54 -26.55 -10.41
CA THR S 27 -27.42 -25.76 -9.57
C THR S 27 -28.79 -25.62 -10.22
N SER S 28 -29.71 -25.00 -9.48
CA SER S 28 -31.02 -24.68 -10.02
C SER S 28 -30.89 -23.53 -11.01
N ILE S 29 -31.57 -23.65 -12.15
CA ILE S 29 -31.39 -22.73 -13.26
C ILE S 29 -32.75 -22.18 -13.69
N ASN S 30 -32.69 -21.03 -14.36
CA ASN S 30 -33.87 -20.47 -15.03
C ASN S 30 -33.89 -20.76 -16.53
N ASN S 31 -32.71 -20.84 -17.16
CA ASN S 31 -32.63 -21.21 -18.57
C ASN S 31 -31.31 -21.94 -18.81
N LEU S 32 -31.27 -22.69 -19.90
CA LEU S 32 -30.08 -23.40 -20.36
C LEU S 32 -29.86 -23.08 -21.82
N GLN S 33 -28.59 -22.98 -22.22
CA GLN S 33 -28.22 -22.64 -23.58
C GLN S 33 -27.14 -23.58 -24.10
N TRP S 34 -27.14 -23.77 -25.41
CA TRP S 34 -26.10 -24.54 -26.09
C TRP S 34 -25.29 -23.61 -26.98
N TYR S 35 -23.97 -23.71 -26.88
CA TYR S 35 -23.05 -22.93 -27.70
C TYR S 35 -22.17 -23.88 -28.50
N ARG S 36 -21.64 -23.40 -29.62
CA ARG S 36 -20.69 -24.16 -30.39
C ARG S 36 -19.51 -23.27 -30.77
N GLN S 37 -18.35 -23.90 -30.92
CA GLN S 37 -17.10 -23.22 -31.24
C GLN S 37 -16.42 -23.98 -32.36
N ASN S 38 -16.41 -23.40 -33.57
CA ASN S 38 -15.73 -23.96 -34.71
C ASN S 38 -14.47 -23.16 -35.00
N SER S 39 -13.42 -23.85 -35.43
CA SER S 39 -12.14 -23.26 -35.83
C SER S 39 -11.44 -22.57 -34.66
N GLY S 40 -11.81 -22.89 -33.42
CA GLY S 40 -11.22 -22.24 -32.27
C GLY S 40 -11.51 -20.75 -32.19
N ARG S 41 -12.52 -20.28 -32.92
CA ARG S 41 -12.83 -18.86 -32.99
C ARG S 41 -13.79 -18.47 -31.87
N GLY S 42 -14.56 -17.41 -32.08
CA GLY S 42 -15.55 -17.00 -31.09
C GLY S 42 -16.66 -18.03 -30.99
N LEU S 43 -17.14 -18.23 -29.78
CA LEU S 43 -18.28 -19.11 -29.55
C LEU S 43 -19.56 -18.45 -30.04
N VAL S 44 -20.50 -19.28 -30.49
CA VAL S 44 -21.74 -18.81 -31.08
C VAL S 44 -22.91 -19.42 -30.33
N HIS S 45 -23.93 -18.61 -30.06
CA HIS S 45 -25.14 -19.09 -29.40
C HIS S 45 -26.00 -19.87 -30.39
N LEU S 46 -26.54 -21.00 -29.92
CA LEU S 46 -27.34 -21.88 -30.76
C LEU S 46 -28.81 -21.83 -30.40
N ILE S 47 -29.17 -22.13 -29.15
CA ILE S 47 -30.57 -22.24 -28.76
C ILE S 47 -30.66 -22.04 -27.25
N LEU S 48 -31.80 -21.52 -26.81
CA LEU S 48 -32.06 -21.28 -25.40
C LEU S 48 -33.37 -21.97 -25.01
N ILE S 49 -33.37 -22.62 -23.86
CA ILE S 49 -34.56 -23.27 -23.32
C ILE S 49 -34.70 -22.84 -21.86
N ARG S 50 -35.91 -22.43 -21.49
CA ARG S 50 -36.17 -21.98 -20.13
C ARG S 50 -36.62 -23.16 -19.27
N SER S 51 -36.45 -23.00 -17.95
CA SER S 51 -36.71 -24.09 -17.02
C SER S 51 -38.15 -24.57 -17.07
N ASN S 52 -39.07 -23.75 -17.56
CA ASN S 52 -40.47 -24.12 -17.67
C ASN S 52 -40.80 -24.85 -18.96
N GLU S 53 -39.79 -25.20 -19.77
CA GLU S 53 -39.98 -25.86 -21.05
C GLU S 53 -39.28 -27.22 -21.04
N ARG S 54 -39.67 -28.08 -21.99
CA ARG S 54 -39.09 -29.40 -22.15
C ARG S 54 -38.44 -29.63 -23.50
N GLU S 55 -39.04 -29.11 -24.58
CA GLU S 55 -38.49 -29.21 -25.92
C GLU S 55 -38.55 -27.85 -26.59
N LYS S 56 -37.53 -27.55 -27.39
CA LYS S 56 -37.52 -26.33 -28.19
C LYS S 56 -36.69 -26.58 -29.45
N HIS S 57 -37.18 -26.07 -30.58
CA HIS S 57 -36.57 -26.30 -31.87
C HIS S 57 -35.96 -25.01 -32.41
N SER S 58 -34.96 -25.16 -33.27
CA SER S 58 -34.32 -24.01 -33.92
C SER S 58 -33.53 -24.55 -35.12
N GLY S 59 -33.99 -24.21 -36.32
CA GLY S 59 -33.32 -24.69 -37.51
C GLY S 59 -33.37 -26.21 -37.57
N ARG S 60 -32.19 -26.83 -37.60
CA ARG S 60 -32.07 -28.28 -37.56
C ARG S 60 -31.80 -28.80 -36.15
N LEU S 61 -31.94 -27.97 -35.13
CA LEU S 61 -31.61 -28.32 -33.76
C LEU S 61 -32.88 -28.56 -32.94
N ARG S 62 -32.76 -29.41 -31.93
CA ARG S 62 -33.81 -29.66 -30.97
C ARG S 62 -33.16 -29.90 -29.61
N VAL S 63 -33.46 -29.04 -28.64
CA VAL S 63 -32.88 -29.14 -27.31
C VAL S 63 -33.90 -29.78 -26.37
N THR S 64 -33.41 -30.63 -25.47
CA THR S 64 -34.24 -31.29 -24.46
C THR S 64 -33.72 -30.94 -23.08
N LEU S 65 -34.63 -30.63 -22.16
CA LEU S 65 -34.26 -30.27 -20.80
C LEU S 65 -35.02 -31.16 -19.83
N ASP S 66 -34.29 -31.71 -18.85
CA ASP S 66 -34.86 -32.55 -17.79
C ASP S 66 -34.41 -31.96 -16.46
N THR S 67 -35.31 -31.24 -15.79
CA THR S 67 -34.98 -30.56 -14.54
C THR S 67 -34.66 -31.55 -13.43
N SER S 68 -35.32 -32.71 -13.42
CA SER S 68 -35.09 -33.69 -12.36
C SER S 68 -33.67 -34.24 -12.42
N LYS S 69 -33.24 -34.67 -13.60
CA LYS S 69 -31.90 -35.24 -13.76
C LYS S 69 -30.83 -34.18 -13.98
N LYS S 70 -31.22 -32.91 -14.13
CA LYS S 70 -30.27 -31.82 -14.39
C LYS S 70 -29.36 -32.14 -15.56
N SER S 71 -29.97 -32.59 -16.65
CA SER S 71 -29.23 -32.90 -17.87
C SER S 71 -29.98 -32.34 -19.07
N SER S 72 -29.25 -32.19 -20.17
CA SER S 72 -29.83 -31.69 -21.41
C SER S 72 -29.28 -32.49 -22.58
N SER S 73 -30.03 -32.50 -23.67
CA SER S 73 -29.66 -33.18 -24.90
C SER S 73 -29.89 -32.25 -26.08
N LEU S 74 -28.88 -32.13 -26.95
CA LEU S 74 -28.98 -31.35 -28.17
C LEU S 74 -28.95 -32.29 -29.36
N LEU S 75 -29.97 -32.21 -30.20
CA LEU S 75 -30.08 -33.05 -31.39
C LEU S 75 -29.82 -32.21 -32.63
N ILE S 76 -28.95 -32.71 -33.51
CA ILE S 76 -28.64 -32.06 -34.77
C ILE S 76 -29.08 -33.01 -35.88
N THR S 77 -30.08 -32.60 -36.65
CA THR S 77 -30.68 -33.46 -37.66
C THR S 77 -30.15 -33.12 -39.05
N ALA S 78 -29.91 -34.16 -39.85
CA ALA S 78 -29.36 -34.02 -41.20
C ALA S 78 -28.04 -33.24 -41.16
N SER S 79 -27.09 -33.78 -40.41
CA SER S 79 -25.86 -33.06 -40.09
C SER S 79 -25.07 -32.72 -41.34
N ARG S 80 -24.36 -31.60 -41.27
CA ARG S 80 -23.53 -31.10 -42.35
C ARG S 80 -22.09 -30.94 -41.87
N ALA S 81 -21.20 -30.67 -42.82
CA ALA S 81 -19.79 -30.51 -42.47
C ALA S 81 -19.58 -29.32 -41.53
N ALA S 82 -20.37 -28.26 -41.69
CA ALA S 82 -20.23 -27.08 -40.85
C ALA S 82 -20.65 -27.32 -39.40
N ASP S 83 -21.36 -28.42 -39.12
CA ASP S 83 -21.73 -28.74 -37.76
C ASP S 83 -20.57 -29.31 -36.94
N THR S 84 -19.41 -29.54 -37.56
CA THR S 84 -18.23 -29.99 -36.84
C THR S 84 -17.71 -28.85 -35.97
N ALA S 85 -17.75 -29.05 -34.66
CA ALA S 85 -17.31 -28.03 -33.70
C ALA S 85 -17.32 -28.66 -32.30
N SER S 86 -17.04 -27.84 -31.29
CA SER S 86 -17.24 -28.20 -29.90
C SER S 86 -18.56 -27.63 -29.42
N TYR S 87 -19.22 -28.34 -28.52
CA TYR S 87 -20.56 -27.98 -28.08
C TYR S 87 -20.58 -27.85 -26.56
N PHE S 88 -20.92 -26.66 -26.08
CA PHE S 88 -20.92 -26.33 -24.66
C PHE S 88 -22.35 -26.09 -24.18
N CYS S 89 -22.57 -26.38 -22.90
CA CYS S 89 -23.79 -25.99 -22.21
C CYS S 89 -23.51 -24.73 -21.39
N ALA S 90 -24.45 -23.80 -21.42
CA ALA S 90 -24.39 -22.57 -20.64
C ALA S 90 -25.62 -22.48 -19.76
N THR S 91 -25.41 -22.11 -18.50
CA THR S 91 -26.49 -22.13 -17.51
C THR S 91 -26.26 -21.02 -16.50
N ASP S 92 -27.36 -20.52 -15.94
CA ASP S 92 -27.31 -19.51 -14.89
C ASP S 92 -27.64 -20.18 -13.55
N LYS S 93 -27.73 -19.36 -12.50
CA LYS S 93 -27.97 -19.86 -11.15
C LYS S 93 -29.10 -19.05 -10.52
N LYS S 94 -30.10 -19.76 -9.98
CA LYS S 94 -31.17 -19.09 -9.26
C LYS S 94 -30.62 -18.44 -7.99
N GLY S 95 -31.02 -17.19 -7.74
CA GLY S 95 -30.46 -16.42 -6.66
C GLY S 95 -29.23 -15.63 -7.02
N GLY S 96 -28.68 -15.83 -8.21
CA GLY S 96 -27.55 -15.07 -8.70
C GLY S 96 -27.93 -14.13 -9.83
N ALA S 97 -26.93 -13.43 -10.33
CA ALA S 97 -27.14 -12.48 -11.41
C ALA S 97 -27.74 -13.18 -12.63
N THR S 98 -28.82 -12.60 -13.17
CA THR S 98 -29.54 -13.23 -14.26
C THR S 98 -28.73 -13.30 -15.54
N ASN S 99 -27.66 -12.51 -15.67
CA ASN S 99 -26.83 -12.49 -16.86
C ASN S 99 -25.51 -13.22 -16.67
N LYS S 100 -25.28 -13.83 -15.51
CA LYS S 100 -24.03 -14.52 -15.23
C LYS S 100 -24.19 -15.99 -15.59
N LEU S 101 -23.63 -16.38 -16.74
CA LEU S 101 -23.71 -17.75 -17.20
C LEU S 101 -22.50 -18.54 -16.72
N ILE S 102 -22.68 -19.84 -16.59
CA ILE S 102 -21.62 -20.78 -16.22
C ILE S 102 -21.53 -21.81 -17.32
N PHE S 103 -20.41 -21.85 -18.03
CA PHE S 103 -20.23 -22.76 -19.15
C PHE S 103 -19.69 -24.10 -18.67
N GLY S 104 -20.25 -25.18 -19.22
CA GLY S 104 -19.82 -26.51 -18.89
C GLY S 104 -18.66 -26.98 -19.75
N THR S 105 -18.22 -28.20 -19.48
CA THR S 105 -17.16 -28.81 -20.27
C THR S 105 -17.73 -29.26 -21.62
N GLY S 106 -17.05 -28.87 -22.69
CA GLY S 106 -17.57 -29.10 -24.02
C GLY S 106 -17.28 -30.50 -24.54
N THR S 107 -18.06 -30.90 -25.53
CA THR S 107 -17.90 -32.16 -26.24
C THR S 107 -17.56 -31.87 -27.70
N LEU S 108 -16.61 -32.61 -28.25
CA LEU S 108 -16.14 -32.40 -29.61
C LEU S 108 -16.88 -33.34 -30.56
N LEU S 109 -17.48 -32.77 -31.60
CA LEU S 109 -18.23 -33.52 -32.60
C LEU S 109 -17.56 -33.37 -33.95
N ALA S 110 -17.33 -34.49 -34.64
CA ALA S 110 -16.73 -34.51 -35.96
C ALA S 110 -17.71 -35.16 -36.93
N VAL S 111 -18.06 -34.43 -37.98
CA VAL S 111 -18.98 -34.93 -39.00
C VAL S 111 -18.13 -35.48 -40.13
N GLN S 112 -17.92 -36.79 -40.12
CA GLN S 112 -17.11 -37.44 -41.14
C GLN S 112 -17.86 -37.44 -42.48
N PRO S 113 -17.13 -37.44 -43.59
CA PRO S 113 -17.77 -37.49 -44.91
C PRO S 113 -18.02 -38.93 -45.36
N ASN S 114 -18.98 -39.06 -46.28
CA ASN S 114 -19.31 -40.35 -46.88
C ASN S 114 -18.43 -40.55 -48.09
N ILE S 115 -17.33 -41.27 -47.93
CA ILE S 115 -16.42 -41.53 -49.04
C ILE S 115 -17.09 -42.51 -49.98
N GLN S 116 -17.44 -42.05 -51.19
CA GLN S 116 -18.19 -42.88 -52.11
C GLN S 116 -17.33 -43.98 -52.71
N ASN S 117 -16.12 -43.64 -53.16
CA ASN S 117 -15.20 -44.58 -53.81
C ASN S 117 -13.89 -44.59 -53.03
N PRO S 118 -13.82 -45.37 -51.95
CA PRO S 118 -12.57 -45.41 -51.16
C PRO S 118 -11.44 -46.03 -51.97
N ASP S 119 -10.27 -45.39 -51.89
CA ASP S 119 -9.05 -45.87 -52.56
C ASP S 119 -7.87 -45.59 -51.64
N PRO S 120 -7.76 -46.33 -50.54
CA PRO S 120 -6.69 -46.07 -49.57
C PRO S 120 -5.32 -46.25 -50.19
N ALA S 121 -4.44 -45.29 -49.94
CA ALA S 121 -3.11 -45.30 -50.54
C ALA S 121 -2.17 -44.43 -49.72
N VAL S 122 -0.89 -44.78 -49.76
CA VAL S 122 0.16 -44.01 -49.09
C VAL S 122 1.19 -43.64 -50.14
N TYR S 123 1.35 -42.33 -50.38
CA TYR S 123 2.26 -41.83 -51.38
C TYR S 123 3.42 -41.10 -50.71
N GLN S 124 4.57 -41.09 -51.40
CA GLN S 124 5.73 -40.31 -50.99
C GLN S 124 5.82 -39.09 -51.91
N LEU S 125 5.76 -37.90 -51.32
CA LEU S 125 5.87 -36.69 -52.11
C LEU S 125 7.29 -36.53 -52.66
N ARG S 126 7.42 -35.66 -53.66
CA ARG S 126 8.71 -35.45 -54.31
C ARG S 126 9.74 -34.97 -53.30
N ASP S 127 10.89 -35.64 -53.29
CA ASP S 127 11.96 -35.32 -52.35
C ASP S 127 12.39 -33.87 -52.48
N SER S 128 12.14 -33.07 -51.45
CA SER S 128 12.56 -31.67 -51.48
C SER S 128 14.08 -31.59 -51.43
N LYS S 129 14.64 -30.75 -52.29
CA LYS S 129 16.09 -30.57 -52.29
C LYS S 129 16.53 -29.51 -51.28
N SER S 130 15.59 -28.69 -50.79
CA SER S 130 15.90 -27.68 -49.80
C SER S 130 15.56 -28.12 -48.37
N SER S 131 14.87 -29.24 -48.21
CA SER S 131 14.47 -29.73 -46.90
C SER S 131 15.02 -31.15 -46.68
N ASP S 132 15.46 -31.41 -45.45
CA ASP S 132 15.99 -32.72 -45.09
C ASP S 132 14.91 -33.72 -44.72
N LYS S 133 13.64 -33.34 -44.82
CA LYS S 133 12.52 -34.19 -44.42
C LYS S 133 11.96 -34.95 -45.62
N SER S 134 11.44 -36.13 -45.36
CA SER S 134 10.70 -36.92 -46.34
C SER S 134 9.25 -37.03 -45.88
N VAL S 135 8.32 -36.77 -46.80
CA VAL S 135 6.90 -36.64 -46.48
C VAL S 135 6.14 -37.79 -47.10
N CYS S 136 5.31 -38.46 -46.30
CA CYS S 136 4.41 -39.50 -46.77
C CYS S 136 2.98 -39.01 -46.60
N LEU S 137 2.11 -39.39 -47.54
CA LEU S 137 0.72 -38.94 -47.55
C LEU S 137 -0.20 -40.16 -47.56
N PHE S 138 -0.89 -40.39 -46.44
CA PHE S 138 -1.95 -41.39 -46.37
C PHE S 138 -3.27 -40.70 -46.70
N THR S 139 -3.83 -40.99 -47.86
CA THR S 139 -4.97 -40.24 -48.37
C THR S 139 -5.98 -41.19 -49.02
N ASP S 140 -7.15 -40.63 -49.31
CA ASP S 140 -8.21 -41.28 -50.08
C ASP S 140 -8.81 -42.49 -49.37
N PHE S 141 -8.63 -42.63 -48.06
CA PHE S 141 -9.27 -43.70 -47.33
C PHE S 141 -10.65 -43.27 -46.84
N ASP S 142 -11.41 -44.24 -46.35
CA ASP S 142 -12.77 -43.98 -45.89
C ASP S 142 -12.78 -43.65 -44.40
N SER S 143 -13.91 -43.11 -43.94
CA SER S 143 -13.99 -42.54 -42.60
C SER S 143 -13.85 -43.59 -41.49
N GLN S 144 -14.02 -44.88 -41.81
CA GLN S 144 -13.89 -45.91 -40.78
C GLN S 144 -12.46 -46.02 -40.25
N THR S 145 -11.47 -45.55 -41.00
CA THR S 145 -10.07 -45.69 -40.60
C THR S 145 -9.68 -44.55 -39.66
N ASN S 146 -8.89 -44.90 -38.64
CA ASN S 146 -8.41 -43.94 -37.65
C ASN S 146 -6.89 -43.90 -37.66
N VAL S 147 -6.33 -42.71 -37.84
CA VAL S 147 -4.88 -42.52 -37.83
C VAL S 147 -4.41 -42.40 -36.39
N SER S 148 -3.38 -43.17 -36.04
CA SER S 148 -2.85 -43.17 -34.69
C SER S 148 -1.57 -42.34 -34.63
N GLN S 149 -1.30 -41.79 -33.45
CA GLN S 149 -0.09 -41.01 -33.23
C GLN S 149 1.15 -41.92 -33.35
N SER S 150 2.24 -41.35 -33.84
CA SER S 150 3.46 -42.10 -34.02
C SER S 150 4.09 -42.44 -32.66
N LYS S 151 4.68 -43.63 -32.58
CA LYS S 151 5.36 -44.08 -31.37
C LYS S 151 6.87 -43.96 -31.48
N ASP S 152 7.37 -43.20 -32.46
CA ASP S 152 8.80 -43.00 -32.64
C ASP S 152 9.08 -41.51 -32.70
N SER S 153 9.99 -41.04 -31.84
CA SER S 153 10.44 -39.66 -31.94
C SER S 153 11.14 -39.44 -33.27
N ASP S 154 11.23 -38.17 -33.67
CA ASP S 154 11.72 -37.75 -34.98
C ASP S 154 10.83 -38.25 -36.12
N VAL S 155 9.70 -38.87 -35.80
CA VAL S 155 8.69 -39.28 -36.78
C VAL S 155 7.37 -38.66 -36.33
N TYR S 156 6.89 -37.68 -37.09
CA TYR S 156 5.72 -36.89 -36.72
C TYR S 156 4.56 -37.24 -37.64
N ILE S 157 3.41 -37.52 -37.04
CA ILE S 157 2.20 -37.89 -37.77
C ILE S 157 1.07 -36.98 -37.31
N THR S 158 0.32 -36.43 -38.27
CA THR S 158 -0.84 -35.61 -37.98
C THR S 158 -2.11 -36.43 -38.13
N ASP S 159 -3.18 -35.95 -37.49
CA ASP S 159 -4.45 -36.65 -37.52
C ASP S 159 -5.13 -36.44 -38.88
N LYS S 160 -6.14 -37.28 -39.15
CA LYS S 160 -6.86 -37.18 -40.41
C LYS S 160 -7.66 -35.88 -40.47
N CYS S 161 -7.57 -35.19 -41.60
CA CYS S 161 -8.35 -33.99 -41.85
C CYS S 161 -9.00 -34.10 -43.22
N VAL S 162 -10.17 -33.48 -43.36
CA VAL S 162 -10.98 -33.60 -44.57
C VAL S 162 -10.79 -32.37 -45.44
N LEU S 163 -10.57 -32.60 -46.73
CA LEU S 163 -10.53 -31.54 -47.73
C LEU S 163 -11.67 -31.72 -48.71
N ASP S 164 -12.16 -30.59 -49.24
CA ASP S 164 -13.33 -30.58 -50.10
C ASP S 164 -13.00 -29.82 -51.38
N MET S 165 -12.83 -30.55 -52.48
CA MET S 165 -12.69 -29.95 -53.80
C MET S 165 -14.09 -29.64 -54.30
N ARG S 166 -14.57 -28.44 -53.96
CA ARG S 166 -15.96 -28.08 -54.22
C ARG S 166 -16.28 -28.07 -55.70
N SER S 167 -15.29 -27.76 -56.54
CA SER S 167 -15.54 -27.68 -57.98
C SER S 167 -15.98 -29.03 -58.55
N MET S 168 -15.31 -30.11 -58.16
CA MET S 168 -15.58 -31.44 -58.68
C MET S 168 -16.46 -32.27 -57.75
N ASP S 169 -16.98 -31.68 -56.69
CA ASP S 169 -17.86 -32.36 -55.72
C ASP S 169 -17.18 -33.62 -55.18
N PHE S 170 -15.93 -33.46 -54.77
CA PHE S 170 -15.10 -34.56 -54.30
C PHE S 170 -14.57 -34.25 -52.90
N LYS S 171 -14.64 -35.24 -52.01
CA LYS S 171 -14.10 -35.13 -50.67
C LYS S 171 -13.17 -36.31 -50.42
N SER S 172 -12.15 -36.09 -49.59
CA SER S 172 -11.19 -37.14 -49.28
C SER S 172 -10.51 -36.82 -47.96
N ASN S 173 -10.15 -37.88 -47.25
CA ASN S 173 -9.37 -37.75 -46.02
C ASN S 173 -7.89 -37.83 -46.34
N SER S 174 -7.07 -37.33 -45.41
CA SER S 174 -5.63 -37.33 -45.61
C SER S 174 -4.94 -37.13 -44.27
N ALA S 175 -3.82 -37.83 -44.09
CA ALA S 175 -2.95 -37.68 -42.94
C ALA S 175 -1.51 -37.65 -43.41
N VAL S 176 -0.71 -36.78 -42.82
CA VAL S 176 0.66 -36.53 -43.26
C VAL S 176 1.63 -37.06 -42.21
N ALA S 177 2.71 -37.68 -42.69
CA ALA S 177 3.78 -38.16 -41.83
C ALA S 177 5.12 -37.78 -42.45
N TRP S 178 6.04 -37.28 -41.62
CA TRP S 178 7.35 -36.88 -42.10
C TRP S 178 8.39 -37.21 -41.04
N SER S 179 9.66 -37.21 -41.47
CA SER S 179 10.75 -37.53 -40.57
C SER S 179 12.07 -37.08 -41.18
N ASN S 180 13.06 -36.86 -40.32
CA ASN S 180 14.41 -36.51 -40.74
C ASN S 180 15.35 -37.68 -40.46
N LYS S 181 14.97 -38.88 -40.90
CA LYS S 181 15.74 -40.08 -40.64
C LYS S 181 15.96 -40.86 -41.93
N SER S 182 17.07 -41.59 -41.96
CA SER S 182 17.38 -42.41 -43.14
C SER S 182 16.48 -43.63 -43.23
N ASP S 183 16.07 -44.19 -42.10
CA ASP S 183 15.25 -45.40 -42.08
C ASP S 183 13.77 -45.12 -42.30
N PHE S 184 13.38 -43.86 -42.46
CA PHE S 184 11.97 -43.53 -42.65
C PHE S 184 11.52 -43.95 -44.05
N ALA S 185 10.39 -44.64 -44.11
CA ALA S 185 9.84 -45.11 -45.38
C ALA S 185 8.33 -45.16 -45.27
N CYS S 186 7.64 -44.83 -46.38
CA CYS S 186 6.20 -44.73 -46.34
C CYS S 186 5.50 -46.06 -46.12
N ALA S 187 6.18 -47.18 -46.36
CA ALA S 187 5.60 -48.48 -46.08
C ALA S 187 5.52 -48.79 -44.59
N ASN S 188 6.39 -48.19 -43.79
CA ASN S 188 6.39 -48.39 -42.34
C ASN S 188 6.00 -47.14 -41.57
N ALA S 189 5.72 -46.03 -42.26
CA ALA S 189 5.42 -44.78 -41.58
C ALA S 189 4.14 -44.90 -40.74
N PHE S 190 3.07 -45.42 -41.35
CA PHE S 190 1.78 -45.52 -40.67
C PHE S 190 1.56 -46.87 -40.01
N ASN S 191 2.64 -47.61 -39.74
CA ASN S 191 2.53 -48.71 -38.79
C ASN S 191 2.24 -48.15 -37.41
N ASN S 192 1.83 -49.03 -36.49
CA ASN S 192 1.20 -48.68 -35.22
C ASN S 192 -0.17 -48.04 -35.43
N SER S 193 -0.69 -48.11 -36.66
CA SER S 193 -2.04 -47.66 -36.99
C SER S 193 -2.71 -48.72 -37.84
N ILE S 194 -3.99 -48.96 -37.58
CA ILE S 194 -4.74 -49.99 -38.29
C ILE S 194 -5.18 -49.38 -39.62
N ILE S 195 -4.52 -49.80 -40.70
CA ILE S 195 -4.85 -49.34 -42.05
C ILE S 195 -5.39 -50.53 -42.83
N PRO S 196 -6.25 -50.32 -43.82
CA PRO S 196 -6.79 -51.46 -44.57
C PRO S 196 -5.71 -52.20 -45.33
N GLU S 197 -5.93 -53.51 -45.50
CA GLU S 197 -5.07 -54.29 -46.37
C GLU S 197 -5.21 -53.89 -47.82
N ASP S 198 -6.33 -53.24 -48.17
CA ASP S 198 -6.54 -52.69 -49.50
C ASP S 198 -5.57 -51.56 -49.83
N THR S 199 -4.80 -51.09 -48.85
CA THR S 199 -4.01 -49.87 -49.02
C THR S 199 -2.99 -50.02 -50.15
N PHE S 200 -2.96 -49.02 -51.03
CA PHE S 200 -2.09 -49.00 -52.19
C PHE S 200 -0.78 -48.32 -51.82
N PHE S 201 0.32 -49.07 -51.88
CA PHE S 201 1.64 -48.53 -51.57
C PHE S 201 2.49 -48.46 -52.83
N PRO S 202 2.32 -47.43 -53.66
CA PRO S 202 3.09 -47.36 -54.90
C PRO S 202 4.54 -47.00 -54.62
N SER S 203 5.42 -47.55 -55.46
CA SER S 203 6.84 -47.27 -55.31
C SER S 203 7.18 -45.94 -55.98
N PRO S 204 8.04 -45.11 -55.36
CA PRO S 204 8.49 -43.87 -55.99
C PRO S 204 9.56 -44.11 -57.05
N GLY T 3 -20.37 -7.90 -33.43
CA GLY T 3 -19.68 -6.63 -33.40
C GLY T 3 -18.73 -6.47 -32.22
N VAL T 4 -18.21 -7.58 -31.73
CA VAL T 4 -17.29 -7.60 -30.60
C VAL T 4 -15.86 -7.72 -31.13
N THR T 5 -15.00 -6.79 -30.74
CA THR T 5 -13.61 -6.74 -31.19
C THR T 5 -12.70 -6.95 -29.99
N GLN T 6 -11.57 -7.62 -30.22
CA GLN T 6 -10.55 -7.82 -29.21
C GLN T 6 -9.21 -7.33 -29.74
N THR T 7 -8.41 -6.75 -28.84
CA THR T 7 -7.10 -6.22 -29.19
C THR T 7 -6.12 -6.52 -28.06
N PRO T 8 -5.00 -7.22 -28.35
CA PRO T 8 -4.63 -7.69 -29.69
C PRO T 8 -5.13 -9.11 -29.96
N LYS T 9 -4.78 -9.64 -31.12
CA LYS T 9 -5.14 -11.03 -31.44
C LYS T 9 -4.18 -12.00 -30.78
N PHE T 10 -2.88 -11.78 -30.92
CA PHE T 10 -1.85 -12.63 -30.34
C PHE T 10 -0.87 -11.77 -29.54
N ARG T 11 -0.23 -12.41 -28.55
CA ARG T 11 0.75 -11.71 -27.71
C ARG T 11 1.57 -12.75 -26.97
N VAL T 12 2.85 -12.46 -26.78
CA VAL T 12 3.76 -13.27 -25.98
C VAL T 12 4.49 -12.36 -25.01
N LEU T 13 4.52 -12.76 -23.74
CA LEU T 13 5.04 -11.93 -22.67
C LEU T 13 6.10 -12.70 -21.89
N LYS T 14 6.95 -11.93 -21.19
CA LYS T 14 7.92 -12.47 -20.26
C LYS T 14 7.34 -12.44 -18.85
N THR T 15 7.78 -13.41 -18.03
CA THR T 15 7.32 -13.49 -16.65
C THR T 15 7.55 -12.18 -15.91
N GLY T 16 6.50 -11.67 -15.27
CA GLY T 16 6.55 -10.42 -14.55
C GLY T 16 6.12 -9.21 -15.34
N GLN T 17 5.89 -9.34 -16.65
CA GLN T 17 5.48 -8.22 -17.47
C GLN T 17 4.00 -7.93 -17.29
N SER T 18 3.55 -6.84 -17.91
CA SER T 18 2.15 -6.42 -17.82
C SER T 18 1.62 -6.05 -19.19
N MET T 19 0.32 -6.25 -19.36
CA MET T 19 -0.36 -5.92 -20.62
C MET T 19 -1.84 -5.72 -20.33
N THR T 20 -2.53 -5.13 -21.31
CA THR T 20 -3.95 -4.84 -21.20
C THR T 20 -4.65 -5.31 -22.47
N LEU T 21 -5.66 -6.16 -22.31
CA LEU T 21 -6.48 -6.63 -23.42
C LEU T 21 -7.69 -5.72 -23.56
N LEU T 22 -7.93 -5.24 -24.78
CA LEU T 22 -9.00 -4.29 -25.04
C LEU T 22 -10.15 -5.01 -25.76
N CYS T 23 -11.36 -4.81 -25.27
CA CYS T 23 -12.56 -5.35 -25.89
C CYS T 23 -13.50 -4.20 -26.24
N ALA T 24 -13.99 -4.20 -27.46
CA ALA T 24 -14.84 -3.13 -27.96
C ALA T 24 -16.08 -3.72 -28.63
N GLN T 25 -17.23 -3.12 -28.34
CA GLN T 25 -18.49 -3.51 -28.96
C GLN T 25 -19.25 -2.26 -29.37
N ASP T 26 -19.83 -2.30 -30.57
CA ASP T 26 -20.56 -1.17 -31.14
C ASP T 26 -22.07 -1.41 -31.14
N MET T 27 -22.55 -2.34 -30.32
CA MET T 27 -23.95 -2.73 -30.31
C MET T 27 -24.72 -2.15 -29.14
N ASN T 28 -24.11 -1.24 -28.37
CA ASN T 28 -24.75 -0.58 -27.23
C ASN T 28 -25.25 -1.60 -26.21
N HIS T 29 -24.56 -2.73 -26.07
CA HIS T 29 -24.93 -3.71 -25.07
C HIS T 29 -24.53 -3.23 -23.67
N GLU T 30 -25.36 -3.59 -22.68
CA GLU T 30 -25.13 -3.11 -21.33
C GLU T 30 -24.17 -3.98 -20.54
N TYR T 31 -24.11 -5.28 -20.82
CA TYR T 31 -23.31 -6.22 -20.05
C TYR T 31 -22.12 -6.71 -20.89
N MET T 32 -20.97 -6.88 -20.24
CA MET T 32 -19.77 -7.37 -20.92
C MET T 32 -19.04 -8.33 -19.98
N TYR T 33 -18.25 -9.23 -20.59
CA TYR T 33 -17.63 -10.33 -19.87
C TYR T 33 -16.21 -10.56 -20.40
N TRP T 34 -15.37 -11.14 -19.55
CA TRP T 34 -14.04 -11.60 -19.94
C TRP T 34 -13.87 -13.05 -19.50
N TYR T 35 -13.69 -13.95 -20.45
CA TYR T 35 -13.46 -15.37 -20.19
C TYR T 35 -12.05 -15.77 -20.57
N ARG T 36 -11.60 -16.89 -20.00
CA ARG T 36 -10.39 -17.58 -20.43
C ARG T 36 -10.71 -19.03 -20.72
N GLN T 37 -10.19 -19.54 -21.83
CA GLN T 37 -10.46 -20.92 -22.26
C GLN T 37 -9.15 -21.68 -22.31
N ASP T 38 -9.02 -22.68 -21.44
CA ASP T 38 -7.88 -23.57 -21.37
C ASP T 38 -8.28 -24.95 -21.89
N PRO T 39 -7.30 -25.78 -22.28
CA PRO T 39 -7.64 -27.04 -23.00
C PRO T 39 -8.68 -27.92 -22.33
N GLY T 40 -8.63 -28.09 -21.01
CA GLY T 40 -9.48 -29.07 -20.36
C GLY T 40 -10.63 -28.53 -19.54
N MET T 41 -10.50 -27.31 -19.02
CA MET T 41 -11.47 -26.77 -18.07
C MET T 41 -12.58 -25.98 -18.75
N GLY T 42 -12.59 -25.89 -20.07
CA GLY T 42 -13.65 -25.16 -20.73
C GLY T 42 -13.55 -23.65 -20.51
N LEU T 43 -14.67 -22.98 -20.76
CA LEU T 43 -14.76 -21.53 -20.67
C LEU T 43 -15.07 -21.13 -19.25
N ARG T 44 -14.17 -20.37 -18.62
CA ARG T 44 -14.33 -19.90 -17.25
C ARG T 44 -14.35 -18.38 -17.24
N LEU T 45 -15.19 -17.83 -16.36
CA LEU T 45 -15.40 -16.39 -16.28
C LEU T 45 -14.38 -15.75 -15.34
N ILE T 46 -13.83 -14.61 -15.75
CA ILE T 46 -12.86 -13.88 -14.95
C ILE T 46 -13.56 -12.72 -14.25
N HIS T 47 -14.09 -11.78 -15.04
CA HIS T 47 -14.86 -10.66 -14.53
C HIS T 47 -15.98 -10.34 -15.50
N TYR T 48 -17.01 -9.68 -14.98
CA TYR T 48 -18.11 -9.20 -15.81
C TYR T 48 -18.51 -7.81 -15.32
N SER T 49 -19.37 -7.15 -16.10
CA SER T 49 -19.79 -5.79 -15.82
C SER T 49 -21.22 -5.61 -16.30
N VAL T 50 -22.04 -4.94 -15.48
CA VAL T 50 -23.43 -4.67 -15.83
C VAL T 50 -23.66 -3.23 -16.24
N GLY T 51 -22.62 -2.41 -16.27
CA GLY T 51 -22.76 -1.03 -16.69
C GLY T 51 -21.47 -0.28 -16.44
N GLU T 52 -21.48 1.00 -16.86
CA GLU T 52 -20.35 1.87 -16.62
C GLU T 52 -20.05 1.96 -15.12
N GLY T 53 -18.77 1.86 -14.78
CA GLY T 53 -18.32 2.10 -13.43
C GLY T 53 -18.51 0.97 -12.43
N THR T 54 -18.99 -0.19 -12.86
CA THR T 54 -19.19 -1.31 -11.95
C THR T 54 -18.70 -2.60 -12.60
N THR T 55 -17.93 -3.38 -11.85
CA THR T 55 -17.50 -4.71 -12.26
C THR T 55 -17.67 -5.66 -11.08
N ALA T 56 -17.72 -6.95 -11.39
CA ALA T 56 -17.88 -7.97 -10.37
C ALA T 56 -17.00 -9.17 -10.72
N LYS T 57 -16.66 -9.95 -9.71
CA LYS T 57 -15.75 -11.07 -9.89
C LYS T 57 -16.47 -12.24 -10.56
N GLY T 58 -15.67 -13.11 -11.18
CA GLY T 58 -16.21 -14.29 -11.83
C GLY T 58 -15.74 -15.58 -11.17
N GLU T 59 -15.49 -16.61 -11.99
CA GLU T 59 -15.04 -17.89 -11.45
C GLU T 59 -13.59 -17.81 -11.02
N VAL T 60 -12.72 -17.29 -11.89
CA VAL T 60 -11.29 -17.27 -11.64
C VAL T 60 -10.76 -15.85 -11.76
N PRO T 61 -11.05 -14.96 -10.79
CA PRO T 61 -10.60 -13.57 -10.90
C PRO T 61 -9.22 -13.28 -10.35
N ASP T 62 -8.59 -14.23 -9.66
CA ASP T 62 -7.26 -14.02 -9.11
C ASP T 62 -6.26 -13.70 -10.21
N GLY T 63 -5.52 -12.61 -10.05
CA GLY T 63 -4.49 -12.23 -10.99
C GLY T 63 -4.94 -11.33 -12.13
N TYR T 64 -6.19 -10.86 -12.11
CA TYR T 64 -6.73 -10.06 -13.19
C TYR T 64 -7.43 -8.82 -12.64
N ASN T 65 -7.33 -7.73 -13.40
CA ASN T 65 -8.03 -6.49 -13.11
C ASN T 65 -8.90 -6.11 -14.28
N VAL T 66 -9.98 -5.36 -14.01
CA VAL T 66 -10.90 -4.94 -15.05
C VAL T 66 -11.32 -3.49 -14.81
N SER T 67 -11.76 -2.85 -15.88
CA SER T 67 -12.19 -1.46 -15.87
C SER T 67 -13.29 -1.29 -16.92
N ARG T 68 -14.31 -0.51 -16.57
CA ARG T 68 -15.43 -0.22 -17.45
C ARG T 68 -15.68 1.29 -17.42
N LEU T 69 -14.70 2.06 -17.91
CA LEU T 69 -14.83 3.51 -17.94
C LEU T 69 -15.76 4.00 -19.04
N LYS T 70 -16.00 3.20 -20.07
CA LYS T 70 -16.89 3.55 -21.16
C LYS T 70 -17.81 2.37 -21.46
N LYS T 71 -19.00 2.69 -21.97
CA LYS T 71 -19.99 1.65 -22.24
C LYS T 71 -19.54 0.68 -23.32
N GLN T 72 -18.66 1.14 -24.22
CA GLN T 72 -18.25 0.32 -25.37
C GLN T 72 -17.05 -0.58 -25.09
N ASN T 73 -16.27 -0.28 -24.05
CA ASN T 73 -15.00 -0.96 -23.81
C ASN T 73 -14.99 -1.68 -22.48
N PHE T 74 -14.42 -2.89 -22.47
CA PHE T 74 -14.19 -3.66 -21.25
C PHE T 74 -12.73 -4.07 -21.25
N LEU T 75 -11.94 -3.46 -20.36
CA LEU T 75 -10.50 -3.66 -20.34
C LEU T 75 -10.13 -4.70 -19.30
N LEU T 76 -9.31 -5.68 -19.71
CA LEU T 76 -8.78 -6.71 -18.83
C LEU T 76 -7.27 -6.54 -18.73
N GLY T 77 -6.75 -6.45 -17.51
CA GLY T 77 -5.36 -6.16 -17.28
C GLY T 77 -4.67 -7.25 -16.48
N LEU T 78 -3.39 -7.47 -16.79
CA LEU T 78 -2.52 -8.38 -16.06
C LEU T 78 -1.36 -7.57 -15.51
N GLU T 79 -1.17 -7.60 -14.19
CA GLU T 79 -0.11 -6.79 -13.58
C GLU T 79 1.24 -7.49 -13.64
N SER T 80 1.28 -8.78 -13.30
CA SER T 80 2.52 -9.57 -13.34
C SER T 80 2.21 -10.89 -14.02
N ALA T 81 2.65 -11.05 -15.26
CA ALA T 81 2.35 -12.24 -16.03
C ALA T 81 3.03 -13.47 -15.43
N ALA T 82 2.34 -14.60 -15.53
CA ALA T 82 2.82 -15.87 -15.02
C ALA T 82 2.45 -16.97 -16.02
N PRO T 83 3.17 -18.10 -16.01
CA PRO T 83 2.81 -19.19 -16.94
C PRO T 83 1.41 -19.72 -16.73
N SER T 84 0.86 -19.62 -15.52
CA SER T 84 -0.51 -20.10 -15.29
C SER T 84 -1.54 -19.32 -16.10
N GLN T 85 -1.18 -18.13 -16.58
CA GLN T 85 -2.09 -17.28 -17.34
C GLN T 85 -2.01 -17.52 -18.84
N THR T 86 -1.25 -18.53 -19.28
CA THR T 86 -1.20 -18.88 -20.70
C THR T 86 -2.53 -19.52 -21.09
N SER T 87 -3.32 -18.81 -21.89
CA SER T 87 -4.65 -19.28 -22.25
C SER T 87 -5.12 -18.51 -23.48
N VAL T 88 -6.39 -18.69 -23.83
CA VAL T 88 -7.06 -17.90 -24.87
C VAL T 88 -8.17 -17.11 -24.17
N TYR T 89 -8.16 -15.80 -24.37
CA TYR T 89 -9.07 -14.91 -23.67
C TYR T 89 -10.18 -14.47 -24.62
N PHE T 90 -11.42 -14.75 -24.23
CA PHE T 90 -12.60 -14.41 -25.03
C PHE T 90 -13.41 -13.34 -24.32
N CYS T 91 -13.81 -12.33 -25.09
CA CYS T 91 -14.71 -11.29 -24.60
C CYS T 91 -16.11 -11.52 -25.14
N ALA T 92 -17.11 -11.08 -24.37
CA ALA T 92 -18.49 -11.24 -24.77
C ALA T 92 -19.30 -10.05 -24.28
N SER T 93 -20.46 -9.85 -24.93
CA SER T 93 -21.40 -8.81 -24.53
C SER T 93 -22.82 -9.35 -24.70
N SER T 94 -23.73 -8.80 -23.91
CA SER T 94 -25.10 -9.28 -23.91
C SER T 94 -26.01 -8.20 -23.35
N GLN T 95 -27.32 -8.41 -23.53
CA GLN T 95 -28.35 -7.56 -22.95
C GLN T 95 -29.10 -8.26 -21.83
N GLY T 96 -28.58 -9.38 -21.33
CA GLY T 96 -29.23 -10.11 -20.25
C GLY T 96 -28.73 -11.53 -20.09
N GLY T 97 -29.63 -12.44 -19.73
CA GLY T 97 -29.32 -13.84 -19.57
C GLY T 97 -29.52 -14.69 -20.81
N GLY T 98 -29.75 -14.07 -21.96
CA GLY T 98 -29.94 -14.82 -23.19
C GLY T 98 -28.65 -15.00 -23.96
N GLU T 99 -28.66 -14.65 -25.24
CA GLU T 99 -27.49 -14.86 -26.09
C GLU T 99 -26.35 -13.93 -25.68
N GLN T 100 -25.15 -14.50 -25.55
CA GLN T 100 -23.93 -13.72 -25.36
C GLN T 100 -23.14 -13.72 -26.65
N TYR T 101 -22.80 -12.53 -27.13
CA TYR T 101 -22.08 -12.35 -28.39
C TYR T 101 -20.59 -12.29 -28.10
N PHE T 102 -19.83 -13.22 -28.67
CA PHE T 102 -18.42 -13.37 -28.36
C PHE T 102 -17.53 -12.67 -29.38
N GLY T 103 -16.33 -12.34 -28.94
CA GLY T 103 -15.31 -11.78 -29.81
C GLY T 103 -14.47 -12.86 -30.46
N PRO T 104 -13.47 -12.45 -31.25
CA PRO T 104 -12.68 -13.44 -32.00
C PRO T 104 -11.71 -14.23 -31.15
N GLY T 105 -11.29 -13.71 -30.01
CA GLY T 105 -10.37 -14.42 -29.16
C GLY T 105 -8.99 -13.79 -29.15
N THR T 106 -8.27 -14.07 -28.06
CA THR T 106 -6.92 -13.54 -27.87
C THR T 106 -6.12 -14.58 -27.10
N ARG T 107 -5.17 -15.24 -27.76
CA ARG T 107 -4.35 -16.24 -27.11
C ARG T 107 -3.04 -15.62 -26.67
N LEU T 108 -2.65 -15.90 -25.43
CA LEU T 108 -1.50 -15.30 -24.79
C LEU T 108 -0.61 -16.40 -24.24
N THR T 109 0.69 -16.33 -24.54
CA THR T 109 1.67 -17.27 -24.04
C THR T 109 2.69 -16.52 -23.19
N VAL T 110 2.86 -16.95 -21.95
CA VAL T 110 3.84 -16.39 -21.03
C VAL T 110 4.99 -17.36 -20.91
N THR T 111 6.21 -16.89 -21.16
CA THR T 111 7.41 -17.68 -21.04
C THR T 111 8.38 -17.00 -20.09
N GLU T 112 9.26 -17.81 -19.49
CA GLU T 112 10.26 -17.28 -18.57
C GLU T 112 11.46 -16.69 -19.31
N ASP T 113 11.80 -17.22 -20.47
CA ASP T 113 12.87 -16.67 -21.30
C ASP T 113 12.30 -16.39 -22.69
N LEU T 114 12.41 -15.13 -23.12
CA LEU T 114 11.98 -14.77 -24.46
C LEU T 114 12.83 -15.42 -25.54
N ASN T 115 13.95 -16.05 -25.16
CA ASN T 115 14.80 -16.74 -26.13
C ASN T 115 14.12 -17.96 -26.72
N LYS T 116 13.14 -18.54 -26.03
CA LYS T 116 12.42 -19.71 -26.53
C LYS T 116 11.51 -19.40 -27.70
N VAL T 117 11.44 -18.14 -28.14
CA VAL T 117 10.57 -17.74 -29.24
C VAL T 117 11.32 -17.96 -30.55
N PHE T 118 10.79 -18.85 -31.40
CA PHE T 118 11.37 -19.12 -32.69
C PHE T 118 10.33 -18.93 -33.79
N PRO T 119 10.69 -18.33 -34.91
CA PRO T 119 9.78 -18.24 -36.05
C PRO T 119 9.70 -19.56 -36.78
N PRO T 120 8.62 -19.80 -37.54
CA PRO T 120 8.50 -21.08 -38.23
C PRO T 120 9.35 -21.14 -39.49
N GLU T 121 9.70 -22.37 -39.86
CA GLU T 121 10.34 -22.65 -41.13
C GLU T 121 9.32 -23.33 -42.03
N VAL T 122 9.00 -22.69 -43.16
CA VAL T 122 7.96 -23.15 -44.06
C VAL T 122 8.61 -23.85 -45.24
N ALA T 123 8.19 -25.08 -45.51
CA ALA T 123 8.70 -25.88 -46.61
C ALA T 123 7.53 -26.51 -47.35
N VAL T 124 7.49 -26.32 -48.66
CA VAL T 124 6.46 -26.89 -49.51
C VAL T 124 7.00 -28.15 -50.17
N PHE T 125 6.16 -29.17 -50.28
CA PHE T 125 6.51 -30.45 -50.88
C PHE T 125 5.63 -30.70 -52.08
N GLU T 126 6.25 -30.94 -53.23
CA GLU T 126 5.54 -31.12 -54.48
C GLU T 126 4.82 -32.46 -54.51
N PRO T 127 3.74 -32.57 -55.29
CA PRO T 127 2.92 -33.78 -55.28
C PRO T 127 3.71 -35.03 -55.64
N SER T 128 3.19 -36.17 -55.18
CA SER T 128 3.75 -37.46 -55.54
C SER T 128 3.37 -37.81 -56.98
N GLU T 129 4.34 -38.29 -57.74
CA GLU T 129 4.07 -38.66 -59.13
C GLU T 129 3.18 -39.89 -59.22
N ALA T 130 3.29 -40.81 -58.27
CA ALA T 130 2.41 -41.96 -58.25
C ALA T 130 0.96 -41.57 -57.98
N GLU T 131 0.75 -40.53 -57.15
CA GLU T 131 -0.60 -40.06 -56.88
C GLU T 131 -1.28 -39.54 -58.15
N ILE T 132 -0.51 -38.85 -59.00
CA ILE T 132 -1.08 -38.28 -60.21
C ILE T 132 -1.49 -39.39 -61.18
N SER T 133 -0.74 -40.49 -61.22
CA SER T 133 -1.05 -41.56 -62.17
C SER T 133 -2.24 -42.40 -61.72
N HIS T 134 -2.50 -42.46 -60.41
CA HIS T 134 -3.54 -43.33 -59.88
C HIS T 134 -4.87 -42.64 -59.64
N THR T 135 -4.85 -41.35 -59.29
CA THR T 135 -6.07 -40.62 -58.99
C THR T 135 -6.31 -39.40 -59.86
N GLN T 136 -5.37 -39.05 -60.74
CA GLN T 136 -5.46 -37.85 -61.58
C GLN T 136 -5.64 -36.58 -60.74
N LYS T 137 -5.11 -36.59 -59.52
CA LYS T 137 -5.15 -35.45 -58.62
C LYS T 137 -3.79 -35.32 -57.95
N ALA T 138 -3.41 -34.08 -57.62
CA ALA T 138 -2.10 -33.77 -57.09
C ALA T 138 -2.26 -33.04 -55.77
N THR T 139 -1.64 -33.57 -54.71
CA THR T 139 -1.76 -33.02 -53.36
C THR T 139 -0.43 -32.42 -52.94
N LEU T 140 -0.43 -31.12 -52.67
CA LEU T 140 0.73 -30.43 -52.12
C LEU T 140 0.62 -30.42 -50.59
N VAL T 141 1.74 -30.63 -49.92
CA VAL T 141 1.81 -30.65 -48.46
C VAL T 141 2.72 -29.52 -48.01
N CYS T 142 2.29 -28.78 -47.00
CA CYS T 142 3.06 -27.68 -46.44
C CYS T 142 3.41 -28.00 -44.99
N LEU T 143 4.67 -27.80 -44.63
CA LEU T 143 5.19 -28.13 -43.31
C LEU T 143 5.77 -26.88 -42.67
N ALA T 144 5.06 -26.33 -41.69
CA ALA T 144 5.58 -25.27 -40.84
C ALA T 144 6.11 -25.90 -39.57
N THR T 145 7.43 -25.81 -39.37
CA THR T 145 8.10 -26.55 -38.31
C THR T 145 8.91 -25.62 -37.42
N GLY T 146 9.04 -26.03 -36.15
CA GLY T 146 9.91 -25.38 -35.20
C GLY T 146 9.59 -23.94 -34.84
N PHE T 147 8.34 -23.66 -34.48
CA PHE T 147 7.95 -22.32 -34.06
C PHE T 147 7.41 -22.35 -32.64
N PHE T 148 7.56 -21.22 -31.94
CA PHE T 148 7.07 -21.03 -30.60
C PHE T 148 6.84 -19.54 -30.43
N PRO T 149 5.68 -19.12 -29.91
CA PRO T 149 4.57 -19.97 -29.48
C PRO T 149 3.72 -20.44 -30.65
N ASP T 150 2.63 -21.14 -30.37
CA ASP T 150 1.75 -21.66 -31.42
C ASP T 150 0.81 -20.59 -31.93
N HIS T 151 1.36 -19.45 -32.33
CA HIS T 151 0.58 -18.31 -32.84
C HIS T 151 0.85 -18.19 -34.33
N VAL T 152 0.12 -18.98 -35.13
CA VAL T 152 0.35 -19.05 -36.57
C VAL T 152 -0.97 -19.03 -37.31
N GLU T 153 -0.91 -18.55 -38.55
CA GLU T 153 -2.05 -18.56 -39.47
C GLU T 153 -1.53 -18.97 -40.84
N LEU T 154 -1.93 -20.16 -41.29
CA LEU T 154 -1.47 -20.72 -42.54
C LEU T 154 -2.49 -20.48 -43.64
N SER T 155 -2.02 -20.14 -44.83
CA SER T 155 -2.89 -19.88 -45.97
C SER T 155 -2.19 -20.34 -47.25
N TRP T 156 -3.00 -20.77 -48.21
CA TRP T 156 -2.53 -21.15 -49.53
C TRP T 156 -2.88 -20.05 -50.53
N TRP T 157 -1.93 -19.75 -51.42
CA TRP T 157 -2.10 -18.70 -52.42
C TRP T 157 -1.76 -19.28 -53.78
N VAL T 158 -2.78 -19.43 -54.63
CA VAL T 158 -2.62 -19.96 -55.99
C VAL T 158 -2.80 -18.80 -56.96
N ASN T 159 -1.76 -18.53 -57.75
CA ASN T 159 -1.77 -17.48 -58.76
C ASN T 159 -2.10 -16.10 -58.17
N GLY T 160 -1.65 -15.85 -56.93
CA GLY T 160 -1.77 -14.56 -56.31
C GLY T 160 -2.99 -14.35 -55.45
N LYS T 161 -4.01 -15.21 -55.57
CA LYS T 161 -5.23 -15.08 -54.78
C LYS T 161 -5.34 -16.24 -53.80
N GLU T 162 -5.75 -15.93 -52.57
CA GLU T 162 -5.91 -16.97 -51.56
C GLU T 162 -7.00 -17.95 -51.98
N VAL T 163 -6.78 -19.22 -51.65
CA VAL T 163 -7.68 -20.31 -52.03
C VAL T 163 -8.08 -21.07 -50.78
N HIS T 164 -9.35 -21.48 -50.73
CA HIS T 164 -9.84 -22.32 -49.64
C HIS T 164 -10.38 -23.66 -50.12
N SER T 165 -10.80 -23.78 -51.37
CA SER T 165 -11.24 -25.06 -51.91
C SER T 165 -10.06 -26.01 -52.01
N GLY T 166 -10.25 -27.23 -51.52
CA GLY T 166 -9.19 -28.23 -51.56
C GLY T 166 -8.13 -28.08 -50.50
N VAL T 167 -8.30 -27.16 -49.55
CA VAL T 167 -7.33 -26.93 -48.48
C VAL T 167 -7.79 -27.63 -47.22
N CYS T 168 -6.85 -28.16 -46.46
CA CYS T 168 -7.15 -28.74 -45.15
C CYS T 168 -5.93 -28.58 -44.26
N THR T 169 -6.03 -27.69 -43.28
CA THR T 169 -4.99 -27.48 -42.30
C THR T 169 -5.34 -28.21 -41.01
N ASP T 170 -4.31 -28.63 -40.27
CA ASP T 170 -4.53 -29.24 -38.97
C ASP T 170 -5.29 -28.28 -38.06
N PRO T 171 -6.13 -28.80 -37.17
CA PRO T 171 -6.90 -27.90 -36.28
C PRO T 171 -6.02 -27.04 -35.39
N GLN T 172 -4.92 -27.60 -34.87
CA GLN T 172 -4.02 -26.86 -33.99
C GLN T 172 -2.64 -27.51 -34.06
N PRO T 173 -1.57 -26.74 -33.87
CA PRO T 173 -0.23 -27.32 -33.96
C PRO T 173 0.03 -28.35 -32.87
N LEU T 174 0.92 -29.29 -33.15
CA LEU T 174 1.32 -30.33 -32.22
C LEU T 174 2.76 -30.11 -31.79
N LYS T 175 3.08 -30.61 -30.60
CA LYS T 175 4.41 -30.44 -30.03
C LYS T 175 5.42 -31.35 -30.72
N GLU T 176 6.56 -30.78 -31.10
CA GLU T 176 7.65 -31.60 -31.63
C GLU T 176 8.24 -32.48 -30.54
N GLN T 177 8.17 -32.04 -29.29
CA GLN T 177 8.63 -32.84 -28.14
C GLN T 177 7.55 -32.75 -27.08
N PRO T 178 6.65 -33.73 -27.01
CA PRO T 178 5.46 -33.57 -26.15
C PRO T 178 5.77 -33.52 -24.67
N ALA T 179 6.86 -34.12 -24.22
CA ALA T 179 7.16 -34.14 -22.80
C ALA T 179 7.76 -32.81 -22.32
N LEU T 180 8.63 -32.21 -23.12
CA LEU T 180 9.29 -30.97 -22.72
C LEU T 180 8.32 -29.80 -22.79
N ASN T 181 8.27 -29.00 -21.73
CA ASN T 181 7.49 -27.77 -21.77
C ASN T 181 8.27 -26.69 -22.52
N ASP T 182 7.53 -25.69 -22.99
CA ASP T 182 8.06 -24.65 -23.89
C ASP T 182 8.64 -25.25 -25.16
N SER T 183 8.20 -26.46 -25.52
CA SER T 183 8.64 -27.08 -26.76
C SER T 183 8.10 -26.32 -27.97
N ARG T 184 8.76 -26.50 -29.10
CA ARG T 184 8.36 -25.87 -30.34
C ARG T 184 7.30 -26.71 -31.04
N TYR T 185 6.45 -26.05 -31.83
CA TYR T 185 5.30 -26.66 -32.45
C TYR T 185 5.51 -26.79 -33.96
N CYS T 186 4.65 -27.58 -34.58
CA CYS T 186 4.65 -27.76 -36.02
C CYS T 186 3.21 -27.85 -36.52
N LEU T 187 3.01 -27.46 -37.77
CA LEU T 187 1.69 -27.45 -38.39
C LEU T 187 1.81 -27.96 -39.82
N SER T 188 0.82 -28.71 -40.27
CA SER T 188 0.78 -29.23 -41.63
C SER T 188 -0.50 -28.79 -42.33
N SER T 189 -0.44 -28.78 -43.66
CA SER T 189 -1.57 -28.37 -44.48
C SER T 189 -1.45 -29.02 -45.85
N ARG T 190 -2.60 -29.28 -46.48
CA ARG T 190 -2.64 -29.89 -47.80
C ARG T 190 -3.45 -29.01 -48.75
N LEU T 191 -3.01 -28.96 -50.00
CA LEU T 191 -3.76 -28.29 -51.07
C LEU T 191 -3.82 -29.26 -52.25
N ARG T 192 -5.02 -29.73 -52.56
CA ARG T 192 -5.22 -30.71 -53.62
C ARG T 192 -5.80 -30.02 -54.85
N VAL T 193 -5.20 -30.28 -56.01
CA VAL T 193 -5.65 -29.74 -57.28
C VAL T 193 -5.72 -30.88 -58.29
N SER T 194 -6.35 -30.60 -59.42
CA SER T 194 -6.41 -31.58 -60.50
C SER T 194 -5.01 -31.80 -61.07
N ALA T 195 -4.82 -32.97 -61.68
CA ALA T 195 -3.56 -33.28 -62.31
C ALA T 195 -3.25 -32.27 -63.43
N THR T 196 -4.28 -31.89 -64.20
CA THR T 196 -4.09 -30.92 -65.26
C THR T 196 -3.62 -29.58 -64.72
N PHE T 197 -4.13 -29.18 -63.54
CA PHE T 197 -3.78 -27.88 -62.99
C PHE T 197 -2.34 -27.85 -62.49
N TRP T 198 -1.89 -28.92 -61.83
CA TRP T 198 -0.52 -28.95 -61.33
C TRP T 198 0.49 -29.13 -62.46
N GLN T 199 0.12 -29.86 -63.51
CA GLN T 199 1.04 -30.11 -64.62
C GLN T 199 1.24 -28.90 -65.52
N ASN T 200 0.60 -27.77 -65.23
CA ASN T 200 0.81 -26.55 -65.99
C ASN T 200 1.90 -25.72 -65.31
N PRO T 201 3.02 -25.44 -65.99
CA PRO T 201 4.14 -24.77 -65.32
C PRO T 201 3.89 -23.30 -64.98
N ARG T 202 2.87 -22.68 -65.54
CA ARG T 202 2.63 -21.25 -65.32
C ARG T 202 1.73 -20.97 -64.12
N ASN T 203 1.26 -21.99 -63.43
CA ASN T 203 0.50 -21.82 -62.20
C ASN T 203 1.46 -21.72 -61.02
N HIS T 204 1.23 -20.74 -60.15
CA HIS T 204 2.12 -20.44 -59.04
C HIS T 204 1.43 -20.81 -57.72
N PHE T 205 2.12 -21.62 -56.92
CA PHE T 205 1.63 -22.05 -55.62
C PHE T 205 2.50 -21.44 -54.52
N ARG T 206 1.87 -21.08 -53.41
CA ARG T 206 2.58 -20.46 -52.31
C ARG T 206 1.91 -20.80 -51.00
N CYS T 207 2.68 -21.35 -50.05
CA CYS T 207 2.20 -21.61 -48.70
C CYS T 207 2.71 -20.50 -47.80
N GLN T 208 1.80 -19.69 -47.28
CA GLN T 208 2.11 -18.50 -46.50
C GLN T 208 1.72 -18.73 -45.05
N VAL T 209 2.64 -18.46 -44.13
CA VAL T 209 2.43 -18.66 -42.70
C VAL T 209 2.73 -17.33 -42.00
N GLN T 210 1.70 -16.71 -41.42
CA GLN T 210 1.87 -15.51 -40.62
C GLN T 210 2.22 -15.91 -39.19
N PHE T 211 3.35 -15.40 -38.70
CA PHE T 211 3.81 -15.67 -37.35
C PHE T 211 3.63 -14.43 -36.48
N TYR T 212 3.34 -14.65 -35.21
CA TYR T 212 3.19 -13.58 -34.23
C TYR T 212 4.20 -13.82 -33.11
N GLY T 213 5.19 -12.94 -33.01
CA GLY T 213 6.23 -13.06 -32.01
C GLY T 213 6.47 -11.79 -31.24
N LEU T 214 7.74 -11.40 -31.13
CA LEU T 214 8.10 -10.22 -30.34
C LEU T 214 7.71 -8.94 -31.09
N SER T 215 7.83 -7.82 -30.39
CA SER T 215 7.44 -6.52 -30.90
C SER T 215 8.65 -5.58 -30.87
N GLU T 216 8.40 -4.31 -31.22
CA GLU T 216 9.48 -3.33 -31.30
C GLU T 216 10.05 -3.01 -29.93
N ASN T 217 9.19 -2.94 -28.90
CA ASN T 217 9.66 -2.57 -27.57
C ASN T 217 10.41 -3.69 -26.87
N ASP T 218 10.19 -4.94 -27.27
CA ASP T 218 10.87 -6.06 -26.63
C ASP T 218 12.37 -6.00 -26.90
N GLU T 219 13.16 -6.15 -25.84
CA GLU T 219 14.61 -6.11 -25.96
C GLU T 219 15.15 -7.48 -26.39
N TRP T 220 16.13 -7.46 -27.28
CA TRP T 220 16.69 -8.68 -27.86
C TRP T 220 18.20 -8.54 -27.91
N THR T 221 18.90 -9.39 -27.15
CA THR T 221 20.37 -9.40 -27.09
C THR T 221 20.85 -10.81 -27.40
N GLN T 222 20.71 -11.23 -28.65
CA GLN T 222 21.11 -12.56 -29.08
C GLN T 222 21.73 -12.47 -30.48
N ASP T 223 22.41 -13.55 -30.87
CA ASP T 223 23.09 -13.56 -32.17
C ASP T 223 22.09 -13.63 -33.32
N ARG T 224 21.13 -14.54 -33.25
CA ARG T 224 20.21 -14.76 -34.34
C ARG T 224 19.25 -13.58 -34.50
N ALA T 225 18.53 -13.58 -35.62
CA ALA T 225 17.60 -12.50 -35.93
C ALA T 225 16.48 -12.44 -34.90
N LYS T 226 15.97 -11.23 -34.68
CA LYS T 226 14.93 -11.03 -33.68
C LYS T 226 13.64 -11.71 -34.13
N PRO T 227 13.03 -12.54 -33.30
CA PRO T 227 11.82 -13.25 -33.73
C PRO T 227 10.58 -12.36 -33.78
N VAL T 228 10.66 -11.25 -34.52
CA VAL T 228 9.51 -10.36 -34.64
C VAL T 228 8.41 -11.03 -35.45
N THR T 229 7.19 -10.50 -35.30
CA THR T 229 6.08 -11.00 -36.12
C THR T 229 6.41 -10.82 -37.59
N GLN T 230 6.31 -11.90 -38.35
CA GLN T 230 6.78 -11.91 -39.72
C GLN T 230 5.96 -12.93 -40.53
N ILE T 231 6.14 -12.87 -41.84
CA ILE T 231 5.53 -13.80 -42.77
C ILE T 231 6.62 -14.70 -43.34
N VAL T 232 6.56 -15.99 -43.04
CA VAL T 232 7.47 -16.98 -43.59
C VAL T 232 6.71 -17.77 -44.64
N SER T 233 7.30 -17.93 -45.82
CA SER T 233 6.60 -18.50 -46.95
C SER T 233 7.50 -19.46 -47.72
N ALA T 234 6.87 -20.42 -48.39
CA ALA T 234 7.54 -21.35 -49.29
C ALA T 234 6.68 -21.50 -50.53
N GLU T 235 7.33 -21.51 -51.69
CA GLU T 235 6.62 -21.46 -52.96
C GLU T 235 7.14 -22.54 -53.91
N ALA T 236 6.28 -22.92 -54.85
CA ALA T 236 6.59 -23.93 -55.84
C ALA T 236 5.87 -23.59 -57.13
N TRP T 237 6.36 -24.18 -58.22
CA TRP T 237 5.81 -23.94 -59.56
C TRP T 237 5.41 -25.26 -60.18
N GLY T 238 4.32 -25.24 -60.93
CA GLY T 238 3.88 -26.44 -61.62
C GLY T 238 4.94 -26.97 -62.55
N ARG T 239 4.92 -28.28 -62.76
CA ARG T 239 5.87 -28.94 -63.63
C ARG T 239 5.17 -30.01 -64.46
N ALA T 240 5.55 -30.11 -65.72
CA ALA T 240 5.07 -31.16 -66.62
C ALA T 240 6.21 -32.15 -66.79
N ASP T 241 6.21 -33.21 -65.98
CA ASP T 241 7.27 -34.21 -66.03
C ASP T 241 6.70 -35.62 -65.94
C1 NAG U . 7.71 70.63 -4.58
C2 NAG U . 8.52 70.08 -3.42
C3 NAG U . 8.06 70.71 -2.11
C4 NAG U . 8.22 72.22 -2.18
C5 NAG U . 7.40 72.77 -3.36
C6 NAG U . 7.66 74.23 -3.64
C7 NAG U . 9.44 67.82 -3.65
C8 NAG U . 9.18 66.35 -3.53
N2 NAG U . 8.43 68.62 -3.35
O3 NAG U . 8.83 70.19 -1.03
O4 NAG U . 8.01 72.82 -0.91
O5 NAG U . 7.75 72.08 -4.57
O6 NAG U . 8.75 74.40 -4.54
O7 NAG U . 10.54 68.25 -4.01
C1 NAG U . 6.79 73.49 -0.51
C2 NAG U . 6.62 73.36 1.01
C3 NAG U . 5.41 74.17 1.48
C4 NAG U . 5.51 75.61 1.01
C5 NAG U . 5.71 75.65 -0.51
C6 NAG U . 5.95 77.05 -1.03
C7 NAG U . 5.51 71.15 1.13
C8 NAG U . 5.61 69.77 1.68
N2 NAG U . 6.53 71.98 1.44
O3 NAG U . 5.34 74.12 2.90
O4 NAG U . 4.33 76.32 1.35
O5 NAG U . 6.85 74.86 -0.87
O6 NAG U . 5.41 77.22 -2.33
O7 NAG U . 4.56 71.51 0.44
C1 NAG V . 30.25 7.99 57.31
C2 NAG V . 30.85 9.40 57.52
C3 NAG V . 32.35 9.32 57.81
C4 NAG V . 32.56 8.45 59.04
C5 NAG V . 32.10 7.03 58.69
C6 NAG V . 32.27 6.07 59.84
C7 NAG V . 29.66 11.22 56.38
C8 NAG V . 29.51 12.01 55.12
N2 NAG V . 30.59 10.25 56.38
O3 NAG V . 32.85 10.63 58.04
O4 NAG V . 33.85 8.53 59.64
O5 NAG V . 30.69 7.08 58.39
O6 NAG V . 31.11 6.01 60.65
O7 NAG V . 28.96 11.43 57.37
C1 NAG V . 35.10 8.27 58.97
C2 NAG V . 36.06 8.02 60.14
C3 NAG V . 36.59 6.57 60.13
C4 NAG V . 37.23 6.23 58.80
C5 NAG V . 36.45 6.84 57.64
C6 NAG V . 36.31 5.91 56.46
C7 NAG V . 37.11 10.16 60.73
C8 NAG V . 38.33 11.01 60.64
N2 NAG V . 37.17 8.96 60.14
O3 NAG V . 35.51 5.69 60.39
O4 NAG V . 38.58 6.70 58.76
O5 NAG V . 35.12 7.15 58.07
O6 NAG V . 35.90 6.61 55.29
O7 NAG V . 36.09 10.54 61.31
C1 NAG W . -28.05 18.22 8.79
C2 NAG W . -28.48 19.34 7.85
C3 NAG W . -27.29 19.82 7.04
C4 NAG W . -26.19 20.31 7.97
C5 NAG W . -25.77 19.18 8.92
C6 NAG W . -24.83 19.62 10.01
C7 NAG W . -30.78 19.45 7.02
C8 NAG W . -31.77 18.89 6.04
N2 NAG W . -29.56 18.92 6.99
O3 NAG W . -27.69 20.87 6.17
O4 NAG W . -25.19 20.94 7.17
O5 NAG W . -26.92 18.66 9.59
O6 NAG W . -25.53 19.82 11.25
O7 NAG W . -31.07 20.35 7.79
C1 NAG W . -23.79 20.62 7.11
C2 NAG W . -23.25 21.09 5.75
C3 NAG W . -21.74 20.91 5.68
C4 NAG W . -21.06 21.57 6.88
C5 NAG W . -21.67 21.01 8.16
C6 NAG W . -21.11 21.66 9.40
C7 NAG W . -24.53 21.05 3.66
C8 NAG W . -24.53 22.54 3.73
N2 NAG W . -23.90 20.41 4.65
O3 NAG W . -21.25 21.51 4.48
O4 NAG W . -19.66 21.32 6.86
O5 NAG W . -23.08 21.25 8.15
O6 NAG W . -21.84 21.28 10.56
O7 NAG W . -25.06 20.44 2.73
C1 NAG X . 3.71 47.82 17.04
C2 NAG X . 4.40 46.56 16.49
C3 NAG X . 4.01 45.34 17.32
C4 NAG X . 4.30 45.60 18.80
C5 NAG X . 3.59 46.86 19.25
C6 NAG X . 3.89 47.25 20.68
C7 NAG X . 4.87 46.67 14.08
C8 NAG X . 4.36 46.37 12.71
N2 NAG X . 4.05 46.34 15.09
O3 NAG X . 4.74 44.21 16.87
O4 NAG X . 3.85 44.50 19.58
O5 NAG X . 4.02 47.97 18.43
O6 NAG X . 5.29 47.16 20.96
O7 NAG X . 5.98 47.16 14.27
C1 EDO Y . 3.76 68.24 -2.50
O1 EDO Y . 4.93 68.00 -1.72
C2 EDO Y . 2.76 69.06 -1.68
O2 EDO Y . 2.33 68.29 -0.55
C1 NAG Z . -8.80 26.30 -23.54
C2 NAG Z . -7.67 25.27 -23.58
C3 NAG Z . -8.16 23.94 -24.16
C4 NAG Z . -9.38 23.46 -23.39
C5 NAG Z . -10.46 24.54 -23.37
C6 NAG Z . -11.67 24.17 -22.54
C7 NAG Z . -5.35 26.04 -23.83
C8 NAG Z . -4.31 26.55 -24.79
N2 NAG Z . -6.55 25.78 -24.36
O3 NAG Z . -7.12 22.98 -24.09
O4 NAG Z . -9.91 22.29 -23.99
O5 NAG Z . -9.92 25.75 -22.80
O6 NAG Z . -11.36 24.15 -21.16
O7 NAG Z . -5.12 25.88 -22.63
C1 EDO AA . -23.82 37.69 -6.56
O1 EDO AA . -23.51 36.44 -5.99
C2 EDO AA . -24.40 38.66 -5.60
O2 EDO AA . -23.52 38.96 -4.54
C1 NAG BA . 41.41 30.59 37.87
C2 NAG BA . 40.29 31.57 37.53
C3 NAG BA . 40.68 32.43 36.33
C4 NAG BA . 42.02 33.12 36.58
C5 NAG BA . 43.08 32.06 36.95
C6 NAG BA . 44.41 32.66 37.31
C7 NAG BA . 38.09 30.71 38.19
C8 NAG BA . 36.86 29.98 37.75
N2 NAG BA . 39.03 30.88 37.27
O3 NAG BA . 39.67 33.41 36.08
O4 NAG BA . 42.44 33.83 35.43
O5 NAG BA . 42.63 31.31 38.09
O6 NAG BA . 44.25 33.88 38.04
O7 NAG BA . 38.21 31.14 39.34
C1 EDO CA . 16.68 21.81 54.62
O1 EDO CA . 16.28 22.50 53.43
C2 EDO CA . 18.14 22.14 54.93
O2 EDO CA . 18.35 23.55 54.75
C1 NAG DA . 0.64 18.08 16.86
C2 NAG DA . -0.35 19.12 17.37
C3 NAG DA . -1.42 19.38 16.31
C4 NAG DA . -0.79 19.72 14.96
C5 NAG DA . 0.22 18.64 14.57
C6 NAG DA . 0.96 18.95 13.29
C7 NAG DA . -0.66 19.26 19.79
C8 NAG DA . -1.38 18.70 20.98
N2 NAG DA . -0.96 18.70 18.61
O3 NAG DA . -2.26 20.45 16.74
O4 NAG DA . -1.79 19.83 13.96
O5 NAG DA . 1.20 18.50 15.60
O6 NAG DA . 1.86 20.03 13.48
O7 NAG DA . 0.16 20.16 19.89
C1 NAG EA . 10.09 -70.77 -15.14
C2 NAG EA . 10.10 -70.31 -16.61
C3 NAG EA . 8.72 -69.80 -17.00
C4 NAG EA . 7.65 -70.83 -16.70
C5 NAG EA . 7.74 -71.28 -15.25
C6 NAG EA . 6.79 -72.40 -14.90
C7 NAG EA . 12.28 -69.55 -17.41
C8 NAG EA . 13.20 -68.37 -17.59
N2 NAG EA . 11.11 -69.29 -16.83
O3 NAG EA . 8.71 -69.49 -18.39
O4 NAG EA . 6.36 -70.29 -16.94
O5 NAG EA . 9.06 -71.76 -14.95
O6 NAG EA . 6.90 -73.47 -15.83
O7 NAG EA . 12.59 -70.67 -17.79
C1 NAG FA . 40.30 -72.77 -5.30
C2 NAG FA . 39.19 -73.56 -6.00
C3 NAG FA . 38.20 -74.11 -4.99
C4 NAG FA . 38.92 -74.90 -3.90
C5 NAG FA . 39.99 -74.03 -3.26
C6 NAG FA . 40.81 -74.76 -2.22
C7 NAG FA . 38.50 -73.02 -8.29
C8 NAG FA . 37.75 -72.06 -9.17
N2 NAG FA . 38.51 -72.74 -6.98
O3 NAG FA . 37.26 -74.95 -5.65
O4 NAG FA . 37.99 -75.32 -2.90
O5 NAG FA . 40.90 -73.58 -4.28
O6 NAG FA . 39.99 -75.28 -1.18
O7 NAG FA . 39.07 -74.02 -8.75
C1 NAG GA . -34.25 21.44 -22.20
C2 NAG GA . -35.77 21.27 -22.39
C3 NAG GA . -36.10 21.09 -23.87
C4 NAG GA . -35.52 22.22 -24.70
C5 NAG GA . -34.01 22.32 -24.43
C6 NAG GA . -33.36 23.48 -25.15
C7 NAG GA . -36.74 20.25 -20.38
C8 NAG GA . -37.21 18.98 -19.73
N2 NAG GA . -36.26 20.13 -21.62
O3 NAG GA . -37.52 21.05 -24.03
O4 NAG GA . -35.75 22.00 -26.08
O5 NAG GA . -33.78 22.52 -23.03
O6 NAG GA . -34.18 24.64 -25.13
O7 NAG GA . -36.79 21.33 -19.79
C1 EDO HA . -26.20 16.04 3.28
O1 EDO HA . -24.98 15.77 3.98
C2 EDO HA . -26.95 17.16 3.99
O2 EDO HA . -27.47 16.65 5.23
C1 NAG IA . -58.33 -17.81 -10.57
C2 NAG IA . -59.74 -17.24 -10.76
C3 NAG IA . -60.70 -18.34 -11.20
C4 NAG IA . -60.15 -19.06 -12.42
C5 NAG IA . -58.73 -19.56 -12.16
C6 NAG IA . -58.10 -20.20 -13.37
C7 NAG IA . -60.23 -15.28 -9.37
C8 NAG IA . -60.75 -14.80 -8.04
N2 NAG IA . -60.21 -16.61 -9.54
O3 NAG IA . -61.97 -17.77 -11.50
O4 NAG IA . -61.00 -20.16 -12.75
O5 NAG IA . -57.90 -18.47 -11.79
O6 NAG IA . -57.74 -19.22 -14.33
O7 NAG IA . -59.85 -14.50 -10.24
C1 EDO JA . -40.64 58.05 19.76
O1 EDO JA . -40.45 56.65 20.03
C2 EDO JA . -41.87 58.53 20.51
O2 EDO JA . -41.52 58.73 21.88
C1 EDO KA . 60.98 -3.54 10.52
O1 EDO KA . 62.33 -3.15 10.83
C2 EDO KA . 60.03 -2.58 11.22
O2 EDO KA . 59.98 -1.35 10.49
C1 EDO LA . 2.84 -13.27 21.75
O1 EDO LA . 3.40 -14.25 20.87
C2 EDO LA . 1.74 -13.93 22.58
O2 EDO LA . 2.28 -15.06 23.26
C1 EDO MA . 15.73 -34.63 -10.31
O1 EDO MA . 15.01 -33.77 -11.16
C2 EDO MA . 16.32 -33.93 -9.15
O2 EDO MA . 17.10 -32.81 -9.51
C1 EDO NA . -35.10 -15.80 -21.78
O1 EDO NA . -35.93 -16.46 -20.85
C2 EDO NA . -34.32 -14.67 -21.23
O2 EDO NA . -33.43 -15.03 -20.18
#